data_7Q9M
#
_entry.id   7Q9M
#
_cell.length_a   1.00
_cell.length_b   1.00
_cell.length_c   1.00
_cell.angle_alpha   90.00
_cell.angle_beta   90.00
_cell.angle_gamma   90.00
#
_symmetry.space_group_name_H-M   'P 1'
#
loop_
_entity.id
_entity.type
_entity.pdbx_description
1 polymer 'Spike glycoprotein'
2 polymer 'Beta-53 fab heavy chain'
3 polymer 'Beta-53 fab light chain'
4 branched beta-D-mannopyranose-(1-4)-2-acetamido-2-deoxy-beta-D-glucopyranose-(1-4)-2-acetamido-2-deoxy-beta-D-glucopyranose
5 branched 2-acetamido-2-deoxy-beta-D-glucopyranose-(1-4)-2-acetamido-2-deoxy-beta-D-glucopyranose
6 non-polymer 2-acetamido-2-deoxy-beta-D-glucopyranose
#
loop_
_entity_poly.entity_id
_entity_poly.type
_entity_poly.pdbx_seq_one_letter_code
_entity_poly.pdbx_strand_id
1 'polypeptide(L)'
;MFVFLVLLPLVSSQCVNFTTRTQLPPAYTNSFTRGVYYPDKVFRSSVLHSTQDLFLPFFSNVTWFHAIHVSGTNGTKRFA
NPVLPFNDGVYFASTEKSNIIRGWIFGTTLDSKTQSLLIVNNATNVVIKVCEFQFCNDPFLGVYYHKNNKSWMESEFRVY
SSANNCTFEYVSQPFLMDLEGKQGNFKNLREFVFKNIDGYFKIYSKHTPINLVRGLPQGFSALEPLVDLPIGINITRFQT
LHISYLTPGDSSSGWTAGAAAYYVGYLQPRTFLLKYNENGTITDAVDCALDPLSETKCTLKSFTVEKGIYQTSNFRVQPT
ESIVRFPNITNLCPFGEVFNATRFASVYAWNRKRISNCVADYSVLYNSASFSTFKCYGVSPTKLNDLCFTNVYADSFVIR
GDEVRQIAPGQTGNIADYNYKLPDDFTGCVIAWNSNNLDSKVGGNYNYLYRLFRKSNLKPFERDISTEIYQAGSTPCNGV
KGFNCYFPLQSYGFQPTYGVGYQPYRVVVLSFELLHAPATVCGPKKSTNLVKNKCVNFNFNGLTGTGVLTESNKKFLPFQ
QFGRDIADTTDAVRDPQTLEILDITPCSFGGVSVITPGTNTSNQVAVLYQGVNCTEVPVAIHADQLTPTWRVYSTGSNVF
QTRAGCLIGAEHVNNSYECDIPIGAGICASYQTQTNSPGSASSVASQSIIAYTMSLGVENSVAYSNNSIAIPTNFTISVT
TEILPVSMTKTSVDCTMYICGDSTECSNLLLQYGSFCTQLNRALTGIAVEQDKNTQEVFAQVKQIYKTPPIKDFGGFNFS
QILPDPSKPSKRSFIEDLLFNKVTLADAGFIKQYGDCLGDIAARDLICAQKFNGLTVLPPLLTDEMIAQYTSALLAGTIT
SGWTFGAGAALQIPFAMQMAYRFNGIGVTQNVLYENQKLIANQFNSAIGKIQDSLSSTASALGKLQDVVNQNAQALNTLV
KQLSSNFGAISSVLNDILSRLDPPEAEVQIDRLITGRLQSLQTYVTQQLIRAAEIRASANLAATKMSECVLGQSKRVDFC
GKGYHLMSFPQSAPHGVVFLHVTYVPAQEKNFTTAPAICHDGKAHFPREGVFVSNGTHWFVTQRNFYEPQIITTDNTFVS
GNCDVVIGIVNNTVYDPLQPELDSFKEELDKYFKNHTSPDVDLGDISGINASVVNIQKEIDRLNEVAKNLNESLIDLQEL
GKYEQGSGYIPEAPRDGQAYVRKDGEWVLLSTFLGRSLEVLFQGPGHHHHHHHHGSAWSHPQFEKGGGSGGGSGGSAWSH
PQFEK
;
A,B,C
2 'polypeptide(L)'
;QVQLVQSGAEVKKPGESLRISCKGSGHNSPSYWISWVRQMPGKGLEWMGRIDPSDSYTNYSPSFQGHVTISADKSISTAY
LQWSSLQASDTAIYYCARHVVALTHLYPDYWGQGTLVTVSSASTKGPSVFPLAPSSKSTSGGTAALGCLVKDYFPEPVTV
SWNSGALTSGVHTFPAVLQSSGLYSLSSVVTVPSSSLGTQTYICNVNHKPSNTKVDKKVEPKSCDK
;
H,J,E
3 'polypeptide(L)'
;DIQMTQSPATLSVSPGERATLSCRASQSVSSTLAWYQQKPGQAPRLLIYGASTRATGIPARFSGSGSGTEFTLTISSLQS
EDFAVYYCQQYNNWSTWTFGQGTKVDIKRTVAAPSVFIFPPSDEQLKSGTASVVCLLNNFYPREAKVQWKVDNALQSGNS
QESVTEQDSKDSTYSLSSTLTLSKADYEKHKVYACEVTHQGLSSPVTKSFNRGEC
;
L,K,F
#
loop_
_chem_comp.id
_chem_comp.type
_chem_comp.name
_chem_comp.formula
BMA D-saccharide, beta linking beta-D-mannopyranose 'C6 H12 O6'
NAG D-saccharide, beta linking 2-acetamido-2-deoxy-beta-D-glucopyranose 'C8 H15 N O6'
#
# COMPACT_ATOMS: atom_id res chain seq x y z
N ALA A 27 17.77 37.36 37.94
CA ALA A 27 17.83 36.35 38.99
C ALA A 27 17.25 35.03 38.49
N TYR A 28 18.05 33.97 38.57
CA TYR A 28 17.65 32.66 38.07
C TYR A 28 17.98 31.59 39.11
N THR A 29 17.20 30.51 39.08
CA THR A 29 17.42 29.37 39.95
C THR A 29 17.10 28.08 39.20
N ASN A 30 17.65 26.98 39.69
CA ASN A 30 17.41 25.68 39.09
C ASN A 30 15.95 25.29 39.28
N SER A 31 15.32 24.80 38.21
CA SER A 31 13.94 24.35 38.28
C SER A 31 13.79 22.93 38.78
N PHE A 32 14.87 22.16 38.84
CA PHE A 32 14.86 20.78 39.33
C PHE A 32 13.86 20.00 38.50
N THR A 33 12.83 19.38 39.09
CA THR A 33 11.87 18.56 38.36
C THR A 33 10.46 18.80 38.88
N ARG A 34 10.16 20.03 39.29
CA ARG A 34 8.88 20.36 39.89
C ARG A 34 7.91 20.97 38.89
N GLY A 35 7.93 20.49 37.64
CA GLY A 35 7.06 21.02 36.61
C GLY A 35 6.24 19.96 35.89
N VAL A 36 5.72 18.97 36.60
CA VAL A 36 5.01 17.85 35.98
C VAL A 36 3.53 17.93 36.39
N TYR A 37 2.65 17.87 35.40
CA TYR A 37 1.21 17.81 35.60
C TYR A 37 0.63 16.65 34.80
N TYR A 38 -0.68 16.44 34.94
CA TYR A 38 -1.36 15.35 34.23
C TYR A 38 -1.77 15.85 32.85
N PRO A 39 -1.23 15.29 31.76
CA PRO A 39 -1.60 15.78 30.43
C PRO A 39 -3.08 15.64 30.14
N ASP A 40 -3.59 14.42 30.24
CA ASP A 40 -4.98 14.14 29.92
C ASP A 40 -5.77 13.78 31.16
N LYS A 41 -7.08 13.59 30.98
CA LYS A 41 -7.98 13.21 32.06
C LYS A 41 -8.01 11.70 32.30
N VAL A 42 -7.26 10.94 31.51
CA VAL A 42 -7.30 9.49 31.64
C VAL A 42 -6.70 9.06 32.98
N PHE A 43 -7.20 7.96 33.52
CA PHE A 43 -6.64 7.32 34.70
C PHE A 43 -5.88 6.07 34.29
N ARG A 44 -4.62 5.96 34.72
CA ARG A 44 -3.75 4.84 34.38
C ARG A 44 -3.06 4.36 35.66
N SER A 45 -3.57 3.28 36.25
CA SER A 45 -2.99 2.76 37.47
C SER A 45 -1.76 1.91 37.16
N SER A 46 -0.65 2.21 37.84
CA SER A 46 0.56 1.40 37.77
C SER A 46 1.00 1.17 36.33
N VAL A 47 0.96 2.23 35.53
CA VAL A 47 1.32 2.17 34.11
C VAL A 47 2.33 3.28 33.82
N LEU A 48 3.39 2.93 33.10
CA LEU A 48 4.32 3.93 32.57
C LEU A 48 3.81 4.35 31.19
N HIS A 49 3.54 5.64 31.03
CA HIS A 49 2.94 6.17 29.82
C HIS A 49 3.89 7.15 29.15
N SER A 50 3.92 7.13 27.83
CA SER A 50 4.73 8.05 27.04
C SER A 50 3.82 9.07 26.38
N THR A 51 4.06 10.35 26.64
CA THR A 51 3.25 11.43 26.11
C THR A 51 4.15 12.52 25.55
N GLN A 52 3.89 12.93 24.32
CA GLN A 52 4.58 14.05 23.69
C GLN A 52 3.70 15.29 23.83
N ASP A 53 4.10 16.21 24.70
CA ASP A 53 3.26 17.36 25.01
C ASP A 53 4.12 18.46 25.59
N LEU A 54 3.49 19.62 25.80
CA LEU A 54 4.16 20.75 26.42
C LEU A 54 4.44 20.49 27.89
N PHE A 55 5.72 20.54 28.27
CA PHE A 55 6.14 20.34 29.66
C PHE A 55 7.25 21.32 30.01
N LEU A 56 7.38 21.58 31.30
CA LEU A 56 8.47 22.44 31.77
C LEU A 56 9.79 21.67 31.67
N PRO A 57 10.77 22.17 30.92
CA PRO A 57 12.04 21.43 30.81
C PRO A 57 12.67 21.21 32.18
N PHE A 58 13.19 20.01 32.38
CA PHE A 58 13.83 19.68 33.64
C PHE A 58 15.18 20.39 33.77
N PHE A 59 15.51 20.76 34.99
CA PHE A 59 16.81 21.38 35.29
C PHE A 59 17.07 22.58 34.38
N SER A 60 16.05 23.41 34.22
CA SER A 60 16.12 24.60 33.38
C SER A 60 16.02 25.84 34.26
N ASN A 61 16.91 26.81 34.03
CA ASN A 61 16.91 28.02 34.82
C ASN A 61 15.56 28.72 34.72
N VAL A 62 15.05 29.15 35.86
CA VAL A 62 13.78 29.85 35.96
C VAL A 62 14.01 31.18 36.66
N THR A 63 13.37 32.23 36.16
CA THR A 63 13.55 33.55 36.72
C THR A 63 13.09 33.58 38.18
N TRP A 64 13.77 34.38 38.98
CA TRP A 64 13.46 34.55 40.40
C TRP A 64 12.99 35.97 40.65
N PHE A 65 11.84 36.10 41.29
CA PHE A 65 11.31 37.41 41.66
C PHE A 65 11.35 37.60 43.17
N PRO A 82 6.37 43.34 37.34
CA PRO A 82 6.25 43.62 35.91
C PRO A 82 5.26 42.70 35.21
N VAL A 83 5.22 42.76 33.88
CA VAL A 83 4.34 41.94 33.07
C VAL A 83 5.19 40.94 32.31
N LEU A 84 4.81 39.66 32.39
CA LEU A 84 5.55 38.60 31.76
C LEU A 84 4.77 38.04 30.57
N PRO A 85 5.33 38.05 29.36
CA PRO A 85 4.61 37.48 28.22
C PRO A 85 4.29 36.01 28.48
N PHE A 86 3.10 35.59 28.05
CA PHE A 86 2.70 34.20 28.26
C PHE A 86 3.62 33.25 27.51
N ASN A 87 3.99 33.60 26.28
CA ASN A 87 4.88 32.75 25.49
C ASN A 87 4.26 31.37 25.34
N ASP A 88 5.08 30.36 25.05
CA ASP A 88 4.55 29.01 24.87
C ASP A 88 3.81 28.54 26.10
N GLY A 89 4.45 28.61 27.26
CA GLY A 89 3.82 28.14 28.49
C GLY A 89 4.34 28.94 29.67
N VAL A 90 3.68 28.75 30.81
CA VAL A 90 4.01 29.49 32.02
C VAL A 90 3.95 28.55 33.22
N TYR A 91 4.95 28.64 34.09
CA TYR A 91 4.98 27.88 35.34
C TYR A 91 5.29 28.85 36.47
N PHE A 92 4.35 29.00 37.39
CA PHE A 92 4.41 30.00 38.45
C PHE A 92 4.42 29.30 39.80
N ALA A 93 5.52 29.47 40.54
CA ALA A 93 5.69 28.87 41.85
C ALA A 93 5.76 29.96 42.90
N SER A 94 4.79 29.97 43.82
CA SER A 94 4.68 30.99 44.85
C SER A 94 5.04 30.37 46.20
N THR A 95 5.90 31.04 46.94
CA THR A 95 6.25 30.64 48.31
C THR A 95 5.44 31.41 49.34
N GLU A 96 4.24 31.86 48.97
CA GLU A 96 3.41 32.66 49.85
C GLU A 96 2.89 31.77 50.97
N LYS A 97 3.52 31.86 52.15
CA LYS A 97 3.10 31.06 53.28
C LYS A 97 1.68 31.42 53.72
N SER A 98 1.34 32.72 53.66
CA SER A 98 0.05 33.21 54.13
C SER A 98 -0.93 33.46 52.99
N ASN A 99 -0.72 32.82 51.84
CA ASN A 99 -1.61 32.99 50.69
C ASN A 99 -1.68 34.46 50.28
N ILE A 100 -0.52 35.12 50.26
CA ILE A 100 -0.48 36.55 49.98
C ILE A 100 -1.00 36.85 48.57
N ILE A 101 -0.57 36.06 47.59
CA ILE A 101 -0.92 36.32 46.19
C ILE A 101 -2.40 35.99 46.02
N ARG A 102 -3.22 37.03 45.85
CA ARG A 102 -4.64 36.81 45.60
C ARG A 102 -4.86 36.05 44.31
N GLY A 103 -4.12 36.39 43.26
CA GLY A 103 -4.26 35.68 42.00
C GLY A 103 -3.50 36.36 40.88
N TRP A 104 -4.12 36.36 39.70
CA TRP A 104 -3.44 36.80 38.49
C TRP A 104 -4.39 37.54 37.56
N ILE A 105 -3.79 38.15 36.54
CA ILE A 105 -4.51 38.81 35.45
C ILE A 105 -3.88 38.34 34.14
N PHE A 106 -4.68 38.25 33.09
CA PHE A 106 -4.20 37.85 31.77
C PHE A 106 -4.74 38.82 30.73
N GLY A 107 -3.99 39.89 30.49
CA GLY A 107 -4.35 40.86 29.48
C GLY A 107 -3.21 41.16 28.53
N THR A 108 -3.39 40.84 27.25
CA THR A 108 -2.33 41.10 26.28
C THR A 108 -2.22 42.59 25.98
N THR A 109 -3.35 43.27 25.81
CA THR A 109 -3.33 44.69 25.52
C THR A 109 -2.79 45.50 26.70
N LEU A 110 -3.16 45.12 27.92
CA LEU A 110 -2.76 45.74 29.18
C LEU A 110 -3.43 47.10 29.39
N ASP A 111 -4.35 47.50 28.51
CA ASP A 111 -5.09 48.75 28.68
C ASP A 111 -6.60 48.52 28.76
N SER A 112 -7.04 47.30 29.08
CA SER A 112 -8.43 46.91 29.22
C SER A 112 -9.15 46.83 27.88
N LYS A 113 -8.44 46.98 26.76
CA LYS A 113 -9.10 46.88 25.46
C LYS A 113 -9.67 45.48 25.23
N THR A 114 -8.93 44.45 25.63
CA THR A 114 -9.33 43.07 25.45
C THR A 114 -9.76 42.48 26.79
N GLN A 115 -10.60 41.45 26.71
CA GLN A 115 -10.99 40.74 27.92
C GLN A 115 -9.78 40.07 28.57
N SER A 116 -9.82 39.95 29.89
CA SER A 116 -8.73 39.36 30.64
C SER A 116 -9.27 38.45 31.73
N LEU A 117 -8.61 37.32 31.93
CA LEU A 117 -8.97 36.44 33.02
C LEU A 117 -8.64 37.10 34.36
N LEU A 118 -9.52 36.93 35.33
CA LEU A 118 -9.35 37.48 36.67
C LEU A 118 -9.62 36.38 37.68
N ILE A 119 -8.56 35.71 38.11
CA ILE A 119 -8.64 34.79 39.25
C ILE A 119 -8.06 35.51 40.46
N VAL A 120 -8.83 35.51 41.55
CA VAL A 120 -8.46 36.18 42.79
C VAL A 120 -8.83 35.27 43.95
N ASN A 121 -8.00 35.24 44.98
CA ASN A 121 -8.26 34.42 46.16
C ASN A 121 -7.88 35.17 47.43
N VAL A 126 -12.35 31.49 46.66
CA VAL A 126 -11.77 31.51 45.32
C VAL A 126 -12.77 32.09 44.34
N VAL A 127 -12.37 33.17 43.66
CA VAL A 127 -13.23 33.87 42.72
C VAL A 127 -12.57 33.84 41.35
N ILE A 128 -13.35 33.48 40.33
CA ILE A 128 -12.89 33.43 38.95
C ILE A 128 -13.90 34.17 38.08
N LYS A 129 -13.44 35.17 37.34
CA LYS A 129 -14.29 35.94 36.45
C LYS A 129 -13.57 36.16 35.13
N VAL A 130 -14.35 36.25 34.05
CA VAL A 130 -13.79 36.41 32.71
C VAL A 130 -14.36 37.68 32.09
N CYS A 131 -14.68 38.67 32.91
CA CYS A 131 -15.29 39.89 32.42
C CYS A 131 -14.24 40.75 31.70
N GLU A 132 -14.72 41.79 31.03
CA GLU A 132 -13.87 42.79 30.40
C GLU A 132 -13.50 43.84 31.43
N PHE A 133 -12.74 43.41 32.43
CA PHE A 133 -12.40 44.26 33.56
C PHE A 133 -11.51 45.42 33.11
N GLN A 134 -11.73 46.59 33.71
CA GLN A 134 -10.86 47.75 33.52
C GLN A 134 -9.88 47.80 34.70
N PHE A 135 -8.66 47.36 34.45
CA PHE A 135 -7.66 47.27 35.51
C PHE A 135 -6.84 48.55 35.61
N CYS A 136 -6.29 48.79 36.79
CA CYS A 136 -5.44 49.96 37.01
C CYS A 136 -4.11 49.78 36.29
N ASN A 137 -3.33 50.87 36.24
CA ASN A 137 -2.01 50.79 35.63
C ASN A 137 -1.10 49.83 36.36
N ASP A 138 -1.18 49.80 37.69
CA ASP A 138 -0.44 48.83 38.50
C ASP A 138 -1.44 48.16 39.42
N PRO A 139 -2.18 47.17 38.91
CA PRO A 139 -3.20 46.53 39.73
C PRO A 139 -2.60 45.88 40.97
N PHE A 140 -3.33 45.96 42.08
CA PHE A 140 -2.94 45.32 43.32
C PHE A 140 -4.13 45.31 44.26
N LEU A 141 -4.03 44.51 45.31
CA LEU A 141 -5.07 44.39 46.32
C LEU A 141 -4.53 44.86 47.66
N GLY A 142 -5.29 45.72 48.33
CA GLY A 142 -4.91 46.22 49.63
C GLY A 142 -5.39 45.34 50.76
N VAL A 143 -4.70 45.43 51.89
CA VAL A 143 -5.04 44.66 53.08
C VAL A 143 -5.97 45.46 53.96
N ASN A 165 -19.32 42.79 30.39
CA ASN A 165 -19.48 41.72 29.42
C ASN A 165 -18.86 40.43 29.94
N CYS A 166 -19.36 39.96 31.07
CA CYS A 166 -18.87 38.72 31.68
C CYS A 166 -19.43 37.52 30.93
N THR A 167 -18.60 36.49 30.78
CA THR A 167 -19.01 35.23 30.17
C THR A 167 -18.83 34.04 31.09
N PHE A 168 -18.32 34.24 32.30
CA PHE A 168 -18.16 33.17 33.27
C PHE A 168 -17.83 33.78 34.63
N GLU A 169 -18.40 33.19 35.68
CA GLU A 169 -18.14 33.63 37.05
C GLU A 169 -18.19 32.41 37.96
N TYR A 170 -17.21 32.30 38.85
CA TYR A 170 -17.17 31.21 39.82
C TYR A 170 -16.66 31.75 41.14
N VAL A 171 -17.30 31.34 42.23
CA VAL A 171 -16.93 31.77 43.56
C VAL A 171 -16.76 30.56 44.48
N LYS A 187 6.69 28.78 53.82
CA LYS A 187 6.08 27.68 54.57
C LYS A 187 5.22 26.82 53.65
N ASN A 188 4.60 27.46 52.66
CA ASN A 188 3.73 26.77 51.71
C ASN A 188 4.16 27.13 50.31
N LEU A 189 4.29 26.12 49.44
CA LEU A 189 4.62 26.31 48.04
C LEU A 189 3.42 25.93 47.20
N ARG A 190 3.02 26.83 46.30
CA ARG A 190 1.88 26.63 45.41
C ARG A 190 2.38 26.77 43.98
N GLU A 191 2.28 25.69 43.22
CA GLU A 191 2.70 25.65 41.83
C GLU A 191 1.49 25.65 40.92
N PHE A 192 1.54 26.46 39.88
CA PHE A 192 0.46 26.51 38.89
C PHE A 192 1.05 26.55 37.49
N VAL A 193 0.47 25.76 36.59
CA VAL A 193 0.89 25.71 35.20
C VAL A 193 -0.19 26.34 34.35
N PHE A 194 0.16 27.40 33.62
CA PHE A 194 -0.75 28.09 32.73
C PHE A 194 -0.33 27.82 31.29
N LYS A 195 -1.24 27.22 30.51
CA LYS A 195 -1.02 26.96 29.11
C LYS A 195 -2.32 27.23 28.35
N ASN A 196 -2.22 27.96 27.25
CA ASN A 196 -3.37 28.26 26.39
C ASN A 196 -3.15 27.58 25.05
N ILE A 197 -3.89 26.50 24.80
CA ILE A 197 -3.79 25.72 23.58
C ILE A 197 -5.18 25.63 22.97
N ASP A 198 -5.29 25.96 21.68
CA ASP A 198 -6.57 25.94 20.97
C ASP A 198 -7.60 26.79 21.70
N GLY A 199 -7.15 27.92 22.22
CA GLY A 199 -8.05 28.80 22.96
C GLY A 199 -8.66 28.13 24.18
N TYR A 200 -7.87 27.37 24.92
CA TYR A 200 -8.34 26.68 26.12
C TYR A 200 -7.37 26.98 27.25
N PHE A 201 -7.87 27.65 28.29
CA PHE A 201 -7.05 27.94 29.46
C PHE A 201 -7.11 26.79 30.44
N LYS A 202 -5.95 26.41 30.96
CA LYS A 202 -5.83 25.33 31.94
C LYS A 202 -5.10 25.85 33.17
N ILE A 203 -5.72 25.69 34.34
CA ILE A 203 -5.16 26.16 35.60
C ILE A 203 -4.93 24.92 36.45
N TYR A 204 -3.70 24.44 36.49
CA TYR A 204 -3.29 23.34 37.34
C TYR A 204 -2.70 23.88 38.63
N SER A 205 -2.71 23.06 39.68
CA SER A 205 -2.28 23.52 41.00
C SER A 205 -1.61 22.37 41.75
N LYS A 206 -0.72 22.75 42.66
CA LYS A 206 -0.14 21.80 43.61
C LYS A 206 0.35 22.58 44.82
N HIS A 207 -0.14 22.20 46.00
CA HIS A 207 0.17 22.92 47.24
C HIS A 207 0.85 21.96 48.20
N THR A 208 2.02 22.37 48.71
CA THR A 208 2.79 21.51 49.60
C THR A 208 3.50 22.32 50.68
N PRO A 209 3.66 21.76 51.88
CA PRO A 209 4.51 22.43 52.87
C PRO A 209 5.95 22.44 52.41
N ILE A 210 6.68 23.50 52.78
CA ILE A 210 8.07 23.67 52.38
C ILE A 210 8.87 24.18 53.57
N ASN A 211 10.17 23.88 53.54
CA ASN A 211 11.10 24.35 54.56
C ASN A 211 12.26 25.14 54.00
N LEU A 212 12.46 25.14 52.67
CA LEU A 212 13.55 25.87 52.03
C LEU A 212 13.02 27.20 51.53
N VAL A 213 13.33 28.27 52.24
CA VAL A 213 12.85 29.59 51.86
C VAL A 213 13.53 30.06 50.57
N ARG A 214 14.80 29.70 50.38
CA ARG A 214 15.58 30.27 49.29
C ARG A 214 14.98 29.94 47.93
N GLY A 215 14.59 28.69 47.71
CA GLY A 215 14.13 28.27 46.40
C GLY A 215 13.26 27.03 46.46
N LEU A 216 12.84 26.59 45.28
CA LEU A 216 11.94 25.44 45.18
C LEU A 216 12.63 24.20 45.73
N PRO A 217 11.95 23.41 46.57
CA PRO A 217 12.55 22.16 47.03
C PRO A 217 12.77 21.20 45.86
N GLN A 218 13.85 20.42 45.97
CA GLN A 218 14.18 19.43 44.94
C GLN A 218 13.44 18.12 45.21
N GLY A 219 12.11 18.24 45.26
CA GLY A 219 11.26 17.09 45.48
C GLY A 219 10.20 16.94 44.40
N PHE A 220 10.07 15.74 43.85
CA PHE A 220 9.13 15.52 42.76
C PHE A 220 7.70 15.76 43.22
N SER A 221 6.91 16.39 42.36
CA SER A 221 5.53 16.72 42.68
C SER A 221 4.70 16.70 41.41
N ALA A 222 3.38 16.56 41.59
CA ALA A 222 2.43 16.50 40.49
C ALA A 222 1.39 17.59 40.65
N LEU A 223 0.85 18.06 39.52
CA LEU A 223 -0.20 19.09 39.49
C LEU A 223 -1.42 18.49 38.81
N GLU A 224 -2.47 18.25 39.58
CA GLU A 224 -3.74 17.86 38.99
C GLU A 224 -4.44 19.09 38.41
N PRO A 225 -5.33 18.90 37.43
CA PRO A 225 -6.00 20.07 36.83
C PRO A 225 -7.04 20.69 37.75
N LEU A 226 -6.72 21.86 38.30
CA LEU A 226 -7.67 22.55 39.17
C LEU A 226 -8.89 22.98 38.38
N VAL A 227 -8.68 23.63 37.23
CA VAL A 227 -9.77 24.15 36.42
C VAL A 227 -9.36 24.12 34.96
N ASP A 228 -10.36 23.96 34.09
CA ASP A 228 -10.15 24.03 32.63
C ASP A 228 -11.29 24.82 32.03
N LEU A 229 -10.97 26.00 31.50
CA LEU A 229 -11.96 26.90 30.90
C LEU A 229 -11.63 27.09 29.44
N PRO A 230 -12.38 26.50 28.51
CA PRO A 230 -12.15 26.77 27.08
C PRO A 230 -12.57 28.19 26.73
N ILE A 231 -11.80 29.15 27.26
CA ILE A 231 -12.16 30.56 27.11
C ILE A 231 -12.11 30.98 25.65
N GLY A 232 -11.11 30.51 24.91
CA GLY A 232 -10.96 30.90 23.53
C GLY A 232 -10.21 32.20 23.30
N ILE A 233 -9.73 32.85 24.36
CA ILE A 233 -9.04 34.11 24.19
C ILE A 233 -7.65 33.94 23.60
N ASN A 234 -7.12 35.03 23.06
CA ASN A 234 -5.80 35.04 22.46
C ASN A 234 -4.75 34.63 23.47
N ILE A 235 -4.57 35.44 24.51
CA ILE A 235 -3.70 35.10 25.64
C ILE A 235 -2.25 35.14 25.20
N THR A 236 -1.63 36.32 25.28
CA THR A 236 -0.22 36.48 24.95
C THR A 236 0.60 37.11 26.08
N ARG A 237 -0.05 37.58 27.14
CA ARG A 237 0.66 38.20 28.26
C ARG A 237 -0.12 37.93 29.54
N PHE A 238 0.58 38.02 30.68
CA PHE A 238 -0.02 37.83 31.98
C PHE A 238 0.74 38.64 33.02
N GLN A 239 0.11 38.77 34.20
CA GLN A 239 0.71 39.49 35.31
C GLN A 239 0.15 38.90 36.62
N THR A 240 0.86 39.13 37.71
CA THR A 240 0.49 38.61 39.01
C THR A 240 -0.29 39.66 39.80
N LEU A 241 -0.74 39.27 40.99
CA LEU A 241 -1.41 40.17 41.91
C LEU A 241 -0.76 40.04 43.28
N HIS A 242 -0.37 41.16 43.87
CA HIS A 242 0.23 41.18 45.20
C HIS A 242 -0.64 41.95 46.18
N ALA A 260 6.98 37.63 48.80
CA ALA A 260 6.36 36.53 48.05
C ALA A 260 6.98 36.42 46.67
N ALA A 261 8.22 35.93 46.62
CA ALA A 261 8.90 35.77 45.34
C ALA A 261 8.20 34.69 44.51
N TYR A 262 8.30 34.85 43.18
CA TYR A 262 7.73 33.89 42.26
C TYR A 262 8.69 33.68 41.10
N TYR A 263 8.43 32.63 40.34
CA TYR A 263 9.28 32.23 39.22
C TYR A 263 8.41 32.03 37.99
N VAL A 264 9.02 32.16 36.81
CA VAL A 264 8.33 31.94 35.55
C VAL A 264 9.18 31.02 34.69
N GLY A 265 8.61 29.87 34.33
CA GLY A 265 9.22 28.95 33.39
C GLY A 265 8.41 28.91 32.11
N TYR A 266 8.83 28.05 31.19
CA TYR A 266 8.14 27.89 29.92
C TYR A 266 8.04 26.42 29.56
N LEU A 267 6.93 26.07 28.91
CA LEU A 267 6.72 24.72 28.44
C LEU A 267 7.21 24.57 27.01
N GLN A 268 7.76 23.40 26.71
CA GLN A 268 8.23 23.05 25.38
C GLN A 268 7.76 21.64 25.07
N PRO A 269 7.65 21.28 23.78
CA PRO A 269 7.31 19.90 23.44
C PRO A 269 8.39 18.95 23.93
N ARG A 270 8.04 18.07 24.87
CA ARG A 270 9.00 17.15 25.45
C ARG A 270 8.31 15.82 25.72
N THR A 271 8.75 14.78 25.04
CA THR A 271 8.26 13.44 25.33
C THR A 271 8.61 13.09 26.78
N PHE A 272 7.59 12.88 27.60
CA PHE A 272 7.75 12.71 29.03
C PHE A 272 7.22 11.33 29.42
N LEU A 273 8.11 10.47 29.89
CA LEU A 273 7.69 9.19 30.46
C LEU A 273 7.17 9.44 31.87
N LEU A 274 5.89 9.14 32.09
CA LEU A 274 5.24 9.36 33.37
C LEU A 274 4.93 8.03 34.02
N LYS A 275 5.30 7.88 35.29
CA LYS A 275 5.09 6.65 36.04
C LYS A 275 3.90 6.87 36.99
N TYR A 276 2.72 6.42 36.59
CA TYR A 276 1.58 6.36 37.49
C TYR A 276 1.76 5.17 38.42
N ASN A 277 1.38 5.36 39.68
CA ASN A 277 1.44 4.28 40.66
C ASN A 277 0.05 3.70 40.86
N GLU A 278 -0.05 2.69 41.74
CA GLU A 278 -1.32 2.01 41.93
C GLU A 278 -2.40 2.97 42.40
N ASN A 279 -2.02 4.01 43.15
CA ASN A 279 -2.96 4.98 43.69
C ASN A 279 -3.24 6.11 42.70
N GLY A 280 -2.84 5.97 41.44
CA GLY A 280 -3.05 7.01 40.47
C GLY A 280 -2.29 8.28 40.79
N THR A 281 -1.07 8.13 41.26
CA THR A 281 -0.23 9.27 41.65
C THR A 281 1.11 9.16 40.95
N ILE A 282 1.56 10.25 40.35
CA ILE A 282 2.85 10.28 39.69
C ILE A 282 3.92 10.54 40.73
N THR A 283 4.88 9.61 40.86
CA THR A 283 5.99 9.79 41.77
C THR A 283 7.27 10.21 41.06
N ASP A 284 7.39 10.00 39.76
CA ASP A 284 8.59 10.37 39.03
C ASP A 284 8.22 10.54 37.56
N ALA A 285 9.11 11.20 36.82
CA ALA A 285 8.93 11.40 35.39
C ALA A 285 10.30 11.58 34.76
N VAL A 286 10.42 11.18 33.51
CA VAL A 286 11.68 11.26 32.77
C VAL A 286 11.45 12.11 31.54
N ASP A 287 12.29 13.13 31.37
CA ASP A 287 12.27 13.97 30.18
C ASP A 287 13.15 13.31 29.13
N CYS A 288 12.55 12.86 28.05
CA CYS A 288 13.27 12.08 27.05
C CYS A 288 14.23 12.90 26.23
N ALA A 289 14.53 14.15 26.57
CA ALA A 289 15.55 14.90 25.85
C ALA A 289 16.58 15.52 26.79
N LEU A 290 16.55 15.20 28.08
CA LEU A 290 17.49 15.81 29.02
C LEU A 290 18.93 15.46 28.67
N ASP A 291 19.17 14.20 28.34
CA ASP A 291 20.53 13.71 28.10
C ASP A 291 20.43 12.28 27.62
N PRO A 292 21.52 11.72 27.09
CA PRO A 292 21.45 10.35 26.56
C PRO A 292 20.92 9.35 27.55
N LEU A 293 21.22 9.49 28.84
CA LEU A 293 20.69 8.56 29.83
C LEU A 293 19.17 8.61 29.85
N SER A 294 18.60 9.82 29.81
CA SER A 294 17.14 9.92 29.80
C SER A 294 16.54 9.32 28.53
N GLU A 295 17.20 9.53 27.39
CA GLU A 295 16.71 8.92 26.16
C GLU A 295 16.71 7.40 26.27
N THR A 296 17.78 6.84 26.83
CA THR A 296 17.84 5.39 27.00
C THR A 296 16.73 4.92 27.93
N LYS A 297 16.49 5.65 29.02
CA LYS A 297 15.43 5.26 29.94
C LYS A 297 14.08 5.27 29.25
N CYS A 298 13.83 6.27 28.40
CA CYS A 298 12.56 6.31 27.69
C CYS A 298 12.45 5.17 26.69
N THR A 299 13.52 4.88 25.95
CA THR A 299 13.44 3.82 24.94
C THR A 299 13.14 2.47 25.56
N LEU A 300 13.77 2.17 26.69
CA LEU A 300 13.55 0.90 27.38
C LEU A 300 12.32 0.93 28.27
N LYS A 301 11.63 2.05 28.36
CA LYS A 301 10.39 2.15 29.15
C LYS A 301 10.62 1.69 30.58
N SER A 302 11.71 2.18 31.18
CA SER A 302 12.01 1.84 32.56
C SER A 302 12.85 2.95 33.18
N PHE A 303 12.84 2.99 34.50
CA PHE A 303 13.70 3.88 35.27
C PHE A 303 14.99 3.19 35.71
N THR A 304 15.20 1.94 35.34
CA THR A 304 16.45 1.24 35.57
C THR A 304 16.96 0.70 34.25
N VAL A 305 18.24 0.94 33.98
CA VAL A 305 18.89 0.47 32.76
C VAL A 305 20.07 -0.39 33.18
N GLU A 306 20.10 -1.62 32.67
CA GLU A 306 21.18 -2.55 33.00
C GLU A 306 22.39 -2.29 32.12
N LYS A 307 23.54 -2.80 32.56
CA LYS A 307 24.77 -2.61 31.80
C LYS A 307 24.54 -3.08 30.37
N GLY A 308 24.61 -2.13 29.43
CA GLY A 308 24.38 -2.48 28.04
C GLY A 308 24.47 -1.25 27.15
N ILE A 309 24.43 -1.52 25.85
CA ILE A 309 24.48 -0.49 24.82
C ILE A 309 23.14 -0.53 24.08
N TYR A 310 22.38 0.54 24.18
CA TYR A 310 21.03 0.60 23.62
C TYR A 310 20.98 1.67 22.54
N GLN A 311 20.43 1.31 21.39
CA GLN A 311 20.25 2.28 20.31
C GLN A 311 19.03 3.14 20.64
N THR A 312 19.26 4.43 20.91
CA THR A 312 18.18 5.32 21.28
C THR A 312 17.54 5.96 20.06
N SER A 313 18.33 6.68 19.27
CA SER A 313 17.77 7.40 18.13
C SER A 313 18.84 7.63 17.08
N ASN A 314 18.40 7.98 15.88
CA ASN A 314 19.30 8.25 14.77
C ASN A 314 19.75 9.71 14.78
N PHE A 315 21.00 9.92 14.40
CA PHE A 315 21.60 11.24 14.31
C PHE A 315 21.87 11.56 12.84
N ARG A 316 21.28 12.65 12.35
CA ARG A 316 21.37 13.00 10.94
C ARG A 316 21.80 14.46 10.82
N VAL A 317 22.86 14.70 10.06
CA VAL A 317 23.32 16.07 9.83
C VAL A 317 22.25 16.82 9.05
N GLN A 318 22.00 18.05 9.46
CA GLN A 318 20.99 18.84 8.78
C GLN A 318 21.63 19.80 7.78
N PRO A 319 20.95 20.11 6.69
CA PRO A 319 21.50 21.06 5.72
C PRO A 319 21.52 22.46 6.28
N THR A 320 22.45 23.27 5.76
CA THR A 320 22.61 24.65 6.18
C THR A 320 21.95 25.65 5.25
N GLU A 321 22.08 25.46 3.94
CA GLU A 321 21.53 26.40 2.97
C GLU A 321 21.22 25.66 1.68
N SER A 322 20.43 26.30 0.84
CA SER A 322 20.02 25.74 -0.44
C SER A 322 20.89 26.27 -1.57
N ILE A 323 21.26 25.38 -2.48
CA ILE A 323 22.08 25.71 -3.63
C ILE A 323 21.22 25.56 -4.87
N VAL A 324 21.17 26.61 -5.69
CA VAL A 324 20.42 26.61 -6.94
C VAL A 324 21.39 26.86 -8.08
N ARG A 325 21.43 25.95 -9.04
CA ARG A 325 22.34 26.03 -10.19
C ARG A 325 21.54 25.77 -11.46
N PHE A 326 21.22 26.84 -12.18
CA PHE A 326 20.55 26.75 -13.47
C PHE A 326 21.40 27.38 -14.57
N PRO A 327 21.18 27.01 -15.82
CA PRO A 327 21.97 27.59 -16.92
C PRO A 327 21.79 29.10 -16.99
N ASN A 328 22.85 29.78 -17.40
CA ASN A 328 22.83 31.23 -17.55
C ASN A 328 21.53 31.70 -18.18
N ILE A 329 20.81 32.58 -17.48
CA ILE A 329 19.56 33.11 -18.00
C ILE A 329 19.84 33.81 -19.33
N THR A 330 19.17 33.37 -20.37
CA THR A 330 19.38 33.91 -21.71
C THR A 330 18.17 33.56 -22.57
N ASN A 331 18.30 33.76 -23.88
CA ASN A 331 17.22 33.49 -24.82
C ASN A 331 15.96 34.28 -24.49
N LEU A 332 16.12 35.52 -24.04
CA LEU A 332 14.99 36.35 -23.67
C LEU A 332 13.99 36.46 -24.80
N CYS A 333 12.70 36.34 -24.46
CA CYS A 333 11.66 36.44 -25.47
C CYS A 333 11.58 37.88 -26.00
N PRO A 334 11.09 38.05 -27.23
CA PRO A 334 11.08 39.38 -27.87
C PRO A 334 9.89 40.23 -27.45
N PHE A 335 9.82 40.54 -26.15
CA PHE A 335 8.77 41.42 -25.66
C PHE A 335 8.98 42.87 -26.08
N GLY A 336 10.23 43.26 -26.32
CA GLY A 336 10.50 44.63 -26.75
C GLY A 336 10.06 44.92 -28.16
N GLU A 337 9.94 43.90 -29.01
CA GLU A 337 9.45 44.07 -30.36
C GLU A 337 7.96 44.38 -30.41
N VAL A 338 7.25 44.23 -29.29
CA VAL A 338 5.83 44.54 -29.21
C VAL A 338 5.56 45.80 -28.41
N PHE A 339 6.00 45.85 -27.16
CA PHE A 339 5.79 47.03 -26.34
C PHE A 339 6.52 48.24 -26.90
N ASN A 340 7.75 48.05 -27.35
CA ASN A 340 8.52 49.12 -27.98
C ASN A 340 8.39 48.98 -29.48
N ALA A 341 7.52 49.80 -30.07
CA ALA A 341 7.27 49.75 -31.51
C ALA A 341 7.04 51.16 -32.01
N THR A 342 7.50 51.42 -33.24
CA THR A 342 7.33 52.76 -33.82
C THR A 342 5.87 53.11 -33.99
N ARG A 343 5.05 52.17 -34.48
CA ARG A 343 3.65 52.44 -34.76
C ARG A 343 2.85 51.17 -34.52
N PHE A 344 1.67 51.34 -33.95
CA PHE A 344 0.76 50.24 -33.67
C PHE A 344 -0.30 50.15 -34.77
N ALA A 345 -0.99 49.01 -34.79
CA ALA A 345 -2.04 48.77 -35.76
C ALA A 345 -3.38 49.27 -35.23
N SER A 346 -4.31 49.50 -36.15
CA SER A 346 -5.65 49.92 -35.77
C SER A 346 -6.36 48.83 -34.98
N VAL A 347 -7.29 49.25 -34.13
CA VAL A 347 -7.99 48.30 -33.28
C VAL A 347 -8.80 47.32 -34.12
N TYR A 348 -9.43 47.80 -35.20
CA TYR A 348 -10.17 46.89 -36.07
C TYR A 348 -9.26 45.89 -36.75
N ALA A 349 -7.97 46.22 -36.86
CA ALA A 349 -7.00 45.32 -37.48
C ALA A 349 -5.85 45.07 -36.51
N TRP A 350 -6.20 44.77 -35.27
CA TRP A 350 -5.19 44.57 -34.23
C TRP A 350 -4.19 43.50 -34.64
N ASN A 351 -2.91 43.79 -34.38
CA ASN A 351 -1.82 42.89 -34.75
C ASN A 351 -1.68 41.79 -33.70
N ARG A 352 -1.15 40.65 -34.13
CA ARG A 352 -0.93 39.52 -33.23
C ARG A 352 0.46 38.94 -33.50
N LYS A 353 1.31 38.94 -32.48
CA LYS A 353 2.60 38.27 -32.51
C LYS A 353 2.52 37.02 -31.65
N ARG A 354 3.28 36.00 -32.02
CA ARG A 354 3.40 34.79 -31.22
C ARG A 354 4.79 34.73 -30.62
N ILE A 355 4.87 34.56 -29.30
CA ILE A 355 6.13 34.43 -28.59
C ILE A 355 6.30 32.97 -28.20
N SER A 356 7.36 32.34 -28.71
CA SER A 356 7.61 30.93 -28.47
C SER A 356 9.08 30.65 -28.73
N ASN A 357 9.54 29.48 -28.28
CA ASN A 357 10.92 29.06 -28.45
C ASN A 357 11.87 30.10 -27.86
N CYS A 358 11.56 30.53 -26.64
CA CYS A 358 12.35 31.55 -25.96
C CYS A 358 12.04 31.46 -24.47
N VAL A 359 12.75 32.28 -23.69
CA VAL A 359 12.58 32.36 -22.24
C VAL A 359 11.98 33.72 -21.93
N ALA A 360 10.81 33.73 -21.29
CA ALA A 360 10.10 34.96 -21.00
C ALA A 360 10.37 35.42 -19.58
N ASP A 361 10.60 36.71 -19.42
CA ASP A 361 10.80 37.34 -18.12
C ASP A 361 9.80 38.49 -17.98
N TYR A 362 8.72 38.25 -17.24
CA TYR A 362 7.68 39.24 -17.04
C TYR A 362 7.97 40.19 -15.89
N SER A 363 9.09 39.99 -15.18
CA SER A 363 9.41 40.87 -14.06
C SER A 363 9.61 42.30 -14.53
N VAL A 364 10.29 42.49 -15.66
CA VAL A 364 10.53 43.83 -16.17
C VAL A 364 9.22 44.52 -16.49
N LEU A 365 8.28 43.81 -17.13
CA LEU A 365 7.01 44.42 -17.50
C LEU A 365 6.23 44.85 -16.26
N TYR A 366 6.14 43.98 -15.26
CA TYR A 366 5.42 44.34 -14.04
C TYR A 366 6.08 45.51 -13.32
N ASN A 367 7.41 45.49 -13.24
CA ASN A 367 8.11 46.53 -12.49
C ASN A 367 7.95 47.90 -13.14
N SER A 368 7.66 47.94 -14.44
CA SER A 368 7.54 49.21 -15.14
C SER A 368 6.47 50.08 -14.49
N ALA A 369 6.82 51.34 -14.23
CA ALA A 369 5.90 52.31 -13.64
C ALA A 369 5.21 53.18 -14.67
N SER A 370 5.44 52.92 -15.96
CA SER A 370 4.87 53.74 -17.03
C SER A 370 3.59 53.12 -17.60
N PHE A 371 3.11 52.03 -17.02
CA PHE A 371 1.90 51.36 -17.50
C PHE A 371 0.72 51.89 -16.69
N SER A 372 -0.13 52.69 -17.34
CA SER A 372 -1.29 53.24 -16.66
C SER A 372 -2.31 52.17 -16.31
N THR A 373 -2.37 51.07 -17.06
CA THR A 373 -3.29 49.98 -16.79
C THR A 373 -2.55 48.66 -16.94
N PHE A 374 -2.68 47.79 -15.94
CA PHE A 374 -2.11 46.46 -16.02
C PHE A 374 -2.96 45.49 -15.21
N LYS A 375 -3.87 44.78 -15.87
CA LYS A 375 -4.83 43.90 -15.19
C LYS A 375 -4.72 42.49 -15.75
N CYS A 376 -4.55 41.51 -14.87
CA CYS A 376 -4.44 40.12 -15.26
C CYS A 376 -5.68 39.36 -14.81
N TYR A 377 -6.17 38.50 -15.70
CA TYR A 377 -7.36 37.69 -15.46
C TYR A 377 -6.98 36.22 -15.55
N GLY A 378 -7.31 35.46 -14.52
CA GLY A 378 -7.02 34.05 -14.46
C GLY A 378 -5.61 33.70 -14.03
N VAL A 379 -4.75 34.69 -13.81
CA VAL A 379 -3.40 34.44 -13.33
C VAL A 379 -2.86 35.70 -12.66
N SER A 380 -2.25 35.55 -11.50
CA SER A 380 -1.65 36.68 -10.83
C SER A 380 -0.35 37.08 -11.53
N PRO A 381 -0.11 38.37 -11.76
CA PRO A 381 1.14 38.78 -12.42
C PRO A 381 2.38 38.38 -11.65
N THR A 382 2.30 38.27 -10.33
CA THR A 382 3.47 37.95 -9.53
C THR A 382 4.01 36.55 -9.87
N LYS A 383 3.11 35.59 -10.07
CA LYS A 383 3.49 34.19 -10.26
C LYS A 383 3.66 33.82 -11.74
N LEU A 384 3.97 34.81 -12.59
CA LEU A 384 4.19 34.53 -14.00
C LEU A 384 5.53 33.88 -14.27
N ASN A 385 6.46 33.93 -13.32
CA ASN A 385 7.77 33.31 -13.50
C ASN A 385 7.63 31.80 -13.66
N PHE A 389 3.90 28.11 -19.60
CA PHE A 389 2.84 28.14 -20.60
C PHE A 389 3.30 27.45 -21.89
N THR A 390 2.37 26.76 -22.54
CA THR A 390 2.67 26.05 -23.78
C THR A 390 2.67 26.97 -25.00
N ASN A 391 2.19 28.20 -24.87
CA ASN A 391 2.14 29.12 -25.99
C ASN A 391 1.77 30.50 -25.46
N VAL A 392 2.28 31.53 -26.13
CA VAL A 392 2.04 32.91 -25.74
C VAL A 392 1.67 33.73 -26.97
N TYR A 393 0.60 34.52 -26.85
CA TYR A 393 0.18 35.45 -27.87
C TYR A 393 0.23 36.86 -27.33
N ALA A 394 0.64 37.81 -28.18
CA ALA A 394 0.68 39.22 -27.83
C ALA A 394 -0.08 40.00 -28.89
N ASP A 395 -1.29 40.43 -28.57
CA ASP A 395 -2.07 41.26 -29.46
C ASP A 395 -1.80 42.73 -29.14
N SER A 396 -1.65 43.54 -30.17
CA SER A 396 -1.29 44.95 -30.00
C SER A 396 -2.22 45.81 -30.85
N PHE A 397 -2.63 46.94 -30.27
CA PHE A 397 -3.47 47.88 -31.00
C PHE A 397 -3.50 49.21 -30.24
N VAL A 398 -4.31 50.14 -30.71
CA VAL A 398 -4.45 51.47 -30.10
C VAL A 398 -5.92 51.83 -30.04
N ILE A 399 -6.33 52.41 -28.91
CA ILE A 399 -7.68 52.90 -28.71
C ILE A 399 -7.60 54.26 -28.02
N ARG A 400 -8.74 54.79 -27.59
CA ARG A 400 -8.77 55.98 -26.76
C ARG A 400 -8.95 55.58 -25.30
N GLY A 401 -8.69 56.54 -24.41
CA GLY A 401 -8.65 56.24 -22.99
C GLY A 401 -9.95 55.64 -22.48
N ASP A 402 -11.08 56.26 -22.83
CA ASP A 402 -12.37 55.79 -22.32
C ASP A 402 -12.68 54.38 -22.78
N GLU A 403 -12.10 53.92 -23.89
CA GLU A 403 -12.31 52.58 -24.39
C GLU A 403 -11.38 51.56 -23.76
N VAL A 404 -10.41 51.99 -22.94
CA VAL A 404 -9.48 51.05 -22.33
C VAL A 404 -10.24 50.06 -21.45
N ARG A 405 -11.26 50.52 -20.75
CA ARG A 405 -12.05 49.63 -19.91
C ARG A 405 -12.80 48.57 -20.71
N GLN A 406 -12.96 48.75 -22.02
CA GLN A 406 -13.64 47.77 -22.84
C GLN A 406 -12.77 46.57 -23.17
N ILE A 407 -11.46 46.65 -22.92
CA ILE A 407 -10.57 45.52 -23.16
C ILE A 407 -10.50 44.68 -21.90
N ALA A 408 -11.45 43.75 -21.76
CA ALA A 408 -11.51 42.87 -20.60
C ALA A 408 -12.61 41.85 -20.84
N PRO A 409 -12.53 40.67 -20.21
CA PRO A 409 -13.60 39.69 -20.39
C PRO A 409 -14.92 40.22 -19.89
N GLY A 410 -15.99 39.83 -20.58
CA GLY A 410 -17.33 40.26 -20.18
C GLY A 410 -17.59 41.73 -20.35
N GLN A 411 -17.01 42.36 -21.37
CA GLN A 411 -17.19 43.78 -21.63
C GLN A 411 -17.89 43.98 -22.97
N THR A 412 -18.66 45.07 -23.05
CA THR A 412 -19.38 45.40 -24.26
C THR A 412 -18.97 46.78 -24.76
N GLY A 413 -19.62 47.26 -25.80
CA GLY A 413 -19.28 48.51 -26.44
C GLY A 413 -18.79 48.31 -27.87
N ASN A 414 -18.54 49.44 -28.53
CA ASN A 414 -18.12 49.38 -29.92
C ASN A 414 -16.81 48.62 -30.09
N ILE A 415 -15.83 48.88 -29.22
CA ILE A 415 -14.55 48.18 -29.32
C ILE A 415 -14.70 46.71 -28.96
N ALA A 416 -15.41 46.43 -27.87
CA ALA A 416 -15.56 45.04 -27.44
C ALA A 416 -16.42 44.24 -28.39
N ASP A 417 -17.35 44.90 -29.10
CA ASP A 417 -18.30 44.16 -29.93
C ASP A 417 -17.85 44.05 -31.38
N TYR A 418 -17.25 45.12 -31.94
CA TYR A 418 -16.96 45.17 -33.37
C TYR A 418 -15.49 45.23 -33.71
N ASN A 419 -14.61 45.42 -32.74
CA ASN A 419 -13.18 45.55 -33.01
C ASN A 419 -12.35 44.45 -32.37
N TYR A 420 -12.53 44.20 -31.06
CA TYR A 420 -11.71 43.22 -30.36
C TYR A 420 -12.48 42.73 -29.15
N LYS A 421 -12.71 41.41 -29.09
CA LYS A 421 -13.46 40.80 -28.00
C LYS A 421 -12.59 39.76 -27.31
N LEU A 422 -12.68 39.72 -25.97
CA LEU A 422 -11.96 38.73 -25.19
C LEU A 422 -12.92 37.62 -24.73
N PRO A 423 -12.44 36.39 -24.60
CA PRO A 423 -13.32 35.32 -24.10
C PRO A 423 -13.65 35.51 -22.63
N ASP A 424 -14.79 34.92 -22.25
CA ASP A 424 -15.22 35.01 -20.85
C ASP A 424 -14.24 34.33 -19.91
N ASP A 425 -13.56 33.28 -20.38
CA ASP A 425 -12.56 32.56 -19.59
C ASP A 425 -11.15 32.98 -19.94
N PHE A 426 -10.96 34.26 -20.28
CA PHE A 426 -9.64 34.74 -20.70
C PHE A 426 -8.62 34.50 -19.60
N THR A 427 -7.47 33.95 -19.99
CA THR A 427 -6.37 33.65 -19.08
C THR A 427 -5.15 34.41 -19.59
N GLY A 428 -4.95 35.62 -19.09
CA GLY A 428 -3.85 36.44 -19.56
C GLY A 428 -3.79 37.75 -18.83
N CYS A 429 -3.26 38.76 -19.51
CA CYS A 429 -3.11 40.09 -18.95
C CYS A 429 -3.35 41.14 -20.03
N VAL A 430 -3.69 42.34 -19.59
CA VAL A 430 -3.89 43.49 -20.47
C VAL A 430 -3.06 44.64 -19.90
N ILE A 431 -2.20 45.22 -20.73
CA ILE A 431 -1.33 46.33 -20.35
C ILE A 431 -1.56 47.47 -21.33
N ALA A 432 -2.01 48.61 -20.81
CA ALA A 432 -2.31 49.77 -21.64
C ALA A 432 -1.60 50.99 -21.08
N TRP A 433 -1.09 51.83 -21.98
CA TRP A 433 -0.38 53.03 -21.56
C TRP A 433 -0.67 54.15 -22.55
N ASN A 434 -0.80 55.38 -22.03
CA ASN A 434 -1.04 56.53 -22.87
C ASN A 434 0.09 56.71 -23.88
N SER A 435 -0.27 57.07 -25.11
CA SER A 435 0.68 57.33 -26.18
C SER A 435 0.38 58.65 -26.85
N ASN A 436 0.02 59.66 -26.06
CA ASN A 436 -0.33 60.97 -26.63
C ASN A 436 0.87 61.65 -27.28
N ASN A 437 2.08 61.26 -26.91
CA ASN A 437 3.29 61.81 -27.49
C ASN A 437 3.72 61.10 -28.77
N LEU A 438 3.02 60.03 -29.15
CA LEU A 438 3.40 59.24 -30.31
C LEU A 438 2.27 59.05 -31.32
N ASP A 439 1.01 59.02 -30.87
CA ASP A 439 -0.12 58.71 -31.76
C ASP A 439 -1.05 59.90 -31.92
N SER A 440 -0.59 61.11 -31.60
CA SER A 440 -1.40 62.31 -31.73
C SER A 440 -0.58 63.40 -32.41
N LYS A 441 -1.19 64.10 -33.36
CA LYS A 441 -0.58 65.22 -34.05
C LYS A 441 -1.52 66.42 -34.02
N VAL A 442 -0.93 67.61 -34.09
CA VAL A 442 -1.74 68.82 -34.21
C VAL A 442 -2.46 68.78 -35.55
N GLY A 443 -3.77 69.01 -35.51
CA GLY A 443 -4.61 68.83 -36.69
C GLY A 443 -5.26 67.47 -36.79
N GLY A 444 -4.91 66.52 -35.92
CA GLY A 444 -5.58 65.23 -35.88
C GLY A 444 -4.82 64.13 -36.58
N ASN A 445 -4.49 63.07 -35.84
CA ASN A 445 -3.86 61.89 -36.41
C ASN A 445 -4.95 60.88 -36.75
N TYR A 446 -5.22 60.73 -38.04
CA TYR A 446 -6.30 59.86 -38.53
C TYR A 446 -5.79 58.50 -38.99
N ASN A 447 -4.53 58.17 -38.70
CA ASN A 447 -3.98 56.90 -39.15
C ASN A 447 -4.71 55.71 -38.52
N TYR A 448 -5.03 55.80 -37.23
CA TYR A 448 -5.67 54.70 -36.52
C TYR A 448 -7.17 54.71 -36.80
N LEU A 449 -7.72 53.52 -37.02
CA LEU A 449 -9.13 53.35 -37.36
C LEU A 449 -9.78 52.37 -36.39
N TYR A 450 -11.11 52.29 -36.46
CA TYR A 450 -11.87 51.35 -35.65
C TYR A 450 -13.19 51.06 -36.35
N ARG A 451 -13.69 49.84 -36.15
CA ARG A 451 -14.95 49.46 -36.76
C ARG A 451 -16.11 49.95 -35.91
N LEU A 452 -17.04 50.68 -36.54
CA LEU A 452 -18.20 51.24 -35.85
C LEU A 452 -19.50 50.53 -36.19
N PHE A 453 -19.72 50.19 -37.45
CA PHE A 453 -20.94 49.53 -37.89
C PHE A 453 -20.65 48.06 -38.18
N ARG A 454 -21.46 47.18 -37.60
CA ARG A 454 -21.35 45.75 -37.85
C ARG A 454 -22.66 45.10 -37.46
N LYS A 455 -23.12 44.15 -38.30
CA LYS A 455 -24.41 43.51 -38.07
C LYS A 455 -24.41 42.75 -36.74
N SER A 456 -23.34 42.01 -36.47
CA SER A 456 -23.25 41.18 -35.27
C SER A 456 -21.92 41.42 -34.58
N ASN A 457 -21.91 41.15 -33.27
CA ASN A 457 -20.70 41.32 -32.48
C ASN A 457 -19.66 40.28 -32.85
N LEU A 458 -18.39 40.64 -32.67
CA LEU A 458 -17.29 39.73 -32.94
C LEU A 458 -17.24 38.62 -31.89
N LYS A 459 -16.66 37.49 -32.30
CA LYS A 459 -16.35 36.42 -31.38
C LYS A 459 -14.97 36.65 -30.75
N PRO A 460 -14.68 36.00 -29.63
CA PRO A 460 -13.39 36.23 -28.96
C PRO A 460 -12.22 35.98 -29.91
N PHE A 461 -11.23 36.87 -29.85
CA PHE A 461 -10.02 36.75 -30.67
C PHE A 461 -10.36 36.70 -32.16
N GLU A 462 -11.34 37.50 -32.57
CA GLU A 462 -11.73 37.62 -33.97
C GLU A 462 -11.34 38.99 -34.50
N ARG A 463 -10.68 39.01 -35.65
CA ARG A 463 -10.27 40.25 -36.31
C ARG A 463 -11.07 40.40 -37.60
N ASP A 464 -11.75 41.53 -37.75
CA ASP A 464 -12.56 41.83 -38.93
C ASP A 464 -11.96 43.05 -39.62
N ILE A 465 -11.37 42.82 -40.80
CA ILE A 465 -10.80 43.89 -41.60
C ILE A 465 -11.67 44.24 -42.81
N SER A 466 -12.91 43.76 -42.83
CA SER A 466 -13.79 44.03 -43.96
C SER A 466 -14.08 45.52 -44.07
N THR A 467 -14.10 46.02 -45.31
CA THR A 467 -14.43 47.41 -45.58
C THR A 467 -15.72 47.54 -46.38
N GLU A 468 -16.55 46.49 -46.39
CA GLU A 468 -17.79 46.53 -47.15
C GLU A 468 -18.72 47.59 -46.59
N ILE A 469 -19.36 48.34 -47.49
CA ILE A 469 -20.27 49.40 -47.07
C ILE A 469 -21.41 48.78 -46.27
N TYR A 470 -21.62 49.28 -45.06
CA TYR A 470 -22.66 48.74 -44.19
C TYR A 470 -24.02 49.25 -44.65
N GLN A 471 -24.91 48.33 -45.02
CA GLN A 471 -26.24 48.67 -45.50
C GLN A 471 -27.15 48.85 -44.29
N ALA A 472 -27.30 50.11 -43.86
CA ALA A 472 -28.15 50.45 -42.73
C ALA A 472 -29.59 50.71 -43.12
N GLY A 473 -30.02 50.22 -44.29
CA GLY A 473 -31.39 50.43 -44.74
C GLY A 473 -31.96 49.20 -45.43
N SER A 474 -33.05 49.38 -46.17
CA SER A 474 -33.68 48.27 -46.85
C SER A 474 -32.96 47.92 -48.14
N THR A 475 -32.77 48.90 -49.02
CA THR A 475 -32.12 48.64 -50.30
C THR A 475 -30.66 48.30 -50.08
N PRO A 476 -30.06 47.47 -50.95
CA PRO A 476 -28.64 47.16 -50.80
C PRO A 476 -27.75 48.32 -51.18
N CYS A 477 -26.44 48.13 -51.11
CA CYS A 477 -25.46 49.16 -51.44
C CYS A 477 -24.61 48.81 -52.65
N ASN A 478 -24.30 47.53 -52.85
CA ASN A 478 -23.49 47.09 -53.99
C ASN A 478 -22.16 47.84 -54.04
N GLY A 479 -21.58 48.07 -52.86
CA GLY A 479 -20.31 48.76 -52.77
C GLY A 479 -20.38 50.25 -53.02
N VAL A 480 -21.56 50.82 -53.05
CA VAL A 480 -21.75 52.25 -53.29
C VAL A 480 -22.19 52.91 -51.99
N LYS A 481 -21.46 53.94 -51.57
CA LYS A 481 -21.78 54.65 -50.35
C LYS A 481 -22.95 55.61 -50.56
N GLY A 482 -23.45 56.15 -49.47
CA GLY A 482 -24.57 57.07 -49.49
C GLY A 482 -25.42 56.90 -48.24
N PHE A 483 -26.67 57.30 -48.35
CA PHE A 483 -27.60 57.17 -47.24
C PHE A 483 -27.92 55.70 -47.01
N ASN A 484 -27.92 55.27 -45.75
CA ASN A 484 -28.09 53.87 -45.38
C ASN A 484 -27.01 52.99 -45.98
N CYS A 485 -25.87 53.58 -46.35
CA CYS A 485 -24.73 52.85 -46.91
C CYS A 485 -23.47 53.58 -46.47
N TYR A 486 -22.91 53.13 -45.36
CA TYR A 486 -21.81 53.83 -44.68
C TYR A 486 -20.56 52.95 -44.65
N PHE A 487 -19.40 53.59 -44.72
CA PHE A 487 -18.15 52.87 -44.62
C PHE A 487 -18.01 52.30 -43.21
N PRO A 488 -17.70 51.01 -43.07
CA PRO A 488 -17.72 50.41 -41.73
C PRO A 488 -16.67 50.94 -40.78
N LEU A 489 -15.61 51.56 -41.28
CA LEU A 489 -14.52 52.02 -40.44
C LEU A 489 -14.60 53.53 -40.22
N GLN A 490 -14.08 53.97 -39.07
CA GLN A 490 -14.01 55.38 -38.74
C GLN A 490 -12.66 55.66 -38.10
N SER A 491 -12.11 56.83 -38.40
CA SER A 491 -10.77 57.19 -37.96
C SER A 491 -10.83 58.03 -36.70
N TYR A 492 -9.88 57.78 -35.78
CA TYR A 492 -9.73 58.61 -34.59
C TYR A 492 -9.06 59.92 -34.97
N GLY A 493 -9.67 61.03 -34.55
CA GLY A 493 -9.06 62.33 -34.75
C GLY A 493 -8.14 62.69 -33.60
N PHE A 494 -7.11 61.87 -33.38
CA PHE A 494 -6.21 62.08 -32.24
C PHE A 494 -5.49 63.40 -32.36
N GLN A 495 -5.76 64.31 -31.41
CA GLN A 495 -5.08 65.58 -31.31
C GLN A 495 -4.45 65.75 -29.93
N PRO A 496 -3.33 66.45 -29.82
CA PRO A 496 -2.69 66.62 -28.50
C PRO A 496 -3.54 67.40 -27.51
N THR A 497 -4.49 68.19 -27.98
CA THR A 497 -5.37 68.97 -27.11
C THR A 497 -6.62 68.21 -26.69
N TYR A 498 -6.84 67.03 -27.22
CA TYR A 498 -8.01 66.24 -26.84
C TYR A 498 -7.88 65.76 -25.39
N GLY A 499 -9.03 65.59 -24.75
CA GLY A 499 -9.02 65.13 -23.37
C GLY A 499 -8.56 63.70 -23.24
N VAL A 500 -8.21 63.33 -22.01
CA VAL A 500 -7.68 61.99 -21.76
C VAL A 500 -8.61 60.92 -22.30
N GLY A 501 -9.93 61.19 -22.30
CA GLY A 501 -10.86 60.25 -22.89
C GLY A 501 -10.63 60.06 -24.37
N TYR A 502 -10.24 61.12 -25.07
CA TYR A 502 -9.95 61.05 -26.50
C TYR A 502 -8.47 60.90 -26.81
N GLN A 503 -7.61 60.88 -25.79
CA GLN A 503 -6.18 60.73 -26.03
C GLN A 503 -5.85 59.29 -26.38
N PRO A 504 -4.85 59.07 -27.23
CA PRO A 504 -4.52 57.70 -27.64
C PRO A 504 -3.91 56.89 -26.52
N TYR A 505 -4.11 55.58 -26.60
CA TYR A 505 -3.58 54.63 -25.63
C TYR A 505 -3.21 53.36 -26.38
N ARG A 506 -1.96 52.94 -26.22
CA ARG A 506 -1.47 51.70 -26.79
C ARG A 506 -1.78 50.55 -25.84
N VAL A 507 -2.40 49.49 -26.38
CA VAL A 507 -2.88 48.37 -25.59
C VAL A 507 -2.24 47.09 -26.12
N VAL A 508 -1.73 46.29 -25.19
CA VAL A 508 -1.14 44.99 -25.49
C VAL A 508 -1.82 43.95 -24.60
N VAL A 509 -2.40 42.93 -25.21
CA VAL A 509 -3.06 41.84 -24.50
C VAL A 509 -2.20 40.60 -24.65
N LEU A 510 -1.72 40.08 -23.53
CA LEU A 510 -0.95 38.84 -23.50
C LEU A 510 -1.86 37.69 -23.12
N SER A 511 -1.83 36.63 -23.93
CA SER A 511 -2.64 35.44 -23.72
C SER A 511 -1.74 34.24 -23.55
N PHE A 512 -1.97 33.46 -22.49
CA PHE A 512 -1.20 32.25 -22.20
C PHE A 512 -2.07 31.05 -22.49
N GLU A 513 -1.55 30.13 -23.30
CA GLU A 513 -2.30 28.93 -23.70
C GLU A 513 -1.52 27.68 -23.31
N VAL A 521 7.45 28.15 -23.60
CA VAL A 521 7.63 29.43 -22.94
C VAL A 521 7.52 29.27 -21.44
N CYS A 522 8.59 29.60 -20.72
CA CYS A 522 8.64 29.49 -19.27
C CYS A 522 9.26 30.76 -18.69
N GLY A 523 9.23 30.86 -17.36
CA GLY A 523 9.78 32.00 -16.68
C GLY A 523 11.24 31.81 -16.33
N PRO A 524 11.89 32.87 -15.86
CA PRO A 524 13.32 32.77 -15.54
C PRO A 524 13.57 31.92 -14.31
N LYS A 525 14.77 31.35 -14.25
CA LYS A 525 15.22 30.56 -13.11
C LYS A 525 16.44 31.22 -12.51
N LYS A 526 16.40 31.49 -11.21
CA LYS A 526 17.53 32.09 -10.53
C LYS A 526 18.53 31.03 -10.11
N SER A 527 19.75 31.48 -9.82
CA SER A 527 20.83 30.60 -9.40
C SER A 527 21.52 31.18 -8.18
N THR A 528 22.17 30.30 -7.42
CA THR A 528 22.85 30.68 -6.20
C THR A 528 24.29 30.18 -6.25
N ASN A 529 25.14 30.82 -5.46
CA ASN A 529 26.55 30.47 -5.47
C ASN A 529 26.75 29.04 -4.99
N LEU A 530 27.87 28.46 -5.40
CA LEU A 530 28.21 27.08 -5.08
C LEU A 530 28.97 27.02 -3.77
N VAL A 531 28.65 26.01 -2.95
CA VAL A 531 29.34 25.76 -1.69
C VAL A 531 29.79 24.32 -1.68
N LYS A 532 31.06 24.11 -1.35
CA LYS A 532 31.65 22.78 -1.34
C LYS A 532 31.89 22.31 0.09
N ASN A 533 31.96 20.99 0.25
CA ASN A 533 32.36 20.37 1.50
C ASN A 533 31.42 20.72 2.65
N LYS A 534 30.14 20.92 2.35
CA LYS A 534 29.15 21.21 3.38
C LYS A 534 27.82 20.59 2.98
N CYS A 535 27.10 20.09 3.97
CA CYS A 535 25.80 19.46 3.72
C CYS A 535 24.79 20.52 3.31
N VAL A 536 24.39 20.50 2.04
CA VAL A 536 23.50 21.52 1.49
C VAL A 536 22.38 20.86 0.70
N ASN A 537 21.31 21.62 0.51
CA ASN A 537 20.17 21.21 -0.30
C ASN A 537 20.41 21.74 -1.71
N PHE A 538 20.88 20.86 -2.59
CA PHE A 538 21.31 21.23 -3.93
C PHE A 538 20.21 20.99 -4.96
N ASN A 539 20.24 21.82 -6.00
CA ASN A 539 19.32 21.70 -7.14
C ASN A 539 20.13 22.02 -8.40
N PHE A 540 20.37 21.00 -9.23
CA PHE A 540 21.12 21.15 -10.46
C PHE A 540 20.19 20.86 -11.64
N ASN A 541 19.87 21.88 -12.42
CA ASN A 541 19.07 21.73 -13.63
C ASN A 541 17.76 21.01 -13.35
N GLY A 542 17.14 21.33 -12.21
CA GLY A 542 15.87 20.75 -11.84
C GLY A 542 15.97 19.46 -11.05
N LEU A 543 17.15 18.84 -11.00
CA LEU A 543 17.35 17.64 -10.20
C LEU A 543 17.72 18.06 -8.78
N THR A 544 16.89 17.68 -7.83
CA THR A 544 17.05 18.14 -6.45
C THR A 544 17.56 17.01 -5.56
N GLY A 545 18.23 17.40 -4.49
CA GLY A 545 18.71 16.45 -3.52
C GLY A 545 19.39 17.17 -2.39
N THR A 546 19.88 16.38 -1.43
CA THR A 546 20.62 16.91 -0.29
C THR A 546 21.90 16.09 -0.12
N GLY A 547 23.01 16.78 0.11
CA GLY A 547 24.28 16.08 0.22
C GLY A 547 25.43 17.06 0.31
N VAL A 548 26.63 16.49 0.27
CA VAL A 548 27.86 17.27 0.25
C VAL A 548 28.42 17.21 -1.16
N LEU A 549 28.69 18.37 -1.74
CA LEU A 549 29.21 18.48 -3.10
C LEU A 549 30.72 18.61 -3.03
N THR A 550 31.44 17.78 -3.78
CA THR A 550 32.89 17.75 -3.74
C THR A 550 33.44 17.69 -5.15
N GLU A 551 34.70 18.13 -5.29
CA GLU A 551 35.41 17.99 -6.54
C GLU A 551 35.64 16.53 -6.87
N SER A 552 35.69 16.22 -8.16
CA SER A 552 35.84 14.85 -8.62
C SER A 552 36.82 14.79 -9.79
N ASN A 553 37.38 13.61 -9.99
CA ASN A 553 38.28 13.35 -11.12
C ASN A 553 37.61 12.47 -12.16
N LYS A 554 36.27 12.43 -12.15
CA LYS A 554 35.51 11.62 -13.09
C LYS A 554 35.31 12.40 -14.38
N LYS A 555 35.66 11.78 -15.51
CA LYS A 555 35.61 12.43 -16.81
C LYS A 555 34.25 12.18 -17.45
N PHE A 556 33.36 13.16 -17.33
CA PHE A 556 32.08 13.09 -18.02
C PHE A 556 32.26 13.29 -19.52
N LEU A 557 31.37 12.67 -20.29
CA LEU A 557 31.30 12.98 -21.71
C LEU A 557 30.46 14.22 -21.92
N PRO A 558 30.68 14.95 -23.02
CA PRO A 558 30.04 16.26 -23.18
C PRO A 558 28.52 16.21 -23.05
N PHE A 559 27.87 15.18 -23.61
CA PHE A 559 26.41 15.17 -23.64
C PHE A 559 25.82 14.82 -22.27
N GLN A 560 26.53 14.06 -21.46
CA GLN A 560 26.00 13.65 -20.17
C GLN A 560 25.86 14.86 -19.23
N GLN A 561 24.87 14.79 -18.35
CA GLN A 561 24.63 15.82 -17.35
C GLN A 561 24.88 15.35 -15.93
N PHE A 562 24.25 14.26 -15.52
CA PHE A 562 24.40 13.75 -14.16
C PHE A 562 24.61 12.25 -14.20
N GLY A 563 25.33 11.74 -13.21
CA GLY A 563 25.67 10.34 -13.18
C GLY A 563 24.95 9.55 -12.10
N ARG A 564 24.80 8.25 -12.30
CA ARG A 564 24.16 7.38 -11.34
C ARG A 564 25.07 6.20 -11.04
N ASP A 565 24.83 5.57 -9.90
CA ASP A 565 25.59 4.41 -9.46
C ASP A 565 24.78 3.14 -9.73
N ILE A 566 25.32 1.99 -9.32
CA ILE A 566 24.61 0.73 -9.49
C ILE A 566 23.27 0.78 -8.79
N ALA A 567 23.21 1.45 -7.64
CA ALA A 567 21.96 1.58 -6.90
C ALA A 567 20.95 2.47 -7.61
N ASP A 568 21.35 3.17 -8.67
CA ASP A 568 20.46 4.08 -9.39
C ASP A 568 20.11 5.28 -8.51
N THR A 569 21.14 5.86 -7.90
CA THR A 569 21.01 7.10 -7.13
C THR A 569 22.00 8.12 -7.70
N THR A 570 21.56 9.37 -7.78
CA THR A 570 22.43 10.41 -8.30
C THR A 570 23.73 10.45 -7.52
N ASP A 571 24.85 10.36 -8.23
CA ASP A 571 26.17 10.38 -7.62
C ASP A 571 27.04 11.52 -8.12
N ALA A 572 26.77 12.05 -9.30
CA ALA A 572 27.55 13.16 -9.82
C ALA A 572 26.66 14.07 -10.63
N VAL A 573 27.03 15.35 -10.67
CA VAL A 573 26.24 16.37 -11.33
C VAL A 573 27.18 17.35 -12.00
N ARG A 574 26.79 17.86 -13.17
CA ARG A 574 27.55 18.86 -13.88
C ARG A 574 26.78 20.18 -13.83
N ASP A 575 27.34 21.16 -13.15
CA ASP A 575 26.64 22.43 -12.98
C ASP A 575 26.44 23.10 -14.33
N PRO A 576 25.26 23.64 -14.60
CA PRO A 576 25.04 24.28 -15.90
C PRO A 576 25.87 25.54 -16.11
N GLN A 577 25.91 26.43 -15.11
CA GLN A 577 26.66 27.67 -15.26
C GLN A 577 28.14 27.39 -15.51
N THR A 578 28.72 26.50 -14.70
CA THR A 578 30.08 26.05 -14.90
C THR A 578 30.06 24.54 -15.04
N LEU A 579 30.54 24.05 -16.18
CA LEU A 579 30.52 22.61 -16.48
C LEU A 579 31.62 21.95 -15.65
N GLU A 580 31.38 21.86 -14.35
CA GLU A 580 32.30 21.26 -13.40
C GLU A 580 31.66 20.02 -12.82
N ILE A 581 32.40 18.91 -12.83
CA ILE A 581 31.89 17.66 -12.29
C ILE A 581 31.92 17.73 -10.77
N LEU A 582 30.80 17.41 -10.13
CA LEU A 582 30.69 17.47 -8.68
C LEU A 582 30.12 16.15 -8.19
N ASP A 583 30.88 15.46 -7.33
CA ASP A 583 30.39 14.24 -6.71
C ASP A 583 29.55 14.59 -5.50
N ILE A 584 28.51 13.80 -5.27
CA ILE A 584 27.56 14.01 -4.20
C ILE A 584 27.73 12.88 -3.18
N THR A 585 28.08 13.25 -1.95
CA THR A 585 28.16 12.29 -0.88
C THR A 585 27.01 12.54 0.08
N PRO A 586 26.12 11.58 0.34
CA PRO A 586 25.01 11.85 1.26
C PRO A 586 25.54 12.27 2.62
N CYS A 587 24.86 13.26 3.20
CA CYS A 587 25.32 13.80 4.47
C CYS A 587 25.37 12.70 5.51
N SER A 588 26.44 12.71 6.32
CA SER A 588 26.67 11.61 7.24
C SER A 588 25.50 11.45 8.19
N PHE A 589 25.13 10.19 8.43
CA PHE A 589 24.10 9.84 9.40
C PHE A 589 24.59 8.63 10.17
N GLY A 590 24.03 8.44 11.36
CA GLY A 590 24.45 7.32 12.18
C GLY A 590 23.36 6.93 13.15
N GLY A 591 23.56 5.77 13.78
CA GLY A 591 22.65 5.33 14.81
C GLY A 591 23.25 5.53 16.19
N VAL A 592 22.80 6.57 16.89
CA VAL A 592 23.34 6.86 18.21
C VAL A 592 23.03 5.70 19.15
N SER A 593 24.03 5.25 19.89
CA SER A 593 23.85 4.19 20.87
C SER A 593 24.40 4.66 22.20
N VAL A 594 23.56 4.64 23.23
CA VAL A 594 23.96 5.03 24.58
C VAL A 594 24.45 3.78 25.29
N ILE A 595 25.70 3.81 25.74
CA ILE A 595 26.27 2.73 26.53
C ILE A 595 26.24 3.17 27.99
N THR A 596 25.62 2.35 28.83
CA THR A 596 25.47 2.68 30.24
C THR A 596 25.74 1.45 31.09
N PRO A 597 26.49 1.57 32.18
CA PRO A 597 26.54 0.48 33.15
C PRO A 597 25.22 0.37 33.89
N GLY A 598 25.17 -0.54 34.85
CA GLY A 598 23.97 -0.69 35.65
C GLY A 598 23.58 0.63 36.29
N THR A 599 22.36 1.10 36.02
CA THR A 599 21.92 2.37 36.59
C THR A 599 22.05 2.36 38.10
N ASN A 600 21.72 1.23 38.73
CA ASN A 600 21.94 1.09 40.16
C ASN A 600 23.41 1.30 40.50
N THR A 601 24.31 0.80 39.65
CA THR A 601 25.74 0.99 39.90
C THR A 601 26.13 2.45 39.76
N SER A 602 25.65 3.11 38.71
CA SER A 602 26.03 4.51 38.48
C SER A 602 25.07 5.12 37.46
N ASN A 603 25.16 6.44 37.34
CA ASN A 603 24.38 7.18 36.35
C ASN A 603 25.25 7.78 35.25
N GLN A 604 26.56 7.56 35.29
CA GLN A 604 27.42 8.01 34.20
C GLN A 604 27.21 7.13 32.98
N VAL A 605 27.37 7.71 31.79
CA VAL A 605 27.12 7.03 30.53
C VAL A 605 28.09 7.53 29.49
N ALA A 606 28.04 6.91 28.31
CA ALA A 606 28.78 7.39 27.16
C ALA A 606 27.93 7.17 25.91
N VAL A 607 28.27 7.88 24.85
CA VAL A 607 27.49 7.86 23.61
C VAL A 607 28.40 7.44 22.47
N LEU A 608 27.96 6.46 21.70
CA LEU A 608 28.65 6.00 20.51
C LEU A 608 27.85 6.45 19.30
N TYR A 609 28.36 7.44 18.58
CA TYR A 609 27.80 7.83 17.29
C TYR A 609 28.40 6.89 16.26
N GLN A 610 27.62 5.92 15.82
CA GLN A 610 28.14 4.90 14.92
C GLN A 610 28.41 5.48 13.54
N GLY A 611 29.59 5.18 13.03
CA GLY A 611 29.91 5.52 11.65
C GLY A 611 29.85 7.00 11.32
N VAL A 612 30.38 7.84 12.21
CA VAL A 612 30.53 9.26 11.93
C VAL A 612 31.89 9.71 12.44
N ASN A 613 32.60 10.48 11.61
CA ASN A 613 33.86 11.06 12.04
C ASN A 613 33.61 11.99 13.22
N CYS A 614 34.52 11.97 14.19
CA CYS A 614 34.33 12.77 15.39
C CYS A 614 34.16 14.24 15.05
N THR A 615 34.76 14.69 13.94
CA THR A 615 34.60 16.07 13.53
C THR A 615 33.15 16.39 13.19
N GLU A 616 32.43 15.40 12.64
CA GLU A 616 31.06 15.65 12.20
C GLU A 616 30.15 15.99 13.37
N VAL A 617 30.34 15.35 14.51
CA VAL A 617 29.51 15.61 15.68
C VAL A 617 29.51 17.10 16.00
N ASN A 638 36.91 14.61 26.23
CA ASN A 638 37.28 13.21 26.16
C ASN A 638 36.55 12.51 25.02
N VAL A 639 37.17 12.47 23.84
CA VAL A 639 36.57 11.89 22.64
C VAL A 639 37.53 10.85 22.08
N PHE A 640 37.00 9.68 21.73
CA PHE A 640 37.75 8.60 21.13
C PHE A 640 37.20 8.33 19.74
N GLN A 641 38.08 8.07 18.78
CA GLN A 641 37.69 7.64 17.45
C GLN A 641 37.97 6.14 17.32
N THR A 642 36.97 5.39 16.89
CA THR A 642 37.07 3.95 16.70
C THR A 642 36.54 3.59 15.32
N ARG A 643 36.91 2.41 14.85
CA ARG A 643 36.39 1.96 13.56
C ARG A 643 34.88 1.84 13.62
N ALA A 644 34.32 1.79 14.82
CA ALA A 644 32.88 1.71 15.01
C ALA A 644 32.20 3.08 14.95
N GLY A 645 32.94 4.16 15.08
CA GLY A 645 32.39 5.49 15.09
C GLY A 645 33.08 6.34 16.13
N CYS A 646 32.41 7.43 16.51
CA CYS A 646 32.95 8.37 17.48
C CYS A 646 32.34 8.07 18.84
N LEU A 647 33.18 7.73 19.81
CA LEU A 647 32.74 7.44 21.16
C LEU A 647 33.06 8.67 22.03
N ILE A 648 32.09 9.09 22.82
CA ILE A 648 32.22 10.28 23.66
C ILE A 648 31.83 9.90 25.08
N GLY A 649 32.68 10.26 26.03
CA GLY A 649 32.46 9.98 27.44
C GLY A 649 33.34 8.89 27.99
N ALA A 650 34.06 8.16 27.13
CA ALA A 650 34.92 7.07 27.56
C ALA A 650 36.38 7.44 27.34
N GLU A 651 37.23 7.09 28.30
CA GLU A 651 38.65 7.33 28.17
C GLU A 651 39.33 6.10 27.58
N HIS A 652 40.16 6.33 26.56
CA HIS A 652 40.85 5.24 25.87
C HIS A 652 42.02 4.78 26.74
N VAL A 653 41.99 3.51 27.16
CA VAL A 653 43.00 2.96 28.06
C VAL A 653 43.70 1.80 27.34
N ASN A 654 45.03 1.84 27.33
CA ASN A 654 45.77 0.78 26.64
C ASN A 654 45.53 -0.57 27.30
N ASN A 655 45.42 -0.61 28.61
CA ASN A 655 45.22 -1.87 29.31
C ASN A 655 43.98 -2.58 28.78
N SER A 656 44.09 -3.89 28.63
CA SER A 656 43.04 -4.72 28.04
C SER A 656 42.40 -5.61 29.10
N TYR A 657 41.11 -5.86 28.94
CA TYR A 657 40.36 -6.74 29.82
C TYR A 657 39.35 -7.50 28.96
N GLU A 658 38.44 -8.21 29.62
CA GLU A 658 37.38 -8.89 28.89
C GLU A 658 36.33 -7.89 28.41
N CYS A 659 35.44 -8.36 27.55
CA CYS A 659 34.42 -7.51 26.95
C CYS A 659 33.23 -7.44 27.91
N ASP A 660 33.27 -6.45 28.80
CA ASP A 660 32.13 -6.22 29.69
C ASP A 660 30.90 -5.81 28.88
N ILE A 661 31.08 -4.86 27.96
CA ILE A 661 30.01 -4.39 27.09
C ILE A 661 30.59 -4.25 25.69
N PRO A 662 29.98 -4.83 24.67
CA PRO A 662 30.60 -4.80 23.34
C PRO A 662 30.29 -3.54 22.56
N ILE A 663 31.31 -2.79 22.16
CA ILE A 663 31.12 -1.64 21.28
C ILE A 663 31.21 -2.11 19.85
N GLY A 664 32.35 -2.61 19.45
CA GLY A 664 32.54 -3.12 18.10
C GLY A 664 33.93 -2.84 17.58
N ALA A 665 34.28 -3.52 16.49
CA ALA A 665 35.60 -3.39 15.87
C ALA A 665 36.72 -3.69 16.86
N GLY A 666 36.48 -4.65 17.75
CA GLY A 666 37.46 -5.01 18.74
C GLY A 666 37.46 -4.13 19.97
N ILE A 667 36.61 -3.12 20.03
CA ILE A 667 36.57 -2.17 21.13
C ILE A 667 35.44 -2.60 22.07
N CYS A 668 35.76 -2.75 23.35
CA CYS A 668 34.80 -3.09 24.39
C CYS A 668 34.94 -2.08 25.52
N ALA A 669 33.82 -1.63 26.07
CA ALA A 669 33.81 -0.64 27.12
C ALA A 669 33.54 -1.30 28.48
N SER A 670 33.70 -0.50 29.53
CA SER A 670 33.47 -0.98 30.89
C SER A 670 33.48 0.21 31.82
N TYR A 671 33.17 -0.06 33.09
CA TYR A 671 33.23 0.95 34.15
C TYR A 671 34.30 0.53 35.14
N GLN A 672 35.33 1.35 35.29
CA GLN A 672 36.44 1.04 36.18
C GLN A 672 37.04 2.31 36.75
N SER A 686 37.07 8.89 41.07
CA SER A 686 38.23 8.26 40.46
C SER A 686 37.81 7.30 39.36
N GLN A 687 36.64 6.69 39.52
CA GLN A 687 36.12 5.73 38.56
C GLN A 687 35.49 6.45 37.37
N SER A 688 35.52 5.79 36.22
CA SER A 688 35.00 6.36 34.99
C SER A 688 34.75 5.22 34.00
N ILE A 689 34.09 5.55 32.90
CA ILE A 689 33.85 4.60 31.84
C ILE A 689 35.03 4.63 30.87
N ILE A 690 35.54 3.45 30.53
CA ILE A 690 36.70 3.33 29.66
C ILE A 690 36.35 2.41 28.50
N ALA A 691 37.07 2.60 27.39
CA ALA A 691 36.96 1.78 26.20
C ALA A 691 38.34 1.24 25.86
N TYR A 692 38.41 -0.04 25.48
CA TYR A 692 39.70 -0.69 25.36
C TYR A 692 39.59 -1.88 24.41
N THR A 693 40.75 -2.30 23.91
CA THR A 693 40.80 -3.53 23.13
C THR A 693 40.69 -4.72 24.06
N MET A 694 39.76 -5.63 23.75
CA MET A 694 39.55 -6.77 24.62
C MET A 694 40.76 -7.71 24.59
N SER A 695 41.00 -8.38 25.72
CA SER A 695 42.24 -9.13 25.88
C SER A 695 42.21 -10.44 25.08
N LEU A 696 41.09 -11.15 25.10
CA LEU A 696 40.96 -12.50 24.54
C LEU A 696 41.70 -13.55 25.36
N GLY A 697 42.05 -13.25 26.60
CA GLY A 697 42.72 -14.21 27.45
C GLY A 697 44.16 -13.80 27.70
N VAL A 698 44.89 -14.73 28.33
CA VAL A 698 46.28 -14.50 28.75
C VAL A 698 47.18 -15.39 27.92
N GLU A 699 48.22 -14.81 27.33
CA GLU A 699 49.17 -15.58 26.55
C GLU A 699 49.82 -16.63 27.44
N ASN A 700 49.90 -17.86 26.93
CA ASN A 700 50.40 -18.98 27.73
C ASN A 700 51.12 -19.95 26.79
N SER A 701 52.43 -19.76 26.63
CA SER A 701 53.21 -20.68 25.82
C SER A 701 53.30 -22.04 26.49
N VAL A 702 53.46 -23.08 25.69
CA VAL A 702 53.52 -24.45 26.16
C VAL A 702 54.94 -24.96 26.01
N ALA A 703 55.50 -25.50 27.10
CA ALA A 703 56.89 -25.93 27.12
C ALA A 703 57.05 -27.24 26.34
N TYR A 704 56.89 -27.12 25.02
CA TYR A 704 56.92 -28.28 24.14
C TYR A 704 58.35 -28.66 23.78
N SER A 705 58.57 -29.95 23.57
CA SER A 705 59.85 -30.45 23.11
C SER A 705 59.63 -31.86 22.60
N ASN A 706 60.66 -32.43 21.99
CA ASN A 706 60.52 -33.76 21.45
C ASN A 706 60.64 -34.86 22.51
N ASN A 707 60.94 -34.51 23.77
CA ASN A 707 61.06 -35.54 24.80
C ASN A 707 60.53 -35.08 26.15
N SER A 708 59.40 -34.39 26.18
CA SER A 708 58.82 -33.92 27.44
C SER A 708 57.31 -34.12 27.41
N ILE A 709 56.77 -34.74 28.45
CA ILE A 709 55.33 -34.96 28.58
C ILE A 709 54.88 -34.52 29.96
N ALA A 710 53.78 -33.79 30.01
CA ALA A 710 53.18 -33.39 31.28
C ALA A 710 51.99 -34.31 31.57
N ILE A 711 52.07 -35.03 32.68
CA ILE A 711 51.03 -35.96 33.09
C ILE A 711 50.35 -35.39 34.32
N PRO A 712 49.02 -35.39 34.40
CA PRO A 712 48.37 -34.89 35.62
C PRO A 712 48.60 -35.85 36.76
N THR A 713 48.90 -35.29 37.93
CA THR A 713 49.04 -36.08 39.15
C THR A 713 47.80 -36.01 40.03
N ASN A 714 46.82 -35.20 39.69
CA ASN A 714 45.58 -35.12 40.44
C ASN A 714 44.44 -34.88 39.48
N PHE A 715 43.22 -35.11 39.95
CA PHE A 715 42.03 -34.85 39.16
C PHE A 715 41.15 -33.85 39.89
N THR A 716 40.03 -33.50 39.27
CA THR A 716 39.08 -32.59 39.88
C THR A 716 37.73 -32.83 39.22
N ILE A 717 36.74 -33.25 39.99
CA ILE A 717 35.39 -33.36 39.45
C ILE A 717 34.78 -31.97 39.46
N SER A 718 34.24 -31.57 38.31
CA SER A 718 33.63 -30.26 38.17
C SER A 718 32.22 -30.46 37.63
N VAL A 719 31.25 -29.77 38.25
CA VAL A 719 29.86 -29.84 37.85
C VAL A 719 29.50 -28.53 37.17
N THR A 720 29.13 -28.61 35.89
CA THR A 720 28.80 -27.44 35.10
C THR A 720 27.32 -27.46 34.75
N THR A 721 26.77 -26.28 34.51
CA THR A 721 25.35 -26.12 34.22
C THR A 721 25.18 -25.68 32.78
N GLU A 722 24.30 -26.35 32.05
CA GLU A 722 23.93 -25.97 30.69
C GLU A 722 22.42 -25.80 30.64
N ILE A 723 21.96 -24.63 30.21
CA ILE A 723 20.55 -24.29 30.23
C ILE A 723 20.07 -24.19 28.79
N LEU A 724 19.03 -24.92 28.45
CA LEU A 724 18.52 -24.98 27.09
C LEU A 724 17.02 -24.69 27.06
N PRO A 725 16.56 -23.78 26.21
CA PRO A 725 15.13 -23.66 25.98
C PRO A 725 14.56 -24.94 25.40
N VAL A 726 13.33 -25.26 25.74
CA VAL A 726 12.70 -26.48 25.25
C VAL A 726 11.36 -26.17 24.59
N SER A 727 10.72 -25.08 24.98
CA SER A 727 9.43 -24.73 24.42
C SER A 727 9.12 -23.27 24.73
N MET A 728 8.22 -22.70 23.94
CA MET A 728 7.76 -21.35 24.12
C MET A 728 6.26 -21.34 24.34
N THR A 729 5.74 -20.21 24.81
CA THR A 729 4.34 -20.12 25.18
C THR A 729 3.45 -20.49 24.00
N LYS A 730 2.45 -21.34 24.27
CA LYS A 730 1.53 -21.79 23.23
C LYS A 730 0.42 -20.76 23.08
N THR A 731 0.75 -19.65 22.44
CA THR A 731 -0.22 -18.59 22.22
C THR A 731 -1.18 -18.97 21.10
N SER A 732 -2.39 -18.43 21.17
CA SER A 732 -3.37 -18.55 20.10
C SER A 732 -4.05 -17.20 19.92
N VAL A 733 -4.38 -16.87 18.68
CA VAL A 733 -4.99 -15.59 18.34
C VAL A 733 -6.27 -15.86 17.56
N ASP A 734 -7.35 -15.18 17.96
CA ASP A 734 -8.62 -15.29 17.26
C ASP A 734 -8.67 -14.16 16.24
N CYS A 735 -8.18 -14.45 15.02
CA CYS A 735 -8.00 -13.41 14.02
C CYS A 735 -9.26 -12.57 13.83
N THR A 736 -10.41 -13.22 13.72
CA THR A 736 -11.64 -12.48 13.45
C THR A 736 -11.95 -11.52 14.59
N MET A 737 -11.79 -11.98 15.83
CA MET A 737 -12.06 -11.11 16.97
C MET A 737 -11.03 -10.00 17.08
N TYR A 738 -9.76 -10.31 16.76
CA TYR A 738 -8.72 -9.31 16.86
C TYR A 738 -8.92 -8.18 15.86
N ILE A 739 -9.16 -8.53 14.59
CA ILE A 739 -9.35 -7.52 13.56
C ILE A 739 -10.69 -6.81 13.74
N CYS A 740 -11.74 -7.56 14.04
CA CYS A 740 -13.10 -7.06 13.95
C CYS A 740 -13.91 -7.36 15.19
N GLY A 741 -13.34 -7.10 16.37
CA GLY A 741 -14.01 -7.46 17.60
C GLY A 741 -15.41 -6.91 17.69
N ASP A 742 -16.41 -7.81 17.56
CA ASP A 742 -17.80 -7.44 17.75
C ASP A 742 -18.22 -6.32 16.82
N SER A 743 -18.03 -6.53 15.52
CA SER A 743 -18.48 -5.61 14.48
C SER A 743 -18.89 -6.42 13.27
N THR A 744 -20.20 -6.51 13.02
CA THR A 744 -20.67 -7.34 11.92
C THR A 744 -20.12 -6.85 10.58
N GLU A 745 -20.13 -5.53 10.36
CA GLU A 745 -19.65 -5.00 9.09
C GLU A 745 -18.17 -5.29 8.93
N CYS A 746 -17.39 -5.14 10.00
CA CYS A 746 -15.97 -5.42 9.92
C CYS A 746 -15.74 -6.89 9.62
N SER A 747 -16.49 -7.78 10.26
CA SER A 747 -16.35 -9.21 9.99
C SER A 747 -16.67 -9.51 8.53
N ASN A 748 -17.75 -8.93 8.01
CA ASN A 748 -18.12 -9.18 6.62
C ASN A 748 -17.05 -8.67 5.66
N LEU A 749 -16.53 -7.48 5.91
CA LEU A 749 -15.45 -6.96 5.07
C LEU A 749 -14.23 -7.87 5.15
N LEU A 750 -13.88 -8.33 6.34
CA LEU A 750 -12.72 -9.20 6.49
C LEU A 750 -12.92 -10.50 5.71
N LEU A 751 -14.14 -11.04 5.71
CA LEU A 751 -14.37 -12.31 5.03
C LEU A 751 -13.97 -12.24 3.56
N GLN A 752 -13.98 -11.05 2.97
CA GLN A 752 -13.61 -10.93 1.57
C GLN A 752 -12.15 -11.34 1.34
N TYR A 753 -11.25 -10.93 2.23
CA TYR A 753 -9.84 -11.13 1.96
C TYR A 753 -9.49 -12.59 1.73
N GLY A 754 -10.29 -13.51 2.26
CA GLY A 754 -10.16 -14.91 1.93
C GLY A 754 -9.75 -15.73 3.14
N SER A 755 -8.96 -16.77 2.88
CA SER A 755 -8.54 -17.72 3.90
C SER A 755 -7.44 -17.17 4.81
N PHE A 756 -7.12 -15.88 4.71
CA PHE A 756 -6.09 -15.32 5.57
C PHE A 756 -6.38 -15.62 7.03
N CYS A 757 -7.62 -15.37 7.47
CA CYS A 757 -7.97 -15.56 8.87
C CYS A 757 -7.70 -16.99 9.31
N THR A 758 -8.07 -17.97 8.48
CA THR A 758 -7.99 -19.36 8.90
C THR A 758 -6.56 -19.90 8.88
N GLN A 759 -5.75 -19.50 7.90
CA GLN A 759 -4.40 -20.05 7.83
C GLN A 759 -3.52 -19.54 8.96
N LEU A 760 -3.74 -18.32 9.44
CA LEU A 760 -3.00 -17.88 10.62
C LEU A 760 -3.33 -18.74 11.83
N ASN A 761 -4.61 -19.05 12.02
CA ASN A 761 -4.99 -19.95 13.09
C ASN A 761 -4.34 -21.32 12.90
N ARG A 762 -4.28 -21.78 11.65
CA ARG A 762 -3.64 -23.07 11.38
C ARG A 762 -2.16 -23.04 11.78
N ALA A 763 -1.45 -21.97 11.40
CA ALA A 763 -0.04 -21.88 11.73
C ALA A 763 0.17 -21.82 13.24
N LEU A 764 -0.62 -21.01 13.93
CA LEU A 764 -0.48 -20.93 15.38
C LEU A 764 -0.79 -22.25 16.05
N THR A 765 -1.81 -22.96 15.59
CA THR A 765 -2.09 -24.28 16.14
C THR A 765 -0.95 -25.25 15.87
N GLY A 766 -0.35 -25.19 14.69
CA GLY A 766 0.80 -26.03 14.41
C GLY A 766 1.92 -25.79 15.39
N ILE A 767 2.24 -24.52 15.62
CA ILE A 767 3.29 -24.20 16.59
C ILE A 767 2.91 -24.72 17.98
N ALA A 768 1.64 -24.53 18.36
CA ALA A 768 1.20 -24.96 19.67
C ALA A 768 1.40 -26.45 19.86
N VAL A 769 1.02 -27.25 18.86
CA VAL A 769 1.21 -28.69 18.96
C VAL A 769 2.69 -29.04 19.00
N GLU A 770 3.48 -28.35 18.18
CA GLU A 770 4.91 -28.65 18.13
C GLU A 770 5.55 -28.42 19.49
N GLN A 771 5.04 -27.47 20.27
CA GLN A 771 5.61 -27.25 21.60
C GLN A 771 5.44 -28.47 22.50
N ASP A 772 4.24 -29.05 22.50
CA ASP A 772 4.03 -30.27 23.28
C ASP A 772 4.93 -31.37 22.77
N LYS A 773 5.08 -31.48 21.45
CA LYS A 773 5.98 -32.50 20.91
C LYS A 773 7.41 -32.28 21.40
N ASN A 774 7.85 -31.03 21.45
CA ASN A 774 9.21 -30.73 21.90
C ASN A 774 9.40 -31.17 23.35
N THR A 775 8.47 -30.80 24.23
CA THR A 775 8.63 -31.18 25.63
C THR A 775 8.62 -32.70 25.77
N GLN A 776 7.75 -33.38 25.02
CA GLN A 776 7.69 -34.83 25.10
C GLN A 776 8.99 -35.47 24.63
N GLU A 777 9.56 -34.97 23.55
CA GLU A 777 10.85 -35.50 23.10
C GLU A 777 11.94 -35.27 24.11
N VAL A 778 12.00 -34.06 24.68
CA VAL A 778 13.09 -33.75 25.59
C VAL A 778 13.04 -34.63 26.81
N PHE A 779 11.86 -34.82 27.41
CA PHE A 779 11.79 -35.53 28.67
C PHE A 779 11.28 -36.97 28.56
N ALA A 780 10.24 -37.22 27.77
CA ALA A 780 9.58 -38.51 27.77
C ALA A 780 10.39 -39.55 26.99
N GLN A 781 11.59 -39.81 27.49
CA GLN A 781 12.47 -40.81 26.90
C GLN A 781 12.60 -42.07 27.76
N VAL A 782 11.98 -42.09 28.93
CA VAL A 782 12.08 -43.23 29.84
C VAL A 782 10.78 -44.02 29.76
N LYS A 783 10.90 -45.34 29.59
CA LYS A 783 9.72 -46.17 29.46
C LYS A 783 8.89 -46.14 30.73
N GLN A 784 9.53 -46.35 31.87
CA GLN A 784 8.86 -46.52 33.15
C GLN A 784 9.33 -45.46 34.13
N ILE A 785 8.43 -45.03 35.00
CA ILE A 785 8.75 -44.04 36.02
C ILE A 785 9.48 -44.72 37.17
N TYR A 786 10.81 -44.69 37.14
CA TYR A 786 11.58 -45.26 38.22
C TYR A 786 11.51 -44.35 39.45
N LYS A 787 11.88 -44.91 40.60
CA LYS A 787 11.93 -44.14 41.83
C LYS A 787 13.15 -44.57 42.64
N THR A 788 13.70 -43.63 43.40
CA THR A 788 14.89 -43.92 44.17
C THR A 788 14.55 -44.88 45.31
N PRO A 789 15.46 -45.80 45.64
CA PRO A 789 15.19 -46.72 46.74
C PRO A 789 15.22 -45.99 48.06
N PRO A 790 14.56 -46.51 49.10
CA PRO A 790 14.68 -45.88 50.42
C PRO A 790 16.12 -45.85 50.92
N ILE A 791 16.89 -46.89 50.62
CA ILE A 791 18.30 -46.90 51.00
C ILE A 791 19.07 -45.96 50.11
N LYS A 792 19.81 -45.03 50.71
CA LYS A 792 20.60 -44.05 49.98
C LYS A 792 22.09 -44.28 50.20
N ASP A 793 22.52 -45.54 50.19
CA ASP A 793 23.93 -45.90 50.31
C ASP A 793 24.55 -45.84 48.91
N PHE A 794 24.75 -44.62 48.43
CA PHE A 794 25.35 -44.39 47.12
C PHE A 794 26.87 -44.29 47.20
N GLY A 795 27.49 -44.90 48.19
CA GLY A 795 28.93 -44.91 48.29
C GLY A 795 29.56 -43.63 48.79
N GLY A 796 28.75 -42.66 49.20
CA GLY A 796 29.26 -41.40 49.73
C GLY A 796 28.84 -40.17 48.96
N PHE A 797 28.22 -40.31 47.80
CA PHE A 797 27.72 -39.16 47.06
C PHE A 797 26.37 -38.74 47.63
N ASN A 798 26.17 -37.44 47.78
CA ASN A 798 24.95 -36.90 48.36
C ASN A 798 24.12 -36.29 47.25
N PHE A 799 23.04 -36.96 46.87
CA PHE A 799 22.13 -36.50 45.83
C PHE A 799 20.89 -35.84 46.41
N SER A 800 20.84 -35.60 47.72
CA SER A 800 19.63 -35.10 48.33
C SER A 800 19.20 -33.76 47.75
N GLN A 801 20.12 -33.03 47.11
CA GLN A 801 19.82 -31.71 46.58
C GLN A 801 19.32 -31.73 45.15
N ILE A 802 19.34 -32.88 44.47
CA ILE A 802 18.85 -32.96 43.10
C ILE A 802 17.64 -33.86 43.03
N LEU A 803 17.56 -34.84 43.93
CA LEU A 803 16.42 -35.73 43.96
C LEU A 803 15.22 -35.03 44.57
N PRO A 804 14.00 -35.45 44.25
CA PRO A 804 12.82 -34.83 44.86
C PRO A 804 12.85 -34.97 46.37
N ASP A 805 12.33 -33.94 47.05
CA ASP A 805 12.22 -33.95 48.49
C ASP A 805 10.79 -34.24 48.90
N PRO A 806 10.51 -35.33 49.61
CA PRO A 806 9.11 -35.63 49.95
C PRO A 806 8.43 -34.51 50.71
N SER A 807 9.16 -33.79 51.57
CA SER A 807 8.54 -32.74 52.37
C SER A 807 7.95 -31.65 51.47
N LYS A 808 8.68 -31.27 50.42
CA LYS A 808 8.16 -30.26 49.51
C LYS A 808 6.90 -30.78 48.82
N PRO A 809 5.91 -29.92 48.57
CA PRO A 809 4.65 -30.41 47.99
C PRO A 809 4.86 -31.05 46.62
N SER A 810 5.39 -30.32 45.66
CA SER A 810 5.71 -30.88 44.36
C SER A 810 7.00 -31.70 44.47
N LYS A 811 7.13 -32.68 43.58
CA LYS A 811 8.32 -33.54 43.55
C LYS A 811 9.45 -32.81 42.82
N ARG A 812 9.75 -31.61 43.29
CA ARG A 812 10.80 -30.78 42.72
C ARG A 812 11.92 -30.62 43.73
N SER A 813 13.14 -30.93 43.30
CA SER A 813 14.28 -30.91 44.19
C SER A 813 14.70 -29.48 44.47
N PHE A 814 15.69 -29.34 45.35
CA PHE A 814 16.16 -28.01 45.75
C PHE A 814 16.53 -27.19 44.53
N ILE A 815 17.37 -27.76 43.66
CA ILE A 815 17.86 -27.00 42.51
C ILE A 815 16.74 -26.68 41.55
N GLU A 816 15.78 -27.59 41.39
CA GLU A 816 14.61 -27.31 40.57
C GLU A 816 13.85 -26.11 41.12
N ASP A 817 13.66 -26.06 42.43
CA ASP A 817 12.97 -24.92 43.02
C ASP A 817 13.72 -23.63 42.79
N LEU A 818 15.05 -23.65 42.96
CA LEU A 818 15.81 -22.43 42.71
C LEU A 818 15.69 -22.01 41.25
N LEU A 819 15.74 -22.96 40.33
CA LEU A 819 15.60 -22.62 38.92
C LEU A 819 14.23 -22.00 38.64
N PHE A 820 13.17 -22.58 39.20
CA PHE A 820 11.85 -22.01 38.99
C PHE A 820 11.77 -20.60 39.57
N ASN A 821 12.30 -20.40 40.76
CA ASN A 821 12.21 -19.08 41.39
C ASN A 821 12.98 -18.03 40.60
N LYS A 822 14.16 -18.38 40.11
CA LYS A 822 14.95 -17.40 39.36
C LYS A 822 14.21 -16.94 38.11
N VAL A 823 13.54 -17.86 37.43
CA VAL A 823 12.75 -17.49 36.26
C VAL A 823 11.41 -16.92 36.70
N THR A 824 10.98 -15.86 36.03
CA THR A 824 9.71 -15.22 36.35
C THR A 824 8.55 -16.09 35.89
N LYS A 851 -3.28 -9.04 25.70
CA LYS A 851 -3.98 -9.47 26.90
C LYS A 851 -5.12 -10.42 26.53
N PHE A 852 -6.34 -9.90 26.41
CA PHE A 852 -7.51 -10.70 26.07
C PHE A 852 -8.27 -10.16 24.86
N ASN A 853 -7.62 -9.35 24.04
CA ASN A 853 -8.25 -8.84 22.81
C ASN A 853 -8.07 -9.88 21.70
N GLY A 854 -8.73 -11.01 21.87
CA GLY A 854 -8.63 -12.09 20.93
C GLY A 854 -7.41 -12.97 21.08
N LEU A 855 -6.59 -12.74 22.11
CA LEU A 855 -5.38 -13.52 22.36
C LEU A 855 -5.59 -14.38 23.60
N THR A 856 -5.11 -15.61 23.54
CA THR A 856 -5.16 -16.52 24.67
C THR A 856 -3.85 -17.27 24.78
N VAL A 857 -3.55 -17.73 25.98
CA VAL A 857 -2.34 -18.51 26.25
C VAL A 857 -2.77 -19.89 26.69
N LEU A 858 -2.68 -20.85 25.79
CA LEU A 858 -3.06 -22.22 26.10
C LEU A 858 -2.08 -22.82 27.09
N PRO A 859 -2.52 -23.78 27.90
CA PRO A 859 -1.61 -24.39 28.88
C PRO A 859 -0.79 -25.48 28.22
N PRO A 860 0.37 -25.80 28.77
CA PRO A 860 1.18 -26.89 28.21
C PRO A 860 0.61 -28.23 28.60
N LEU A 861 0.74 -29.21 27.70
CA LEU A 861 0.12 -30.51 27.94
C LEU A 861 0.65 -31.13 29.22
N LEU A 862 1.96 -31.11 29.42
CA LEU A 862 2.58 -31.66 30.62
C LEU A 862 2.71 -30.55 31.65
N THR A 863 2.01 -30.69 32.77
CA THR A 863 2.16 -29.71 33.83
C THR A 863 3.54 -29.84 34.46
N ASP A 864 3.95 -28.79 35.17
CA ASP A 864 5.28 -28.80 35.77
C ASP A 864 5.48 -30.01 36.66
N GLU A 865 4.41 -30.49 37.29
CA GLU A 865 4.53 -31.67 38.14
C GLU A 865 4.93 -32.90 37.34
N MET A 866 4.32 -33.08 36.16
CA MET A 866 4.67 -34.24 35.33
C MET A 866 6.11 -34.15 34.86
N ILE A 867 6.56 -32.95 34.49
CA ILE A 867 7.95 -32.79 34.09
C ILE A 867 8.88 -33.11 35.25
N ALA A 868 8.51 -32.70 36.46
CA ALA A 868 9.30 -33.06 37.62
C ALA A 868 9.35 -34.56 37.79
N GLN A 869 8.22 -35.24 37.60
CA GLN A 869 8.22 -36.70 37.71
C GLN A 869 9.14 -37.33 36.69
N TYR A 870 9.10 -36.85 35.45
CA TYR A 870 9.97 -37.40 34.42
C TYR A 870 11.44 -37.20 34.78
N THR A 871 11.81 -35.99 35.21
CA THR A 871 13.20 -35.74 35.53
C THR A 871 13.65 -36.57 36.72
N SER A 872 12.79 -36.72 37.73
CA SER A 872 13.14 -37.56 38.86
C SER A 872 13.33 -39.01 38.42
N ALA A 873 12.48 -39.50 37.53
CA ALA A 873 12.64 -40.86 37.03
C ALA A 873 13.97 -41.01 36.31
N LEU A 874 14.31 -40.04 35.45
CA LEU A 874 15.59 -40.11 34.75
C LEU A 874 16.75 -40.13 35.74
N LEU A 875 16.70 -39.26 36.73
CA LEU A 875 17.78 -39.19 37.69
C LEU A 875 17.90 -40.48 38.49
N ALA A 876 16.77 -41.04 38.93
CA ALA A 876 16.82 -42.26 39.74
C ALA A 876 17.30 -43.45 38.92
N GLY A 877 16.84 -43.55 37.67
CA GLY A 877 17.33 -44.60 36.81
C GLY A 877 18.84 -44.48 36.58
N THR A 878 19.31 -43.26 36.35
CA THR A 878 20.74 -43.05 36.16
C THR A 878 21.51 -43.45 37.41
N ILE A 879 21.01 -43.09 38.58
CA ILE A 879 21.74 -43.35 39.81
C ILE A 879 21.80 -44.85 40.09
N THR A 880 20.68 -45.55 39.93
CA THR A 880 20.61 -46.94 40.33
C THR A 880 21.08 -47.91 39.25
N SER A 881 21.13 -47.49 37.99
CA SER A 881 21.37 -48.43 36.90
C SER A 881 22.31 -47.88 35.83
N GLY A 882 22.92 -46.72 36.05
CA GLY A 882 23.82 -46.18 35.05
C GLY A 882 23.09 -45.92 33.74
N TRP A 883 23.70 -46.37 32.65
CA TRP A 883 23.09 -46.23 31.33
C TRP A 883 22.26 -47.43 30.93
N THR A 884 22.30 -48.51 31.70
CA THR A 884 21.63 -49.74 31.27
C THR A 884 20.13 -49.55 31.14
N PHE A 885 19.57 -48.54 31.82
CA PHE A 885 18.15 -48.26 31.67
C PHE A 885 17.87 -47.49 30.39
N GLY A 886 18.90 -46.96 29.74
CA GLY A 886 18.72 -46.41 28.41
C GLY A 886 18.60 -47.50 27.35
N ALA A 887 19.29 -48.61 27.57
CA ALA A 887 19.33 -49.67 26.55
C ALA A 887 18.16 -50.62 26.68
N GLY A 888 18.06 -51.33 27.79
CA GLY A 888 17.05 -52.34 27.98
C GLY A 888 16.40 -52.25 29.35
N ALA A 889 16.42 -53.34 30.10
CA ALA A 889 15.94 -53.30 31.47
C ALA A 889 16.95 -52.59 32.35
N ALA A 890 16.45 -51.85 33.34
CA ALA A 890 17.30 -51.14 34.28
C ALA A 890 17.95 -52.17 35.20
N LEU A 891 19.27 -52.26 35.15
CA LEU A 891 20.02 -53.25 35.91
C LEU A 891 20.68 -52.54 37.09
N GLN A 892 20.32 -52.94 38.31
CA GLN A 892 20.87 -52.29 39.49
C GLN A 892 22.37 -52.49 39.54
N ILE A 893 23.07 -51.51 40.08
CA ILE A 893 24.52 -51.61 40.24
C ILE A 893 24.97 -50.58 41.27
N PRO A 894 25.80 -50.95 42.24
CA PRO A 894 26.19 -49.97 43.26
C PRO A 894 26.84 -48.77 42.60
N PHE A 895 26.51 -47.58 43.12
CA PHE A 895 26.96 -46.37 42.44
C PHE A 895 28.48 -46.32 42.32
N ALA A 896 29.19 -46.87 43.30
CA ALA A 896 30.64 -46.90 43.22
C ALA A 896 31.09 -47.65 41.97
N MET A 897 30.46 -48.78 41.67
CA MET A 897 30.83 -49.53 40.48
C MET A 897 30.40 -48.82 39.21
N GLN A 898 29.29 -48.10 39.26
CA GLN A 898 28.92 -47.30 38.10
C GLN A 898 30.00 -46.27 37.80
N MET A 899 30.50 -45.59 38.82
CA MET A 899 31.57 -44.62 38.58
C MET A 899 32.86 -45.29 38.19
N ALA A 900 33.11 -46.51 38.66
CA ALA A 900 34.28 -47.23 38.18
C ALA A 900 34.18 -47.49 36.68
N TYR A 901 33.00 -47.89 36.21
CA TYR A 901 32.79 -48.01 34.77
C TYR A 901 32.99 -46.68 34.07
N ARG A 902 32.43 -45.61 34.64
CA ARG A 902 32.51 -44.29 34.00
C ARG A 902 33.97 -43.86 33.87
N PHE A 903 34.77 -44.11 34.91
CA PHE A 903 36.20 -43.85 34.82
C PHE A 903 36.87 -44.72 33.77
N ASN A 904 36.58 -46.02 33.77
CA ASN A 904 37.19 -46.90 32.79
C ASN A 904 36.91 -46.40 31.39
N GLY A 905 35.76 -45.75 31.19
CA GLY A 905 35.43 -45.22 29.88
C GLY A 905 36.38 -44.13 29.39
N ILE A 906 36.90 -43.31 30.30
CA ILE A 906 37.70 -42.16 29.93
C ILE A 906 39.19 -42.41 30.16
N GLY A 907 39.63 -43.65 30.04
CA GLY A 907 41.06 -43.92 30.11
C GLY A 907 41.67 -43.75 31.48
N VAL A 908 40.87 -43.82 32.53
CA VAL A 908 41.34 -43.76 33.91
C VAL A 908 41.07 -45.11 34.55
N THR A 909 42.14 -45.81 34.93
CA THR A 909 41.98 -47.14 35.47
C THR A 909 41.05 -47.11 36.68
N GLN A 910 40.13 -48.07 36.72
CA GLN A 910 39.08 -48.03 37.72
C GLN A 910 39.63 -48.00 39.14
N ASN A 911 40.81 -48.55 39.37
CA ASN A 911 41.37 -48.52 40.72
C ASN A 911 41.55 -47.10 41.23
N VAL A 912 41.69 -46.13 40.31
CA VAL A 912 41.81 -44.74 40.73
C VAL A 912 40.56 -44.31 41.50
N LEU A 913 39.38 -44.75 41.06
CA LEU A 913 38.16 -44.37 41.76
C LEU A 913 38.13 -44.94 43.17
N TYR A 914 38.30 -46.26 43.30
CA TYR A 914 38.16 -46.88 44.62
C TYR A 914 39.23 -46.37 45.56
N GLU A 915 40.47 -46.24 45.10
CA GLU A 915 41.53 -45.79 45.98
C GLU A 915 41.29 -44.36 46.46
N ASN A 916 40.52 -43.58 45.71
CA ASN A 916 40.21 -42.20 46.09
C ASN A 916 38.71 -41.95 46.17
N GLN A 917 37.92 -42.94 46.59
CA GLN A 917 36.48 -42.77 46.56
C GLN A 917 36.04 -41.62 47.45
N LYS A 918 36.60 -41.51 48.65
CA LYS A 918 36.20 -40.46 49.56
C LYS A 918 36.51 -39.08 48.99
N LEU A 919 37.69 -38.92 48.40
CA LEU A 919 38.03 -37.63 47.81
C LEU A 919 37.07 -37.27 46.69
N ILE A 920 36.76 -38.22 45.82
CA ILE A 920 35.84 -37.95 44.72
C ILE A 920 34.47 -37.59 45.25
N ALA A 921 34.00 -38.32 46.27
CA ALA A 921 32.71 -38.02 46.85
C ALA A 921 32.68 -36.61 47.44
N ASN A 922 33.74 -36.22 48.14
CA ASN A 922 33.79 -34.87 48.70
C ASN A 922 33.78 -33.83 47.59
N GLN A 923 34.55 -34.05 46.53
CA GLN A 923 34.56 -33.08 45.43
C GLN A 923 33.20 -32.97 44.79
N PHE A 924 32.53 -34.11 44.58
CA PHE A 924 31.20 -34.07 43.97
C PHE A 924 30.21 -33.32 44.84
N ASN A 925 30.25 -33.57 46.15
CA ASN A 925 29.36 -32.87 47.06
C ASN A 925 29.65 -31.38 47.06
N SER A 926 30.92 -31.00 47.07
CA SER A 926 31.27 -29.58 47.04
C SER A 926 30.81 -28.92 45.75
N ALA A 927 30.95 -29.60 44.62
CA ALA A 927 30.50 -29.04 43.36
C ALA A 927 28.99 -28.85 43.37
N ILE A 928 28.26 -29.83 43.90
CA ILE A 928 26.81 -29.67 43.99
C ILE A 928 26.46 -28.46 44.85
N GLY A 929 27.15 -28.31 45.98
CA GLY A 929 26.89 -27.16 46.82
C GLY A 929 27.17 -25.84 46.13
N LYS A 930 28.26 -25.78 45.36
CA LYS A 930 28.57 -24.58 44.62
C LYS A 930 27.50 -24.27 43.59
N ILE A 931 27.00 -25.29 42.89
CA ILE A 931 25.92 -25.04 41.94
C ILE A 931 24.71 -24.48 42.65
N GLN A 932 24.36 -25.06 43.80
CA GLN A 932 23.21 -24.59 44.54
C GLN A 932 23.36 -23.13 44.94
N ASP A 933 24.52 -22.78 45.51
CA ASP A 933 24.73 -21.41 45.95
C ASP A 933 24.71 -20.44 44.76
N SER A 934 25.37 -20.81 43.66
CA SER A 934 25.37 -19.94 42.50
C SER A 934 23.96 -19.70 41.99
N LEU A 935 23.16 -20.76 41.90
CA LEU A 935 21.77 -20.59 41.47
C LEU A 935 21.02 -19.69 42.43
N SER A 936 21.31 -19.81 43.73
CA SER A 936 20.65 -18.93 44.69
C SER A 936 21.02 -17.48 44.44
N SER A 937 22.28 -17.22 44.08
CA SER A 937 22.79 -15.86 44.00
C SER A 937 23.00 -15.36 42.57
N THR A 938 22.83 -16.21 41.56
CA THR A 938 23.13 -15.85 40.18
C THR A 938 21.83 -15.80 39.38
N ALA A 939 21.43 -14.60 38.97
CA ALA A 939 20.25 -14.45 38.14
C ALA A 939 20.59 -14.58 36.66
N SER A 940 21.80 -14.18 36.28
CA SER A 940 22.19 -14.24 34.87
C SER A 940 22.25 -15.68 34.37
N ALA A 941 22.38 -16.65 35.27
CA ALA A 941 22.52 -18.04 34.86
C ALA A 941 21.33 -18.47 33.99
N LEU A 942 20.13 -18.05 34.37
CA LEU A 942 18.93 -18.45 33.65
C LEU A 942 18.63 -17.48 32.52
N GLY A 943 19.67 -16.82 32.01
CA GLY A 943 19.45 -15.84 30.95
C GLY A 943 18.66 -16.43 29.78
N LYS A 944 19.21 -17.47 29.16
CA LYS A 944 18.59 -18.01 27.96
C LYS A 944 17.10 -18.25 28.17
N LEU A 945 16.74 -19.12 29.10
CA LEU A 945 15.33 -19.38 29.36
C LEU A 945 14.57 -18.07 29.56
N GLN A 946 15.08 -17.21 30.45
CA GLN A 946 14.37 -15.96 30.72
C GLN A 946 14.15 -15.19 29.44
N ASP A 947 15.18 -15.10 28.60
CA ASP A 947 15.05 -14.35 27.36
C ASP A 947 13.86 -14.86 26.56
N VAL A 948 13.73 -16.18 26.42
CA VAL A 948 12.59 -16.72 25.69
C VAL A 948 11.29 -16.22 26.30
N VAL A 949 11.15 -16.38 27.62
CA VAL A 949 9.91 -15.98 28.28
C VAL A 949 9.65 -14.50 28.04
N ASN A 950 10.71 -13.72 27.84
CA ASN A 950 10.53 -12.32 27.51
C ASN A 950 10.06 -12.15 26.06
N GLN A 951 10.78 -12.74 25.11
CA GLN A 951 10.57 -12.37 23.71
C GLN A 951 9.12 -12.59 23.31
N ASN A 952 8.60 -13.79 23.56
CA ASN A 952 7.19 -14.04 23.23
C ASN A 952 6.31 -12.96 23.83
N ALA A 953 6.44 -12.74 25.15
CA ALA A 953 5.63 -11.70 25.78
C ALA A 953 5.77 -10.39 25.01
N GLN A 954 7.01 -9.99 24.73
CA GLN A 954 7.21 -8.74 24.02
C GLN A 954 6.37 -8.70 22.75
N ALA A 955 6.47 -9.73 21.92
CA ALA A 955 5.71 -9.74 20.69
C ALA A 955 4.24 -9.49 20.98
N LEU A 956 3.67 -10.27 21.91
CA LEU A 956 2.26 -10.09 22.22
C LEU A 956 1.95 -8.64 22.55
N ASN A 957 2.74 -8.04 23.44
CA ASN A 957 2.48 -6.64 23.77
C ASN A 957 2.46 -5.79 22.51
N THR A 958 3.51 -5.88 21.70
CA THR A 958 3.52 -5.10 20.47
C THR A 958 2.27 -5.37 19.66
N LEU A 959 1.89 -6.64 19.52
CA LEU A 959 0.69 -6.96 18.76
C LEU A 959 -0.50 -6.21 19.32
N VAL A 960 -0.71 -6.28 20.64
CA VAL A 960 -1.85 -5.57 21.22
C VAL A 960 -1.71 -4.09 20.94
N LYS A 961 -0.50 -3.55 21.07
CA LYS A 961 -0.30 -2.13 20.84
C LYS A 961 -0.73 -1.74 19.44
N GLN A 962 -0.56 -2.63 18.46
CA GLN A 962 -0.93 -2.29 17.10
C GLN A 962 -2.40 -1.93 16.98
N LEU A 963 -3.23 -2.40 17.91
CA LEU A 963 -4.65 -2.07 17.85
C LEU A 963 -4.89 -0.58 17.95
N SER A 964 -3.99 0.17 18.58
CA SER A 964 -4.22 1.58 18.80
C SER A 964 -3.78 2.46 17.63
N SER A 965 -3.08 1.89 16.65
CA SER A 965 -2.62 2.68 15.52
C SER A 965 -3.78 3.04 14.60
N ASN A 966 -3.61 4.11 13.83
CA ASN A 966 -4.68 4.57 12.96
C ASN A 966 -4.60 3.98 11.56
N PHE A 967 -3.40 3.66 11.08
CA PHE A 967 -3.21 3.12 9.74
C PHE A 967 -3.84 4.02 8.68
N GLY A 968 -3.95 5.32 8.97
CA GLY A 968 -4.55 6.26 8.06
C GLY A 968 -6.03 6.46 8.25
N ALA A 969 -6.67 5.65 9.08
CA ALA A 969 -8.08 5.82 9.35
C ALA A 969 -8.30 7.02 10.26
N ILE A 970 -9.55 7.50 10.29
CA ILE A 970 -9.87 8.66 11.11
C ILE A 970 -9.75 8.35 12.60
N SER A 971 -9.97 7.10 13.00
CA SER A 971 -9.89 6.75 14.41
C SER A 971 -9.51 5.28 14.53
N SER A 972 -8.66 4.97 15.51
CA SER A 972 -8.24 3.59 15.71
C SER A 972 -9.34 2.74 16.34
N VAL A 973 -10.34 3.35 16.94
CA VAL A 973 -11.43 2.62 17.59
C VAL A 973 -12.48 2.34 16.52
N LEU A 974 -12.72 1.05 16.27
CA LEU A 974 -13.65 0.66 15.21
C LEU A 974 -15.07 1.16 15.48
N ASN A 975 -15.51 1.06 16.73
CA ASN A 975 -16.86 1.50 17.07
C ASN A 975 -17.04 2.99 16.80
N ASP A 976 -16.01 3.79 17.06
CA ASP A 976 -16.09 5.22 16.77
C ASP A 976 -16.31 5.45 15.29
N ILE A 977 -15.58 4.73 14.44
CA ILE A 977 -15.79 4.86 13.00
C ILE A 977 -17.22 4.50 12.64
N LEU A 978 -17.71 3.39 13.17
CA LEU A 978 -19.07 2.97 12.82
C LEU A 978 -20.07 4.02 13.24
N SER A 979 -19.90 4.61 14.41
CA SER A 979 -20.87 5.59 14.90
C SER A 979 -20.81 6.89 14.12
N ARG A 980 -19.62 7.44 13.91
CA ARG A 980 -19.51 8.76 13.30
C ARG A 980 -19.95 8.74 11.84
N LEU A 981 -19.44 7.79 11.07
CA LEU A 981 -19.65 7.77 9.63
C LEU A 981 -20.64 6.68 9.24
N ASP A 982 -21.40 6.95 8.19
CA ASP A 982 -22.35 5.98 7.69
C ASP A 982 -21.61 4.80 7.05
N PRO A 983 -22.27 3.65 6.95
CA PRO A 983 -21.57 2.44 6.48
C PRO A 983 -20.90 2.65 5.14
N PRO A 984 -21.56 3.32 4.18
CA PRO A 984 -20.90 3.50 2.87
C PRO A 984 -19.57 4.21 2.97
N GLU A 985 -19.57 5.43 3.53
CA GLU A 985 -18.32 6.16 3.69
C GLU A 985 -17.38 5.44 4.66
N ALA A 986 -17.93 4.90 5.75
CA ALA A 986 -17.08 4.27 6.76
C ALA A 986 -16.43 3.01 6.24
N GLU A 987 -16.87 2.50 5.09
CA GLU A 987 -16.28 1.28 4.55
C GLU A 987 -14.80 1.45 4.29
N VAL A 988 -14.40 2.61 3.74
CA VAL A 988 -12.99 2.83 3.45
C VAL A 988 -12.17 2.83 4.72
N GLN A 989 -12.66 3.52 5.76
CA GLN A 989 -11.93 3.56 7.02
C GLN A 989 -11.80 2.16 7.61
N ILE A 990 -12.89 1.39 7.60
CA ILE A 990 -12.84 0.04 8.14
C ILE A 990 -11.86 -0.80 7.34
N ASP A 991 -11.84 -0.62 6.02
CA ASP A 991 -10.93 -1.40 5.18
C ASP A 991 -9.48 -1.07 5.51
N ARG A 992 -9.17 0.21 5.72
CA ARG A 992 -7.82 0.58 6.10
C ARG A 992 -7.43 -0.05 7.42
N LEU A 993 -8.32 0.04 8.42
CA LEU A 993 -8.00 -0.55 9.72
C LEU A 993 -7.79 -2.05 9.60
N ILE A 994 -8.63 -2.72 8.82
CA ILE A 994 -8.43 -4.14 8.57
C ILE A 994 -7.04 -4.36 7.99
N THR A 995 -6.81 -3.90 6.77
CA THR A 995 -5.53 -4.13 6.11
C THR A 995 -4.37 -3.94 7.08
N GLY A 996 -4.42 -2.88 7.88
CA GLY A 996 -3.35 -2.64 8.84
C GLY A 996 -3.22 -3.74 9.88
N ARG A 997 -4.32 -4.08 10.55
CA ARG A 997 -4.24 -5.08 11.60
C ARG A 997 -3.93 -6.46 11.03
N LEU A 998 -4.46 -6.76 9.85
CA LEU A 998 -4.12 -8.02 9.18
C LEU A 998 -2.62 -8.09 8.90
N GLN A 999 -2.02 -7.00 8.43
CA GLN A 999 -0.59 -7.00 8.23
C GLN A 999 0.16 -7.22 9.54
N SER A 1000 -0.34 -6.60 10.62
CA SER A 1000 0.30 -6.80 11.92
C SER A 1000 0.22 -8.26 12.35
N LEU A 1001 -0.93 -8.89 12.17
CA LEU A 1001 -1.08 -10.30 12.52
C LEU A 1001 -0.14 -11.16 11.69
N GLN A 1002 -0.03 -10.87 10.40
CA GLN A 1002 0.85 -11.65 9.55
C GLN A 1002 2.29 -11.54 10.01
N THR A 1003 2.72 -10.32 10.35
CA THR A 1003 4.07 -10.15 10.85
C THR A 1003 4.28 -10.94 12.13
N TYR A 1004 3.32 -10.88 13.05
CA TYR A 1004 3.49 -11.60 14.30
C TYR A 1004 3.58 -13.10 14.05
N VAL A 1005 2.75 -13.63 13.15
CA VAL A 1005 2.75 -15.07 12.91
C VAL A 1005 4.06 -15.50 12.27
N THR A 1006 4.59 -14.69 11.35
CA THR A 1006 5.88 -15.03 10.76
C THR A 1006 6.97 -15.02 11.82
N GLN A 1007 6.96 -14.02 12.70
CA GLN A 1007 7.97 -13.98 13.75
C GLN A 1007 7.84 -15.19 14.65
N GLN A 1008 6.62 -15.58 15.00
CA GLN A 1008 6.45 -16.75 15.85
C GLN A 1008 6.92 -18.01 15.14
N LEU A 1009 6.66 -18.13 13.85
CA LEU A 1009 7.14 -19.30 13.12
C LEU A 1009 8.65 -19.40 13.18
N ILE A 1010 9.34 -18.27 12.95
CA ILE A 1010 10.80 -18.31 12.95
C ILE A 1010 11.34 -18.60 14.35
N ARG A 1011 10.75 -17.95 15.36
CA ARG A 1011 11.21 -18.18 16.72
C ARG A 1011 10.93 -19.61 17.16
N ALA A 1012 9.79 -20.16 16.74
CA ALA A 1012 9.47 -21.55 17.06
C ALA A 1012 10.42 -22.50 16.35
N ALA A 1013 10.86 -22.14 15.15
CA ALA A 1013 11.88 -22.94 14.49
C ALA A 1013 13.18 -22.94 15.28
N GLU A 1014 13.60 -21.78 15.76
CA GLU A 1014 14.79 -21.74 16.60
C GLU A 1014 14.62 -22.57 17.85
N ILE A 1015 13.46 -22.46 18.51
CA ILE A 1015 13.23 -23.23 19.72
C ILE A 1015 13.16 -24.71 19.40
N ARG A 1016 12.67 -25.08 18.22
CA ARG A 1016 12.69 -26.48 17.83
C ARG A 1016 14.12 -26.98 17.69
N ALA A 1017 15.00 -26.15 17.10
CA ALA A 1017 16.40 -26.54 17.02
C ALA A 1017 17.00 -26.72 18.41
N SER A 1018 16.72 -25.78 19.32
CA SER A 1018 17.23 -25.89 20.67
C SER A 1018 16.67 -27.11 21.39
N ALA A 1019 15.38 -27.37 21.21
CA ALA A 1019 14.75 -28.52 21.86
C ALA A 1019 15.31 -29.82 21.35
N ASN A 1020 15.58 -29.91 20.04
CA ASN A 1020 16.18 -31.12 19.51
C ASN A 1020 17.61 -31.30 20.02
N LEU A 1021 18.34 -30.19 20.15
CA LEU A 1021 19.65 -30.29 20.78
C LEU A 1021 19.54 -30.76 22.23
N ALA A 1022 18.54 -30.27 22.95
CA ALA A 1022 18.34 -30.72 24.32
C ALA A 1022 17.99 -32.19 24.38
N ALA A 1023 17.16 -32.66 23.45
CA ALA A 1023 16.85 -34.08 23.39
C ALA A 1023 18.09 -34.90 23.10
N THR A 1024 18.93 -34.42 22.18
CA THR A 1024 20.15 -35.16 21.86
C THR A 1024 21.07 -35.22 23.06
N LYS A 1025 21.20 -34.12 23.80
CA LYS A 1025 22.02 -34.14 25.01
C LYS A 1025 21.42 -35.10 26.03
N MET A 1026 20.12 -35.04 26.23
CA MET A 1026 19.47 -35.94 27.19
C MET A 1026 19.79 -37.38 26.84
N SER A 1027 19.72 -37.70 25.55
CA SER A 1027 19.91 -39.08 25.14
C SER A 1027 21.37 -39.50 25.28
N GLU A 1028 22.31 -38.67 24.83
CA GLU A 1028 23.70 -39.06 24.67
C GLU A 1028 24.56 -38.68 25.86
N CYS A 1029 23.98 -38.09 26.90
CA CYS A 1029 24.72 -37.45 27.96
C CYS A 1029 24.27 -37.98 29.30
N VAL A 1030 22.96 -38.21 29.42
CA VAL A 1030 22.38 -38.78 30.63
C VAL A 1030 22.23 -40.28 30.53
N LEU A 1031 21.58 -40.74 29.45
CA LEU A 1031 21.34 -42.17 29.26
C LEU A 1031 22.61 -42.94 28.90
N GLY A 1032 23.71 -42.27 28.63
CA GLY A 1032 24.97 -42.92 28.32
C GLY A 1032 26.15 -42.15 28.90
N GLN A 1033 27.28 -42.28 28.22
CA GLN A 1033 28.47 -41.49 28.50
C GLN A 1033 29.04 -41.04 27.17
N SER A 1034 29.27 -39.74 27.02
CA SER A 1034 29.59 -39.16 25.73
C SER A 1034 31.10 -39.08 25.51
N LYS A 1035 31.54 -39.52 24.34
CA LYS A 1035 32.92 -39.32 23.91
C LYS A 1035 33.09 -38.05 23.10
N ARG A 1036 32.02 -37.28 22.92
CA ARG A 1036 32.08 -36.09 22.07
C ARG A 1036 32.63 -34.93 22.89
N VAL A 1037 33.83 -34.47 22.53
CA VAL A 1037 34.53 -33.50 23.36
C VAL A 1037 33.73 -32.21 23.40
N ASP A 1038 33.56 -31.65 24.60
CA ASP A 1038 32.88 -30.38 24.82
C ASP A 1038 31.39 -30.45 24.51
N PHE A 1039 30.88 -31.62 24.11
CA PHE A 1039 29.45 -31.77 23.93
C PHE A 1039 28.74 -31.86 25.27
N CYS A 1040 29.42 -32.39 26.28
CA CYS A 1040 28.81 -32.64 27.58
C CYS A 1040 29.65 -32.03 28.70
N GLY A 1041 30.00 -30.76 28.55
CA GLY A 1041 30.73 -30.03 29.56
C GLY A 1041 32.24 -30.10 29.35
N LYS A 1042 32.93 -29.04 29.74
CA LYS A 1042 34.37 -28.99 29.58
C LYS A 1042 35.01 -30.08 30.44
N GLY A 1043 36.01 -30.73 29.90
CA GLY A 1043 36.67 -31.84 30.56
C GLY A 1043 36.15 -33.17 30.05
N TYR A 1044 36.67 -34.23 30.64
CA TYR A 1044 36.21 -35.57 30.33
C TYR A 1044 34.86 -35.80 30.98
N HIS A 1045 33.85 -36.06 30.15
CA HIS A 1045 32.50 -36.22 30.67
C HIS A 1045 32.40 -37.49 31.50
N LEU A 1046 31.73 -37.39 32.64
CA LEU A 1046 31.42 -38.55 33.46
C LEU A 1046 29.92 -38.86 33.42
N MET A 1047 29.07 -37.90 33.76
CA MET A 1047 27.64 -38.17 33.76
C MET A 1047 26.88 -36.86 33.70
N SER A 1048 25.57 -36.95 33.61
CA SER A 1048 24.73 -35.76 33.63
C SER A 1048 23.46 -36.04 34.40
N PHE A 1049 22.93 -34.99 35.02
CA PHE A 1049 21.68 -35.06 35.74
C PHE A 1049 20.77 -33.97 35.19
N PRO A 1050 19.58 -34.31 34.69
CA PRO A 1050 18.69 -33.27 34.17
C PRO A 1050 17.78 -32.74 35.26
N GLN A 1051 17.50 -31.45 35.17
CA GLN A 1051 16.58 -30.78 36.07
C GLN A 1051 15.67 -29.93 35.21
N SER A 1052 14.42 -29.79 35.63
CA SER A 1052 13.48 -29.01 34.85
C SER A 1052 13.73 -27.52 35.06
N ALA A 1053 13.06 -26.71 34.26
CA ALA A 1053 12.99 -25.27 34.52
C ALA A 1053 11.90 -24.70 33.65
N PRO A 1054 11.31 -23.58 34.03
CA PRO A 1054 10.19 -23.04 33.26
C PRO A 1054 10.55 -22.87 31.79
N HIS A 1055 9.87 -23.62 30.93
CA HIS A 1055 10.12 -23.57 29.50
C HIS A 1055 11.58 -23.87 29.18
N GLY A 1056 12.11 -24.93 29.78
CA GLY A 1056 13.48 -25.31 29.47
C GLY A 1056 13.99 -26.39 30.38
N VAL A 1057 15.20 -26.86 30.06
CA VAL A 1057 15.84 -27.94 30.81
C VAL A 1057 17.26 -27.51 31.14
N VAL A 1058 17.71 -27.87 32.35
CA VAL A 1058 19.03 -27.52 32.83
C VAL A 1058 19.78 -28.79 33.15
N PHE A 1059 20.91 -29.00 32.49
CA PHE A 1059 21.75 -30.16 32.69
C PHE A 1059 22.86 -29.82 33.65
N LEU A 1060 23.08 -30.67 34.64
CA LEU A 1060 24.26 -30.61 35.48
C LEU A 1060 25.20 -31.71 34.99
N HIS A 1061 26.22 -31.33 34.23
CA HIS A 1061 27.20 -32.28 33.70
C HIS A 1061 28.34 -32.39 34.70
N VAL A 1062 28.57 -33.61 35.18
CA VAL A 1062 29.69 -33.90 36.05
C VAL A 1062 30.82 -34.43 35.19
N THR A 1063 31.97 -33.75 35.25
CA THR A 1063 33.09 -34.01 34.34
C THR A 1063 34.38 -34.12 35.14
N TYR A 1064 35.32 -34.90 34.60
CA TYR A 1064 36.58 -35.16 35.27
C TYR A 1064 37.69 -34.35 34.58
N VAL A 1065 38.22 -33.36 35.27
CA VAL A 1065 39.19 -32.43 34.71
C VAL A 1065 40.54 -32.69 35.39
N PRO A 1066 41.59 -33.05 34.67
CA PRO A 1066 42.89 -33.25 35.30
C PRO A 1066 43.46 -31.93 35.84
N ALA A 1067 44.33 -32.05 36.85
CA ALA A 1067 44.93 -30.88 37.48
C ALA A 1067 46.16 -31.32 38.26
N GLN A 1068 46.98 -30.31 38.61
CA GLN A 1068 48.25 -30.53 39.29
C GLN A 1068 49.20 -31.36 38.44
N GLU A 1069 49.55 -30.81 37.28
CA GLU A 1069 50.37 -31.53 36.31
C GLU A 1069 51.80 -31.66 36.80
N LYS A 1070 52.53 -32.62 36.22
CA LYS A 1070 53.95 -32.76 36.46
C LYS A 1070 54.66 -33.08 35.15
N ASN A 1071 55.78 -32.40 34.91
CA ASN A 1071 56.61 -32.68 33.74
C ASN A 1071 57.35 -34.00 33.93
N PHE A 1072 57.64 -34.68 32.83
CA PHE A 1072 58.48 -35.85 32.83
C PHE A 1072 59.19 -35.95 31.48
N THR A 1073 60.27 -36.72 31.46
CA THR A 1073 60.95 -37.05 30.23
C THR A 1073 60.47 -38.41 29.73
N THR A 1074 60.12 -38.47 28.45
CA THR A 1074 59.49 -39.64 27.88
C THR A 1074 60.17 -40.00 26.56
N ALA A 1075 60.05 -41.27 26.19
CA ALA A 1075 60.54 -41.76 24.92
C ALA A 1075 59.48 -42.64 24.28
N PRO A 1076 59.34 -42.58 22.95
CA PRO A 1076 58.24 -43.32 22.32
C PRO A 1076 58.32 -44.83 22.52
N ALA A 1077 59.51 -45.37 22.75
CA ALA A 1077 59.69 -46.80 22.88
C ALA A 1077 60.82 -47.08 23.86
N ILE A 1078 61.08 -48.36 24.08
CA ILE A 1078 62.18 -48.81 24.94
C ILE A 1078 62.83 -50.03 24.30
N CYS A 1079 64.15 -50.10 24.39
CA CYS A 1079 64.89 -51.23 23.84
C CYS A 1079 65.58 -52.02 24.95
N HIS A 1080 65.36 -53.33 24.92
CA HIS A 1080 65.88 -54.21 25.97
C HIS A 1080 66.97 -55.13 25.43
N ASP A 1081 66.70 -55.90 24.39
CA ASP A 1081 67.67 -56.81 23.80
C ASP A 1081 67.71 -56.71 22.28
N GLY A 1082 67.61 -55.50 21.75
CA GLY A 1082 67.43 -55.28 20.32
C GLY A 1082 65.99 -55.26 19.91
N LYS A 1083 65.09 -55.80 20.74
CA LYS A 1083 63.67 -55.68 20.51
C LYS A 1083 63.18 -54.34 21.02
N ALA A 1084 62.22 -53.77 20.31
CA ALA A 1084 61.59 -52.53 20.73
C ALA A 1084 60.32 -52.85 21.48
N HIS A 1085 60.15 -52.24 22.65
CA HIS A 1085 58.96 -52.44 23.47
C HIS A 1085 58.10 -51.18 23.42
N PHE A 1086 56.84 -51.34 23.02
CA PHE A 1086 55.90 -50.22 23.05
C PHE A 1086 54.83 -50.49 24.12
N PRO A 1087 54.35 -49.45 24.79
CA PRO A 1087 53.34 -49.67 25.84
C PRO A 1087 52.07 -50.24 25.26
N ARG A 1088 51.46 -51.17 25.99
CA ARG A 1088 50.12 -51.61 25.60
C ARG A 1088 49.10 -50.51 25.86
N GLU A 1089 49.16 -49.90 27.03
CA GLU A 1089 48.33 -48.75 27.37
C GLU A 1089 49.18 -47.81 28.22
N GLY A 1090 49.02 -46.51 28.00
CA GLY A 1090 49.83 -45.55 28.69
C GLY A 1090 51.14 -45.31 27.98
N VAL A 1091 51.97 -44.48 28.62
CA VAL A 1091 53.18 -43.99 28.02
C VAL A 1091 54.36 -44.16 28.97
N PHE A 1092 55.55 -44.12 28.39
CA PHE A 1092 56.78 -44.26 29.14
C PHE A 1092 57.20 -42.91 29.69
N VAL A 1093 57.61 -42.92 30.97
CA VAL A 1093 58.04 -41.72 31.66
C VAL A 1093 59.35 -42.03 32.36
N SER A 1094 60.08 -40.97 32.67
CA SER A 1094 61.33 -41.08 33.42
C SER A 1094 61.36 -39.98 34.47
N ASN A 1095 61.52 -40.36 35.72
CA ASN A 1095 61.72 -39.39 36.79
C ASN A 1095 63.17 -38.98 36.93
N GLY A 1096 63.99 -39.26 35.92
CA GLY A 1096 65.38 -38.85 35.88
C GLY A 1096 66.37 -39.97 36.04
N THR A 1097 65.98 -41.08 36.68
CA THR A 1097 66.92 -42.16 36.96
C THR A 1097 66.37 -43.50 36.51
N HIS A 1098 65.05 -43.68 36.56
CA HIS A 1098 64.42 -44.94 36.22
C HIS A 1098 63.24 -44.68 35.29
N TRP A 1099 62.95 -45.65 34.43
CA TRP A 1099 61.84 -45.56 33.50
C TRP A 1099 60.64 -46.35 34.01
N PHE A 1100 59.46 -45.77 33.84
CA PHE A 1100 58.21 -46.40 34.24
C PHE A 1100 57.21 -46.27 33.10
N VAL A 1101 56.11 -47.01 33.21
CA VAL A 1101 55.00 -46.92 32.28
C VAL A 1101 53.76 -46.53 33.08
N THR A 1102 53.07 -45.48 32.63
CA THR A 1102 51.96 -44.95 33.40
C THR A 1102 50.82 -44.56 32.48
N GLN A 1103 49.60 -44.59 33.02
CA GLN A 1103 48.44 -44.24 32.21
C GLN A 1103 48.46 -42.75 31.85
N ARG A 1104 47.67 -42.39 30.85
CA ARG A 1104 47.80 -41.09 30.20
C ARG A 1104 47.03 -39.97 30.88
N ASN A 1105 46.10 -40.27 31.78
CA ASN A 1105 45.30 -39.24 32.42
C ASN A 1105 45.49 -39.19 33.93
N PHE A 1106 46.52 -39.82 34.46
CA PHE A 1106 46.79 -39.82 35.89
C PHE A 1106 48.17 -40.43 36.08
N TYR A 1107 48.87 -39.99 37.11
CA TYR A 1107 50.24 -40.44 37.36
C TYR A 1107 50.20 -41.61 38.34
N GLU A 1108 50.27 -42.82 37.80
CA GLU A 1108 50.39 -44.04 38.60
C GLU A 1108 51.47 -44.89 37.97
N PRO A 1109 52.73 -44.50 38.14
CA PRO A 1109 53.81 -45.25 37.48
C PRO A 1109 53.85 -46.69 37.93
N GLN A 1110 54.26 -47.57 37.02
CA GLN A 1110 54.43 -48.97 37.31
C GLN A 1110 55.71 -49.46 36.66
N ILE A 1111 56.33 -50.47 37.27
CA ILE A 1111 57.57 -51.01 36.74
C ILE A 1111 57.30 -51.55 35.33
N ILE A 1112 58.21 -51.25 34.41
CA ILE A 1112 58.07 -51.72 33.04
C ILE A 1112 58.35 -53.22 33.00
N THR A 1113 57.44 -53.98 32.40
CA THR A 1113 57.60 -55.41 32.26
C THR A 1113 57.02 -55.83 30.92
N THR A 1114 57.18 -57.11 30.60
CA THR A 1114 56.57 -57.64 29.38
C THR A 1114 55.06 -57.47 29.42
N ASP A 1115 54.48 -57.39 30.61
CA ASP A 1115 53.02 -57.28 30.73
C ASP A 1115 52.53 -55.92 30.25
N ASN A 1116 53.28 -54.86 30.50
CA ASN A 1116 52.88 -53.52 30.11
C ASN A 1116 53.34 -53.16 28.71
N THR A 1117 54.10 -54.02 28.04
CA THR A 1117 54.70 -53.69 26.75
C THR A 1117 54.54 -54.85 25.79
N PHE A 1118 54.53 -54.53 24.50
CA PHE A 1118 54.54 -55.52 23.45
C PHE A 1118 55.67 -55.22 22.48
N VAL A 1119 56.19 -56.29 21.88
CA VAL A 1119 57.41 -56.23 21.07
C VAL A 1119 57.02 -56.07 19.61
N SER A 1120 57.70 -55.17 18.92
CA SER A 1120 57.50 -54.98 17.49
C SER A 1120 58.75 -54.37 16.89
N GLY A 1121 59.34 -55.06 15.91
CA GLY A 1121 60.50 -54.51 15.23
C GLY A 1121 61.75 -54.56 16.10
N ASN A 1122 62.70 -53.69 15.75
CA ASN A 1122 63.99 -53.62 16.44
C ASN A 1122 64.33 -52.15 16.69
N CYS A 1123 65.53 -51.94 17.23
CA CYS A 1123 65.93 -50.62 17.71
C CYS A 1123 66.42 -49.69 16.60
N ASP A 1124 66.58 -50.19 15.38
CA ASP A 1124 67.17 -49.39 14.31
C ASP A 1124 66.15 -48.60 13.51
N VAL A 1125 64.87 -48.66 13.86
CA VAL A 1125 63.81 -48.04 13.09
C VAL A 1125 63.18 -46.87 13.82
N VAL A 1126 62.80 -47.06 15.08
CA VAL A 1126 62.04 -46.05 15.82
C VAL A 1126 62.96 -44.87 16.11
N ILE A 1127 62.46 -43.67 15.86
CA ILE A 1127 63.21 -42.44 16.14
C ILE A 1127 63.02 -42.07 17.60
N GLY A 1128 64.13 -41.86 18.30
CA GLY A 1128 64.07 -41.45 19.69
C GLY A 1128 63.95 -42.58 20.69
N ILE A 1129 63.99 -43.84 20.24
CA ILE A 1129 63.93 -44.96 21.17
C ILE A 1129 65.11 -44.89 22.12
N VAL A 1130 64.86 -45.25 23.39
CA VAL A 1130 65.88 -45.15 24.43
C VAL A 1130 66.17 -46.54 24.98
N ASN A 1131 67.35 -46.68 25.56
CA ASN A 1131 67.81 -47.95 26.11
C ASN A 1131 67.32 -48.10 27.54
N ASN A 1132 66.88 -49.30 27.88
CA ASN A 1132 66.49 -49.59 29.25
C ASN A 1132 66.31 -51.11 29.38
N THR A 1133 65.89 -51.56 30.54
CA THR A 1133 65.64 -52.97 30.80
C THR A 1133 64.16 -53.18 31.08
N VAL A 1134 63.62 -54.25 30.54
CA VAL A 1134 62.23 -54.64 30.78
C VAL A 1134 62.24 -55.89 31.64
N TYR A 1135 61.74 -55.75 32.86
CA TYR A 1135 61.72 -56.87 33.80
C TYR A 1135 60.79 -57.97 33.33
N ASP A 1136 61.19 -59.21 33.54
CA ASP A 1136 60.39 -60.36 33.14
C ASP A 1136 59.86 -61.07 34.38
N PRO A 1137 58.55 -61.07 34.64
CA PRO A 1137 58.04 -61.79 35.81
C PRO A 1137 58.33 -63.27 35.80
N LEU A 1138 58.40 -63.90 34.62
CA LEU A 1138 58.58 -65.34 34.56
C LEU A 1138 59.96 -65.77 35.03
N GLN A 1139 60.98 -64.95 34.78
CA GLN A 1139 62.35 -65.36 35.07
C GLN A 1139 62.58 -65.75 36.52
N PRO A 1140 62.21 -64.95 37.51
CA PRO A 1140 62.44 -65.36 38.91
C PRO A 1140 61.75 -66.65 39.29
N GLU A 1141 60.57 -66.91 38.74
CA GLU A 1141 59.86 -68.15 39.08
C GLU A 1141 60.63 -69.38 38.63
N LEU A 1142 61.19 -69.36 37.42
CA LEU A 1142 61.97 -70.48 36.92
C LEU A 1142 63.36 -70.53 37.54
N ASP A 1143 63.91 -69.38 37.92
CA ASP A 1143 65.23 -69.36 38.53
C ASP A 1143 65.24 -70.09 39.87
N SER A 1144 64.20 -69.87 40.68
CA SER A 1144 64.11 -70.50 41.99
C SER A 1144 63.53 -71.91 41.88
N ALA B 27 16.52 -4.17 -51.32
CA ALA B 27 17.73 -4.75 -50.75
C ALA B 27 17.54 -5.01 -49.26
N TYR B 28 18.11 -6.13 -48.77
CA TYR B 28 18.00 -6.53 -47.38
C TYR B 28 19.37 -7.02 -46.89
N THR B 29 20.16 -6.09 -46.34
CA THR B 29 21.48 -6.43 -45.82
C THR B 29 21.46 -6.48 -44.30
N ASN B 30 22.39 -7.26 -43.75
CA ASN B 30 22.47 -7.42 -42.31
C ASN B 30 22.84 -6.10 -41.63
N SER B 31 22.15 -5.81 -40.53
CA SER B 31 22.44 -4.62 -39.73
C SER B 31 23.49 -4.87 -38.65
N PHE B 32 23.87 -6.11 -38.41
CA PHE B 32 24.90 -6.47 -37.44
C PHE B 32 24.49 -5.88 -36.08
N THR B 33 25.39 -5.22 -35.36
CA THR B 33 25.10 -4.73 -34.02
C THR B 33 24.92 -3.22 -33.95
N ARG B 34 24.75 -2.56 -35.10
CA ARG B 34 24.61 -1.12 -35.10
C ARG B 34 23.24 -0.71 -34.57
N GLY B 35 23.09 0.58 -34.30
CA GLY B 35 21.83 1.13 -33.85
C GLY B 35 21.70 1.36 -32.35
N VAL B 36 22.78 1.25 -31.60
CA VAL B 36 22.76 1.46 -30.15
C VAL B 36 23.10 2.90 -29.87
N TYR B 37 22.22 3.58 -29.13
CA TYR B 37 22.42 4.97 -28.76
C TYR B 37 22.09 5.15 -27.29
N TYR B 38 22.74 6.14 -26.68
CA TYR B 38 22.60 6.39 -25.25
C TYR B 38 21.14 6.73 -24.93
N PRO B 39 20.40 5.85 -24.24
CA PRO B 39 18.98 6.13 -24.02
C PRO B 39 18.73 7.41 -23.25
N ASP B 40 19.63 7.78 -22.34
CA ASP B 40 19.51 9.00 -21.56
C ASP B 40 20.88 9.65 -21.45
N LYS B 41 20.90 10.85 -20.86
CA LYS B 41 22.14 11.58 -20.66
C LYS B 41 22.87 11.18 -19.39
N VAL B 42 22.43 10.11 -18.73
CA VAL B 42 23.07 9.69 -17.48
C VAL B 42 24.49 9.23 -17.76
N PHE B 43 25.35 9.42 -16.78
CA PHE B 43 26.73 8.93 -16.83
C PHE B 43 26.89 7.79 -15.83
N ARG B 44 27.17 6.60 -16.34
CA ARG B 44 27.43 5.42 -15.53
C ARG B 44 28.78 4.85 -15.91
N SER B 45 29.55 4.41 -14.92
CA SER B 45 30.88 3.87 -15.15
C SER B 45 30.93 2.42 -14.68
N SER B 46 31.35 1.53 -15.59
CA SER B 46 31.56 0.12 -15.27
C SER B 46 30.30 -0.53 -14.70
N VAL B 47 29.15 -0.18 -15.26
CA VAL B 47 27.87 -0.71 -14.83
C VAL B 47 27.10 -1.19 -16.05
N LEU B 48 26.58 -2.41 -15.98
CA LEU B 48 25.79 -2.98 -17.07
C LEU B 48 24.34 -2.57 -16.84
N HIS B 49 23.87 -1.62 -17.63
CA HIS B 49 22.57 -0.99 -17.42
C HIS B 49 21.56 -1.59 -18.39
N SER B 50 20.43 -2.05 -17.86
CA SER B 50 19.36 -2.61 -18.67
C SER B 50 18.31 -1.55 -18.93
N THR B 51 17.99 -1.34 -20.21
CA THR B 51 17.06 -0.29 -20.59
C THR B 51 16.13 -0.80 -21.68
N GLN B 52 14.86 -0.44 -21.58
CA GLN B 52 13.85 -0.79 -22.57
C GLN B 52 13.42 0.47 -23.29
N ASP B 53 13.65 0.51 -24.61
CA ASP B 53 13.27 1.65 -25.42
C ASP B 53 13.46 1.27 -26.89
N LEU B 54 13.06 2.17 -27.77
CA LEU B 54 13.21 1.94 -29.19
C LEU B 54 14.68 1.74 -29.55
N PHE B 55 14.95 0.68 -30.31
CA PHE B 55 16.30 0.38 -30.77
C PHE B 55 16.21 -0.42 -32.05
N LEU B 56 17.29 -0.39 -32.83
CA LEU B 56 17.38 -1.26 -33.99
C LEU B 56 17.68 -2.67 -33.51
N PRO B 57 16.81 -3.65 -33.78
CA PRO B 57 17.13 -5.02 -33.37
C PRO B 57 18.41 -5.50 -34.03
N PHE B 58 19.22 -6.22 -33.26
CA PHE B 58 20.45 -6.77 -33.79
C PHE B 58 20.16 -7.80 -34.87
N PHE B 59 21.03 -7.84 -35.88
CA PHE B 59 20.93 -8.81 -36.96
C PHE B 59 19.56 -8.76 -37.62
N SER B 60 19.16 -7.57 -38.03
CA SER B 60 17.91 -7.34 -38.75
C SER B 60 18.22 -6.73 -40.11
N ASN B 61 17.41 -7.11 -41.10
CA ASN B 61 17.63 -6.62 -42.46
C ASN B 61 17.26 -5.14 -42.57
N VAL B 62 18.00 -4.43 -43.42
CA VAL B 62 17.77 -3.02 -43.67
C VAL B 62 17.81 -2.77 -45.17
N THR B 63 17.17 -1.69 -45.60
CA THR B 63 17.17 -1.33 -47.01
C THR B 63 18.48 -0.65 -47.39
N TRP B 64 18.91 -0.89 -48.62
CA TRP B 64 20.18 -0.36 -49.14
C TRP B 64 19.90 0.44 -50.40
N PHE B 65 20.48 1.64 -50.48
CA PHE B 65 20.33 2.50 -51.64
C PHE B 65 21.68 3.07 -52.07
N ALA B 80 14.67 6.75 -57.09
CA ALA B 80 15.84 6.22 -56.40
C ALA B 80 15.76 6.50 -54.90
N ASN B 81 15.15 7.63 -54.55
CA ASN B 81 15.02 8.07 -53.16
C ASN B 81 13.58 8.51 -52.91
N PRO B 82 12.66 7.56 -52.83
CA PRO B 82 11.26 7.89 -52.57
C PRO B 82 11.00 8.09 -51.08
N VAL B 83 9.77 8.48 -50.75
CA VAL B 83 9.39 8.66 -49.35
C VAL B 83 9.46 7.32 -48.63
N LEU B 84 10.01 7.35 -47.42
CA LEU B 84 10.18 6.15 -46.61
C LEU B 84 9.45 6.32 -45.28
N PRO B 85 8.58 5.36 -44.88
CA PRO B 85 7.81 5.54 -43.65
C PRO B 85 8.70 5.72 -42.43
N PHE B 86 8.58 6.87 -41.75
CA PHE B 86 9.38 7.11 -40.55
C PHE B 86 9.04 6.10 -39.46
N ASN B 87 7.76 5.81 -39.28
CA ASN B 87 7.29 4.89 -38.24
C ASN B 87 7.68 5.50 -36.89
N ASP B 88 8.16 4.70 -35.93
CA ASP B 88 8.52 5.25 -34.63
C ASP B 88 9.92 5.86 -34.65
N GLY B 89 10.88 5.17 -35.26
CA GLY B 89 12.23 5.67 -35.34
C GLY B 89 12.94 5.07 -36.53
N VAL B 90 14.00 5.75 -36.96
CA VAL B 90 14.72 5.36 -38.17
C VAL B 90 16.21 5.41 -37.92
N TYR B 91 16.93 4.58 -38.68
CA TYR B 91 18.37 4.47 -38.65
C TYR B 91 18.89 4.72 -40.06
N PHE B 92 19.85 5.64 -40.19
CA PHE B 92 20.33 6.06 -41.51
C PHE B 92 21.85 6.05 -41.46
N ALA B 93 22.47 5.12 -42.18
CA ALA B 93 23.91 5.01 -42.22
C ALA B 93 24.42 5.34 -43.62
N SER B 94 25.62 5.91 -43.68
CA SER B 94 26.22 6.25 -44.97
C SER B 94 27.72 6.13 -44.88
N THR B 95 28.37 5.93 -46.03
CA THR B 95 29.81 5.92 -46.14
C THR B 95 30.22 6.96 -47.16
N GLU B 96 31.27 7.73 -46.85
CA GLU B 96 31.67 8.86 -47.65
C GLU B 96 33.18 8.86 -47.84
N LYS B 97 33.59 9.24 -49.05
CA LYS B 97 34.98 9.55 -49.37
C LYS B 97 35.16 10.96 -49.92
N SER B 98 34.09 11.62 -50.39
CA SER B 98 34.16 12.98 -50.88
C SER B 98 33.00 13.83 -50.39
N ASN B 99 32.29 13.38 -49.35
CA ASN B 99 31.16 14.13 -48.78
C ASN B 99 30.08 14.36 -49.82
N ILE B 100 29.69 13.29 -50.52
CA ILE B 100 28.61 13.39 -51.49
C ILE B 100 27.29 13.68 -50.79
N ILE B 101 27.00 12.99 -49.69
CA ILE B 101 25.78 13.21 -48.92
C ILE B 101 26.01 14.41 -48.00
N ARG B 102 25.14 15.41 -48.10
CA ARG B 102 25.31 16.65 -47.35
C ARG B 102 24.06 17.08 -46.60
N GLY B 103 22.95 16.35 -46.70
CA GLY B 103 21.75 16.81 -46.04
C GLY B 103 20.66 15.76 -46.00
N TRP B 104 19.62 16.09 -45.24
CA TRP B 104 18.44 15.25 -45.08
C TRP B 104 17.20 16.12 -45.01
N ILE B 105 16.05 15.52 -45.35
CA ILE B 105 14.76 16.19 -45.32
C ILE B 105 13.77 15.27 -44.61
N PHE B 106 12.94 15.83 -43.74
CA PHE B 106 11.96 15.07 -42.99
C PHE B 106 10.63 15.80 -43.00
N GLY B 107 9.55 15.06 -43.16
CA GLY B 107 8.22 15.66 -43.20
C GLY B 107 7.18 14.64 -43.63
N THR B 108 6.02 15.16 -44.01
CA THR B 108 4.91 14.32 -44.46
C THR B 108 4.59 14.50 -45.94
N THR B 109 4.73 15.73 -46.46
CA THR B 109 4.46 16.01 -47.87
C THR B 109 5.64 16.62 -48.60
N LEU B 110 6.51 17.37 -47.93
CA LEU B 110 7.69 17.95 -48.55
C LEU B 110 7.32 18.76 -49.80
N ASP B 111 6.24 19.53 -49.69
CA ASP B 111 5.76 20.35 -50.80
C ASP B 111 5.37 21.74 -50.33
N SER B 112 5.99 22.23 -49.25
CA SER B 112 5.74 23.54 -48.65
C SER B 112 4.37 23.64 -48.00
N LYS B 113 3.57 22.57 -48.00
CA LYS B 113 2.25 22.61 -47.38
C LYS B 113 2.29 22.43 -45.87
N THR B 114 3.40 21.92 -45.33
CA THR B 114 3.54 21.70 -43.90
C THR B 114 4.98 21.99 -43.49
N GLN B 115 5.24 21.82 -42.20
CA GLN B 115 6.57 22.05 -41.67
C GLN B 115 7.44 20.82 -41.85
N SER B 116 8.63 21.03 -42.41
CA SER B 116 9.56 19.93 -42.71
C SER B 116 10.95 20.31 -42.21
N LEU B 117 11.58 19.39 -41.49
CA LEU B 117 12.95 19.61 -41.04
C LEU B 117 13.92 19.43 -42.21
N LEU B 118 14.82 20.39 -42.37
CA LEU B 118 15.85 20.36 -43.40
C LEU B 118 17.20 20.52 -42.73
N ILE B 119 18.14 19.63 -43.06
CA ILE B 119 19.51 19.72 -42.58
C ILE B 119 20.42 19.69 -43.79
N VAL B 120 21.37 20.62 -43.86
CA VAL B 120 22.31 20.72 -44.95
C VAL B 120 23.69 20.99 -44.39
N ASN B 121 24.71 20.30 -44.90
CA ASN B 121 26.08 20.51 -44.46
C ASN B 121 27.03 20.60 -45.65
N ASN B 125 29.51 24.61 -43.19
CA ASN B 125 28.51 25.18 -42.29
C ASN B 125 27.32 24.26 -42.13
N VAL B 126 27.05 23.84 -40.90
CA VAL B 126 25.89 23.00 -40.61
C VAL B 126 24.68 23.88 -40.44
N VAL B 127 23.67 23.68 -41.30
CA VAL B 127 22.48 24.51 -41.36
C VAL B 127 21.27 23.62 -41.08
N ILE B 128 20.43 24.05 -40.16
CA ILE B 128 19.22 23.33 -39.76
C ILE B 128 18.05 24.30 -39.78
N LYS B 129 16.97 23.91 -40.45
CA LYS B 129 15.80 24.77 -40.57
C LYS B 129 14.54 23.93 -40.47
N VAL B 130 13.43 24.57 -40.13
CA VAL B 130 12.14 23.89 -40.01
C VAL B 130 11.09 24.65 -40.82
N CYS B 131 11.52 25.35 -41.87
CA CYS B 131 10.59 26.11 -42.68
C CYS B 131 9.75 25.20 -43.57
N GLU B 132 8.68 25.77 -44.13
CA GLU B 132 7.83 25.07 -45.10
C GLU B 132 8.40 25.27 -46.51
N PHE B 133 9.57 24.66 -46.73
CA PHE B 133 10.27 24.82 -47.99
C PHE B 133 9.48 24.20 -49.14
N GLN B 134 9.59 24.82 -50.31
CA GLN B 134 9.05 24.25 -51.55
C GLN B 134 10.18 23.52 -52.25
N PHE B 135 10.20 22.20 -52.15
CA PHE B 135 11.26 21.38 -52.70
C PHE B 135 10.95 20.96 -54.13
N CYS B 136 12.00 20.68 -54.88
CA CYS B 136 11.86 20.21 -56.25
C CYS B 136 11.37 18.76 -56.25
N ASN B 137 11.02 18.29 -57.45
CA ASN B 137 10.59 16.90 -57.59
C ASN B 137 11.69 15.93 -57.17
N ASP B 138 12.93 16.22 -57.54
CA ASP B 138 14.09 15.41 -57.17
C ASP B 138 15.11 16.32 -56.53
N PRO B 139 14.95 16.65 -55.26
CA PRO B 139 15.87 17.59 -54.61
C PRO B 139 17.30 17.07 -54.63
N PHE B 140 18.24 17.99 -54.84
CA PHE B 140 19.66 17.68 -54.83
C PHE B 140 20.44 18.98 -54.77
N LEU B 141 21.73 18.87 -54.51
CA LEU B 141 22.63 20.01 -54.47
C LEU B 141 23.73 19.83 -55.51
N GLY B 142 23.97 20.86 -56.31
CA GLY B 142 25.01 20.81 -57.32
C GLY B 142 26.36 21.27 -56.79
N VAL B 143 27.41 20.84 -57.46
CA VAL B 143 28.77 21.20 -57.08
C VAL B 143 29.20 22.44 -57.87
N ASN B 165 7.29 30.54 -43.30
CA ASN B 165 6.70 30.21 -42.00
C ASN B 165 7.67 29.37 -41.18
N CYS B 166 8.88 29.89 -41.01
CA CYS B 166 9.92 29.20 -40.25
C CYS B 166 9.65 29.33 -38.76
N THR B 167 9.98 28.26 -38.02
CA THR B 167 9.88 28.26 -36.57
C THR B 167 11.21 27.93 -35.89
N PHE B 168 12.30 27.77 -36.65
CA PHE B 168 13.61 27.54 -36.06
C PHE B 168 14.66 27.62 -37.16
N GLU B 169 15.85 28.09 -36.80
CA GLU B 169 16.98 28.14 -37.71
C GLU B 169 18.26 28.02 -36.91
N TYR B 170 19.20 27.22 -37.43
CA TYR B 170 20.50 27.04 -36.79
C TYR B 170 21.57 26.92 -37.87
N VAL B 171 22.65 27.67 -37.70
CA VAL B 171 23.76 27.65 -38.64
C VAL B 171 25.06 27.38 -37.90
N PHE B 186 35.43 3.69 -48.97
CA PHE B 186 35.19 4.99 -48.37
C PHE B 186 36.13 5.21 -47.18
N LYS B 187 36.11 6.42 -46.63
CA LYS B 187 36.99 6.78 -45.53
C LYS B 187 36.25 7.18 -44.27
N ASN B 188 35.00 7.61 -44.36
CA ASN B 188 34.25 8.08 -43.19
C ASN B 188 32.85 7.50 -43.21
N LEU B 189 32.54 6.66 -42.22
CA LEU B 189 31.20 6.12 -42.03
C LEU B 189 30.46 7.03 -41.05
N ARG B 190 29.36 7.60 -41.50
CA ARG B 190 28.52 8.47 -40.69
C ARG B 190 27.19 7.77 -40.47
N GLU B 191 26.93 7.38 -39.23
CA GLU B 191 25.67 6.76 -38.83
C GLU B 191 24.83 7.76 -38.06
N PHE B 192 23.53 7.72 -38.26
CA PHE B 192 22.59 8.57 -37.55
C PHE B 192 21.37 7.76 -37.17
N VAL B 193 20.70 8.19 -36.11
CA VAL B 193 19.42 7.64 -35.69
C VAL B 193 18.50 8.80 -35.36
N PHE B 194 17.29 8.78 -35.89
CA PHE B 194 16.33 9.86 -35.72
C PHE B 194 15.05 9.28 -35.15
N LYS B 195 14.61 9.80 -34.02
CA LYS B 195 13.33 9.37 -33.44
C LYS B 195 12.58 10.58 -32.91
N ASN B 196 11.28 10.39 -32.68
CA ASN B 196 10.43 11.44 -32.13
C ASN B 196 9.69 10.88 -30.94
N ILE B 197 9.89 11.49 -29.77
CA ILE B 197 9.24 11.07 -28.53
C ILE B 197 8.56 12.28 -27.91
N ASP B 198 7.24 12.23 -27.81
CA ASP B 198 6.46 13.29 -27.17
C ASP B 198 6.77 14.65 -27.80
N GLY B 199 6.92 14.66 -29.11
CA GLY B 199 7.17 15.88 -29.84
C GLY B 199 8.61 16.33 -29.85
N TYR B 200 9.51 15.60 -29.18
CA TYR B 200 10.93 15.90 -29.19
C TYR B 200 11.60 15.09 -30.29
N PHE B 201 12.23 15.78 -31.23
CA PHE B 201 12.92 15.14 -32.34
C PHE B 201 14.37 14.91 -31.92
N LYS B 202 14.68 13.69 -31.51
CA LYS B 202 15.99 13.33 -31.00
C LYS B 202 16.85 12.79 -32.13
N ILE B 203 18.01 13.40 -32.31
CA ILE B 203 19.00 13.00 -33.31
C ILE B 203 20.19 12.40 -32.58
N TYR B 204 20.77 11.36 -33.15
CA TYR B 204 22.01 10.78 -32.66
C TYR B 204 22.90 10.51 -33.86
N SER B 205 24.21 10.64 -33.67
CA SER B 205 25.12 10.50 -34.80
C SER B 205 26.47 10.04 -34.30
N LYS B 206 27.25 9.45 -35.21
CA LYS B 206 28.64 9.08 -34.90
C LYS B 206 29.39 8.87 -36.21
N HIS B 207 30.47 9.62 -36.38
CA HIS B 207 31.35 9.50 -37.54
C HIS B 207 32.61 8.74 -37.15
N THR B 208 32.92 7.68 -37.88
CA THR B 208 34.10 6.88 -37.60
C THR B 208 34.82 6.51 -38.89
N PRO B 209 36.15 6.44 -38.88
CA PRO B 209 36.85 5.97 -40.08
C PRO B 209 36.54 4.50 -40.36
N ILE B 210 36.40 4.18 -41.65
CA ILE B 210 36.16 2.82 -42.07
C ILE B 210 36.97 2.53 -43.34
N ASN B 211 37.15 1.24 -43.63
CA ASN B 211 37.85 0.80 -44.82
C ASN B 211 37.05 -0.19 -45.65
N LEU B 212 35.80 -0.46 -45.29
CA LEU B 212 34.96 -1.42 -45.99
C LEU B 212 33.80 -0.71 -46.66
N VAL B 213 33.56 -1.04 -47.93
CA VAL B 213 32.46 -0.43 -48.69
C VAL B 213 31.35 -1.42 -48.97
N ARG B 214 31.54 -2.71 -48.71
CA ARG B 214 30.54 -3.71 -49.06
C ARG B 214 29.24 -3.48 -48.30
N GLY B 215 29.33 -3.22 -47.00
CA GLY B 215 28.13 -3.10 -46.19
C GLY B 215 28.46 -2.52 -44.84
N LEU B 216 27.44 -2.46 -43.99
CA LEU B 216 27.62 -1.93 -42.65
C LEU B 216 28.68 -2.75 -41.93
N PRO B 217 29.68 -2.13 -41.32
CA PRO B 217 30.74 -2.91 -40.68
C PRO B 217 30.22 -3.73 -39.52
N GLN B 218 30.88 -4.86 -39.29
CA GLN B 218 30.48 -5.78 -38.22
C GLN B 218 30.87 -5.28 -36.84
N GLY B 219 31.66 -4.21 -36.75
CA GLY B 219 32.06 -3.69 -35.46
C GLY B 219 30.90 -2.99 -34.77
N PHE B 220 31.21 -2.46 -33.57
CA PHE B 220 30.23 -1.82 -32.72
C PHE B 220 30.68 -0.42 -32.38
N SER B 221 29.73 0.51 -32.33
CA SER B 221 30.01 1.88 -31.92
C SER B 221 28.71 2.52 -31.45
N ALA B 222 28.80 3.37 -30.44
CA ALA B 222 27.62 4.01 -29.89
C ALA B 222 27.20 5.19 -30.75
N LEU B 223 26.02 5.74 -30.44
CA LEU B 223 25.51 6.92 -31.10
C LEU B 223 25.12 7.95 -30.05
N GLU B 224 25.82 9.06 -30.02
CA GLU B 224 25.65 10.07 -28.99
C GLU B 224 24.54 11.03 -29.36
N PRO B 225 23.89 11.65 -28.38
CA PRO B 225 22.74 12.51 -28.68
C PRO B 225 23.14 13.74 -29.48
N LEU B 226 22.18 14.21 -30.29
CA LEU B 226 22.37 15.40 -31.10
C LEU B 226 21.26 16.40 -30.80
N VAL B 227 21.14 17.45 -31.60
CA VAL B 227 20.15 18.49 -31.34
C VAL B 227 18.78 17.86 -31.15
N ASP B 228 17.98 18.46 -30.27
CA ASP B 228 16.62 18.02 -30.03
C ASP B 228 15.74 19.23 -29.78
N LEU B 229 14.55 19.23 -30.38
CA LEU B 229 13.59 20.32 -30.23
C LEU B 229 12.19 19.75 -30.02
N PRO B 230 11.35 20.40 -29.21
CA PRO B 230 9.96 19.95 -29.03
C PRO B 230 9.03 20.47 -30.12
N ILE B 231 9.35 20.14 -31.37
CA ILE B 231 8.57 20.64 -32.50
C ILE B 231 7.15 20.10 -32.45
N GLY B 232 6.99 18.85 -32.02
CA GLY B 232 5.67 18.24 -31.99
C GLY B 232 5.06 18.02 -33.35
N ILE B 233 5.85 17.53 -34.30
CA ILE B 233 5.39 17.28 -35.67
C ILE B 233 5.41 15.78 -35.91
N ASN B 234 4.33 15.26 -36.48
CA ASN B 234 4.21 13.83 -36.78
C ASN B 234 4.95 13.51 -38.08
N ILE B 235 6.27 13.41 -37.97
CA ILE B 235 7.09 13.07 -39.12
C ILE B 235 6.80 11.63 -39.52
N THR B 236 6.50 11.42 -40.81
CA THR B 236 6.18 10.10 -41.32
C THR B 236 7.00 9.70 -42.54
N ARG B 237 7.74 10.62 -43.15
CA ARG B 237 8.53 10.33 -44.33
C ARG B 237 9.78 11.19 -44.32
N PHE B 238 10.79 10.76 -45.09
CA PHE B 238 12.04 11.49 -45.18
C PHE B 238 12.75 11.14 -46.48
N GLN B 239 13.75 11.94 -46.81
CA GLN B 239 14.54 11.77 -48.02
C GLN B 239 15.95 12.29 -47.78
N THR B 240 16.87 11.83 -48.63
CA THR B 240 18.26 12.25 -48.54
C THR B 240 18.56 13.34 -49.57
N ALA B 261 26.15 6.06 -51.16
CA ALA B 261 25.33 4.92 -50.74
C ALA B 261 24.92 5.07 -49.28
N TYR B 262 23.78 4.48 -48.92
CA TYR B 262 23.28 4.54 -47.55
C TYR B 262 22.37 3.37 -47.27
N TYR B 263 22.10 3.17 -45.98
CA TYR B 263 21.24 2.09 -45.49
C TYR B 263 20.22 2.66 -44.52
N VAL B 264 19.00 2.12 -44.59
CA VAL B 264 17.87 2.61 -43.80
C VAL B 264 17.28 1.44 -43.02
N GLY B 265 17.15 1.62 -41.70
CA GLY B 265 16.53 0.63 -40.83
C GLY B 265 15.54 1.29 -39.88
N TYR B 266 14.92 0.46 -39.04
CA TYR B 266 13.84 0.90 -38.16
C TYR B 266 14.11 0.48 -36.72
N LEU B 267 13.52 1.22 -35.78
CA LEU B 267 13.67 0.95 -34.36
C LEU B 267 12.46 0.20 -33.84
N GLN B 268 12.69 -0.62 -32.80
CA GLN B 268 11.65 -1.39 -32.14
C GLN B 268 11.81 -1.29 -30.64
N PRO B 269 10.73 -1.53 -29.89
CA PRO B 269 10.82 -1.45 -28.43
C PRO B 269 11.47 -2.69 -27.82
N ARG B 270 12.77 -2.87 -28.06
CA ARG B 270 13.53 -3.96 -27.47
C ARG B 270 14.17 -3.53 -26.16
N THR B 271 14.62 -4.52 -25.40
CA THR B 271 15.35 -4.29 -24.17
C THR B 271 16.81 -4.65 -24.38
N PHE B 272 17.71 -3.73 -24.02
CA PHE B 272 19.14 -3.91 -24.24
C PHE B 272 19.89 -3.83 -22.91
N LEU B 273 20.90 -4.66 -22.77
CA LEU B 273 21.88 -4.54 -21.68
C LEU B 273 23.11 -3.86 -22.25
N LEU B 274 23.38 -2.64 -21.79
CA LEU B 274 24.47 -1.82 -22.30
C LEU B 274 25.63 -1.84 -21.30
N LYS B 275 26.84 -2.02 -21.81
CA LYS B 275 28.04 -2.02 -20.98
C LYS B 275 28.71 -0.65 -21.06
N TYR B 276 28.84 0.01 -19.92
CA TYR B 276 29.59 1.26 -19.82
C TYR B 276 30.99 0.97 -19.29
N ASN B 277 32.00 1.51 -19.95
CA ASN B 277 33.37 1.30 -19.53
C ASN B 277 33.72 2.26 -18.40
N GLU B 278 34.99 2.30 -18.00
CA GLU B 278 35.39 3.16 -16.90
C GLU B 278 35.21 4.63 -17.22
N ASN B 279 35.25 4.99 -18.51
CA ASN B 279 35.13 6.38 -18.93
C ASN B 279 33.70 6.77 -19.28
N GLY B 280 32.73 5.88 -19.06
CA GLY B 280 31.35 6.19 -19.37
C GLY B 280 30.98 6.08 -20.83
N THR B 281 31.74 5.32 -21.62
CA THR B 281 31.46 5.11 -23.03
C THR B 281 30.99 3.68 -23.24
N ILE B 282 29.90 3.51 -24.00
CA ILE B 282 29.36 2.20 -24.27
C ILE B 282 30.31 1.46 -25.22
N THR B 283 30.69 0.24 -24.84
CA THR B 283 31.56 -0.58 -25.68
C THR B 283 30.86 -1.80 -26.27
N ASP B 284 29.81 -2.30 -25.63
CA ASP B 284 29.09 -3.46 -26.15
C ASP B 284 27.69 -3.48 -25.59
N ALA B 285 26.82 -4.25 -26.24
CA ALA B 285 25.43 -4.33 -25.83
C ALA B 285 24.90 -5.71 -26.19
N VAL B 286 23.95 -6.18 -25.41
CA VAL B 286 23.30 -7.47 -25.63
C VAL B 286 21.81 -7.23 -25.83
N ASP B 287 21.27 -7.76 -26.91
CA ASP B 287 19.84 -7.66 -27.21
C ASP B 287 19.15 -8.83 -26.52
N CYS B 288 18.25 -8.52 -25.60
CA CYS B 288 17.61 -9.56 -24.80
C CYS B 288 16.65 -10.42 -25.59
N ALA B 289 16.50 -10.25 -26.91
CA ALA B 289 15.58 -11.07 -27.66
C ALA B 289 16.21 -11.66 -28.91
N LEU B 290 17.52 -11.50 -29.11
CA LEU B 290 18.17 -12.05 -30.29
C LEU B 290 18.10 -13.57 -30.30
N ASP B 291 18.31 -14.20 -29.15
CA ASP B 291 18.31 -15.65 -29.05
C ASP B 291 18.40 -16.03 -27.57
N PRO B 292 18.15 -17.29 -27.23
CA PRO B 292 18.12 -17.67 -25.82
C PRO B 292 19.39 -17.35 -25.05
N LEU B 293 20.56 -17.45 -25.68
CA LEU B 293 21.78 -17.08 -24.99
C LEU B 293 21.75 -15.62 -24.56
N SER B 294 21.25 -14.74 -25.42
CA SER B 294 21.15 -13.34 -25.06
C SER B 294 20.12 -13.13 -23.94
N GLU B 295 19.03 -13.92 -23.95
CA GLU B 295 18.09 -13.85 -22.84
C GLU B 295 18.79 -14.22 -21.53
N THR B 296 19.63 -15.24 -21.56
CA THR B 296 20.38 -15.59 -20.35
C THR B 296 21.31 -14.46 -19.95
N LYS B 297 21.99 -13.85 -20.92
CA LYS B 297 22.91 -12.76 -20.59
C LYS B 297 22.18 -11.61 -19.93
N CYS B 298 20.99 -11.28 -20.43
CA CYS B 298 20.19 -10.22 -19.80
C CYS B 298 19.69 -10.65 -18.43
N THR B 299 19.33 -11.92 -18.28
CA THR B 299 18.80 -12.39 -17.00
C THR B 299 19.85 -12.24 -15.89
N LEU B 300 21.10 -12.59 -16.19
CA LEU B 300 22.15 -12.57 -15.20
C LEU B 300 22.85 -11.22 -15.09
N LYS B 301 22.50 -10.26 -15.94
CA LYS B 301 23.15 -8.95 -15.93
C LYS B 301 24.66 -9.09 -16.03
N SER B 302 25.11 -9.95 -16.94
CA SER B 302 26.52 -10.12 -17.20
C SER B 302 26.71 -10.67 -18.61
N PHE B 303 27.87 -10.38 -19.18
CA PHE B 303 28.21 -10.84 -20.52
C PHE B 303 28.90 -12.20 -20.51
N THR B 304 29.20 -12.74 -19.34
CA THR B 304 29.82 -14.06 -19.22
C THR B 304 28.87 -14.97 -18.46
N VAL B 305 28.53 -16.09 -19.06
CA VAL B 305 27.58 -17.04 -18.48
C VAL B 305 28.36 -18.29 -18.10
N GLU B 306 28.31 -18.67 -16.83
CA GLU B 306 28.98 -19.87 -16.37
C GLU B 306 28.19 -21.10 -16.80
N LYS B 307 28.91 -22.22 -16.91
CA LYS B 307 28.26 -23.47 -17.29
C LYS B 307 27.14 -23.79 -16.32
N GLY B 308 25.98 -24.13 -16.86
CA GLY B 308 24.85 -24.50 -16.03
C GLY B 308 23.55 -24.22 -16.76
N ILE B 309 22.45 -24.44 -16.04
CA ILE B 309 21.09 -24.27 -16.57
C ILE B 309 20.48 -23.05 -15.90
N TYR B 310 19.98 -22.13 -16.71
CA TYR B 310 19.43 -20.87 -16.22
C TYR B 310 18.01 -20.70 -16.73
N GLN B 311 17.14 -20.19 -15.85
CA GLN B 311 15.76 -19.92 -16.19
C GLN B 311 15.66 -18.47 -16.67
N THR B 312 15.13 -18.28 -17.87
CA THR B 312 15.14 -16.97 -18.51
C THR B 312 13.76 -16.35 -18.69
N SER B 313 12.73 -17.13 -18.98
CA SER B 313 11.43 -16.54 -19.28
C SER B 313 10.35 -17.60 -19.18
N ASN B 314 9.12 -17.15 -19.34
CA ASN B 314 7.96 -18.04 -19.33
C ASN B 314 7.44 -18.19 -20.75
N PHE B 315 7.31 -19.43 -21.21
CA PHE B 315 6.79 -19.71 -22.53
C PHE B 315 5.29 -19.97 -22.45
N ARG B 316 4.54 -19.26 -23.29
CA ARG B 316 3.07 -19.34 -23.27
C ARG B 316 2.58 -19.37 -24.71
N VAL B 317 1.81 -20.39 -25.06
CA VAL B 317 1.30 -20.49 -26.42
C VAL B 317 0.31 -19.37 -26.67
N GLN B 318 0.51 -18.62 -27.75
CA GLN B 318 -0.35 -17.50 -28.05
C GLN B 318 -1.69 -17.99 -28.61
N PRO B 319 -2.75 -17.20 -28.44
CA PRO B 319 -4.04 -17.58 -29.04
C PRO B 319 -4.03 -17.37 -30.54
N THR B 320 -4.50 -18.38 -31.27
CA THR B 320 -4.49 -18.32 -32.73
C THR B 320 -5.54 -17.34 -33.25
N GLU B 321 -6.76 -17.43 -32.74
CA GLU B 321 -7.87 -16.65 -33.28
C GLU B 321 -8.93 -16.49 -32.20
N SER B 322 -9.88 -15.60 -32.46
CA SER B 322 -10.91 -15.24 -31.49
C SER B 322 -12.27 -15.77 -31.95
N ILE B 323 -13.00 -16.39 -31.03
CA ILE B 323 -14.31 -16.97 -31.31
C ILE B 323 -15.33 -16.28 -30.42
N VAL B 324 -16.32 -15.65 -31.04
CA VAL B 324 -17.38 -14.93 -30.34
C VAL B 324 -18.67 -15.67 -30.61
N ARG B 325 -19.02 -16.64 -29.76
CA ARG B 325 -20.24 -17.42 -29.91
C ARG B 325 -21.31 -16.90 -28.96
N PHE B 326 -21.92 -15.79 -29.33
CA PHE B 326 -23.17 -15.41 -28.66
C PHE B 326 -24.24 -16.42 -29.02
N PRO B 327 -25.07 -16.84 -28.08
CA PRO B 327 -26.08 -17.86 -28.41
C PRO B 327 -26.97 -17.40 -29.54
N ASN B 328 -27.34 -18.35 -30.41
CA ASN B 328 -28.08 -18.01 -31.60
C ASN B 328 -29.36 -17.28 -31.25
N ILE B 329 -29.41 -16.00 -31.59
CA ILE B 329 -30.60 -15.18 -31.37
C ILE B 329 -30.73 -14.22 -32.54
N THR B 330 -31.95 -14.12 -33.08
CA THR B 330 -32.21 -13.29 -34.24
C THR B 330 -33.16 -12.14 -33.96
N ASN B 331 -33.89 -12.17 -32.85
CA ASN B 331 -34.83 -11.09 -32.54
C ASN B 331 -34.07 -9.87 -32.03
N LEU B 332 -34.72 -8.72 -32.15
CA LEU B 332 -34.18 -7.45 -31.68
C LEU B 332 -34.95 -6.98 -30.46
N CYS B 333 -34.22 -6.54 -29.43
CA CYS B 333 -34.94 -6.12 -28.24
C CYS B 333 -35.69 -4.82 -28.50
N PRO B 334 -36.95 -4.71 -28.07
CA PRO B 334 -37.76 -3.52 -28.39
C PRO B 334 -37.54 -2.37 -27.39
N PHE B 335 -36.39 -1.71 -27.51
CA PHE B 335 -36.12 -0.57 -26.65
C PHE B 335 -37.01 0.62 -26.96
N GLY B 336 -37.54 0.70 -28.19
CA GLY B 336 -38.38 1.84 -28.54
C GLY B 336 -39.60 1.96 -27.65
N GLU B 337 -40.19 0.83 -27.26
CA GLU B 337 -41.40 0.86 -26.45
C GLU B 337 -41.16 1.63 -25.15
N VAL B 338 -39.97 1.53 -24.58
CA VAL B 338 -39.67 2.21 -23.33
C VAL B 338 -39.37 3.68 -23.57
N PHE B 339 -38.40 3.96 -24.46
CA PHE B 339 -37.97 5.33 -24.68
C PHE B 339 -38.97 6.13 -25.52
N ASN B 340 -39.60 5.50 -26.50
CA ASN B 340 -40.51 6.18 -27.43
C ASN B 340 -41.97 5.92 -27.09
N ALA B 341 -42.27 5.82 -25.80
CA ALA B 341 -43.65 5.78 -25.34
C ALA B 341 -44.23 7.18 -25.36
N THR B 342 -45.56 7.26 -25.52
CA THR B 342 -46.22 8.54 -25.63
C THR B 342 -46.32 9.26 -24.28
N ARG B 343 -46.22 8.53 -23.18
CA ARG B 343 -46.32 9.13 -21.85
C ARG B 343 -45.79 8.15 -20.82
N PHE B 344 -45.10 8.67 -19.82
CA PHE B 344 -44.48 7.87 -18.79
C PHE B 344 -45.32 7.86 -17.51
N ALA B 345 -44.99 6.93 -16.63
CA ALA B 345 -45.70 6.77 -15.37
C ALA B 345 -45.11 7.68 -14.30
N SER B 346 -45.89 7.92 -13.25
CA SER B 346 -45.44 8.73 -12.13
C SER B 346 -44.28 8.05 -11.41
N VAL B 347 -43.42 8.86 -10.80
CA VAL B 347 -42.26 8.31 -10.13
C VAL B 347 -42.68 7.41 -8.98
N TYR B 348 -43.73 7.80 -8.23
CA TYR B 348 -44.19 6.96 -7.13
C TYR B 348 -44.73 5.64 -7.64
N ALA B 349 -45.12 5.58 -8.91
CA ALA B 349 -45.63 4.35 -9.51
C ALA B 349 -44.82 4.03 -10.76
N TRP B 350 -43.49 4.11 -10.64
CA TRP B 350 -42.60 3.88 -11.77
C TRP B 350 -42.87 2.52 -12.41
N ASN B 351 -42.92 2.52 -13.75
CA ASN B 351 -43.18 1.30 -14.50
C ASN B 351 -41.91 0.49 -14.64
N ARG B 352 -42.07 -0.82 -14.83
CA ARG B 352 -40.93 -1.72 -15.03
C ARG B 352 -41.26 -2.68 -16.17
N LYS B 353 -40.56 -2.52 -17.28
CA LYS B 353 -40.61 -3.45 -18.40
C LYS B 353 -39.47 -4.46 -18.24
N ARG B 354 -39.68 -5.67 -18.73
CA ARG B 354 -38.65 -6.70 -18.74
C ARG B 354 -38.28 -7.02 -20.18
N ILE B 355 -36.98 -6.96 -20.50
CA ILE B 355 -36.48 -7.23 -21.83
C ILE B 355 -35.74 -8.57 -21.79
N SER B 356 -36.21 -9.52 -22.61
CA SER B 356 -35.65 -10.86 -22.63
C SER B 356 -36.01 -11.53 -23.94
N ASN B 357 -35.36 -12.67 -24.21
CA ASN B 357 -35.59 -13.45 -25.43
C ASN B 357 -35.49 -12.55 -26.66
N CYS B 358 -34.44 -11.75 -26.70
CA CYS B 358 -34.22 -10.81 -27.79
C CYS B 358 -32.74 -10.43 -27.79
N VAL B 359 -32.31 -9.74 -28.85
CA VAL B 359 -30.94 -9.27 -28.96
C VAL B 359 -30.97 -7.75 -28.83
N ALA B 360 -30.31 -7.25 -27.79
CA ALA B 360 -30.29 -5.82 -27.51
C ALA B 360 -29.15 -5.14 -28.25
N ASP B 361 -29.28 -3.84 -28.44
CA ASP B 361 -28.21 -3.02 -29.01
C ASP B 361 -28.17 -1.70 -28.27
N TYR B 362 -27.21 -1.56 -27.36
CA TYR B 362 -27.04 -0.34 -26.60
C TYR B 362 -26.24 0.72 -27.34
N SER B 363 -25.68 0.38 -28.50
CA SER B 363 -24.91 1.37 -29.26
C SER B 363 -25.79 2.55 -29.66
N VAL B 364 -26.99 2.27 -30.14
CA VAL B 364 -27.90 3.35 -30.55
C VAL B 364 -28.22 4.26 -29.36
N LEU B 365 -28.44 3.68 -28.18
CA LEU B 365 -28.79 4.48 -27.01
C LEU B 365 -27.65 5.43 -26.64
N TYR B 366 -26.44 4.89 -26.50
CA TYR B 366 -25.32 5.74 -26.11
C TYR B 366 -25.00 6.77 -27.18
N ASN B 367 -25.03 6.36 -28.46
CA ASN B 367 -24.69 7.27 -29.54
C ASN B 367 -25.66 8.45 -29.60
N SER B 368 -26.88 8.27 -29.11
CA SER B 368 -27.87 9.34 -29.14
C SER B 368 -27.35 10.56 -28.40
N ALA B 369 -27.46 11.72 -29.05
CA ALA B 369 -26.97 12.97 -28.48
C ALA B 369 -28.06 13.75 -27.75
N SER B 370 -29.26 13.18 -27.62
CA SER B 370 -30.37 13.84 -26.97
C SER B 370 -30.54 13.44 -25.51
N PHE B 371 -29.59 12.67 -24.98
CA PHE B 371 -29.64 12.22 -23.58
C PHE B 371 -28.81 13.19 -22.75
N SER B 372 -29.51 14.01 -21.95
CA SER B 372 -28.81 14.97 -21.10
C SER B 372 -28.02 14.30 -19.99
N THR B 373 -28.48 13.15 -19.49
CA THR B 373 -27.79 12.42 -18.43
C THR B 373 -27.69 10.97 -18.82
N PHE B 374 -26.48 10.42 -18.76
CA PHE B 374 -26.25 9.01 -19.07
C PHE B 374 -25.11 8.49 -18.21
N LYS B 375 -25.43 7.85 -17.09
CA LYS B 375 -24.44 7.41 -16.12
C LYS B 375 -24.63 5.94 -15.79
N CYS B 376 -23.55 5.16 -15.91
CA CYS B 376 -23.58 3.74 -15.63
C CYS B 376 -22.74 3.44 -14.39
N TYR B 377 -23.29 2.61 -13.52
CA TYR B 377 -22.63 2.20 -12.28
C TYR B 377 -22.42 0.70 -12.31
N GLY B 378 -21.19 0.27 -12.04
CA GLY B 378 -20.84 -1.14 -12.07
C GLY B 378 -20.59 -1.69 -13.45
N VAL B 379 -20.72 -0.89 -14.49
CA VAL B 379 -20.49 -1.35 -15.86
C VAL B 379 -20.27 -0.15 -16.76
N SER B 380 -19.32 -0.25 -17.69
CA SER B 380 -19.06 0.84 -18.62
C SER B 380 -20.04 0.78 -19.79
N PRO B 381 -20.54 1.93 -20.25
CA PRO B 381 -21.42 1.91 -21.42
C PRO B 381 -20.76 1.37 -22.66
N THR B 382 -19.46 1.58 -22.82
CA THR B 382 -18.77 1.16 -24.04
C THR B 382 -18.81 -0.35 -24.21
N LYS B 383 -18.61 -1.09 -23.12
CA LYS B 383 -18.46 -2.55 -23.16
C LYS B 383 -19.78 -3.26 -22.95
N LEU B 384 -20.90 -2.54 -22.98
CA LEU B 384 -22.20 -3.17 -22.82
C LEU B 384 -22.45 -4.18 -23.94
N ASN B 385 -22.12 -3.81 -25.18
CA ASN B 385 -22.33 -4.71 -26.31
C ASN B 385 -21.54 -6.00 -26.19
N ASP B 386 -20.45 -5.99 -25.44
CA ASP B 386 -19.62 -7.17 -25.26
C ASP B 386 -19.88 -7.89 -23.94
N LEU B 387 -20.93 -7.51 -23.22
CA LEU B 387 -21.31 -8.20 -21.98
C LEU B 387 -22.61 -8.96 -22.18
N CYS B 388 -22.89 -9.85 -21.23
CA CYS B 388 -24.04 -10.74 -21.28
C CYS B 388 -24.89 -10.47 -20.06
N PHE B 389 -26.21 -10.54 -20.23
CA PHE B 389 -27.15 -10.34 -19.15
C PHE B 389 -28.18 -11.46 -19.13
N THR B 390 -28.26 -12.16 -18.01
CA THR B 390 -29.25 -13.21 -17.83
C THR B 390 -30.65 -12.66 -17.67
N ASN B 391 -30.77 -11.35 -17.43
CA ASN B 391 -32.06 -10.69 -17.25
C ASN B 391 -31.84 -9.20 -17.28
N VAL B 392 -32.80 -8.48 -17.86
CA VAL B 392 -32.71 -7.03 -18.01
C VAL B 392 -34.04 -6.42 -17.57
N TYR B 393 -33.96 -5.38 -16.75
CA TYR B 393 -35.12 -4.62 -16.33
C TYR B 393 -34.97 -3.18 -16.82
N ALA B 394 -36.07 -2.57 -17.23
CA ALA B 394 -36.10 -1.18 -17.67
C ALA B 394 -37.17 -0.47 -16.85
N ASP B 395 -36.75 0.35 -15.90
CA ASP B 395 -37.67 1.08 -15.05
C ASP B 395 -37.81 2.51 -15.55
N SER B 396 -39.04 2.88 -15.88
CA SER B 396 -39.33 4.14 -16.54
C SER B 396 -40.22 5.00 -15.67
N PHE B 397 -39.94 6.30 -15.63
CA PHE B 397 -40.75 7.23 -14.86
C PHE B 397 -40.38 8.65 -15.28
N VAL B 398 -40.93 9.64 -14.57
CA VAL B 398 -40.69 11.04 -14.84
C VAL B 398 -40.47 11.76 -13.53
N ILE B 399 -39.50 12.67 -13.50
CA ILE B 399 -39.21 13.52 -12.36
C ILE B 399 -38.92 14.93 -12.87
N ARG B 400 -38.48 15.80 -11.99
CA ARG B 400 -38.02 17.12 -12.39
C ARG B 400 -36.49 17.14 -12.44
N GLY B 401 -35.97 18.18 -13.08
CA GLY B 401 -34.53 18.21 -13.34
C GLY B 401 -33.69 18.14 -12.09
N ASP B 402 -34.03 18.94 -11.08
CA ASP B 402 -33.24 18.97 -9.86
C ASP B 402 -33.24 17.62 -9.15
N GLU B 403 -34.25 16.79 -9.38
CA GLU B 403 -34.32 15.47 -8.76
C GLU B 403 -33.57 14.40 -9.54
N VAL B 404 -33.06 14.72 -10.73
CA VAL B 404 -32.38 13.72 -11.54
C VAL B 404 -31.18 13.16 -10.79
N ARG B 405 -30.46 14.02 -10.07
CA ARG B 405 -29.29 13.58 -9.32
C ARG B 405 -29.63 12.60 -8.21
N GLN B 406 -30.90 12.51 -7.79
CA GLN B 406 -31.28 11.58 -6.74
C GLN B 406 -31.40 10.15 -7.23
N ILE B 407 -31.45 9.93 -8.54
CA ILE B 407 -31.52 8.58 -9.09
C ILE B 407 -30.10 8.04 -9.24
N ALA B 408 -29.55 7.48 -8.17
CA ALA B 408 -28.21 6.93 -8.19
C ALA B 408 -27.97 6.22 -6.88
N PRO B 409 -27.06 5.24 -6.84
CA PRO B 409 -26.79 4.54 -5.58
C PRO B 409 -26.24 5.49 -4.53
N GLY B 410 -26.60 5.24 -3.27
CA GLY B 410 -26.11 6.05 -2.18
C GLY B 410 -26.67 7.45 -2.15
N GLN B 411 -27.85 7.66 -2.71
CA GLN B 411 -28.50 8.96 -2.77
C GLN B 411 -29.69 9.00 -1.81
N THR B 412 -29.98 10.21 -1.34
CA THR B 412 -31.13 10.42 -0.46
C THR B 412 -32.04 11.50 -1.03
N GLY B 413 -33.07 11.87 -0.29
CA GLY B 413 -34.05 12.83 -0.73
C GLY B 413 -35.43 12.21 -0.87
N ASN B 414 -36.39 13.09 -1.16
CA ASN B 414 -37.78 12.64 -1.27
C ASN B 414 -37.94 11.56 -2.33
N ILE B 415 -37.39 11.77 -3.52
CA ILE B 415 -37.51 10.79 -4.58
C ILE B 415 -36.77 9.51 -4.21
N ALA B 416 -35.54 9.65 -3.70
CA ALA B 416 -34.76 8.47 -3.37
C ALA B 416 -35.31 7.73 -2.16
N ASP B 417 -35.88 8.47 -1.20
CA ASP B 417 -36.32 7.85 0.04
C ASP B 417 -37.73 7.28 -0.06
N TYR B 418 -38.62 7.92 -0.80
CA TYR B 418 -40.03 7.59 -0.76
C TYR B 418 -40.61 7.15 -2.10
N ASN B 419 -39.91 7.35 -3.21
CA ASN B 419 -40.44 7.04 -4.52
C ASN B 419 -39.66 5.94 -5.24
N TYR B 420 -38.34 6.06 -5.33
CA TYR B 420 -37.54 5.10 -6.08
C TYR B 420 -36.14 5.07 -5.50
N LYS B 421 -35.69 3.91 -5.04
CA LYS B 421 -34.38 3.75 -4.43
C LYS B 421 -33.58 2.71 -5.19
N LEU B 422 -32.30 3.00 -5.40
CA LEU B 422 -31.40 2.05 -6.05
C LEU B 422 -30.49 1.38 -5.01
N PRO B 423 -30.09 0.14 -5.24
CA PRO B 423 -29.21 -0.53 -4.28
C PRO B 423 -27.80 0.07 -4.30
N ASP B 424 -27.10 -0.11 -3.19
CA ASP B 424 -25.74 0.39 -3.08
C ASP B 424 -24.82 -0.30 -4.08
N ASP B 425 -25.09 -1.56 -4.41
CA ASP B 425 -24.32 -2.32 -5.39
C ASP B 425 -24.99 -2.35 -6.74
N PHE B 426 -25.70 -1.27 -7.10
CA PHE B 426 -26.43 -1.24 -8.35
C PHE B 426 -25.50 -1.48 -9.53
N THR B 427 -25.90 -2.38 -10.43
CA THR B 427 -25.15 -2.73 -11.62
C THR B 427 -26.04 -2.44 -12.82
N GLY B 428 -25.94 -1.23 -13.36
CA GLY B 428 -26.78 -0.86 -14.47
C GLY B 428 -26.46 0.54 -14.96
N CYS B 429 -27.43 1.14 -15.63
CA CYS B 429 -27.28 2.48 -16.19
C CYS B 429 -28.54 3.29 -15.91
N VAL B 430 -28.37 4.60 -15.93
CA VAL B 430 -29.45 5.57 -15.74
C VAL B 430 -29.37 6.58 -16.87
N ILE B 431 -30.48 6.77 -17.58
CA ILE B 431 -30.59 7.74 -18.66
C ILE B 431 -31.73 8.67 -18.33
N ALA B 432 -31.48 9.98 -18.42
CA ALA B 432 -32.50 10.97 -18.16
C ALA B 432 -32.43 12.05 -19.23
N TRP B 433 -33.59 12.41 -19.78
CA TRP B 433 -33.65 13.43 -20.81
C TRP B 433 -34.87 14.32 -20.58
N ASN B 434 -34.67 15.62 -20.78
CA ASN B 434 -35.76 16.57 -20.59
C ASN B 434 -36.93 16.23 -21.51
N SER B 435 -38.14 16.36 -20.97
CA SER B 435 -39.37 16.13 -21.72
C SER B 435 -40.30 17.33 -21.58
N ASN B 436 -39.73 18.53 -21.61
CA ASN B 436 -40.53 19.74 -21.44
C ASN B 436 -41.52 19.94 -22.58
N ASN B 437 -41.28 19.32 -23.73
CA ASN B 437 -42.18 19.43 -24.87
C ASN B 437 -43.25 18.36 -24.89
N LEU B 438 -43.23 17.42 -23.93
CA LEU B 438 -44.18 16.32 -23.89
C LEU B 438 -44.91 16.17 -22.58
N ASP B 439 -44.30 16.55 -21.45
CA ASP B 439 -44.89 16.35 -20.13
C ASP B 439 -45.21 17.66 -19.43
N SER B 440 -45.32 18.76 -20.19
CA SER B 440 -45.63 20.07 -19.62
C SER B 440 -46.69 20.75 -20.47
N LYS B 441 -47.66 21.37 -19.80
CA LYS B 441 -48.71 22.13 -20.47
C LYS B 441 -48.83 23.50 -19.82
N VAL B 442 -49.34 24.46 -20.59
CA VAL B 442 -49.65 25.77 -20.04
C VAL B 442 -50.77 25.63 -19.04
N GLY B 443 -50.59 26.20 -17.85
CA GLY B 443 -51.51 26.01 -16.76
C GLY B 443 -51.16 24.88 -15.83
N GLY B 444 -50.16 24.07 -16.16
CA GLY B 444 -49.68 23.03 -15.27
C GLY B 444 -50.15 21.64 -15.65
N ASN B 445 -49.21 20.75 -15.95
CA ASN B 445 -49.51 19.34 -16.18
C ASN B 445 -49.42 18.61 -14.85
N TYR B 446 -50.56 18.26 -14.28
CA TYR B 446 -50.64 17.60 -12.99
C TYR B 446 -50.80 16.10 -13.10
N ASN B 447 -50.64 15.54 -14.32
CA ASN B 447 -50.78 14.11 -14.48
C ASN B 447 -49.75 13.33 -13.68
N TYR B 448 -48.50 13.81 -13.64
CA TYR B 448 -47.44 13.13 -12.93
C TYR B 448 -47.48 13.48 -11.45
N LEU B 449 -47.31 12.47 -10.60
CA LEU B 449 -47.34 12.63 -9.15
C LEU B 449 -46.06 12.07 -8.55
N TYR B 450 -45.87 12.35 -7.26
CA TYR B 450 -44.73 11.82 -6.52
C TYR B 450 -45.08 11.76 -5.05
N ARG B 451 -44.64 10.69 -4.39
CA ARG B 451 -44.91 10.53 -2.96
C ARG B 451 -44.03 11.46 -2.15
N LEU B 452 -44.65 12.20 -1.23
CA LEU B 452 -43.94 13.15 -0.37
C LEU B 452 -43.82 12.68 1.07
N PHE B 453 -44.88 12.11 1.64
CA PHE B 453 -44.90 11.70 3.03
C PHE B 453 -44.84 10.19 3.13
N ARG B 454 -43.93 9.68 3.97
CA ARG B 454 -43.83 8.25 4.21
C ARG B 454 -43.10 8.04 5.52
N LYS B 455 -43.58 7.08 6.31
CA LYS B 455 -42.99 6.85 7.63
C LYS B 455 -41.54 6.42 7.52
N SER B 456 -41.24 5.50 6.60
CA SER B 456 -39.90 4.96 6.43
C SER B 456 -39.51 5.00 4.97
N ASN B 457 -38.20 5.06 4.74
CA ASN B 457 -37.68 5.10 3.37
C ASN B 457 -37.92 3.77 2.67
N LEU B 458 -38.04 3.85 1.35
CA LEU B 458 -38.23 2.65 0.54
C LEU B 458 -36.96 1.82 0.49
N LYS B 459 -37.13 0.53 0.24
CA LYS B 459 -36.01 -0.35 -0.05
C LYS B 459 -35.71 -0.33 -1.54
N PRO B 460 -34.51 -0.74 -1.94
CA PRO B 460 -34.16 -0.67 -3.36
C PRO B 460 -35.16 -1.43 -4.23
N PHE B 461 -35.51 -0.83 -5.36
CA PHE B 461 -36.45 -1.43 -6.30
C PHE B 461 -37.78 -1.74 -5.63
N GLU B 462 -38.23 -0.85 -4.75
CA GLU B 462 -39.52 -0.96 -4.09
C GLU B 462 -40.45 0.12 -4.60
N ARG B 463 -41.65 -0.29 -5.01
CA ARG B 463 -42.67 0.62 -5.51
C ARG B 463 -43.83 0.66 -4.52
N ASP B 464 -44.17 1.85 -4.06
CA ASP B 464 -45.27 2.06 -3.12
C ASP B 464 -46.34 2.89 -3.80
N ILE B 465 -47.49 2.27 -4.05
CA ILE B 465 -48.64 2.96 -4.64
C ILE B 465 -49.73 3.23 -3.62
N SER B 466 -49.43 3.10 -2.33
CA SER B 466 -50.43 3.33 -1.31
C SER B 466 -50.85 4.79 -1.31
N THR B 467 -52.15 5.03 -1.08
CA THR B 467 -52.72 6.37 -1.04
C THR B 467 -53.32 6.68 0.33
N GLU B 468 -52.93 5.95 1.37
CA GLU B 468 -53.46 6.19 2.69
C GLU B 468 -53.02 7.55 3.20
N ILE B 469 -53.94 8.26 3.86
CA ILE B 469 -53.62 9.58 4.39
C ILE B 469 -52.55 9.44 5.45
N TYR B 470 -51.49 10.21 5.32
CA TYR B 470 -50.37 10.12 6.26
C TYR B 470 -50.74 10.83 7.57
N GLN B 471 -50.64 10.10 8.68
CA GLN B 471 -50.94 10.65 9.99
C GLN B 471 -49.65 11.20 10.60
N ALA B 472 -49.62 12.50 10.83
CA ALA B 472 -48.44 13.15 11.42
C ALA B 472 -48.48 13.11 12.95
N GLY B 473 -49.58 13.56 13.53
CA GLY B 473 -49.73 13.58 14.98
C GLY B 473 -50.26 12.26 15.51
N SER B 474 -50.58 12.27 16.80
CA SER B 474 -51.13 11.10 17.46
C SER B 474 -52.63 10.94 17.23
N THR B 475 -53.30 11.95 16.72
CA THR B 475 -54.74 11.87 16.48
C THR B 475 -54.99 11.15 15.16
N PRO B 476 -55.75 10.06 15.15
CA PRO B 476 -56.02 9.38 13.88
C PRO B 476 -56.77 10.28 12.90
N CYS B 477 -56.47 10.10 11.62
CA CYS B 477 -57.09 10.90 10.57
C CYS B 477 -58.37 10.30 10.04
N ASN B 478 -58.54 8.98 10.14
CA ASN B 478 -59.75 8.30 9.68
C ASN B 478 -59.99 8.59 8.19
N GLY B 479 -58.91 8.71 7.43
CA GLY B 479 -59.01 8.95 6.01
C GLY B 479 -59.46 10.34 5.64
N VAL B 480 -59.38 11.31 6.55
CA VAL B 480 -59.81 12.67 6.29
C VAL B 480 -58.59 13.58 6.30
N LYS B 481 -58.46 14.39 5.26
CA LYS B 481 -57.34 15.32 5.16
C LYS B 481 -57.52 16.48 6.13
N GLY B 482 -56.40 17.07 6.54
CA GLY B 482 -56.45 18.20 7.45
C GLY B 482 -55.11 18.37 8.15
N PHE B 483 -55.14 19.14 9.23
CA PHE B 483 -53.94 19.37 10.02
C PHE B 483 -53.38 18.05 10.52
N ASN B 484 -52.07 17.86 10.36
CA ASN B 484 -51.41 16.61 10.74
C ASN B 484 -52.03 15.43 10.01
N CYS B 485 -52.64 15.69 8.84
CA CYS B 485 -53.26 14.66 8.01
C CYS B 485 -53.10 15.12 6.56
N TYR B 486 -52.04 14.63 5.92
CA TYR B 486 -51.66 15.08 4.59
C TYR B 486 -51.68 13.92 3.61
N PHE B 487 -52.06 14.21 2.38
CA PHE B 487 -52.07 13.19 1.34
C PHE B 487 -50.64 12.82 1.00
N PRO B 488 -50.27 11.52 1.00
CA PRO B 488 -48.87 11.15 0.78
C PRO B 488 -48.32 11.59 -0.56
N LEU B 489 -49.14 11.67 -1.60
CA LEU B 489 -48.69 11.99 -2.94
C LEU B 489 -48.79 13.50 -3.20
N GLN B 490 -48.15 13.93 -4.27
CA GLN B 490 -48.14 15.34 -4.66
C GLN B 490 -47.84 15.42 -6.15
N SER B 491 -48.43 16.41 -6.80
CA SER B 491 -48.29 16.61 -8.24
C SER B 491 -47.20 17.62 -8.54
N TYR B 492 -46.61 17.47 -9.74
CA TYR B 492 -45.60 18.43 -10.18
C TYR B 492 -46.23 19.66 -10.82
N GLY B 493 -47.33 19.50 -11.56
CA GLY B 493 -47.94 20.62 -12.24
C GLY B 493 -47.00 21.27 -13.23
N PHE B 494 -46.35 20.46 -14.06
CA PHE B 494 -45.33 20.95 -14.97
C PHE B 494 -45.91 22.01 -15.90
N GLN B 495 -45.16 23.11 -16.05
CA GLN B 495 -45.49 24.16 -16.99
C GLN B 495 -44.29 24.45 -17.89
N PRO B 496 -44.51 24.85 -19.14
CA PRO B 496 -43.37 25.11 -20.03
C PRO B 496 -42.48 26.25 -19.57
N THR B 497 -42.98 27.15 -18.73
CA THR B 497 -42.22 28.31 -18.30
C THR B 497 -41.37 28.05 -17.06
N TYR B 498 -41.48 26.86 -16.47
CA TYR B 498 -40.66 26.54 -15.30
C TYR B 498 -39.19 26.39 -15.69
N GLY B 499 -38.32 26.59 -14.71
CA GLY B 499 -36.90 26.43 -14.95
C GLY B 499 -36.52 24.98 -15.18
N VAL B 500 -35.35 24.79 -15.79
CA VAL B 500 -34.90 23.45 -16.14
C VAL B 500 -34.84 22.57 -14.90
N GLY B 501 -34.53 23.15 -13.74
CA GLY B 501 -34.54 22.38 -12.51
C GLY B 501 -35.91 21.88 -12.11
N TYR B 502 -36.97 22.41 -12.71
CA TYR B 502 -38.33 21.96 -12.46
C TYR B 502 -39.02 21.44 -13.71
N GLN B 503 -38.38 21.53 -14.87
CA GLN B 503 -38.97 20.98 -16.09
C GLN B 503 -38.99 19.46 -16.04
N PRO B 504 -39.94 18.83 -16.73
CA PRO B 504 -40.02 17.37 -16.67
C PRO B 504 -38.83 16.70 -17.34
N TYR B 505 -38.42 15.58 -16.76
CA TYR B 505 -37.36 14.74 -17.29
C TYR B 505 -37.82 13.30 -17.24
N ARG B 506 -37.82 12.64 -18.38
CA ARG B 506 -38.10 11.22 -18.45
C ARG B 506 -36.84 10.43 -18.14
N VAL B 507 -36.96 9.45 -17.25
CA VAL B 507 -35.83 8.69 -16.73
C VAL B 507 -36.10 7.20 -16.98
N VAL B 508 -35.11 6.54 -17.57
CA VAL B 508 -35.11 5.10 -17.80
C VAL B 508 -33.88 4.53 -17.12
N VAL B 509 -34.07 3.54 -16.26
CA VAL B 509 -33.00 2.89 -15.52
C VAL B 509 -32.92 1.45 -15.99
N LEU B 510 -31.78 1.06 -16.53
CA LEU B 510 -31.54 -0.30 -17.00
C LEU B 510 -30.79 -1.06 -15.92
N SER B 511 -31.37 -2.16 -15.45
CA SER B 511 -30.77 -3.02 -14.45
C SER B 511 -30.39 -4.34 -15.10
N PHE B 512 -29.13 -4.72 -14.95
CA PHE B 512 -28.58 -5.92 -15.59
C PHE B 512 -28.44 -7.05 -14.58
N GLU B 513 -28.05 -8.21 -15.10
CA GLU B 513 -27.85 -9.39 -14.27
C GLU B 513 -26.77 -10.29 -14.86
N VAL B 521 -29.93 -12.10 -22.49
CA VAL B 521 -29.96 -10.83 -23.20
C VAL B 521 -28.56 -10.46 -23.67
N CYS B 522 -28.27 -10.75 -24.93
CA CYS B 522 -26.95 -10.53 -25.52
C CYS B 522 -26.91 -9.12 -26.13
N GLY B 523 -25.88 -8.76 -26.87
CA GLY B 523 -25.82 -7.50 -27.58
C GLY B 523 -25.57 -7.75 -29.06
N PRO B 524 -25.21 -6.70 -29.81
CA PRO B 524 -24.89 -6.92 -31.22
C PRO B 524 -23.76 -7.94 -31.35
N LYS B 525 -24.07 -9.05 -32.01
CA LYS B 525 -23.22 -10.23 -32.00
C LYS B 525 -22.71 -10.54 -33.40
N LYS B 526 -21.41 -10.76 -33.49
CA LYS B 526 -20.81 -11.31 -34.70
C LYS B 526 -20.40 -12.75 -34.41
N SER B 527 -21.21 -13.70 -34.89
CA SER B 527 -21.06 -15.10 -34.54
C SER B 527 -20.08 -15.76 -35.49
N THR B 528 -19.11 -16.48 -34.92
CA THR B 528 -18.13 -17.22 -35.68
C THR B 528 -18.21 -18.69 -35.30
N ASN B 529 -18.07 -19.57 -36.29
CA ASN B 529 -18.06 -20.99 -36.01
C ASN B 529 -16.89 -21.34 -35.09
N LEU B 530 -17.13 -22.23 -34.15
CA LEU B 530 -16.12 -22.58 -33.17
C LEU B 530 -15.07 -23.50 -33.78
N VAL B 531 -13.89 -23.49 -33.18
CA VAL B 531 -12.81 -24.40 -33.56
C VAL B 531 -12.31 -25.08 -32.30
N LYS B 532 -12.40 -26.40 -32.27
CA LYS B 532 -11.98 -27.16 -31.10
C LYS B 532 -10.51 -27.55 -31.22
N ASN B 533 -9.93 -27.95 -30.10
CA ASN B 533 -8.58 -28.52 -30.06
C ASN B 533 -7.54 -27.54 -30.57
N LYS B 534 -7.73 -26.26 -30.30
CA LYS B 534 -6.76 -25.24 -30.68
C LYS B 534 -6.81 -24.10 -29.68
N CYS B 535 -5.64 -23.62 -29.28
CA CYS B 535 -5.56 -22.52 -28.32
C CYS B 535 -6.10 -21.27 -28.98
N VAL B 536 -7.27 -20.82 -28.54
CA VAL B 536 -7.95 -19.68 -29.12
C VAL B 536 -8.50 -18.81 -27.99
N ASN B 537 -8.68 -17.53 -28.30
CA ASN B 537 -9.48 -16.67 -27.43
C ASN B 537 -10.95 -16.90 -27.70
N PHE B 538 -11.77 -16.75 -26.67
CA PHE B 538 -13.19 -17.01 -26.77
C PHE B 538 -13.95 -15.99 -25.92
N ASN B 539 -15.19 -15.72 -26.35
CA ASN B 539 -16.04 -14.71 -25.74
C ASN B 539 -17.43 -15.32 -25.50
N PHE B 540 -17.46 -16.49 -24.88
CA PHE B 540 -18.69 -17.25 -24.74
C PHE B 540 -19.65 -16.50 -23.83
N ASN B 541 -20.75 -15.99 -24.40
CA ASN B 541 -21.71 -15.21 -23.65
C ASN B 541 -21.03 -14.07 -22.89
N GLY B 542 -20.26 -13.25 -23.60
CA GLY B 542 -19.58 -12.17 -22.93
C GLY B 542 -18.50 -12.59 -21.97
N LEU B 543 -18.33 -13.88 -21.72
CA LEU B 543 -17.30 -14.39 -20.82
C LEU B 543 -16.04 -14.61 -21.64
N THR B 544 -15.02 -13.79 -21.36
CA THR B 544 -13.80 -13.79 -22.16
C THR B 544 -12.76 -14.68 -21.51
N GLY B 545 -12.09 -15.48 -22.33
CA GLY B 545 -11.01 -16.31 -21.85
C GLY B 545 -10.11 -16.74 -22.98
N THR B 546 -8.97 -17.32 -22.63
CA THR B 546 -8.00 -17.81 -23.60
C THR B 546 -7.67 -19.26 -23.25
N GLY B 547 -8.00 -20.18 -24.14
CA GLY B 547 -7.80 -21.58 -23.83
C GLY B 547 -8.05 -22.45 -25.03
N VAL B 548 -7.90 -23.76 -24.81
CA VAL B 548 -8.26 -24.77 -25.81
C VAL B 548 -9.69 -25.19 -25.47
N LEU B 549 -10.60 -24.88 -26.38
CA LEU B 549 -11.98 -25.31 -26.24
C LEU B 549 -12.13 -26.72 -26.79
N THR B 550 -12.61 -27.65 -25.96
CA THR B 550 -12.77 -29.03 -26.37
C THR B 550 -14.08 -29.56 -25.82
N GLU B 551 -14.80 -30.29 -26.67
CA GLU B 551 -16.05 -30.89 -26.22
C GLU B 551 -15.79 -31.78 -25.01
N SER B 552 -16.63 -31.62 -23.99
CA SER B 552 -16.41 -32.27 -22.71
C SER B 552 -16.95 -33.69 -22.72
N ASN B 553 -16.08 -34.65 -22.38
CA ASN B 553 -16.56 -36.01 -22.15
C ASN B 553 -17.57 -36.02 -20.99
N LYS B 554 -17.28 -35.26 -19.94
CA LYS B 554 -18.28 -35.03 -18.91
C LYS B 554 -19.44 -34.22 -19.49
N LYS B 555 -20.65 -34.61 -19.14
CA LYS B 555 -21.86 -34.00 -19.69
C LYS B 555 -22.62 -33.29 -18.58
N PHE B 556 -22.89 -32.00 -18.79
CA PHE B 556 -23.75 -31.28 -17.88
C PHE B 556 -25.14 -31.90 -17.87
N LEU B 557 -25.77 -31.89 -16.70
CA LEU B 557 -27.15 -32.29 -16.62
C LEU B 557 -28.01 -31.29 -17.38
N PRO B 558 -29.19 -31.72 -17.86
CA PRO B 558 -29.96 -30.83 -18.74
C PRO B 558 -30.13 -29.43 -18.20
N PHE B 559 -30.23 -29.28 -16.87
CA PHE B 559 -30.29 -27.95 -16.28
C PHE B 559 -28.91 -27.33 -16.16
N GLN B 560 -27.92 -28.15 -15.79
CA GLN B 560 -26.55 -27.66 -15.58
C GLN B 560 -26.03 -26.92 -16.79
N GLN B 561 -25.41 -25.77 -16.55
CA GLN B 561 -24.85 -24.94 -17.60
C GLN B 561 -23.82 -23.99 -16.98
N PHE B 562 -22.74 -23.74 -17.70
CA PHE B 562 -21.72 -22.77 -17.27
C PHE B 562 -21.14 -23.16 -15.91
N GLY B 563 -20.41 -24.26 -15.87
CA GLY B 563 -19.80 -24.71 -14.63
C GLY B 563 -18.46 -24.05 -14.34
N ARG B 564 -18.01 -24.15 -13.09
CA ARG B 564 -16.72 -23.63 -12.67
C ARG B 564 -15.91 -24.72 -11.99
N ASP B 565 -14.64 -24.43 -11.77
CA ASP B 565 -13.72 -25.39 -11.17
C ASP B 565 -13.47 -25.04 -9.70
N ILE B 566 -12.73 -25.90 -9.01
CA ILE B 566 -12.37 -25.64 -7.62
C ILE B 566 -11.61 -24.33 -7.52
N ALA B 567 -10.74 -24.06 -8.48
CA ALA B 567 -9.97 -22.82 -8.48
C ALA B 567 -10.84 -21.59 -8.75
N ASP B 568 -12.13 -21.79 -9.02
CA ASP B 568 -13.11 -20.77 -9.38
C ASP B 568 -12.97 -20.39 -10.85
N THR B 569 -12.00 -20.95 -11.56
CA THR B 569 -11.90 -20.71 -12.99
C THR B 569 -13.04 -21.42 -13.73
N THR B 570 -13.34 -20.92 -14.92
CA THR B 570 -14.44 -21.45 -15.72
C THR B 570 -14.04 -22.81 -16.29
N ASP B 571 -14.49 -23.89 -15.64
CA ASP B 571 -14.12 -25.22 -16.09
C ASP B 571 -14.69 -25.51 -17.47
N ALA B 572 -15.97 -25.23 -17.67
CA ALA B 572 -16.63 -25.55 -18.92
C ALA B 572 -17.87 -24.67 -19.08
N VAL B 573 -18.14 -24.29 -20.32
CA VAL B 573 -19.31 -23.49 -20.68
C VAL B 573 -20.15 -24.32 -21.64
N ARG B 574 -21.41 -24.51 -21.29
CA ARG B 574 -22.33 -25.20 -22.19
C ARG B 574 -22.47 -24.40 -23.48
N ASP B 575 -22.43 -25.10 -24.60
CA ASP B 575 -22.39 -24.43 -25.89
C ASP B 575 -23.61 -23.52 -26.03
N PRO B 576 -23.41 -22.22 -26.23
CA PRO B 576 -24.57 -21.31 -26.30
C PRO B 576 -25.43 -21.54 -27.53
N GLN B 577 -24.80 -21.58 -28.70
CA GLN B 577 -25.55 -21.74 -29.94
C GLN B 577 -26.26 -23.10 -29.97
N THR B 578 -25.56 -24.16 -29.57
CA THR B 578 -26.14 -25.50 -29.53
C THR B 578 -25.48 -26.25 -28.39
N LEU B 579 -26.24 -26.49 -27.33
CA LEU B 579 -25.69 -27.10 -26.11
C LEU B 579 -24.76 -28.25 -26.45
N GLU B 580 -23.49 -28.11 -26.06
CA GLU B 580 -22.49 -29.12 -26.33
C GLU B 580 -21.60 -29.34 -25.11
N ILE B 581 -21.89 -28.67 -24.01
CA ILE B 581 -21.13 -28.81 -22.77
C ILE B 581 -19.64 -28.57 -22.99
N LEU B 582 -19.30 -27.58 -23.80
CA LEU B 582 -17.90 -27.29 -24.14
C LEU B 582 -17.06 -27.04 -22.89
N ASP B 583 -15.91 -27.72 -22.83
CA ASP B 583 -14.96 -27.54 -21.75
C ASP B 583 -13.80 -26.67 -22.19
N ILE B 584 -13.16 -26.01 -21.22
CA ILE B 584 -12.03 -25.13 -21.46
C ILE B 584 -10.81 -25.73 -20.76
N THR B 585 -9.67 -25.72 -21.46
CA THR B 585 -8.42 -26.14 -20.88
C THR B 585 -7.38 -25.03 -21.04
N PRO B 586 -6.67 -24.63 -19.99
CA PRO B 586 -5.68 -23.56 -20.16
C PRO B 586 -4.66 -23.92 -21.24
N CYS B 587 -4.31 -22.93 -22.05
CA CYS B 587 -3.31 -23.16 -23.08
C CYS B 587 -1.96 -23.50 -22.44
N SER B 588 -1.18 -24.30 -23.14
CA SER B 588 0.07 -24.80 -22.58
C SER B 588 0.97 -23.64 -22.17
N PHE B 589 1.58 -23.78 -20.99
CA PHE B 589 2.51 -22.81 -20.47
C PHE B 589 3.62 -23.53 -19.72
N GLY B 590 4.80 -22.93 -19.70
CA GLY B 590 5.95 -23.51 -19.01
C GLY B 590 7.05 -22.50 -18.85
N GLY B 591 8.21 -22.99 -18.41
CA GLY B 591 9.39 -22.16 -18.22
C GLY B 591 10.47 -22.53 -19.21
N VAL B 592 11.10 -21.50 -19.78
CA VAL B 592 12.22 -21.72 -20.69
C VAL B 592 13.51 -21.65 -19.90
N SER B 593 14.29 -22.73 -19.97
CA SER B 593 15.58 -22.79 -19.28
C SER B 593 16.68 -22.97 -20.30
N VAL B 594 17.65 -22.06 -20.32
CA VAL B 594 18.72 -22.09 -21.29
C VAL B 594 19.85 -22.91 -20.71
N ILE B 595 20.02 -24.12 -21.23
CA ILE B 595 21.15 -24.97 -20.86
C ILE B 595 22.32 -24.55 -21.72
N THR B 596 23.34 -23.95 -21.11
CA THR B 596 24.47 -23.42 -21.85
C THR B 596 25.77 -23.79 -21.14
N PRO B 597 26.75 -24.34 -21.86
CA PRO B 597 28.10 -24.40 -21.29
C PRO B 597 28.70 -23.01 -21.24
N GLY B 598 29.73 -22.87 -20.41
CA GLY B 598 30.32 -21.56 -20.20
C GLY B 598 30.64 -20.88 -21.53
N THR B 599 30.24 -19.62 -21.63
CA THR B 599 30.46 -18.88 -22.88
C THR B 599 31.93 -18.91 -23.27
N ASN B 600 32.82 -18.92 -22.29
CA ASN B 600 34.24 -18.98 -22.58
C ASN B 600 34.57 -20.25 -23.37
N THR B 601 33.98 -21.38 -22.99
CA THR B 601 34.19 -22.61 -23.74
C THR B 601 33.52 -22.53 -25.11
N SER B 602 32.26 -22.11 -25.14
CA SER B 602 31.52 -22.02 -26.40
C SER B 602 30.25 -21.21 -26.17
N ASN B 603 29.71 -20.68 -27.27
CA ASN B 603 28.46 -19.94 -27.23
C ASN B 603 27.25 -20.79 -27.57
N GLN B 604 27.46 -22.06 -27.95
CA GLN B 604 26.35 -22.92 -28.29
C GLN B 604 25.48 -23.17 -27.06
N VAL B 605 24.17 -23.29 -27.28
CA VAL B 605 23.22 -23.47 -26.19
C VAL B 605 22.10 -24.39 -26.64
N ALA B 606 21.33 -24.86 -25.66
CA ALA B 606 20.11 -25.63 -25.88
C ALA B 606 19.03 -25.06 -24.98
N VAL B 607 17.77 -25.36 -25.30
CA VAL B 607 16.63 -24.80 -24.59
C VAL B 607 15.82 -25.94 -24.01
N LEU B 608 15.29 -25.75 -22.81
CA LEU B 608 14.40 -26.70 -22.16
C LEU B 608 13.07 -26.00 -21.90
N TYR B 609 12.05 -26.38 -22.66
CA TYR B 609 10.69 -25.96 -22.36
C TYR B 609 10.11 -26.91 -21.33
N GLN B 610 9.98 -26.45 -20.08
CA GLN B 610 9.61 -27.34 -19.01
C GLN B 610 8.15 -27.77 -19.11
N GLY B 611 7.92 -29.07 -18.95
CA GLY B 611 6.58 -29.58 -18.80
C GLY B 611 5.64 -29.28 -19.94
N VAL B 612 6.14 -29.33 -21.18
CA VAL B 612 5.32 -29.14 -22.36
C VAL B 612 5.62 -30.26 -23.35
N ASN B 613 4.60 -30.73 -24.03
CA ASN B 613 4.81 -31.71 -25.08
C ASN B 613 5.58 -31.08 -26.23
N CYS B 614 6.54 -31.83 -26.77
CA CYS B 614 7.40 -31.27 -27.81
C CYS B 614 6.58 -30.76 -28.99
N THR B 615 5.45 -31.40 -29.27
CA THR B 615 4.61 -30.96 -30.38
C THR B 615 4.09 -29.55 -30.17
N GLU B 616 3.69 -29.22 -28.95
CA GLU B 616 3.09 -27.92 -28.69
C GLU B 616 4.05 -26.79 -29.02
N VAL B 617 5.34 -27.00 -28.81
CA VAL B 617 6.33 -25.96 -29.01
C VAL B 617 6.24 -25.43 -30.44
N ASN B 638 16.14 -31.47 -34.19
CA ASN B 638 16.76 -32.11 -33.04
C ASN B 638 16.04 -31.75 -31.74
N VAL B 639 14.93 -32.44 -31.49
CA VAL B 639 14.14 -32.26 -30.27
C VAL B 639 14.10 -33.59 -29.54
N PHE B 640 14.41 -33.56 -28.25
CA PHE B 640 14.44 -34.75 -27.40
C PHE B 640 13.42 -34.59 -26.29
N GLN B 641 12.62 -35.62 -26.06
CA GLN B 641 11.58 -35.55 -25.05
C GLN B 641 12.09 -36.10 -23.72
N THR B 642 11.89 -35.34 -22.66
CA THR B 642 12.25 -35.76 -21.32
C THR B 642 11.10 -35.43 -20.37
N ARG B 643 11.02 -36.18 -19.27
CA ARG B 643 9.96 -35.92 -18.30
C ARG B 643 10.00 -34.48 -17.82
N ALA B 644 11.19 -33.89 -17.72
CA ALA B 644 11.30 -32.50 -17.34
C ALA B 644 10.60 -31.60 -18.35
N GLY B 645 10.73 -31.93 -19.63
CA GLY B 645 10.14 -31.11 -20.67
C GLY B 645 10.75 -31.47 -22.02
N CYS B 646 10.54 -30.57 -22.97
CA CYS B 646 11.15 -30.75 -24.28
C CYS B 646 12.50 -30.07 -24.32
N LEU B 647 13.49 -30.74 -24.88
CA LEU B 647 14.86 -30.23 -24.96
C LEU B 647 15.21 -30.04 -26.43
N ILE B 648 15.49 -28.81 -26.82
CA ILE B 648 15.74 -28.45 -28.21
C ILE B 648 17.18 -28.00 -28.33
N GLY B 649 17.90 -28.56 -29.30
CA GLY B 649 19.29 -28.23 -29.53
C GLY B 649 20.27 -29.23 -28.97
N ALA B 650 19.79 -30.17 -28.14
CA ALA B 650 20.65 -31.13 -27.47
C ALA B 650 20.52 -32.49 -28.15
N GLU B 651 21.64 -33.18 -28.27
CA GLU B 651 21.67 -34.51 -28.88
C GLU B 651 21.53 -35.57 -27.80
N HIS B 652 20.74 -36.60 -28.07
CA HIS B 652 20.51 -37.67 -27.11
C HIS B 652 21.57 -38.76 -27.31
N VAL B 653 22.29 -39.08 -26.24
CA VAL B 653 23.38 -40.04 -26.28
C VAL B 653 23.06 -41.19 -25.33
N ASN B 654 23.15 -42.42 -25.83
CA ASN B 654 22.91 -43.58 -24.99
C ASN B 654 23.95 -43.69 -23.88
N ASN B 655 25.21 -43.39 -24.19
CA ASN B 655 26.27 -43.52 -23.19
C ASN B 655 25.98 -42.63 -21.99
N SER B 656 26.20 -43.18 -20.80
CA SER B 656 25.99 -42.43 -19.56
C SER B 656 27.32 -41.89 -19.04
N TYR B 657 27.23 -40.79 -18.30
CA TYR B 657 28.40 -40.16 -17.69
C TYR B 657 27.97 -39.60 -16.35
N GLU B 658 28.90 -38.93 -15.68
CA GLU B 658 28.56 -38.21 -14.46
C GLU B 658 27.74 -36.97 -14.81
N CYS B 659 26.70 -36.73 -14.01
CA CYS B 659 25.84 -35.58 -14.27
C CYS B 659 26.66 -34.29 -14.22
N ASP B 660 26.52 -33.47 -15.26
CA ASP B 660 27.30 -32.24 -15.38
C ASP B 660 26.41 -31.01 -15.23
N ILE B 661 25.38 -30.87 -16.05
CA ILE B 661 24.39 -29.81 -15.93
C ILE B 661 23.04 -30.48 -15.69
N PRO B 662 22.59 -30.62 -14.45
CA PRO B 662 21.37 -31.39 -14.22
C PRO B 662 20.16 -30.75 -14.86
N ILE B 663 19.36 -31.56 -15.55
CA ILE B 663 18.11 -31.14 -16.15
C ILE B 663 16.93 -31.59 -15.31
N GLY B 664 16.85 -32.87 -15.00
CA GLY B 664 15.76 -33.37 -14.20
C GLY B 664 15.25 -34.74 -14.61
N ALA B 665 14.55 -35.40 -13.71
CA ALA B 665 14.05 -36.75 -13.97
C ALA B 665 15.18 -37.67 -14.39
N GLY B 666 16.36 -37.46 -13.80
CA GLY B 666 17.50 -38.29 -14.08
C GLY B 666 18.25 -37.93 -15.33
N ILE B 667 17.83 -36.91 -16.06
CA ILE B 667 18.45 -36.50 -17.30
C ILE B 667 19.39 -35.35 -17.02
N CYS B 668 20.61 -35.42 -17.55
CA CYS B 668 21.60 -34.37 -17.41
C CYS B 668 22.20 -34.06 -18.78
N ALA B 669 22.61 -32.81 -18.95
CA ALA B 669 23.23 -32.35 -20.18
C ALA B 669 24.70 -32.06 -19.93
N SER B 670 25.44 -31.97 -21.03
CA SER B 670 26.85 -31.60 -20.95
C SER B 670 27.33 -31.20 -22.33
N TYR B 671 28.54 -30.67 -22.40
CA TYR B 671 29.16 -30.26 -23.66
C TYR B 671 30.35 -31.17 -23.91
N GLN B 672 30.26 -31.99 -24.96
CA GLN B 672 31.31 -32.96 -25.26
C GLN B 672 31.28 -33.28 -26.74
N THR B 673 32.24 -34.10 -27.17
CA THR B 673 32.35 -34.49 -28.57
C THR B 673 31.43 -35.67 -28.87
N GLN B 687 32.28 -31.05 -31.34
CA GLN B 687 31.84 -30.67 -30.00
C GLN B 687 30.42 -30.11 -30.04
N SER B 688 29.56 -30.59 -29.16
CA SER B 688 28.18 -30.14 -29.12
C SER B 688 27.58 -30.49 -27.76
N ILE B 689 26.34 -30.06 -27.57
CA ILE B 689 25.63 -30.28 -26.32
C ILE B 689 24.83 -31.58 -26.42
N ILE B 690 25.01 -32.45 -25.43
CA ILE B 690 24.37 -33.75 -25.40
C ILE B 690 23.56 -33.87 -24.12
N ALA B 691 22.54 -34.71 -24.18
CA ALA B 691 21.71 -35.04 -23.02
C ALA B 691 21.73 -36.56 -22.83
N TYR B 692 21.70 -37.00 -21.58
CA TYR B 692 21.85 -38.42 -21.30
C TYR B 692 21.31 -38.73 -19.92
N THR B 693 21.33 -40.01 -19.59
CA THR B 693 20.98 -40.48 -18.25
C THR B 693 22.23 -40.65 -17.40
N MET B 694 22.26 -40.00 -16.24
CA MET B 694 23.47 -40.02 -15.42
C MET B 694 23.71 -41.41 -14.87
N SER B 695 24.99 -41.79 -14.78
CA SER B 695 25.35 -43.16 -14.41
C SER B 695 25.20 -43.40 -12.92
N LEU B 696 25.51 -42.40 -12.10
CA LEU B 696 25.56 -42.45 -10.64
C LEU B 696 26.87 -43.05 -10.13
N GLY B 697 27.78 -43.48 -11.00
CA GLY B 697 29.05 -44.04 -10.57
C GLY B 697 29.31 -45.40 -11.19
N VAL B 698 30.58 -45.80 -11.09
CA VAL B 698 31.01 -47.04 -11.72
C VAL B 698 30.50 -48.24 -10.93
N GLU B 699 30.32 -49.35 -11.64
CA GLU B 699 29.84 -50.60 -11.05
C GLU B 699 31.04 -51.35 -10.48
N ASN B 700 30.93 -51.78 -9.24
CA ASN B 700 31.99 -52.52 -8.57
C ASN B 700 31.38 -53.59 -7.67
N SER B 701 31.42 -54.84 -8.12
CA SER B 701 30.96 -55.95 -7.32
C SER B 701 32.04 -56.35 -6.33
N VAL B 702 31.64 -56.70 -5.12
CA VAL B 702 32.56 -57.04 -4.03
C VAL B 702 32.68 -58.55 -3.96
N ALA B 703 33.91 -59.04 -3.91
CA ALA B 703 34.16 -60.48 -3.98
C ALA B 703 33.88 -61.13 -2.64
N TYR B 704 32.66 -60.99 -2.15
CA TYR B 704 32.30 -61.55 -0.85
C TYR B 704 32.29 -63.06 -0.88
N SER B 705 32.69 -63.67 0.22
CA SER B 705 32.55 -65.11 0.40
C SER B 705 32.83 -65.44 1.86
N ASN B 706 32.30 -66.57 2.32
CA ASN B 706 32.28 -66.87 3.74
C ASN B 706 33.65 -67.12 4.33
N ASN B 707 34.72 -67.07 3.54
CA ASN B 707 36.06 -67.28 4.10
C ASN B 707 37.10 -66.43 3.39
N SER B 708 36.73 -65.23 2.94
CA SER B 708 37.65 -64.32 2.27
C SER B 708 37.57 -62.96 2.92
N ILE B 709 38.73 -62.34 3.15
CA ILE B 709 38.80 -61.03 3.78
C ILE B 709 39.89 -60.22 3.10
N ALA B 710 39.65 -58.92 2.96
CA ALA B 710 40.63 -57.99 2.40
C ALA B 710 41.13 -57.07 3.51
N ILE B 711 42.41 -57.21 3.86
CA ILE B 711 43.01 -56.46 4.96
C ILE B 711 44.05 -55.53 4.36
N PRO B 712 43.98 -54.22 4.58
CA PRO B 712 44.93 -53.32 3.94
C PRO B 712 46.34 -53.57 4.44
N THR B 713 47.30 -53.42 3.53
CA THR B 713 48.71 -53.56 3.83
C THR B 713 49.43 -52.23 3.87
N ASN B 714 48.81 -51.16 3.39
CA ASN B 714 49.42 -49.84 3.36
C ASN B 714 48.33 -48.82 3.64
N PHE B 715 48.72 -47.56 3.75
CA PHE B 715 47.80 -46.50 4.12
C PHE B 715 48.20 -45.21 3.43
N THR B 716 47.37 -44.18 3.62
CA THR B 716 47.69 -42.84 3.17
C THR B 716 47.07 -41.84 4.11
N ILE B 717 47.79 -40.74 4.36
CA ILE B 717 47.31 -39.66 5.22
C ILE B 717 46.84 -38.54 4.32
N SER B 718 45.54 -38.27 4.33
CA SER B 718 44.93 -37.31 3.42
C SER B 718 44.41 -36.12 4.19
N VAL B 719 44.57 -34.94 3.58
CA VAL B 719 44.11 -33.68 4.15
C VAL B 719 42.99 -33.15 3.27
N THR B 720 41.80 -33.04 3.84
CA THR B 720 40.64 -32.56 3.11
C THR B 720 40.20 -31.23 3.70
N THR B 721 39.52 -30.43 2.90
CA THR B 721 39.08 -29.10 3.29
C THR B 721 37.58 -29.11 3.47
N GLU B 722 37.11 -28.54 4.57
CA GLU B 722 35.69 -28.39 4.85
C GLU B 722 35.41 -26.93 5.19
N ILE B 723 34.61 -26.26 4.38
CA ILE B 723 34.38 -24.82 4.50
C ILE B 723 32.97 -24.60 5.01
N LEU B 724 32.83 -23.80 6.06
CA LEU B 724 31.53 -23.56 6.68
C LEU B 724 31.31 -22.06 6.85
N PRO B 725 30.18 -21.53 6.42
CA PRO B 725 29.82 -20.16 6.80
C PRO B 725 29.54 -20.08 8.29
N VAL B 726 29.80 -18.91 8.88
CA VAL B 726 29.62 -18.70 10.31
C VAL B 726 28.80 -17.46 10.61
N SER B 727 29.09 -16.35 9.94
CA SER B 727 28.41 -15.09 10.23
C SER B 727 28.05 -14.41 8.92
N MET B 728 27.09 -13.49 9.01
CA MET B 728 26.66 -12.68 7.87
C MET B 728 26.75 -11.22 8.26
N THR B 729 26.81 -10.36 7.24
CA THR B 729 27.02 -8.94 7.48
C THR B 729 25.99 -8.38 8.45
N LYS B 730 26.46 -7.64 9.44
CA LYS B 730 25.60 -7.10 10.50
C LYS B 730 24.91 -5.84 9.97
N THR B 731 24.00 -6.05 9.02
CA THR B 731 23.32 -4.92 8.42
C THR B 731 22.30 -4.33 9.39
N SER B 732 21.93 -3.07 9.14
CA SER B 732 20.86 -2.43 9.88
C SER B 732 20.26 -1.36 8.98
N VAL B 733 18.99 -1.05 9.18
CA VAL B 733 18.28 -0.09 8.35
C VAL B 733 17.57 0.92 9.25
N ASP B 734 17.76 2.19 8.95
CA ASP B 734 17.02 3.27 9.60
C ASP B 734 15.69 3.38 8.88
N CYS B 735 14.68 2.67 9.38
CA CYS B 735 13.43 2.53 8.64
C CYS B 735 12.83 3.88 8.30
N THR B 736 12.88 4.83 9.24
CA THR B 736 12.27 6.14 9.00
C THR B 736 12.93 6.85 7.82
N MET B 737 14.26 6.81 7.74
CA MET B 737 14.94 7.51 6.66
C MET B 737 14.76 6.77 5.33
N TYR B 738 14.78 5.44 5.36
CA TYR B 738 14.56 4.70 4.13
C TYR B 738 13.19 5.01 3.55
N ILE B 739 12.14 4.90 4.38
CA ILE B 739 10.78 5.09 3.88
C ILE B 739 10.59 6.53 3.42
N CYS B 740 10.98 7.48 4.25
CA CYS B 740 10.75 8.90 4.00
C CYS B 740 12.10 9.60 3.81
N GLY B 741 12.25 10.30 2.69
CA GLY B 741 13.49 10.99 2.41
C GLY B 741 13.56 12.36 3.03
N ASP B 742 13.65 12.42 4.36
CA ASP B 742 13.74 13.68 5.09
C ASP B 742 12.58 14.61 4.72
N SER B 743 11.39 14.04 4.59
CA SER B 743 10.18 14.80 4.28
C SER B 743 9.30 14.84 5.53
N THR B 744 8.95 16.05 5.97
CA THR B 744 8.16 16.19 7.17
C THR B 744 6.80 15.52 7.01
N GLU B 745 6.15 15.73 5.86
CA GLU B 745 4.82 15.18 5.65
C GLU B 745 4.87 13.66 5.60
N CYS B 746 5.89 13.10 4.94
CA CYS B 746 6.02 11.66 4.89
C CYS B 746 6.23 11.09 6.27
N SER B 747 7.06 11.74 7.10
CA SER B 747 7.24 11.28 8.46
C SER B 747 5.93 11.33 9.24
N ASN B 748 5.18 12.42 9.09
CA ASN B 748 3.91 12.55 9.80
C ASN B 748 2.96 11.42 9.42
N LEU B 749 2.85 11.14 8.13
CA LEU B 749 2.01 10.03 7.71
C LEU B 749 2.53 8.70 8.25
N LEU B 750 3.85 8.48 8.19
CA LEU B 750 4.42 7.25 8.66
C LEU B 750 4.12 7.03 10.14
N LEU B 751 3.95 8.11 10.89
CA LEU B 751 3.62 7.95 12.31
C LEU B 751 2.39 7.08 12.49
N GLN B 752 1.47 7.09 11.51
CA GLN B 752 0.27 6.28 11.62
C GLN B 752 0.60 4.80 11.68
N TYR B 753 1.49 4.33 10.80
CA TYR B 753 1.90 2.92 10.80
C TYR B 753 2.81 2.69 12.00
N GLY B 754 2.22 2.82 13.19
CA GLY B 754 3.00 2.87 14.40
C GLY B 754 3.70 1.54 14.67
N SER B 755 4.89 1.63 15.25
CA SER B 755 5.58 0.50 15.86
C SER B 755 6.20 -0.46 14.86
N PHE B 756 5.99 -0.25 13.56
CA PHE B 756 6.67 -1.10 12.58
C PHE B 756 8.13 -0.74 12.47
N CYS B 757 8.45 0.56 12.45
CA CYS B 757 9.84 0.98 12.37
C CYS B 757 10.66 0.36 13.49
N THR B 758 10.17 0.49 14.73
CA THR B 758 10.90 -0.04 15.87
C THR B 758 11.00 -1.56 15.80
N GLN B 759 9.95 -2.23 15.34
CA GLN B 759 10.00 -3.69 15.27
C GLN B 759 11.06 -4.15 14.29
N LEU B 760 11.13 -3.53 13.11
CA LEU B 760 12.15 -3.92 12.15
C LEU B 760 13.54 -3.64 12.69
N ASN B 761 13.71 -2.48 13.33
CA ASN B 761 15.02 -2.17 13.89
C ASN B 761 15.42 -3.20 14.95
N ARG B 762 14.46 -3.62 15.77
CA ARG B 762 14.74 -4.64 16.78
C ARG B 762 15.12 -5.96 16.13
N ALA B 763 14.41 -6.36 15.08
CA ALA B 763 14.74 -7.61 14.41
C ALA B 763 16.16 -7.58 13.85
N LEU B 764 16.52 -6.49 13.17
CA LEU B 764 17.86 -6.39 12.64
C LEU B 764 18.93 -6.31 13.72
N THR B 765 18.64 -5.66 14.85
CA THR B 765 19.59 -5.66 15.94
C THR B 765 19.79 -7.06 16.51
N GLY B 766 18.70 -7.82 16.66
CA GLY B 766 18.85 -9.19 17.10
C GLY B 766 19.71 -10.00 16.18
N ILE B 767 19.50 -9.86 14.86
CA ILE B 767 20.34 -10.56 13.91
C ILE B 767 21.79 -10.14 14.07
N ALA B 768 22.03 -8.84 14.24
CA ALA B 768 23.39 -8.36 14.39
C ALA B 768 24.07 -8.96 15.61
N VAL B 769 23.34 -9.06 16.72
CA VAL B 769 23.92 -9.65 17.93
C VAL B 769 24.20 -11.14 17.71
N GLU B 770 23.31 -11.83 17.01
CA GLU B 770 23.58 -13.23 16.69
C GLU B 770 24.85 -13.36 15.87
N GLN B 771 25.10 -12.41 14.97
CA GLN B 771 26.29 -12.50 14.14
C GLN B 771 27.57 -12.49 14.95
N ASP B 772 27.56 -11.92 16.14
CA ASP B 772 28.72 -11.94 17.01
C ASP B 772 28.72 -13.13 17.96
N LYS B 773 27.55 -13.52 18.45
CA LYS B 773 27.47 -14.73 19.26
C LYS B 773 27.97 -15.94 18.49
N ASN B 774 27.63 -16.03 17.20
CA ASN B 774 28.08 -17.16 16.39
C ASN B 774 29.60 -17.23 16.34
N THR B 775 30.24 -16.11 16.00
CA THR B 775 31.70 -16.11 15.89
C THR B 775 32.35 -16.41 17.23
N GLN B 776 31.81 -15.86 18.31
CA GLN B 776 32.36 -16.16 19.63
C GLN B 776 32.28 -17.65 19.91
N GLU B 777 31.14 -18.27 19.62
CA GLU B 777 30.99 -19.69 19.91
C GLU B 777 31.88 -20.55 19.02
N VAL B 778 32.02 -20.19 17.76
CA VAL B 778 32.79 -21.00 16.83
C VAL B 778 34.27 -20.92 17.14
N PHE B 779 34.78 -19.73 17.47
CA PHE B 779 36.21 -19.57 17.67
C PHE B 779 36.61 -19.51 19.13
N ALA B 780 35.95 -18.71 19.95
CA ALA B 780 36.40 -18.47 21.32
C ALA B 780 36.06 -19.68 22.20
N GLN B 781 36.84 -20.75 21.97
CA GLN B 781 36.71 -21.96 22.77
C GLN B 781 37.97 -22.28 23.56
N VAL B 782 39.01 -21.45 23.46
CA VAL B 782 40.25 -21.66 24.19
C VAL B 782 40.34 -20.61 25.28
N LYS B 783 40.46 -21.05 26.52
CA LYS B 783 40.51 -20.10 27.63
C LYS B 783 41.78 -19.25 27.56
N GLN B 784 42.91 -19.85 27.24
CA GLN B 784 44.19 -19.16 27.24
C GLN B 784 44.79 -19.18 25.83
N ILE B 785 45.21 -18.01 25.36
CA ILE B 785 45.80 -17.89 24.03
C ILE B 785 47.15 -18.58 24.04
N TYR B 786 47.26 -19.72 23.37
CA TYR B 786 48.52 -20.42 23.28
C TYR B 786 49.38 -19.84 22.16
N LYS B 787 50.66 -20.22 22.16
CA LYS B 787 51.57 -19.88 21.09
C LYS B 787 52.58 -21.00 20.91
N THR B 788 53.02 -21.21 19.67
CA THR B 788 53.92 -22.30 19.37
C THR B 788 55.29 -22.04 19.98
N PRO B 789 56.05 -23.08 20.29
CA PRO B 789 57.41 -22.89 20.77
C PRO B 789 58.31 -22.37 19.67
N PRO B 790 59.45 -21.78 20.01
CA PRO B 790 60.34 -21.26 18.96
C PRO B 790 60.83 -22.34 18.00
N ILE B 791 61.08 -23.55 18.50
CA ILE B 791 61.67 -24.62 17.69
C ILE B 791 60.53 -25.43 17.10
N LYS B 792 60.34 -25.30 15.79
CA LYS B 792 59.29 -26.03 15.09
C LYS B 792 59.81 -27.40 14.62
N ASP B 793 60.15 -28.24 15.59
CA ASP B 793 60.57 -29.60 15.26
C ASP B 793 59.38 -30.45 14.84
N PHE B 794 58.45 -30.69 15.77
CA PHE B 794 57.22 -31.42 15.49
C PHE B 794 57.49 -32.72 14.75
N GLY B 795 58.60 -33.36 15.08
CA GLY B 795 58.82 -34.74 14.67
C GLY B 795 58.68 -34.98 13.18
N GLY B 796 59.25 -34.10 12.36
CA GLY B 796 59.25 -34.28 10.93
C GLY B 796 58.02 -33.78 10.22
N PHE B 797 57.00 -33.32 10.93
CA PHE B 797 55.84 -32.68 10.33
C PHE B 797 56.11 -31.20 10.18
N ASN B 798 55.62 -30.63 9.08
CA ASN B 798 55.88 -29.25 8.74
C ASN B 798 54.56 -28.48 8.70
N PHE B 799 54.31 -27.66 9.72
CA PHE B 799 53.08 -26.88 9.81
C PHE B 799 53.26 -25.45 9.33
N SER B 800 54.42 -25.12 8.77
CA SER B 800 54.74 -23.72 8.51
C SER B 800 53.66 -23.05 7.67
N GLN B 801 53.03 -23.82 6.78
CA GLN B 801 52.02 -23.24 5.89
C GLN B 801 50.79 -22.77 6.68
N ILE B 802 50.37 -23.56 7.68
CA ILE B 802 49.14 -23.24 8.39
C ILE B 802 49.41 -22.32 9.57
N LEU B 803 50.58 -22.46 10.20
CA LEU B 803 50.86 -21.66 11.38
C LEU B 803 51.13 -20.20 10.99
N PRO B 804 50.98 -19.28 11.93
CA PRO B 804 51.09 -17.86 11.58
C PRO B 804 52.45 -17.52 11.01
N ASP B 805 52.47 -16.57 10.08
CA ASP B 805 53.69 -16.09 9.49
C ASP B 805 54.02 -14.73 10.10
N PRO B 806 55.05 -14.61 10.94
CA PRO B 806 55.35 -13.29 11.51
C PRO B 806 55.64 -12.24 10.47
N SER B 807 56.13 -12.64 9.30
CA SER B 807 56.46 -11.67 8.26
C SER B 807 55.23 -10.87 7.83
N LYS B 808 54.10 -11.55 7.68
CA LYS B 808 52.89 -10.85 7.25
C LYS B 808 52.48 -9.85 8.33
N PRO B 809 51.88 -8.72 7.95
CA PRO B 809 51.51 -7.72 8.97
C PRO B 809 50.60 -8.28 10.05
N SER B 810 49.63 -9.09 9.67
CA SER B 810 48.78 -9.77 10.63
C SER B 810 49.35 -11.14 10.96
N LYS B 811 48.82 -11.73 12.02
CA LYS B 811 49.23 -13.08 12.43
C LYS B 811 48.46 -14.13 11.61
N ARG B 812 48.49 -13.94 10.30
CA ARG B 812 47.78 -14.80 9.36
C ARG B 812 48.78 -15.69 8.62
N SER B 813 48.46 -16.97 8.53
CA SER B 813 49.33 -17.90 7.84
C SER B 813 49.07 -17.85 6.34
N PHE B 814 49.90 -18.57 5.59
CA PHE B 814 49.83 -18.51 4.13
C PHE B 814 48.47 -18.95 3.62
N ILE B 815 47.94 -20.06 4.14
CA ILE B 815 46.68 -20.58 3.63
C ILE B 815 45.55 -19.63 3.96
N GLU B 816 45.58 -19.03 5.16
CA GLU B 816 44.60 -18.01 5.47
C GLU B 816 44.68 -16.86 4.48
N ASP B 817 45.91 -16.47 4.10
CA ASP B 817 46.05 -15.42 3.11
C ASP B 817 45.41 -15.81 1.79
N LEU B 818 45.60 -17.06 1.37
CA LEU B 818 44.96 -17.51 0.14
C LEU B 818 43.45 -17.40 0.26
N LEU B 819 42.90 -17.83 1.41
CA LEU B 819 41.45 -17.80 1.58
C LEU B 819 40.91 -16.39 1.55
N PHE B 820 41.60 -15.45 2.21
CA PHE B 820 41.15 -14.07 2.22
C PHE B 820 41.15 -13.44 0.83
N ASN B 821 41.96 -13.95 -0.08
CA ASN B 821 42.09 -13.37 -1.42
C ASN B 821 41.18 -14.03 -2.44
N LYS B 822 40.43 -15.06 -2.06
CA LYS B 822 39.48 -15.70 -2.96
C LYS B 822 38.05 -15.24 -2.76
N VAL B 823 37.75 -14.61 -1.63
CA VAL B 823 36.41 -14.13 -1.34
C VAL B 823 36.37 -12.62 -1.54
N THR B 824 35.46 -12.16 -2.40
CA THR B 824 35.33 -10.75 -2.70
C THR B 824 33.97 -10.21 -2.27
N LYS B 851 23.27 0.97 1.35
CA LYS B 851 24.37 1.88 1.06
C LYS B 851 24.28 3.14 1.90
N PHE B 852 23.63 4.17 1.35
CA PHE B 852 23.48 5.46 2.03
C PHE B 852 22.08 6.02 1.87
N ASN B 853 21.08 5.14 1.94
CA ASN B 853 19.67 5.55 1.96
C ASN B 853 19.00 5.20 3.28
N GLY B 854 19.76 5.13 4.35
CA GLY B 854 19.25 4.70 5.63
C GLY B 854 19.67 3.30 6.05
N LEU B 855 20.62 2.70 5.33
CA LEU B 855 21.11 1.37 5.64
C LEU B 855 22.59 1.49 5.99
N THR B 856 22.96 1.00 7.18
CA THR B 856 24.32 1.06 7.66
C THR B 856 24.80 -0.35 8.01
N VAL B 857 26.06 -0.63 7.70
CA VAL B 857 26.67 -1.93 7.95
C VAL B 857 27.49 -1.84 9.22
N LEU B 858 27.02 -2.46 10.29
CA LEU B 858 27.76 -2.44 11.54
C LEU B 858 28.98 -3.35 11.42
N PRO B 859 30.12 -2.97 12.00
CA PRO B 859 31.30 -3.82 11.93
C PRO B 859 31.18 -5.00 12.87
N PRO B 860 31.85 -6.11 12.58
CA PRO B 860 31.82 -7.25 13.50
C PRO B 860 32.54 -6.92 14.79
N LEU B 861 32.07 -7.52 15.90
CA LEU B 861 32.68 -7.24 17.19
C LEU B 861 34.13 -7.70 17.24
N LEU B 862 34.41 -8.89 16.70
CA LEU B 862 35.77 -9.40 16.64
C LEU B 862 36.39 -9.02 15.30
N THR B 863 37.63 -8.53 15.35
CA THR B 863 38.33 -8.12 14.15
C THR B 863 39.07 -9.30 13.54
N ASP B 864 39.28 -9.22 12.22
CA ASP B 864 39.90 -10.34 11.50
C ASP B 864 41.22 -10.73 12.15
N GLU B 865 41.97 -9.75 12.65
CA GLU B 865 43.21 -10.09 13.35
C GLU B 865 42.91 -10.92 14.59
N MET B 866 41.85 -10.58 15.32
CA MET B 866 41.52 -11.34 16.53
C MET B 866 41.09 -12.76 16.18
N ILE B 867 40.31 -12.93 15.11
CA ILE B 867 39.91 -14.28 14.70
C ILE B 867 41.14 -15.08 14.28
N ALA B 868 42.06 -14.44 13.56
CA ALA B 868 43.31 -15.11 13.21
C ALA B 868 44.06 -15.52 14.48
N GLN B 869 44.04 -14.66 15.49
CA GLN B 869 44.69 -14.99 16.75
C GLN B 869 44.03 -16.20 17.40
N TYR B 870 42.71 -16.25 17.37
CA TYR B 870 41.99 -17.39 17.95
C TYR B 870 42.36 -18.69 17.23
N THR B 871 42.37 -18.66 15.90
CA THR B 871 42.70 -19.87 15.16
C THR B 871 44.15 -20.27 15.42
N SER B 872 45.05 -19.29 15.52
CA SER B 872 46.43 -19.61 15.86
C SER B 872 46.51 -20.25 17.24
N ALA B 873 45.74 -19.75 18.20
CA ALA B 873 45.72 -20.33 19.54
C ALA B 873 45.27 -21.78 19.48
N LEU B 874 44.15 -22.04 18.81
CA LEU B 874 43.65 -23.40 18.70
C LEU B 874 44.65 -24.32 18.02
N LEU B 875 45.26 -23.87 16.94
CA LEU B 875 46.24 -24.68 16.24
C LEU B 875 47.47 -24.96 17.09
N ALA B 876 47.98 -23.96 17.81
CA ALA B 876 49.14 -24.18 18.66
C ALA B 876 48.81 -25.16 19.77
N GLY B 877 47.62 -25.05 20.36
CA GLY B 877 47.22 -26.01 21.37
C GLY B 877 47.14 -27.41 20.80
N THR B 878 46.50 -27.56 19.64
CA THR B 878 46.41 -28.88 19.02
C THR B 878 47.79 -29.44 18.77
N ILE B 879 48.72 -28.61 18.33
CA ILE B 879 50.05 -29.10 17.97
C ILE B 879 50.82 -29.55 19.20
N THR B 880 50.85 -28.72 20.24
CA THR B 880 51.75 -28.99 21.36
C THR B 880 51.12 -29.87 22.44
N SER B 881 49.80 -30.02 22.47
CA SER B 881 49.15 -30.71 23.56
C SER B 881 48.03 -31.64 23.11
N GLY B 882 47.82 -31.81 21.82
CA GLY B 882 46.77 -32.71 21.36
C GLY B 882 45.40 -32.23 21.80
N TRP B 883 44.69 -33.08 22.53
CA TRP B 883 43.35 -32.79 22.97
C TRP B 883 43.26 -32.35 24.42
N THR B 884 44.35 -32.45 25.17
CA THR B 884 44.27 -32.15 26.59
C THR B 884 43.86 -30.71 26.83
N PHE B 885 44.27 -29.80 25.96
CA PHE B 885 43.86 -28.41 26.14
C PHE B 885 42.36 -28.23 25.92
N GLY B 886 41.70 -29.22 25.34
CA GLY B 886 40.25 -29.19 25.28
C GLY B 886 39.61 -29.55 26.61
N ALA B 887 40.29 -30.38 27.40
CA ALA B 887 39.75 -30.79 28.68
C ALA B 887 40.16 -29.81 29.79
N GLY B 888 41.44 -29.74 30.08
CA GLY B 888 41.92 -28.87 31.15
C GLY B 888 43.16 -28.12 30.75
N ALA B 889 44.18 -28.13 31.60
CA ALA B 889 45.43 -27.46 31.27
C ALA B 889 46.12 -28.19 30.12
N ALA B 890 46.68 -27.42 29.20
CA ALA B 890 47.33 -27.98 28.03
C ALA B 890 48.60 -28.71 28.47
N LEU B 891 48.68 -29.99 28.14
CA LEU B 891 49.78 -30.84 28.58
C LEU B 891 50.68 -31.11 27.38
N GLN B 892 51.91 -30.61 27.45
CA GLN B 892 52.84 -30.82 26.36
C GLN B 892 53.08 -32.30 26.16
N ILE B 893 53.24 -32.71 24.91
CA ILE B 893 53.58 -34.09 24.58
C ILE B 893 54.15 -34.09 23.16
N PRO B 894 55.29 -34.72 22.93
CA PRO B 894 55.91 -34.62 21.60
C PRO B 894 54.92 -35.07 20.53
N PHE B 895 54.91 -34.34 19.41
CA PHE B 895 53.86 -34.54 18.43
C PHE B 895 53.84 -35.97 17.90
N ALA B 896 55.00 -36.60 17.79
CA ALA B 896 55.03 -38.00 17.35
C ALA B 896 54.19 -38.86 18.28
N MET B 897 54.34 -38.67 19.59
CA MET B 897 53.53 -39.45 20.52
C MET B 897 52.06 -39.09 20.39
N GLN B 898 51.74 -37.83 20.08
CA GLN B 898 50.34 -37.48 19.88
C GLN B 898 49.76 -38.27 18.72
N MET B 899 50.48 -38.35 17.61
CA MET B 899 49.98 -39.13 16.50
C MET B 899 49.93 -40.62 16.84
N ALA B 900 50.82 -41.08 17.72
CA ALA B 900 50.71 -42.46 18.19
C ALA B 900 49.40 -42.68 18.93
N TYR B 901 49.03 -41.74 19.79
CA TYR B 901 47.71 -41.80 20.43
C TYR B 901 46.61 -41.80 19.39
N ARG B 902 46.72 -40.92 18.39
CA ARG B 902 45.66 -40.81 17.39
C ARG B 902 45.49 -42.11 16.63
N PHE B 903 46.60 -42.75 16.25
CA PHE B 903 46.53 -44.06 15.62
C PHE B 903 45.92 -45.09 16.56
N ASN B 904 46.29 -45.07 17.84
CA ASN B 904 45.59 -45.92 18.79
C ASN B 904 44.09 -45.69 18.74
N GLY B 905 43.68 -44.45 18.51
CA GLY B 905 42.26 -44.12 18.51
C GLY B 905 41.49 -44.66 17.34
N ILE B 906 42.17 -45.08 16.28
CA ILE B 906 41.50 -45.62 15.09
C ILE B 906 41.84 -47.07 14.87
N GLY B 907 42.21 -47.80 15.91
CA GLY B 907 42.41 -49.23 15.78
C GLY B 907 43.67 -49.64 15.07
N VAL B 908 44.66 -48.76 14.98
CA VAL B 908 45.95 -49.08 14.41
C VAL B 908 46.97 -49.05 15.54
N THR B 909 47.60 -50.20 15.80
CA THR B 909 48.59 -50.26 16.87
C THR B 909 49.68 -49.23 16.64
N GLN B 910 50.06 -48.54 17.71
CA GLN B 910 50.90 -47.36 17.55
C GLN B 910 52.21 -47.66 16.84
N ASN B 911 52.70 -48.89 16.92
CA ASN B 911 53.98 -49.19 16.27
C ASN B 911 53.94 -48.87 14.79
N VAL B 912 52.76 -48.91 14.16
CA VAL B 912 52.67 -48.55 12.76
C VAL B 912 53.18 -47.13 12.53
N LEU B 913 52.84 -46.22 13.44
CA LEU B 913 53.28 -44.84 13.27
C LEU B 913 54.80 -44.72 13.40
N TYR B 914 55.37 -45.27 14.47
CA TYR B 914 56.80 -45.10 14.69
C TYR B 914 57.61 -45.76 13.60
N GLU B 915 57.18 -46.93 13.13
CA GLU B 915 57.93 -47.61 12.08
C GLU B 915 57.75 -46.93 10.73
N ASN B 916 56.72 -46.10 10.57
CA ASN B 916 56.48 -45.36 9.33
C ASN B 916 56.39 -43.86 9.57
N GLN B 917 57.15 -43.34 10.54
CA GLN B 917 57.01 -41.92 10.89
C GLN B 917 57.40 -41.02 9.73
N LYS B 918 58.52 -41.32 9.06
CA LYS B 918 58.97 -40.48 7.96
C LYS B 918 57.98 -40.51 6.80
N LEU B 919 57.50 -41.69 6.46
CA LEU B 919 56.53 -41.79 5.37
C LEU B 919 55.28 -40.98 5.68
N ILE B 920 54.76 -41.12 6.91
CA ILE B 920 53.54 -40.40 7.27
C ILE B 920 53.79 -38.90 7.25
N ALA B 921 54.94 -38.46 7.75
CA ALA B 921 55.24 -37.04 7.75
C ALA B 921 55.31 -36.50 6.32
N ASN B 922 55.99 -37.23 5.43
CA ASN B 922 56.09 -36.78 4.06
C ASN B 922 54.72 -36.72 3.40
N GLN B 923 53.88 -37.73 3.65
CA GLN B 923 52.53 -37.71 3.09
C GLN B 923 51.73 -36.54 3.61
N PHE B 924 51.87 -36.23 4.91
CA PHE B 924 51.13 -35.11 5.48
C PHE B 924 51.58 -33.79 4.84
N ASN B 925 52.89 -33.62 4.67
CA ASN B 925 53.38 -32.42 4.01
C ASN B 925 52.89 -32.34 2.57
N SER B 926 52.89 -33.47 1.86
CA SER B 926 52.41 -33.48 0.49
C SER B 926 50.94 -33.10 0.41
N ALA B 927 50.12 -33.62 1.32
CA ALA B 927 48.70 -33.27 1.32
C ALA B 927 48.51 -31.79 1.65
N ILE B 928 49.31 -31.25 2.56
CA ILE B 928 49.23 -29.82 2.84
C ILE B 928 49.53 -29.03 1.58
N GLY B 929 50.59 -29.41 0.86
CA GLY B 929 50.92 -28.74 -0.37
C GLY B 929 49.79 -28.85 -1.39
N LYS B 930 49.15 -30.01 -1.44
CA LYS B 930 48.04 -30.19 -2.36
C LYS B 930 46.89 -29.26 -2.01
N ILE B 931 46.59 -29.09 -0.73
CA ILE B 931 45.54 -28.16 -0.33
C ILE B 931 45.91 -26.75 -0.72
N GLN B 932 47.18 -26.37 -0.50
CA GLN B 932 47.61 -25.04 -0.90
C GLN B 932 47.39 -24.83 -2.39
N ASP B 933 47.78 -25.82 -3.20
CA ASP B 933 47.60 -25.71 -4.65
C ASP B 933 46.14 -25.62 -5.02
N SER B 934 45.29 -26.44 -4.40
CA SER B 934 43.87 -26.44 -4.73
C SER B 934 43.23 -25.10 -4.40
N LEU B 935 43.57 -24.53 -3.24
CA LEU B 935 43.06 -23.21 -2.90
C LEU B 935 43.61 -22.14 -3.83
N SER B 936 44.88 -22.25 -4.22
CA SER B 936 45.50 -21.26 -5.08
C SER B 936 45.03 -21.35 -6.52
N SER B 937 44.43 -22.46 -6.92
CA SER B 937 43.96 -22.66 -8.28
C SER B 937 42.46 -22.77 -8.42
N THR B 938 41.76 -23.30 -7.42
CA THR B 938 40.33 -23.48 -7.50
C THR B 938 39.60 -22.35 -6.79
N ALA B 941 36.24 -23.47 -4.92
CA ALA B 941 36.55 -24.01 -3.61
C ALA B 941 35.77 -23.27 -2.53
N LEU B 942 35.67 -21.96 -2.66
CA LEU B 942 34.98 -21.10 -1.70
C LEU B 942 33.54 -20.83 -2.10
N GLY B 943 32.89 -21.78 -2.76
CA GLY B 943 31.52 -21.54 -3.21
C GLY B 943 30.58 -21.16 -2.08
N LYS B 944 30.68 -21.83 -0.94
CA LYS B 944 29.71 -21.60 0.13
C LYS B 944 29.78 -20.18 0.66
N LEU B 945 30.97 -19.66 0.89
CA LEU B 945 31.12 -18.31 1.44
C LEU B 945 30.83 -17.23 0.41
N GLN B 946 31.28 -17.44 -0.83
CA GLN B 946 30.98 -16.49 -1.89
C GLN B 946 29.49 -16.39 -2.13
N ASP B 947 28.77 -17.52 -2.05
CA ASP B 947 27.33 -17.47 -2.20
C ASP B 947 26.68 -16.66 -1.09
N VAL B 948 27.17 -16.79 0.14
CA VAL B 948 26.61 -16.01 1.24
C VAL B 948 26.82 -14.52 0.98
N VAL B 949 28.04 -14.14 0.64
CA VAL B 949 28.32 -12.72 0.41
C VAL B 949 27.47 -12.20 -0.74
N ASN B 950 27.38 -12.96 -1.83
CA ASN B 950 26.58 -12.53 -2.97
C ASN B 950 25.12 -12.40 -2.61
N GLN B 951 24.60 -13.33 -1.80
CA GLN B 951 23.20 -13.24 -1.40
C GLN B 951 22.93 -11.99 -0.58
N ASN B 952 23.83 -11.68 0.37
CA ASN B 952 23.63 -10.45 1.15
C ASN B 952 23.69 -9.22 0.25
N ALA B 953 24.68 -9.17 -0.65
CA ALA B 953 24.78 -8.02 -1.54
C ALA B 953 23.54 -7.90 -2.42
N GLN B 954 23.04 -9.02 -2.92
CA GLN B 954 21.84 -8.99 -3.75
C GLN B 954 20.64 -8.51 -2.96
N ALA B 955 20.51 -8.96 -1.71
CA ALA B 955 19.41 -8.49 -0.88
C ALA B 955 19.47 -6.98 -0.71
N LEU B 956 20.66 -6.46 -0.38
CA LEU B 956 20.76 -5.01 -0.19
C LEU B 956 20.47 -4.26 -1.48
N ASN B 957 21.00 -4.74 -2.61
CA ASN B 957 20.77 -4.04 -3.87
C ASN B 957 19.30 -4.04 -4.25
N THR B 958 18.62 -5.17 -4.07
CA THR B 958 17.18 -5.21 -4.35
C THR B 958 16.44 -4.26 -3.43
N LEU B 959 16.80 -4.24 -2.14
CA LEU B 959 16.13 -3.33 -1.21
C LEU B 959 16.30 -1.88 -1.65
N VAL B 960 17.53 -1.49 -2.01
CA VAL B 960 17.75 -0.11 -2.41
C VAL B 960 17.01 0.20 -3.70
N LYS B 961 17.05 -0.71 -4.66
CA LYS B 961 16.40 -0.46 -5.94
C LYS B 961 14.90 -0.32 -5.78
N GLN B 962 14.32 -0.98 -4.78
CA GLN B 962 12.87 -0.87 -4.59
C GLN B 962 12.43 0.58 -4.41
N LEU B 963 13.32 1.45 -3.94
CA LEU B 963 12.94 2.83 -3.70
C LEU B 963 12.44 3.53 -4.96
N SER B 964 12.87 3.09 -6.14
CA SER B 964 12.55 3.79 -7.37
C SER B 964 11.25 3.35 -8.02
N SER B 965 10.60 2.31 -7.51
CA SER B 965 9.35 1.83 -8.09
C SER B 965 8.21 2.78 -7.77
N ASN B 966 7.29 2.93 -8.72
CA ASN B 966 6.17 3.83 -8.53
C ASN B 966 5.18 3.31 -7.50
N PHE B 967 5.02 1.99 -7.40
CA PHE B 967 4.06 1.39 -6.49
C PHE B 967 2.66 1.92 -6.72
N GLY B 968 2.38 2.35 -7.95
CA GLY B 968 1.09 2.94 -8.28
C GLY B 968 1.02 4.43 -8.11
N ALA B 969 2.05 5.05 -7.53
CA ALA B 969 2.07 6.49 -7.39
C ALA B 969 2.47 7.14 -8.71
N ILE B 970 2.15 8.43 -8.84
CA ILE B 970 2.48 9.15 -10.06
C ILE B 970 3.98 9.20 -10.27
N SER B 971 4.76 9.18 -9.19
CA SER B 971 6.21 9.23 -9.29
C SER B 971 6.83 8.50 -8.11
N SER B 972 8.08 8.10 -8.28
CA SER B 972 8.82 7.43 -7.23
C SER B 972 9.69 8.38 -6.42
N VAL B 973 9.65 9.68 -6.71
CA VAL B 973 10.40 10.68 -5.96
C VAL B 973 9.42 11.45 -5.09
N LEU B 974 9.66 11.44 -3.78
CA LEU B 974 8.71 12.01 -2.84
C LEU B 974 8.55 13.51 -3.05
N ASN B 975 9.66 14.22 -3.25
CA ASN B 975 9.60 15.67 -3.41
C ASN B 975 8.79 16.05 -4.65
N ASP B 976 8.91 15.27 -5.72
CA ASP B 976 8.11 15.54 -6.90
C ASP B 976 6.63 15.42 -6.60
N ILE B 977 6.24 14.39 -5.83
CA ILE B 977 4.85 14.26 -5.44
C ILE B 977 4.40 15.46 -4.62
N LEU B 978 5.22 15.88 -3.66
CA LEU B 978 4.84 17.01 -2.82
C LEU B 978 4.66 18.27 -3.66
N SER B 979 5.56 18.51 -4.60
CA SER B 979 5.52 19.75 -5.37
C SER B 979 4.37 19.74 -6.37
N ARG B 980 4.19 18.65 -7.10
CA ARG B 980 3.26 18.66 -8.23
C ARG B 980 1.81 18.72 -7.76
N LEU B 981 1.46 17.99 -6.71
CA LEU B 981 0.08 17.86 -6.28
C LEU B 981 -0.16 18.64 -4.99
N ASP B 982 -1.44 18.91 -4.74
CA ASP B 982 -1.84 19.60 -3.52
C ASP B 982 -1.71 18.65 -2.34
N PRO B 983 -1.61 19.20 -1.13
CA PRO B 983 -1.40 18.35 0.06
C PRO B 983 -2.47 17.28 0.17
N PRO B 984 -3.75 17.63 0.03
CA PRO B 984 -4.78 16.59 0.13
C PRO B 984 -4.61 15.48 -0.89
N GLU B 985 -4.22 15.85 -2.11
CA GLU B 985 -3.94 14.85 -3.13
C GLU B 985 -2.63 14.14 -2.84
N ALA B 986 -1.60 14.89 -2.45
CA ALA B 986 -0.27 14.31 -2.24
C ALA B 986 -0.30 13.26 -1.14
N GLU B 987 -1.23 13.39 -0.19
CA GLU B 987 -1.28 12.44 0.92
C GLU B 987 -1.57 11.04 0.41
N VAL B 988 -2.48 10.89 -0.55
CA VAL B 988 -2.83 9.58 -1.05
C VAL B 988 -1.61 8.92 -1.71
N GLN B 989 -0.93 9.67 -2.57
CA GLN B 989 0.23 9.10 -3.25
C GLN B 989 1.33 8.76 -2.27
N ILE B 990 1.57 9.63 -1.29
CA ILE B 990 2.61 9.36 -0.30
C ILE B 990 2.24 8.15 0.53
N ASP B 991 0.95 7.99 0.84
CA ASP B 991 0.53 6.80 1.58
C ASP B 991 0.76 5.54 0.77
N ARG B 992 0.49 5.59 -0.53
CA ARG B 992 0.75 4.44 -1.38
C ARG B 992 2.23 4.12 -1.40
N LEU B 993 3.08 5.13 -1.52
CA LEU B 993 4.52 4.91 -1.50
C LEU B 993 4.96 4.31 -0.18
N ILE B 994 4.42 4.82 0.94
CA ILE B 994 4.79 4.29 2.24
C ILE B 994 4.38 2.83 2.36
N THR B 995 3.18 2.49 1.88
CA THR B 995 2.76 1.10 1.90
C THR B 995 3.72 0.23 1.10
N GLY B 996 4.06 0.65 -0.11
CA GLY B 996 4.96 -0.13 -0.93
C GLY B 996 6.32 -0.32 -0.30
N ARG B 997 6.89 0.76 0.20
CA ARG B 997 8.23 0.68 0.79
C ARG B 997 8.23 -0.12 2.08
N LEU B 998 7.19 0.02 2.90
CA LEU B 998 7.12 -0.80 4.11
C LEU B 998 7.01 -2.27 3.76
N GLN B 999 6.22 -2.61 2.74
CA GLN B 999 6.14 -4.00 2.34
C GLN B 999 7.49 -4.49 1.86
N SER B 1000 8.21 -3.67 1.09
CA SER B 1000 9.53 -4.06 0.64
C SER B 1000 10.48 -4.29 1.82
N LEU B 1001 10.45 -3.39 2.80
CA LEU B 1001 11.30 -3.55 3.97
C LEU B 1001 10.95 -4.82 4.73
N GLN B 1002 9.66 -5.09 4.89
CA GLN B 1002 9.26 -6.30 5.61
C GLN B 1002 9.74 -7.55 4.88
N THR B 1003 9.63 -7.56 3.55
CA THR B 1003 10.12 -8.71 2.80
C THR B 1003 11.63 -8.87 3.00
N TYR B 1004 12.37 -7.76 2.95
CA TYR B 1004 13.81 -7.85 3.17
C TYR B 1004 14.11 -8.40 4.55
N VAL B 1005 13.41 -7.91 5.56
CA VAL B 1005 13.72 -8.33 6.93
C VAL B 1005 13.37 -9.80 7.14
N THR B 1006 12.27 -10.25 6.55
CA THR B 1006 11.93 -11.67 6.65
C THR B 1006 12.99 -12.54 5.98
N GLN B 1007 13.45 -12.13 4.80
CA GLN B 1007 14.51 -12.87 4.14
C GLN B 1007 15.76 -12.90 5.02
N GLN B 1008 16.10 -11.76 5.63
CA GLN B 1008 17.27 -11.73 6.50
C GLN B 1008 17.11 -12.66 7.69
N LEU B 1009 15.93 -12.68 8.30
CA LEU B 1009 15.73 -13.54 9.46
C LEU B 1009 15.89 -15.00 9.07
N ILE B 1010 15.29 -15.42 7.95
CA ILE B 1010 15.42 -16.83 7.56
C ILE B 1010 16.86 -17.18 7.24
N ARG B 1011 17.53 -16.32 6.47
CA ARG B 1011 18.90 -16.61 6.09
C ARG B 1011 19.80 -16.64 7.32
N ALA B 1012 19.53 -15.77 8.29
CA ALA B 1012 20.31 -15.78 9.52
C ALA B 1012 20.05 -17.06 10.31
N ALA B 1013 18.83 -17.58 10.25
CA ALA B 1013 18.58 -18.87 10.88
C ALA B 1013 19.40 -19.97 10.22
N GLU B 1014 19.47 -19.96 8.90
CA GLU B 1014 20.30 -20.94 8.21
C GLU B 1014 21.76 -20.79 8.61
N ILE B 1015 22.25 -19.55 8.67
CA ILE B 1015 23.65 -19.34 9.05
C ILE B 1015 23.88 -19.75 10.50
N ARG B 1016 22.89 -19.56 11.37
CA ARG B 1016 23.06 -20.00 12.74
C ARG B 1016 23.14 -21.51 12.82
N ALA B 1017 22.34 -22.23 12.02
CA ALA B 1017 22.50 -23.67 11.97
C ALA B 1017 23.88 -24.04 11.50
N SER B 1018 24.38 -23.35 10.48
CA SER B 1018 25.73 -23.59 9.99
C SER B 1018 26.77 -23.30 11.06
N ALA B 1019 26.56 -22.24 11.84
CA ALA B 1019 27.51 -21.88 12.89
C ALA B 1019 27.49 -22.89 14.02
N ASN B 1020 26.31 -23.40 14.36
CA ASN B 1020 26.24 -24.46 15.36
C ASN B 1020 26.96 -25.71 14.88
N LEU B 1021 26.78 -26.07 13.61
CA LEU B 1021 27.51 -27.21 13.07
C LEU B 1021 29.00 -26.95 13.09
N ALA B 1022 29.42 -25.73 12.73
CA ALA B 1022 30.85 -25.41 12.72
C ALA B 1022 31.43 -25.45 14.12
N ALA B 1023 30.70 -24.93 15.11
CA ALA B 1023 31.18 -24.99 16.48
C ALA B 1023 31.27 -26.42 16.96
N THR B 1024 30.29 -27.26 16.60
CA THR B 1024 30.36 -28.66 16.97
C THR B 1024 31.57 -29.33 16.36
N LYS B 1025 31.85 -29.04 15.08
CA LYS B 1025 33.04 -29.61 14.46
C LYS B 1025 34.30 -29.09 15.12
N MET B 1026 34.34 -27.80 15.44
CA MET B 1026 35.51 -27.25 16.12
C MET B 1026 35.74 -27.96 17.44
N SER B 1027 34.66 -28.24 18.17
CA SER B 1027 34.79 -28.86 19.48
C SER B 1027 35.19 -30.32 19.38
N GLU B 1028 34.56 -31.06 18.47
CA GLU B 1028 34.70 -32.52 18.41
C GLU B 1028 35.72 -32.97 17.38
N CYS B 1029 36.39 -32.05 16.72
CA CYS B 1029 37.24 -32.37 15.58
C CYS B 1029 38.61 -31.75 15.75
N VAL B 1030 38.66 -30.56 16.33
CA VAL B 1030 39.92 -29.89 16.60
C VAL B 1030 40.41 -30.18 18.01
N LEU B 1031 39.57 -29.92 19.01
CA LEU B 1031 39.92 -30.12 20.41
C LEU B 1031 39.85 -31.57 20.82
N GLY B 1032 39.85 -32.48 19.86
CA GLY B 1032 39.76 -33.90 20.17
C GLY B 1032 39.75 -34.70 18.90
N GLN B 1033 39.47 -35.98 19.05
CA GLN B 1033 39.33 -36.90 17.92
C GLN B 1033 37.92 -37.47 17.94
N SER B 1034 37.35 -37.65 16.76
CA SER B 1034 35.95 -38.06 16.63
C SER B 1034 35.86 -39.46 16.04
N LYS B 1035 35.01 -40.28 16.64
CA LYS B 1035 34.65 -41.58 16.10
C LYS B 1035 33.51 -41.50 15.11
N ARG B 1036 32.94 -40.32 14.90
CA ARG B 1036 31.77 -40.18 14.04
C ARG B 1036 32.19 -40.28 12.58
N VAL B 1037 31.65 -41.28 11.88
CA VAL B 1037 32.09 -41.56 10.52
C VAL B 1037 31.60 -40.46 9.60
N ASP B 1038 32.48 -39.98 8.73
CA ASP B 1038 32.20 -38.94 7.74
C ASP B 1038 31.79 -37.62 8.36
N PHE B 1039 31.84 -37.50 9.69
CA PHE B 1039 31.61 -36.20 10.32
C PHE B 1039 32.82 -35.30 10.13
N CYS B 1040 34.01 -35.88 10.12
CA CYS B 1040 35.25 -35.12 10.07
C CYS B 1040 36.13 -35.57 8.92
N GLY B 1041 35.53 -35.68 7.74
CA GLY B 1041 36.26 -36.00 6.53
C GLY B 1041 36.33 -37.50 6.28
N LYS B 1042 36.27 -37.87 5.01
CA LYS B 1042 36.21 -39.28 4.64
C LYS B 1042 37.43 -40.02 5.18
N GLY B 1043 37.22 -41.21 5.70
CA GLY B 1043 38.27 -42.01 6.27
C GLY B 1043 38.19 -41.99 7.79
N TYR B 1044 39.19 -42.60 8.40
CA TYR B 1044 39.30 -42.64 9.86
C TYR B 1044 40.00 -41.37 10.31
N HIS B 1045 39.27 -40.51 11.01
CA HIS B 1045 39.78 -39.19 11.34
C HIS B 1045 40.95 -39.28 12.30
N LEU B 1046 41.98 -38.46 12.06
CA LEU B 1046 43.10 -38.32 12.96
C LEU B 1046 43.05 -36.99 13.70
N MET B 1047 42.95 -35.88 12.97
CA MET B 1047 42.95 -34.58 13.63
C MET B 1047 42.43 -33.53 12.67
N SER B 1048 42.42 -32.29 13.13
CA SER B 1048 41.96 -31.17 12.32
C SER B 1048 42.74 -29.93 12.67
N PHE B 1049 42.77 -28.99 11.73
CA PHE B 1049 43.38 -27.68 11.95
C PHE B 1049 42.39 -26.63 11.46
N PRO B 1050 41.98 -25.68 12.29
CA PRO B 1050 41.06 -24.65 11.82
C PRO B 1050 41.81 -23.50 11.18
N GLN B 1051 41.13 -22.82 10.27
CA GLN B 1051 41.67 -21.66 9.60
C GLN B 1051 40.54 -20.67 9.44
N SER B 1052 40.80 -19.39 9.68
CA SER B 1052 39.73 -18.43 9.49
C SER B 1052 39.54 -18.15 8.02
N ALA B 1053 38.38 -17.60 7.69
CA ALA B 1053 38.12 -17.12 6.34
C ALA B 1053 37.02 -16.08 6.43
N PRO B 1054 36.93 -15.17 5.46
CA PRO B 1054 35.92 -14.12 5.56
C PRO B 1054 34.54 -14.70 5.80
N HIS B 1055 33.98 -14.38 6.97
CA HIS B 1055 32.64 -14.83 7.34
C HIS B 1055 32.54 -16.35 7.30
N GLY B 1056 33.55 -17.03 7.81
CA GLY B 1056 33.50 -18.48 7.82
C GLY B 1056 34.76 -19.10 8.37
N VAL B 1057 34.72 -20.43 8.49
CA VAL B 1057 35.82 -21.21 9.04
C VAL B 1057 36.09 -22.37 8.10
N VAL B 1058 37.38 -22.65 7.86
CA VAL B 1058 37.82 -23.69 6.96
C VAL B 1058 38.65 -24.68 7.76
N PHE B 1059 38.21 -25.93 7.80
CA PHE B 1059 38.90 -26.98 8.52
C PHE B 1059 39.77 -27.76 7.55
N LEU B 1060 40.97 -28.10 7.99
CA LEU B 1060 41.81 -29.07 7.30
C LEU B 1060 41.77 -30.35 8.12
N HIS B 1061 41.05 -31.35 7.64
CA HIS B 1061 40.88 -32.62 8.34
C HIS B 1061 41.96 -33.58 7.85
N VAL B 1062 42.78 -34.07 8.78
CA VAL B 1062 43.81 -35.05 8.50
C VAL B 1062 43.26 -36.41 8.89
N THR B 1063 43.21 -37.32 7.92
CA THR B 1063 42.54 -38.60 8.09
C THR B 1063 43.39 -39.72 7.52
N TYR B 1064 43.19 -40.92 8.07
CA TYR B 1064 43.96 -42.11 7.72
C TYR B 1064 43.09 -43.01 6.85
N VAL B 1065 43.53 -43.28 5.62
CA VAL B 1065 42.74 -43.99 4.63
C VAL B 1065 43.52 -45.22 4.18
N PRO B 1066 42.99 -46.44 4.34
CA PRO B 1066 43.71 -47.61 3.81
C PRO B 1066 43.83 -47.54 2.30
N ALA B 1067 44.94 -48.06 1.79
CA ALA B 1067 45.28 -47.89 0.38
C ALA B 1067 45.27 -49.18 -0.44
N GLN B 1068 46.03 -50.19 -0.02
CA GLN B 1068 46.24 -51.39 -0.84
C GLN B 1068 45.72 -52.60 -0.08
N GLU B 1069 45.10 -53.53 -0.80
CA GLU B 1069 44.42 -54.64 -0.17
C GLU B 1069 44.91 -55.95 -0.78
N LYS B 1070 44.96 -56.98 0.06
CA LYS B 1070 45.29 -58.32 -0.37
C LYS B 1070 44.22 -59.30 0.12
N ASN B 1071 43.84 -60.21 -0.76
CA ASN B 1071 42.86 -61.25 -0.43
C ASN B 1071 43.53 -62.26 0.50
N PHE B 1072 42.88 -62.57 1.61
CA PHE B 1072 43.33 -63.62 2.50
C PHE B 1072 42.16 -64.53 2.84
N THR B 1073 42.49 -65.77 3.19
CA THR B 1073 41.51 -66.67 3.77
C THR B 1073 41.47 -66.46 5.28
N THR B 1074 40.27 -66.45 5.83
CA THR B 1074 40.06 -66.20 7.25
C THR B 1074 39.11 -67.22 7.84
N ALA B 1075 39.25 -67.45 9.13
CA ALA B 1075 38.32 -68.29 9.88
C ALA B 1075 38.08 -67.66 11.25
N PRO B 1076 36.86 -67.77 11.77
CA PRO B 1076 36.57 -67.06 13.03
C PRO B 1076 37.46 -67.45 14.18
N ALA B 1077 37.83 -68.72 14.28
CA ALA B 1077 38.57 -69.20 15.44
C ALA B 1077 39.51 -70.32 15.01
N ILE B 1078 40.33 -70.77 15.94
CA ILE B 1078 41.29 -71.85 15.69
C ILE B 1078 41.25 -72.82 16.86
N CYS B 1079 41.11 -74.10 16.56
CA CYS B 1079 41.11 -75.11 17.62
C CYS B 1079 42.48 -75.79 17.66
N HIS B 1080 43.09 -75.78 18.84
CA HIS B 1080 44.44 -76.30 19.01
C HIS B 1080 44.47 -77.59 19.81
N ASP B 1081 43.86 -77.61 20.99
CA ASP B 1081 43.83 -78.79 21.85
C ASP B 1081 42.41 -79.24 22.16
N GLY B 1082 41.48 -79.05 21.23
CA GLY B 1082 40.09 -79.31 21.48
C GLY B 1082 39.32 -78.13 22.04
N LYS B 1083 40.00 -77.03 22.36
CA LYS B 1083 39.37 -75.83 22.87
C LYS B 1083 39.52 -74.72 21.84
N ALA B 1084 38.41 -74.05 21.53
CA ALA B 1084 38.46 -72.98 20.54
C ALA B 1084 39.29 -71.81 21.07
N HIS B 1085 39.99 -71.13 20.16
CA HIS B 1085 40.76 -69.94 20.45
C HIS B 1085 40.29 -68.83 19.52
N PHE B 1086 39.91 -67.70 20.10
CA PHE B 1086 39.48 -66.53 19.33
C PHE B 1086 40.46 -65.39 19.52
N PRO B 1087 40.62 -64.52 18.53
CA PRO B 1087 41.61 -63.44 18.64
C PRO B 1087 41.22 -62.45 19.72
N ARG B 1088 42.20 -62.02 20.51
CA ARG B 1088 41.94 -60.94 21.46
C ARG B 1088 41.68 -59.64 20.73
N GLU B 1089 42.49 -59.32 19.74
CA GLU B 1089 42.31 -58.14 18.91
C GLU B 1089 42.66 -58.49 17.47
N GLY B 1090 41.89 -57.98 16.55
CA GLY B 1090 42.12 -58.28 15.15
C GLY B 1090 41.54 -59.62 14.75
N VAL B 1091 41.92 -60.05 13.54
CA VAL B 1091 41.30 -61.21 12.90
C VAL B 1091 42.37 -62.19 12.47
N PHE B 1092 41.94 -63.43 12.25
CA PHE B 1092 42.80 -64.48 11.75
C PHE B 1092 42.84 -64.44 10.23
N VAL B 1093 44.02 -64.69 9.68
CA VAL B 1093 44.24 -64.73 8.24
C VAL B 1093 45.12 -65.92 7.93
N SER B 1094 45.12 -66.33 6.67
CA SER B 1094 46.00 -67.37 6.18
C SER B 1094 46.57 -66.94 4.84
N ASN B 1095 47.88 -67.11 4.68
CA ASN B 1095 48.53 -66.83 3.42
C ASN B 1095 48.49 -68.03 2.48
N GLY B 1096 47.71 -69.05 2.80
CA GLY B 1096 47.60 -70.25 2.00
C GLY B 1096 48.30 -71.45 2.58
N THR B 1097 49.21 -71.24 3.54
CA THR B 1097 49.99 -72.33 4.11
C THR B 1097 50.00 -72.28 5.63
N HIS B 1098 49.93 -71.08 6.19
CA HIS B 1098 50.03 -70.89 7.62
C HIS B 1098 49.01 -69.86 8.07
N TRP B 1099 48.64 -69.91 9.36
CA TRP B 1099 47.68 -68.98 9.94
C TRP B 1099 48.40 -67.96 10.82
N PHE B 1100 47.93 -66.72 10.75
CA PHE B 1100 48.44 -65.63 11.56
C PHE B 1100 47.27 -64.82 12.10
N VAL B 1101 47.56 -63.99 13.09
CA VAL B 1101 46.59 -63.06 13.66
C VAL B 1101 47.09 -61.64 13.38
N THR B 1102 46.24 -60.83 12.78
CA THR B 1102 46.64 -59.49 12.39
C THR B 1102 45.60 -58.48 12.82
N GLN B 1103 46.07 -57.28 13.14
CA GLN B 1103 45.17 -56.19 13.50
C GLN B 1103 44.25 -55.87 12.32
N ARG B 1104 43.04 -55.42 12.63
CA ARG B 1104 42.00 -55.34 11.62
C ARG B 1104 42.35 -54.37 10.50
N ASN B 1105 42.95 -53.22 10.82
CA ASN B 1105 43.09 -52.13 9.87
C ASN B 1105 44.44 -52.06 9.19
N PHE B 1106 45.30 -53.05 9.39
CA PHE B 1106 46.64 -52.99 8.79
C PHE B 1106 47.29 -54.36 8.83
N TYR B 1107 47.79 -54.83 7.70
CA TYR B 1107 48.35 -56.16 7.63
C TYR B 1107 49.70 -56.21 8.34
N GLU B 1108 49.77 -56.96 9.43
CA GLU B 1108 51.01 -57.16 10.17
C GLU B 1108 50.95 -58.51 10.87
N PRO B 1109 51.13 -59.59 10.12
CA PRO B 1109 50.90 -60.92 10.70
C PRO B 1109 51.83 -61.21 11.86
N GLN B 1110 51.31 -61.95 12.83
CA GLN B 1110 52.08 -62.42 13.98
C GLN B 1110 51.74 -63.87 14.27
N ILE B 1111 52.67 -64.56 14.92
CA ILE B 1111 52.44 -65.95 15.29
C ILE B 1111 51.29 -66.01 16.30
N ILE B 1112 50.41 -66.99 16.13
CA ILE B 1112 49.27 -67.14 17.01
C ILE B 1112 49.74 -67.78 18.31
N THR B 1113 49.49 -67.10 19.43
CA THR B 1113 49.95 -67.55 20.72
C THR B 1113 48.82 -67.39 21.74
N THR B 1114 48.99 -68.05 22.90
CA THR B 1114 47.99 -67.94 23.93
C THR B 1114 47.85 -66.52 24.47
N ASP B 1115 48.81 -65.64 24.19
CA ASP B 1115 48.71 -64.23 24.55
C ASP B 1115 47.92 -63.42 23.54
N ASN B 1116 47.67 -63.97 22.35
CA ASN B 1116 46.89 -63.27 21.33
C ASN B 1116 45.48 -63.79 21.20
N THR B 1117 45.20 -64.99 21.72
CA THR B 1117 43.89 -65.60 21.62
C THR B 1117 43.43 -66.06 22.99
N PHE B 1118 42.12 -66.06 23.17
CA PHE B 1118 41.52 -66.52 24.41
C PHE B 1118 40.55 -67.66 24.10
N VAL B 1119 40.34 -68.50 25.10
CA VAL B 1119 39.64 -69.78 24.94
C VAL B 1119 38.20 -69.61 25.39
N SER B 1120 37.28 -70.15 24.61
CA SER B 1120 35.87 -70.15 24.97
C SER B 1120 35.18 -71.30 24.25
N GLY B 1121 34.65 -72.25 25.03
CA GLY B 1121 33.96 -73.37 24.43
C GLY B 1121 34.92 -74.36 23.77
N ASN B 1122 34.37 -75.14 22.84
CA ASN B 1122 35.12 -76.16 22.14
C ASN B 1122 34.82 -76.05 20.65
N CYS B 1123 35.48 -76.91 19.86
CA CYS B 1123 35.41 -76.82 18.40
C CYS B 1123 34.04 -77.19 17.86
N ASP B 1124 33.15 -77.76 18.66
CA ASP B 1124 31.92 -78.35 18.16
C ASP B 1124 30.80 -77.32 17.98
N VAL B 1125 31.04 -76.06 18.31
CA VAL B 1125 30.00 -75.03 18.27
C VAL B 1125 30.27 -74.00 17.18
N VAL B 1126 31.49 -73.49 17.09
CA VAL B 1126 31.80 -72.38 16.20
C VAL B 1126 31.59 -72.84 14.76
N ILE B 1127 30.96 -71.99 13.95
CA ILE B 1127 30.74 -72.28 12.55
C ILE B 1127 31.93 -71.76 11.76
N GLY B 1128 32.63 -72.66 11.06
CA GLY B 1128 33.76 -72.29 10.24
C GLY B 1128 35.10 -72.33 10.92
N ILE B 1129 35.18 -72.86 12.14
CA ILE B 1129 36.48 -72.97 12.81
C ILE B 1129 37.40 -73.80 11.96
N VAL B 1130 38.71 -73.54 12.07
CA VAL B 1130 39.71 -74.25 11.29
C VAL B 1130 40.76 -74.82 12.23
N ASN B 1131 41.35 -75.92 11.81
CA ASN B 1131 42.33 -76.65 12.62
C ASN B 1131 43.70 -76.03 12.46
N ASN B 1132 44.37 -75.81 13.58
CA ASN B 1132 45.75 -75.33 13.54
C ASN B 1132 46.35 -75.52 14.93
N THR B 1133 47.57 -75.02 15.11
CA THR B 1133 48.27 -75.08 16.39
C THR B 1133 48.49 -73.68 16.91
N VAL B 1134 48.33 -73.52 18.22
CA VAL B 1134 48.59 -72.26 18.91
C VAL B 1134 49.87 -72.43 19.71
N TYR B 1135 50.85 -71.59 19.44
CA TYR B 1135 52.13 -71.70 20.10
C TYR B 1135 52.03 -71.24 21.56
N ASP B 1136 52.74 -71.93 22.43
CA ASP B 1136 52.77 -71.61 23.86
C ASP B 1136 54.12 -71.00 24.21
N PRO B 1137 54.18 -69.71 24.53
CA PRO B 1137 55.46 -69.14 24.98
C PRO B 1137 56.01 -69.79 26.22
N LEU B 1138 55.15 -70.28 27.12
CA LEU B 1138 55.62 -70.85 28.38
C LEU B 1138 56.32 -72.19 28.19
N GLN B 1139 55.88 -72.99 27.21
CA GLN B 1139 56.38 -74.35 27.08
C GLN B 1139 57.89 -74.42 26.92
N PRO B 1140 58.53 -73.69 26.00
CA PRO B 1140 59.99 -73.82 25.85
C PRO B 1140 60.76 -73.43 27.09
N GLU B 1141 60.29 -72.47 27.87
CA GLU B 1141 61.00 -72.07 29.07
C GLU B 1141 61.07 -73.21 30.08
N LEU B 1142 59.97 -73.93 30.28
CA LEU B 1142 59.96 -75.06 31.20
C LEU B 1142 60.65 -76.28 30.61
N ASP B 1143 60.59 -76.45 29.28
CA ASP B 1143 61.26 -77.59 28.67
C ASP B 1143 62.77 -77.52 28.89
N SER B 1144 63.36 -76.33 28.75
CA SER B 1144 64.78 -76.14 28.95
C SER B 1144 65.11 -75.96 30.43
N ALA C 27 -49.78 -30.80 13.34
CA ALA C 27 -48.98 -32.01 13.50
C ALA C 27 -47.52 -31.76 13.09
N TYR C 28 -46.61 -32.52 13.69
CA TYR C 28 -45.19 -32.37 13.45
C TYR C 28 -44.56 -33.72 13.17
N THR C 29 -43.45 -33.70 12.42
CA THR C 29 -42.70 -34.90 12.13
C THR C 29 -41.21 -34.56 12.07
N ASN C 30 -40.39 -35.59 11.90
CA ASN C 30 -38.94 -35.43 11.85
C ASN C 30 -38.51 -35.20 10.41
N SER C 31 -37.94 -34.02 10.14
CA SER C 31 -37.51 -33.70 8.78
C SER C 31 -36.32 -34.52 8.32
N PHE C 32 -35.66 -35.24 9.23
CA PHE C 32 -34.51 -36.05 8.88
C PHE C 32 -33.50 -35.22 8.09
N THR C 33 -33.21 -35.62 6.85
CA THR C 33 -32.22 -34.96 6.01
C THR C 33 -32.84 -34.36 4.75
N ARG C 34 -34.16 -34.22 4.71
CA ARG C 34 -34.82 -33.66 3.53
C ARG C 34 -34.60 -32.15 3.48
N GLY C 35 -34.98 -31.57 2.35
CA GLY C 35 -34.79 -30.15 2.13
C GLY C 35 -33.49 -29.75 1.47
N VAL C 36 -32.80 -30.68 0.81
CA VAL C 36 -31.53 -30.42 0.15
C VAL C 36 -31.79 -30.25 -1.34
N TYR C 37 -31.27 -29.16 -1.90
CA TYR C 37 -31.42 -28.86 -3.32
C TYR C 37 -30.17 -28.13 -3.78
N TYR C 38 -29.94 -28.13 -5.09
CA TYR C 38 -28.75 -27.51 -5.62
C TYR C 38 -28.75 -26.01 -5.30
N PRO C 39 -27.66 -25.47 -4.76
CA PRO C 39 -27.71 -24.08 -4.27
C PRO C 39 -27.91 -23.07 -5.38
N ASP C 40 -27.19 -23.21 -6.48
CA ASP C 40 -27.22 -22.21 -7.55
C ASP C 40 -27.19 -22.96 -8.89
N LYS C 41 -26.99 -22.20 -9.97
CA LYS C 41 -27.03 -22.73 -11.32
C LYS C 41 -25.69 -23.27 -11.78
N VAL C 42 -24.58 -22.61 -11.40
CA VAL C 42 -23.27 -23.08 -11.79
C VAL C 42 -23.04 -24.48 -11.23
N PHE C 43 -22.40 -25.33 -12.03
CA PHE C 43 -22.15 -26.72 -11.67
C PHE C 43 -20.70 -26.90 -11.24
N ARG C 44 -20.50 -27.57 -10.11
CA ARG C 44 -19.19 -27.94 -9.60
C ARG C 44 -19.18 -29.44 -9.37
N SER C 45 -18.11 -30.11 -9.79
CA SER C 45 -18.02 -31.56 -9.74
C SER C 45 -16.96 -31.99 -8.73
N SER C 46 -17.27 -33.06 -7.99
CA SER C 46 -16.32 -33.72 -7.11
C SER C 46 -15.64 -32.74 -6.17
N VAL C 47 -16.41 -31.79 -5.63
CA VAL C 47 -15.90 -30.80 -4.69
C VAL C 47 -16.81 -30.81 -3.46
N LEU C 48 -16.23 -30.98 -2.28
CA LEU C 48 -16.99 -30.93 -1.04
C LEU C 48 -17.17 -29.46 -0.64
N HIS C 49 -18.00 -28.77 -1.43
CA HIS C 49 -18.13 -27.33 -1.30
C HIS C 49 -18.93 -26.97 -0.03
N SER C 50 -18.38 -26.03 0.75
CA SER C 50 -19.10 -25.44 1.88
C SER C 50 -19.77 -24.15 1.44
N THR C 51 -20.93 -24.30 0.81
CA THR C 51 -21.66 -23.17 0.26
C THR C 51 -22.60 -22.56 1.29
N GLN C 52 -22.89 -21.28 1.12
CA GLN C 52 -23.85 -20.59 1.98
C GLN C 52 -25.10 -20.27 1.18
N ASP C 53 -26.25 -20.66 1.70
CA ASP C 53 -27.53 -20.41 1.06
C ASP C 53 -28.64 -20.72 2.05
N LEU C 54 -29.88 -20.69 1.57
CA LEU C 54 -31.06 -21.00 2.38
C LEU C 54 -31.30 -22.50 2.32
N PHE C 55 -31.22 -23.15 3.47
CA PHE C 55 -31.40 -24.60 3.57
C PHE C 55 -32.36 -24.94 4.70
N LEU C 56 -33.02 -26.09 4.55
CA LEU C 56 -33.89 -26.61 5.59
C LEU C 56 -33.04 -27.23 6.69
N PRO C 57 -33.07 -26.70 7.91
CA PRO C 57 -32.26 -27.30 8.98
C PRO C 57 -32.62 -28.77 9.19
N PHE C 58 -31.59 -29.59 9.41
CA PHE C 58 -31.80 -31.01 9.57
C PHE C 58 -32.60 -31.30 10.83
N PHE C 59 -33.47 -32.31 10.75
CA PHE C 59 -34.27 -32.78 11.88
C PHE C 59 -35.19 -31.69 12.43
N SER C 60 -35.44 -30.64 11.65
CA SER C 60 -36.37 -29.61 12.07
C SER C 60 -37.81 -30.12 11.98
N ASN C 61 -38.68 -29.48 12.76
CA ASN C 61 -40.09 -29.84 12.77
C ASN C 61 -40.83 -29.13 11.65
N VAL C 62 -41.55 -29.91 10.85
CA VAL C 62 -42.31 -29.40 9.72
C VAL C 62 -43.78 -29.71 9.96
N THR C 63 -44.65 -28.74 9.63
CA THR C 63 -46.07 -28.94 9.87
C THR C 63 -46.61 -30.02 8.95
N TRP C 64 -47.43 -30.91 9.51
CA TRP C 64 -47.97 -32.06 8.80
C TRP C 64 -49.48 -31.86 8.64
N PHE C 65 -49.96 -31.89 7.40
CA PHE C 65 -51.37 -31.71 7.09
C PHE C 65 -51.92 -32.97 6.44
N HIS C 66 -53.17 -33.27 6.74
CA HIS C 66 -53.83 -34.46 6.19
C HIS C 66 -54.93 -34.06 5.22
N ASN C 81 -56.78 -25.13 5.89
CA ASN C 81 -55.82 -24.53 4.98
C ASN C 81 -55.57 -23.07 5.34
N PRO C 82 -55.04 -22.83 6.54
CA PRO C 82 -54.77 -21.44 6.97
C PRO C 82 -53.62 -20.83 6.19
N VAL C 83 -53.61 -19.50 6.14
CA VAL C 83 -52.54 -18.78 5.47
C VAL C 83 -51.23 -18.99 6.22
N LEU C 84 -50.13 -19.09 5.47
CA LEU C 84 -48.82 -19.35 6.04
C LEU C 84 -47.82 -18.31 5.52
N PRO C 85 -47.12 -17.60 6.40
CA PRO C 85 -46.08 -16.67 5.92
C PRO C 85 -44.99 -17.44 5.16
N PHE C 86 -44.49 -16.81 4.09
CA PHE C 86 -43.46 -17.45 3.29
C PHE C 86 -42.11 -17.44 3.99
N ASN C 87 -41.82 -16.37 4.72
CA ASN C 87 -40.55 -16.24 5.43
C ASN C 87 -39.37 -16.35 4.46
N VAL C 90 -39.59 -22.09 0.70
CA VAL C 90 -40.42 -23.03 1.45
C VAL C 90 -40.22 -24.44 0.92
N TYR C 91 -40.19 -25.41 1.84
CA TYR C 91 -40.06 -26.82 1.49
C TYR C 91 -41.42 -27.49 1.58
N PHE C 92 -41.79 -28.24 0.54
CA PHE C 92 -43.06 -28.94 0.50
C PHE C 92 -42.80 -30.41 0.19
N ALA C 93 -43.66 -31.28 0.71
CA ALA C 93 -43.57 -32.69 0.39
C ALA C 93 -44.97 -33.30 0.36
N SER C 94 -45.15 -34.29 -0.51
CA SER C 94 -46.43 -34.97 -0.64
C SER C 94 -46.19 -36.42 -1.02
N THR C 95 -47.16 -37.26 -0.69
CA THR C 95 -47.14 -38.69 -1.03
C THR C 95 -48.44 -39.05 -1.73
N GLU C 96 -48.35 -39.87 -2.76
CA GLU C 96 -49.52 -40.27 -3.55
C GLU C 96 -49.50 -41.76 -3.83
N ILE C 100 -54.14 -37.03 -5.83
CA ILE C 100 -55.09 -36.09 -5.25
C ILE C 100 -54.54 -34.68 -5.34
N ILE C 101 -53.33 -34.48 -4.83
CA ILE C 101 -52.68 -33.18 -4.89
C ILE C 101 -52.25 -32.94 -6.34
N ARG C 102 -52.81 -31.91 -6.96
CA ARG C 102 -52.59 -31.65 -8.38
C ARG C 102 -52.10 -30.25 -8.68
N GLY C 103 -51.98 -29.38 -7.69
CA GLY C 103 -51.54 -28.03 -7.98
C GLY C 103 -51.27 -27.21 -6.74
N TRP C 104 -50.68 -26.05 -6.98
CA TRP C 104 -50.30 -25.10 -5.93
C TRP C 104 -50.64 -23.69 -6.38
N ILE C 105 -50.87 -22.82 -5.39
CA ILE C 105 -51.12 -21.41 -5.61
C ILE C 105 -50.20 -20.63 -4.69
N PHE C 106 -49.61 -19.56 -5.22
CA PHE C 106 -48.72 -18.70 -4.46
C PHE C 106 -49.09 -17.24 -4.69
N GLY C 107 -49.07 -16.46 -3.62
CA GLY C 107 -49.41 -15.05 -3.72
C GLY C 107 -49.51 -14.42 -2.35
N THR C 108 -50.10 -13.23 -2.31
CA THR C 108 -50.28 -12.49 -1.07
C THR C 108 -51.74 -12.38 -0.65
N THR C 109 -52.66 -12.21 -1.60
CA THR C 109 -54.08 -12.09 -1.31
C THR C 109 -54.92 -13.18 -1.96
N LEU C 110 -54.53 -13.69 -3.13
CA LEU C 110 -55.26 -14.76 -3.81
C LEU C 110 -56.74 -14.39 -3.98
N ASP C 111 -56.99 -13.14 -4.35
CA ASP C 111 -58.36 -12.66 -4.59
C ASP C 111 -58.44 -11.82 -5.86
N SER C 112 -57.60 -12.11 -6.85
CA SER C 112 -57.54 -11.43 -8.14
C SER C 112 -57.01 -10.01 -8.04
N LYS C 113 -56.66 -9.53 -6.84
CA LYS C 113 -56.15 -8.17 -6.68
C LYS C 113 -54.67 -8.07 -6.99
N THR C 114 -53.96 -9.19 -7.10
CA THR C 114 -52.53 -9.19 -7.38
C THR C 114 -52.18 -10.45 -8.18
N GLN C 115 -50.99 -10.45 -8.74
CA GLN C 115 -50.52 -11.60 -9.52
C GLN C 115 -50.22 -12.77 -8.60
N SER C 116 -50.74 -13.94 -8.95
CA SER C 116 -50.57 -15.14 -8.15
C SER C 116 -50.16 -16.29 -9.05
N LEU C 117 -49.07 -16.96 -8.70
CA LEU C 117 -48.62 -18.13 -9.45
C LEU C 117 -49.59 -19.28 -9.22
N LEU C 118 -50.00 -19.92 -10.31
CA LEU C 118 -50.88 -21.09 -10.27
C LEU C 118 -50.23 -22.20 -11.08
N ILE C 119 -50.01 -23.34 -10.44
CA ILE C 119 -49.51 -24.54 -11.11
C ILE C 119 -50.56 -25.61 -10.94
N VAL C 120 -50.97 -26.24 -12.05
CA VAL C 120 -51.98 -27.28 -12.04
C VAL C 120 -51.46 -28.44 -12.88
N ASN C 121 -51.48 -29.65 -12.31
CA ASN C 121 -51.04 -30.84 -13.02
C ASN C 121 -52.14 -31.89 -13.03
N VAL C 126 -48.94 -30.45 -17.49
CA VAL C 126 -48.53 -29.44 -16.51
C VAL C 126 -48.81 -28.05 -17.05
N VAL C 127 -49.57 -27.26 -16.29
CA VAL C 127 -49.98 -25.93 -16.67
C VAL C 127 -49.47 -24.96 -15.61
N ILE C 128 -48.80 -23.90 -16.04
CA ILE C 128 -48.26 -22.87 -15.15
C ILE C 128 -48.70 -21.51 -15.66
N LYS C 129 -49.28 -20.71 -14.77
CA LYS C 129 -49.78 -19.38 -15.13
C LYS C 129 -49.48 -18.41 -14.00
N VAL C 130 -49.43 -17.12 -14.35
CA VAL C 130 -49.15 -16.07 -13.37
C VAL C 130 -50.24 -15.01 -13.43
N CYS C 131 -51.45 -15.41 -13.83
CA CYS C 131 -52.54 -14.47 -13.96
C CYS C 131 -53.05 -14.04 -12.58
N GLU C 132 -53.84 -12.97 -12.58
CA GLU C 132 -54.51 -12.50 -11.36
C GLU C 132 -55.86 -13.22 -11.24
N PHE C 133 -55.77 -14.53 -11.00
CA PHE C 133 -56.96 -15.36 -10.94
C PHE C 133 -57.84 -14.96 -9.76
N GLN C 134 -59.16 -15.07 -9.96
CA GLN C 134 -60.13 -14.90 -8.88
C GLN C 134 -60.47 -16.29 -8.35
N PHE C 135 -59.90 -16.64 -7.21
CA PHE C 135 -60.06 -17.97 -6.65
C PHE C 135 -61.29 -18.05 -5.75
N CYS C 136 -61.83 -19.25 -5.63
CA CYS C 136 -62.97 -19.50 -4.75
C CYS C 136 -62.53 -19.42 -3.29
N ASN C 137 -63.53 -19.40 -2.40
CA ASN C 137 -63.22 -19.37 -0.97
C ASN C 137 -62.43 -20.59 -0.55
N ASP C 138 -62.77 -21.77 -1.06
CA ASP C 138 -62.05 -23.00 -0.78
C ASP C 138 -61.70 -23.64 -2.11
N PRO C 139 -60.63 -23.17 -2.77
CA PRO C 139 -60.29 -23.71 -4.09
C PRO C 139 -60.04 -25.21 -4.04
N PHE C 140 -60.52 -25.90 -5.06
CA PHE C 140 -60.33 -27.34 -5.17
C PHE C 140 -60.71 -27.76 -6.59
N LEU C 141 -60.28 -28.96 -6.96
CA LEU C 141 -60.52 -29.51 -8.29
C LEU C 141 -61.38 -30.76 -8.15
N GLY C 142 -62.45 -30.83 -8.94
CA GLY C 142 -63.32 -31.99 -8.92
C GLY C 142 -62.90 -33.06 -9.91
N VAL C 143 -63.32 -34.28 -9.62
CA VAL C 143 -62.99 -35.42 -10.47
C VAL C 143 -64.12 -35.66 -11.47
N ASN C 165 -55.01 -10.40 -16.54
CA ASN C 165 -53.72 -9.71 -16.57
C ASN C 165 -52.58 -10.72 -16.40
N CYS C 166 -52.53 -11.70 -17.30
CA CYS C 166 -51.49 -12.72 -17.28
C CYS C 166 -50.18 -12.14 -17.80
N THR C 167 -49.08 -12.56 -17.18
CA THR C 167 -47.75 -12.21 -17.63
C THR C 167 -46.89 -13.43 -17.97
N PHE C 168 -47.46 -14.63 -17.90
CA PHE C 168 -46.75 -15.85 -18.26
C PHE C 168 -47.74 -17.00 -18.29
N GLU C 169 -47.55 -17.90 -19.26
CA GLU C 169 -48.36 -19.10 -19.37
C GLU C 169 -47.50 -20.22 -19.95
N TYR C 170 -47.64 -21.41 -19.37
CA TYR C 170 -46.91 -22.59 -19.83
C TYR C 170 -47.80 -23.81 -19.71
N VAL C 171 -47.72 -24.68 -20.72
CA VAL C 171 -48.52 -25.90 -20.73
C VAL C 171 -47.64 -27.07 -21.17
N LYS C 187 -47.47 -44.33 -2.89
CA LYS C 187 -46.49 -45.09 -3.67
C LYS C 187 -45.38 -44.19 -4.18
N ASN C 188 -45.70 -42.93 -4.42
CA ASN C 188 -44.76 -41.96 -4.99
C ASN C 188 -44.61 -40.79 -4.05
N LEU C 189 -43.38 -40.48 -3.68
CA LEU C 189 -43.06 -39.32 -2.86
C LEU C 189 -42.55 -38.22 -3.76
N ARG C 190 -43.22 -37.07 -3.72
CA ARG C 190 -42.85 -35.90 -4.51
C ARG C 190 -42.48 -34.78 -3.54
N GLU C 191 -41.20 -34.40 -3.55
CA GLU C 191 -40.72 -33.30 -2.74
C GLU C 191 -40.42 -32.11 -3.63
N PHE C 192 -40.68 -30.91 -3.13
CA PHE C 192 -40.43 -29.68 -3.87
C PHE C 192 -39.82 -28.63 -2.94
N VAL C 193 -39.05 -27.74 -3.54
CA VAL C 193 -38.47 -26.59 -2.88
C VAL C 193 -38.82 -25.37 -3.73
N PHE C 194 -39.45 -24.38 -3.11
CA PHE C 194 -39.83 -23.14 -3.79
C PHE C 194 -39.21 -21.98 -3.04
N LYS C 195 -38.41 -21.18 -3.73
CA LYS C 195 -37.81 -20.01 -3.09
C LYS C 195 -37.81 -18.83 -4.06
N ASN C 196 -37.69 -17.62 -3.50
CA ASN C 196 -37.67 -16.39 -4.26
C ASN C 196 -36.38 -15.64 -3.93
N ILE C 197 -35.50 -15.53 -4.90
CA ILE C 197 -34.22 -14.83 -4.75
C ILE C 197 -34.17 -13.73 -5.79
N ASP C 198 -34.17 -12.48 -5.35
CA ASP C 198 -34.02 -11.32 -6.23
C ASP C 198 -35.05 -11.36 -7.36
N GLY C 199 -36.28 -11.75 -7.02
CA GLY C 199 -37.35 -11.79 -7.98
C GLY C 199 -37.41 -13.05 -8.82
N TYR C 200 -36.47 -13.97 -8.66
CA TYR C 200 -36.46 -15.24 -9.37
C TYR C 200 -37.10 -16.30 -8.49
N PHE C 201 -38.16 -16.93 -9.00
CA PHE C 201 -38.82 -18.02 -8.30
C PHE C 201 -38.19 -19.33 -8.77
N LYS C 202 -37.36 -19.92 -7.91
CA LYS C 202 -36.65 -21.15 -8.22
C LYS C 202 -37.40 -22.33 -7.63
N ILE C 203 -37.59 -23.37 -8.45
CA ILE C 203 -38.32 -24.57 -8.08
C ILE C 203 -37.38 -25.75 -8.26
N TYR C 204 -37.27 -26.58 -7.23
CA TYR C 204 -36.56 -27.84 -7.28
C TYR C 204 -37.52 -28.93 -6.89
N SER C 205 -37.29 -30.15 -7.39
CA SER C 205 -38.24 -31.22 -7.09
C SER C 205 -37.54 -32.56 -7.25
N LYS C 206 -38.15 -33.57 -6.64
CA LYS C 206 -37.69 -34.95 -6.78
C LYS C 206 -38.86 -35.89 -6.55
N HIS C 207 -39.03 -36.83 -7.46
CA HIS C 207 -40.07 -37.86 -7.37
C HIS C 207 -39.40 -39.22 -7.22
N THR C 208 -39.85 -39.99 -6.24
CA THR C 208 -39.24 -41.28 -5.97
C THR C 208 -40.29 -42.30 -5.56
N PRO C 209 -40.21 -43.54 -6.04
CA PRO C 209 -41.17 -44.55 -5.57
C PRO C 209 -40.92 -44.89 -4.11
N ILE C 210 -42.02 -44.98 -3.36
CA ILE C 210 -41.96 -45.26 -1.93
C ILE C 210 -43.02 -46.28 -1.56
N ASN C 211 -42.80 -46.95 -0.42
CA ASN C 211 -43.79 -47.83 0.18
C ASN C 211 -43.91 -47.44 1.65
N LEU C 212 -44.74 -46.43 1.93
CA LEU C 212 -44.95 -45.95 3.29
C LEU C 212 -46.10 -44.96 3.26
N VAL C 213 -47.08 -45.17 4.15
CA VAL C 213 -48.27 -44.32 4.19
C VAL C 213 -48.29 -43.49 5.47
N ARG C 214 -47.66 -44.01 6.53
CA ARG C 214 -47.74 -43.34 7.83
C ARG C 214 -47.08 -41.97 7.79
N GLY C 215 -45.88 -41.86 7.21
CA GLY C 215 -45.16 -40.61 7.24
C GLY C 215 -44.07 -40.56 6.21
N LEU C 216 -43.25 -39.51 6.30
CA LEU C 216 -42.16 -39.32 5.36
C LEU C 216 -41.16 -40.47 5.49
N PRO C 217 -40.84 -41.16 4.39
CA PRO C 217 -39.76 -42.15 4.45
C PRO C 217 -38.45 -41.50 4.88
N GLN C 218 -37.69 -42.22 5.70
CA GLN C 218 -36.41 -41.74 6.17
C GLN C 218 -35.33 -42.04 5.14
N GLY C 219 -34.49 -41.06 4.89
CA GLY C 219 -33.43 -41.18 3.91
C GLY C 219 -33.01 -39.82 3.41
N PHE C 220 -32.13 -39.83 2.40
CA PHE C 220 -31.60 -38.61 1.82
C PHE C 220 -31.81 -38.64 0.32
N SER C 221 -32.18 -37.50 -0.24
CA SER C 221 -32.35 -37.34 -1.68
C SER C 221 -32.29 -35.87 -2.03
N ALA C 222 -31.49 -35.54 -3.04
CA ALA C 222 -31.35 -34.16 -3.48
C ALA C 222 -32.42 -33.81 -4.51
N LEU C 223 -32.87 -32.56 -4.48
CA LEU C 223 -33.85 -32.06 -5.42
C LEU C 223 -33.15 -31.19 -6.45
N GLU C 224 -33.15 -31.64 -7.69
CA GLU C 224 -32.53 -30.88 -8.77
C GLU C 224 -33.45 -29.76 -9.23
N PRO C 225 -32.89 -28.67 -9.74
CA PRO C 225 -33.74 -27.60 -10.28
C PRO C 225 -34.44 -28.05 -11.55
N LEU C 226 -35.66 -27.58 -11.73
CA LEU C 226 -36.41 -27.83 -12.95
C LEU C 226 -36.99 -26.57 -13.56
N VAL C 227 -37.37 -25.58 -12.76
CA VAL C 227 -38.00 -24.36 -13.24
C VAL C 227 -37.42 -23.17 -12.50
N ASP C 228 -37.20 -22.07 -13.23
CA ASP C 228 -36.73 -20.81 -12.64
C ASP C 228 -37.47 -19.69 -13.37
N LEU C 229 -38.48 -19.13 -12.71
CA LEU C 229 -39.32 -18.11 -13.33
C LEU C 229 -38.88 -16.75 -12.86
N PRO C 230 -38.32 -15.89 -13.73
CA PRO C 230 -37.94 -14.53 -13.31
C PRO C 230 -39.15 -13.62 -13.17
N ILE C 231 -40.05 -13.97 -12.26
CA ILE C 231 -41.33 -13.28 -12.16
C ILE C 231 -41.18 -11.94 -11.44
N GLY C 232 -40.33 -11.87 -10.42
CA GLY C 232 -40.20 -10.64 -9.66
C GLY C 232 -41.43 -10.29 -8.86
N ILE C 233 -42.10 -11.29 -8.27
CA ILE C 233 -43.33 -11.09 -7.50
C ILE C 233 -43.03 -11.36 -6.03
N ASN C 234 -43.57 -10.51 -5.15
CA ASN C 234 -43.42 -10.70 -3.72
C ASN C 234 -44.43 -11.73 -3.24
N ILE C 235 -43.94 -12.90 -2.84
CA ILE C 235 -44.78 -14.01 -2.40
C ILE C 235 -44.63 -14.13 -0.88
N THR C 236 -45.76 -14.10 -0.17
CA THR C 236 -45.78 -14.25 1.27
C THR C 236 -46.69 -15.38 1.76
N ARG C 237 -47.54 -15.94 0.89
CA ARG C 237 -48.48 -16.98 1.27
C ARG C 237 -48.66 -17.94 0.12
N PHE C 238 -49.13 -19.14 0.44
CA PHE C 238 -49.36 -20.18 -0.56
C PHE C 238 -50.42 -21.14 -0.05
N GLN C 239 -50.95 -21.94 -0.98
CA GLN C 239 -51.96 -22.93 -0.68
C GLN C 239 -51.85 -24.08 -1.67
N THR C 240 -52.39 -25.24 -1.28
CA THR C 240 -52.38 -26.44 -2.11
C THR C 240 -53.73 -26.63 -2.77
N LEU C 241 -53.78 -27.60 -3.69
CA LEU C 241 -55.01 -27.95 -4.40
C LEU C 241 -55.22 -29.45 -4.29
N HIS C 242 -56.41 -29.85 -3.87
CA HIS C 242 -56.75 -31.26 -3.75
C HIS C 242 -57.84 -31.65 -4.74
N ALA C 260 -54.29 -37.58 0.73
CA ALA C 260 -52.94 -37.17 0.32
C ALA C 260 -52.40 -36.11 1.27
N ALA C 261 -51.75 -36.57 2.34
CA ALA C 261 -51.16 -35.65 3.30
C ALA C 261 -49.92 -34.98 2.72
N TYR C 262 -49.55 -33.85 3.31
CA TYR C 262 -48.36 -33.12 2.88
C TYR C 262 -47.64 -32.54 4.09
N TYR C 263 -46.41 -32.09 3.85
CA TYR C 263 -45.55 -31.54 4.89
C TYR C 263 -44.97 -30.22 4.41
N VAL C 264 -44.93 -29.24 5.31
CA VAL C 264 -44.49 -27.88 5.00
C VAL C 264 -43.39 -27.48 5.99
N GLY C 265 -42.24 -27.07 5.46
CA GLY C 265 -41.14 -26.56 6.26
C GLY C 265 -40.60 -25.27 5.67
N TYR C 266 -39.67 -24.65 6.39
CA TYR C 266 -39.14 -23.34 6.05
C TYR C 266 -37.62 -23.37 5.98
N LEU C 267 -37.07 -22.70 4.97
CA LEU C 267 -35.63 -22.57 4.83
C LEU C 267 -35.09 -21.55 5.82
N GLN C 268 -33.81 -21.69 6.15
CA GLN C 268 -33.10 -20.78 7.03
C GLN C 268 -31.74 -20.45 6.42
N PRO C 269 -31.18 -19.29 6.74
CA PRO C 269 -29.82 -18.97 6.25
C PRO C 269 -28.74 -19.64 7.08
N ARG C 270 -28.04 -20.61 6.49
CA ARG C 270 -26.98 -21.31 7.18
C ARG C 270 -25.95 -21.79 6.18
N THR C 271 -24.74 -22.06 6.68
CA THR C 271 -23.73 -22.70 5.86
C THR C 271 -24.03 -24.18 5.72
N PHE C 272 -23.82 -24.73 4.53
CA PHE C 272 -24.10 -26.14 4.25
C PHE C 272 -22.98 -26.66 3.37
N LEU C 273 -22.34 -27.72 3.83
CA LEU C 273 -21.32 -28.39 3.02
C LEU C 273 -21.97 -29.45 2.15
N LEU C 274 -21.74 -29.36 0.85
CA LEU C 274 -22.32 -30.29 -0.11
C LEU C 274 -21.20 -31.00 -0.86
N LYS C 275 -21.57 -32.07 -1.55
CA LYS C 275 -20.63 -32.87 -2.31
C LYS C 275 -21.21 -33.15 -3.69
N TYR C 276 -20.32 -33.48 -4.61
CA TYR C 276 -20.71 -33.84 -5.97
C TYR C 276 -19.83 -35.00 -6.42
N ASN C 277 -19.92 -35.34 -7.70
CA ASN C 277 -19.14 -36.43 -8.26
C ASN C 277 -19.05 -36.24 -9.76
N GLU C 278 -18.57 -37.28 -10.46
CA GLU C 278 -18.50 -37.22 -11.91
C GLU C 278 -19.88 -37.03 -12.51
N ASN C 279 -20.87 -37.77 -12.01
CA ASN C 279 -22.25 -37.55 -12.44
C ASN C 279 -22.73 -36.16 -12.04
N GLY C 280 -22.30 -35.68 -10.89
CA GLY C 280 -22.70 -34.37 -10.41
C GLY C 280 -23.85 -34.39 -9.42
N THR C 281 -24.27 -35.55 -8.95
CA THR C 281 -25.35 -35.64 -7.98
C THR C 281 -24.88 -35.18 -6.61
N ILE C 282 -25.78 -34.54 -5.86
CA ILE C 282 -25.50 -34.16 -4.48
C ILE C 282 -25.75 -35.37 -3.60
N THR C 283 -24.69 -36.15 -3.35
CA THR C 283 -24.86 -37.39 -2.60
C THR C 283 -25.30 -37.11 -1.17
N ASP C 284 -24.72 -36.11 -0.52
CA ASP C 284 -25.00 -35.86 0.89
C ASP C 284 -24.75 -34.40 1.21
N ALA C 285 -25.33 -33.95 2.33
CA ALA C 285 -25.20 -32.58 2.79
C ALA C 285 -24.93 -32.56 4.29
N VAL C 286 -24.27 -31.50 4.74
CA VAL C 286 -23.89 -31.34 6.14
C VAL C 286 -24.30 -29.93 6.58
N ASP C 287 -25.09 -29.84 7.64
CA ASP C 287 -25.51 -28.55 8.19
C ASP C 287 -24.50 -28.12 9.25
N CYS C 288 -23.82 -27.00 9.01
CA CYS C 288 -22.74 -26.59 9.90
C CYS C 288 -23.26 -26.29 11.31
N ALA C 289 -24.43 -25.66 11.42
CA ALA C 289 -24.92 -25.18 12.70
C ALA C 289 -25.70 -26.21 13.49
N LEU C 290 -25.88 -27.42 12.96
CA LEU C 290 -26.71 -28.41 13.64
C LEU C 290 -26.15 -28.76 15.01
N ASP C 291 -24.84 -29.00 15.08
CA ASP C 291 -24.26 -29.48 16.32
C ASP C 291 -22.74 -29.45 16.24
N PRO C 292 -22.04 -29.62 17.36
CA PRO C 292 -20.57 -29.49 17.32
C PRO C 292 -19.91 -30.41 16.31
N LEU C 293 -20.39 -31.64 16.15
CA LEU C 293 -19.78 -32.54 15.18
C LEU C 293 -19.88 -31.97 13.77
N SER C 294 -21.04 -31.41 13.42
CA SER C 294 -21.20 -30.83 12.10
C SER C 294 -20.33 -29.58 11.95
N GLU C 295 -20.14 -28.83 13.03
CA GLU C 295 -19.21 -27.71 12.97
C GLU C 295 -17.80 -28.21 12.66
N THR C 296 -17.39 -29.31 13.29
CA THR C 296 -16.09 -29.89 12.99
C THR C 296 -16.01 -30.30 11.53
N LYS C 297 -17.06 -30.93 11.01
CA LYS C 297 -17.06 -31.33 9.62
C LYS C 297 -16.91 -30.14 8.69
N CYS C 298 -17.62 -29.05 8.99
CA CYS C 298 -17.54 -27.87 8.13
C CYS C 298 -16.16 -27.21 8.23
N THR C 299 -15.56 -27.24 9.42
CA THR C 299 -14.24 -26.65 9.59
C THR C 299 -13.19 -27.45 8.83
N LEU C 300 -13.16 -28.78 9.01
CA LEU C 300 -12.19 -29.59 8.29
C LEU C 300 -12.49 -29.62 6.80
N LYS C 301 -13.71 -29.26 6.40
CA LYS C 301 -14.17 -29.28 5.02
C LYS C 301 -14.23 -30.71 4.49
N SER C 302 -14.17 -31.71 5.35
CA SER C 302 -14.23 -33.11 4.94
C SER C 302 -15.31 -33.81 5.75
N PHE C 303 -16.04 -34.71 5.07
CA PHE C 303 -17.09 -35.45 5.76
C PHE C 303 -16.52 -36.28 6.90
N THR C 304 -15.38 -36.93 6.66
CA THR C 304 -14.76 -37.78 7.67
C THR C 304 -13.89 -36.94 8.59
N VAL C 305 -14.08 -37.11 9.90
CA VAL C 305 -13.30 -36.42 10.91
C VAL C 305 -12.50 -37.45 11.68
N GLU C 306 -11.17 -37.36 11.57
CA GLU C 306 -10.30 -38.30 12.28
C GLU C 306 -10.25 -37.94 13.76
N LYS C 307 -9.80 -38.90 14.55
CA LYS C 307 -9.72 -38.69 15.99
C LYS C 307 -8.87 -37.47 16.30
N GLY C 308 -9.33 -36.68 17.26
CA GLY C 308 -8.55 -35.54 17.70
C GLY C 308 -9.43 -34.42 18.20
N ILE C 309 -8.79 -33.30 18.51
CA ILE C 309 -9.46 -32.10 18.99
C ILE C 309 -9.27 -31.02 17.92
N TYR C 310 -10.38 -30.46 17.46
CA TYR C 310 -10.36 -29.44 16.41
C TYR C 310 -11.01 -28.17 16.96
N GLN C 311 -10.28 -27.05 16.87
CA GLN C 311 -10.80 -25.78 17.39
C GLN C 311 -11.83 -25.26 16.40
N THR C 312 -13.03 -25.83 16.47
CA THR C 312 -14.03 -25.56 15.45
C THR C 312 -14.55 -24.14 15.51
N SER C 313 -14.88 -23.61 16.69
CA SER C 313 -15.68 -22.39 16.72
C SER C 313 -15.17 -21.46 17.80
N ASN C 314 -15.74 -20.26 17.84
CA ASN C 314 -15.46 -19.27 18.86
C ASN C 314 -16.75 -18.92 19.57
N PHE C 315 -16.74 -19.01 20.90
CA PHE C 315 -17.92 -18.80 21.72
C PHE C 315 -17.86 -17.40 22.32
N ARG C 316 -18.86 -16.58 21.99
CA ARG C 316 -18.95 -15.20 22.44
C ARG C 316 -20.24 -15.02 23.23
N VAL C 317 -20.12 -14.54 24.47
CA VAL C 317 -21.31 -14.24 25.26
C VAL C 317 -22.03 -13.08 24.60
N GLN C 318 -23.30 -13.30 24.24
CA GLN C 318 -24.05 -12.33 23.47
C GLN C 318 -24.81 -11.41 24.41
N PRO C 319 -24.63 -10.09 24.33
CA PRO C 319 -25.35 -9.18 25.23
C PRO C 319 -26.83 -9.15 24.89
N THR C 320 -27.67 -9.09 25.92
CA THR C 320 -29.12 -9.04 25.70
C THR C 320 -29.69 -7.64 25.88
N GLU C 321 -29.14 -6.87 26.82
CA GLU C 321 -29.67 -5.55 27.15
C GLU C 321 -28.75 -4.46 26.62
N SER C 322 -29.31 -3.27 26.43
CA SER C 322 -28.55 -2.12 25.97
C SER C 322 -28.88 -0.91 26.84
N ILE C 323 -27.87 -0.11 27.14
CA ILE C 323 -27.98 1.05 28.02
C ILE C 323 -27.49 2.28 27.26
N VAL C 324 -28.28 3.34 27.28
CA VAL C 324 -27.92 4.61 26.68
C VAL C 324 -28.00 5.67 27.76
N ARG C 325 -26.86 6.28 28.10
CA ARG C 325 -26.80 7.33 29.11
C ARG C 325 -26.04 8.51 28.56
N PHE C 326 -26.76 9.61 28.31
CA PHE C 326 -26.19 10.87 27.88
C PHE C 326 -26.19 11.84 29.06
N PRO C 327 -25.46 12.95 28.97
CA PRO C 327 -25.53 13.95 30.02
C PRO C 327 -26.96 14.45 30.21
N ASN C 328 -27.36 14.58 31.47
CA ASN C 328 -28.70 15.07 31.81
C ASN C 328 -28.68 16.59 31.76
N ILE C 329 -28.72 17.12 30.54
CA ILE C 329 -28.67 18.56 30.30
C ILE C 329 -30.02 18.99 29.74
N THR C 330 -30.51 20.12 30.23
CA THR C 330 -31.86 20.61 29.90
C THR C 330 -31.73 21.98 29.22
N ASN C 331 -31.53 21.96 27.91
CA ASN C 331 -31.49 23.18 27.13
C ASN C 331 -31.38 22.81 25.66
N LEU C 332 -31.76 23.74 24.79
CA LEU C 332 -31.71 23.56 23.35
C LEU C 332 -30.64 24.46 22.78
N CYS C 333 -29.72 23.88 22.01
CA CYS C 333 -28.63 24.67 21.45
C CYS C 333 -29.17 25.70 20.47
N PRO C 334 -28.64 26.93 20.47
CA PRO C 334 -29.21 28.00 19.63
C PRO C 334 -28.71 27.97 18.19
N PHE C 335 -29.26 27.05 17.39
CA PHE C 335 -28.88 26.99 15.99
C PHE C 335 -29.49 28.15 15.20
N GLY C 336 -30.72 28.53 15.55
CA GLY C 336 -31.39 29.58 14.79
C GLY C 336 -30.65 30.89 14.81
N GLU C 337 -30.10 31.25 15.97
CA GLU C 337 -29.39 32.53 16.09
C GLU C 337 -28.25 32.62 15.09
N VAL C 338 -27.46 31.54 14.97
CA VAL C 338 -26.38 31.52 13.99
C VAL C 338 -26.96 31.51 12.58
N PHE C 339 -27.99 30.68 12.35
CA PHE C 339 -28.55 30.57 11.01
C PHE C 339 -29.54 31.68 10.72
N ASN C 340 -30.62 31.76 11.49
CA ASN C 340 -31.63 32.78 11.27
C ASN C 340 -31.14 34.14 11.77
N ALA C 341 -30.10 34.65 11.14
CA ALA C 341 -29.52 35.95 11.49
C ALA C 341 -29.79 36.94 10.36
N THR C 342 -30.10 38.19 10.74
CA THR C 342 -30.45 39.19 9.73
C THR C 342 -29.29 39.44 8.76
N ARG C 343 -28.08 39.57 9.28
CA ARG C 343 -26.93 39.91 8.44
C ARG C 343 -25.74 39.08 8.88
N PHE C 344 -24.96 38.64 7.91
CA PHE C 344 -23.75 37.85 8.14
C PHE C 344 -22.50 38.72 8.01
N ALA C 345 -21.43 38.25 8.63
CA ALA C 345 -20.17 38.97 8.60
C ALA C 345 -19.41 38.63 7.31
N SER C 346 -18.44 39.48 6.99
CA SER C 346 -17.64 39.26 5.79
C SER C 346 -16.77 38.02 5.95
N VAL C 347 -16.47 37.39 4.82
CA VAL C 347 -15.68 36.17 4.85
C VAL C 347 -14.30 36.44 5.43
N TYR C 348 -13.71 37.60 5.14
CA TYR C 348 -12.41 37.92 5.68
C TYR C 348 -12.45 38.07 7.19
N ALA C 349 -13.62 38.37 7.74
CA ALA C 349 -13.78 38.55 9.19
C ALA C 349 -14.87 37.62 9.70
N TRP C 350 -14.82 36.37 9.26
CA TRP C 350 -15.88 35.42 9.56
C TRP C 350 -16.18 35.37 11.05
N ASN C 351 -17.47 35.30 11.38
CA ASN C 351 -17.90 35.29 12.77
C ASN C 351 -17.85 33.88 13.33
N ARG C 352 -17.65 33.78 14.64
CA ARG C 352 -17.55 32.50 15.32
C ARG C 352 -18.41 32.53 16.57
N LYS C 353 -19.31 31.56 16.68
CA LYS C 353 -20.11 31.34 17.88
C LYS C 353 -19.67 30.04 18.54
N ARG C 354 -19.71 30.01 19.87
CA ARG C 354 -19.41 28.80 20.63
C ARG C 354 -20.70 28.26 21.22
N ILE C 355 -21.01 27.01 20.89
CA ILE C 355 -22.20 26.33 21.39
C ILE C 355 -21.77 25.36 22.49
N SER C 356 -22.32 25.54 23.69
CA SER C 356 -21.95 24.69 24.82
C SER C 356 -23.06 24.76 25.86
N ASN C 357 -23.00 23.82 26.81
CA ASN C 357 -23.99 23.75 27.89
C ASN C 357 -25.40 23.72 27.34
N CYS C 358 -25.62 22.89 26.32
CA CYS C 358 -26.93 22.79 25.69
C CYS C 358 -27.01 21.42 25.02
N VAL C 359 -28.23 21.02 24.69
CA VAL C 359 -28.49 19.77 23.98
C VAL C 359 -28.80 20.12 22.53
N ALA C 360 -27.94 19.68 21.63
CA ALA C 360 -28.08 19.98 20.22
C ALA C 360 -28.98 18.96 19.55
N ASP C 361 -29.69 19.41 18.52
CA ASP C 361 -30.53 18.55 17.69
C ASP C 361 -30.24 18.88 16.23
N TYR C 362 -29.38 18.09 15.60
CA TYR C 362 -29.03 18.30 14.20
C TYR C 362 -30.03 17.65 13.25
N SER C 363 -31.03 16.95 13.78
CA SER C 363 -32.03 16.33 12.92
C SER C 363 -32.77 17.38 12.11
N VAL C 364 -33.11 18.51 12.75
CA VAL C 364 -33.83 19.57 12.04
C VAL C 364 -32.99 20.11 10.89
N LEU C 365 -31.70 20.36 11.14
CA LEU C 365 -30.84 20.91 10.10
C LEU C 365 -30.71 19.95 8.93
N TYR C 366 -30.49 18.67 9.22
CA TYR C 366 -30.36 17.68 8.16
C TYR C 366 -31.65 17.54 7.36
N ASN C 367 -32.79 17.52 8.07
CA ASN C 367 -34.07 17.34 7.38
C ASN C 367 -34.45 18.55 6.55
N SER C 368 -34.03 19.75 6.96
CA SER C 368 -34.38 20.94 6.23
C SER C 368 -33.86 20.87 4.80
N ALA C 369 -34.72 21.18 3.85
CA ALA C 369 -34.37 21.19 2.44
C ALA C 369 -33.86 22.54 1.96
N SER C 370 -33.98 23.58 2.78
CA SER C 370 -33.54 24.91 2.35
C SER C 370 -32.05 24.95 2.08
N PHE C 371 -31.26 24.30 2.95
CA PHE C 371 -29.81 24.31 2.77
C PHE C 371 -29.46 23.75 1.40
N SER C 372 -28.77 24.57 0.60
CA SER C 372 -28.47 24.18 -0.77
C SER C 372 -27.46 23.03 -0.79
N THR C 373 -26.39 23.14 -0.01
CA THR C 373 -25.32 22.15 0.00
C THR C 373 -24.89 21.89 1.44
N PHE C 374 -25.08 20.66 1.90
CA PHE C 374 -24.61 20.24 3.21
C PHE C 374 -23.64 19.09 3.02
N LYS C 375 -22.36 19.34 3.32
CA LYS C 375 -21.31 18.34 3.15
C LYS C 375 -20.59 18.17 4.48
N CYS C 376 -20.60 16.94 5.01
CA CYS C 376 -19.98 16.64 6.28
C CYS C 376 -18.73 15.80 6.05
N TYR C 377 -17.61 16.26 6.58
CA TYR C 377 -16.34 15.56 6.49
C TYR C 377 -15.96 15.07 7.89
N GLY C 378 -15.73 13.77 8.02
CA GLY C 378 -15.39 13.17 9.28
C GLY C 378 -16.56 12.74 10.12
N VAL C 379 -17.79 13.05 9.71
CA VAL C 379 -18.98 12.67 10.45
C VAL C 379 -20.13 12.48 9.48
N SER C 380 -21.03 11.57 9.82
CA SER C 380 -22.19 11.29 8.99
C SER C 380 -23.33 12.24 9.35
N PRO C 381 -23.87 12.99 8.40
CA PRO C 381 -25.00 13.88 8.75
C PRO C 381 -26.18 13.11 9.32
N THR C 382 -26.44 11.91 8.80
CA THR C 382 -27.54 11.10 9.32
C THR C 382 -27.27 10.68 10.76
N LYS C 383 -26.03 10.31 11.07
CA LYS C 383 -25.67 9.81 12.39
C LYS C 383 -25.36 10.93 13.37
N LEU C 384 -25.43 12.19 12.93
CA LEU C 384 -25.11 13.30 13.83
C LEU C 384 -26.01 13.28 15.06
N ASN C 385 -27.21 12.73 14.93
CA ASN C 385 -28.20 12.78 16.01
C ASN C 385 -27.66 12.20 17.31
N ASP C 386 -26.75 11.23 17.23
CA ASP C 386 -26.28 10.53 18.41
C ASP C 386 -24.95 11.02 18.94
N LEU C 387 -24.01 11.39 18.06
CA LEU C 387 -22.67 11.73 18.51
C LEU C 387 -22.70 12.90 19.48
N CYS C 388 -21.97 12.76 20.58
CA CYS C 388 -21.71 13.85 21.51
C CYS C 388 -20.49 14.64 21.05
N PHE C 389 -20.33 15.83 21.62
CA PHE C 389 -19.19 16.68 21.29
C PHE C 389 -18.73 17.44 22.52
N THR C 390 -17.42 17.37 22.79
CA THR C 390 -16.85 18.13 23.88
C THR C 390 -16.81 19.62 23.59
N ASN C 391 -16.94 20.03 22.34
CA ASN C 391 -16.89 21.43 21.98
C ASN C 391 -17.38 21.59 20.55
N VAL C 392 -18.14 22.66 20.33
CA VAL C 392 -18.74 22.96 19.03
C VAL C 392 -18.43 24.40 18.68
N TYR C 393 -17.96 24.61 17.45
CA TYR C 393 -17.77 25.96 16.91
C TYR C 393 -18.67 26.13 15.71
N ALA C 394 -19.31 27.30 15.62
CA ALA C 394 -20.20 27.62 14.49
C ALA C 394 -19.65 28.87 13.83
N ASP C 395 -18.92 28.69 12.73
CA ASP C 395 -18.43 29.80 11.95
C ASP C 395 -19.47 30.19 10.92
N SER C 396 -19.59 31.49 10.68
CA SER C 396 -20.58 32.00 9.75
C SER C 396 -19.94 33.09 8.88
N PHE C 397 -20.31 33.09 7.60
CA PHE C 397 -19.86 34.15 6.70
C PHE C 397 -20.67 34.06 5.42
N VAL C 398 -20.30 34.88 4.43
CA VAL C 398 -20.96 34.91 3.13
C VAL C 398 -19.91 34.96 2.03
N ILE C 399 -20.11 34.16 0.99
CA ILE C 399 -19.26 34.14 -0.20
C ILE C 399 -20.16 34.08 -1.41
N ARG C 400 -19.57 33.88 -2.59
CA ARG C 400 -20.34 33.67 -3.81
C ARG C 400 -20.41 32.18 -4.12
N GLY C 401 -21.34 31.83 -5.01
CA GLY C 401 -21.63 30.42 -5.24
C GLY C 401 -20.42 29.63 -5.70
N ASP C 402 -19.67 30.17 -6.67
CA ASP C 402 -18.51 29.43 -7.17
C ASP C 402 -17.46 29.23 -6.10
N GLU C 403 -17.44 30.06 -5.06
CA GLU C 403 -16.50 29.91 -3.96
C GLU C 403 -16.97 28.92 -2.91
N VAL C 404 -18.19 28.39 -3.04
CA VAL C 404 -18.67 27.42 -2.05
C VAL C 404 -17.74 26.23 -1.99
N ARG C 405 -17.27 25.75 -3.14
CA ARG C 405 -16.35 24.62 -3.15
C ARG C 405 -15.07 24.95 -2.40
N GLN C 406 -14.64 26.22 -2.44
CA GLN C 406 -13.39 26.58 -1.80
C GLN C 406 -13.42 26.32 -0.29
N ILE C 407 -14.62 26.29 0.29
CA ILE C 407 -14.76 25.99 1.71
C ILE C 407 -14.84 24.47 1.87
N ALA C 408 -13.69 23.82 1.94
CA ALA C 408 -13.60 22.38 2.08
C ALA C 408 -12.24 22.03 2.66
N PRO C 409 -12.09 20.87 3.28
CA PRO C 409 -10.80 20.51 3.87
C PRO C 409 -9.70 20.46 2.81
N GLY C 410 -8.64 21.22 3.05
CA GLY C 410 -7.51 21.21 2.15
C GLY C 410 -7.71 21.91 0.84
N GLN C 411 -8.82 22.63 0.67
CA GLN C 411 -9.09 23.31 -0.58
C GLN C 411 -8.14 24.49 -0.77
N THR C 412 -8.02 24.92 -2.02
CA THR C 412 -7.20 26.07 -2.38
C THR C 412 -8.09 27.15 -2.99
N GLY C 413 -7.46 28.23 -3.42
CA GLY C 413 -8.15 29.38 -3.98
C GLY C 413 -8.06 30.59 -3.07
N ASN C 414 -8.55 31.72 -3.60
CA ASN C 414 -8.46 32.97 -2.85
C ASN C 414 -9.15 32.86 -1.50
N ILE C 415 -10.37 32.32 -1.47
CA ILE C 415 -11.10 32.20 -0.20
C ILE C 415 -10.38 31.25 0.74
N ALA C 416 -9.99 30.08 0.24
CA ALA C 416 -9.34 29.10 1.10
C ALA C 416 -7.96 29.56 1.54
N ASP C 417 -7.28 30.36 0.71
CA ASP C 417 -5.91 30.73 1.01
C ASP C 417 -5.80 31.97 1.87
N TYR C 418 -6.72 32.93 1.71
CA TYR C 418 -6.60 34.22 2.36
C TYR C 418 -7.80 34.59 3.25
N ASN C 419 -8.88 33.82 3.23
CA ASN C 419 -10.08 34.18 3.97
C ASN C 419 -10.47 33.17 5.02
N TYR C 420 -10.53 31.89 4.68
CA TYR C 420 -10.99 30.86 5.61
C TYR C 420 -10.46 29.52 5.15
N LYS C 421 -9.57 28.91 5.93
CA LYS C 421 -8.91 27.67 5.58
C LYS C 421 -9.28 26.59 6.57
N LEU C 422 -9.67 25.42 6.06
CA LEU C 422 -9.98 24.31 6.95
C LEU C 422 -8.76 23.41 7.12
N PRO C 423 -8.61 22.78 8.28
CA PRO C 423 -7.48 21.84 8.46
C PRO C 423 -7.68 20.58 7.64
N ASP C 424 -6.57 19.90 7.38
CA ASP C 424 -6.63 18.66 6.61
C ASP C 424 -7.48 17.61 7.32
N ASP C 425 -7.45 17.58 8.64
CA ASP C 425 -8.21 16.63 9.44
C ASP C 425 -9.49 17.24 9.97
N PHE C 426 -10.10 18.14 9.21
CA PHE C 426 -11.32 18.80 9.67
C PHE C 426 -12.39 17.77 9.96
N THR C 427 -13.04 17.92 11.11
CA THR C 427 -14.09 17.00 11.57
C THR C 427 -15.33 17.85 11.82
N GLY C 428 -16.15 18.03 10.78
CA GLY C 428 -17.32 18.86 10.92
C GLY C 428 -18.19 18.81 9.69
N CYS C 429 -19.03 19.83 9.56
CA CYS C 429 -19.95 19.95 8.44
C CYS C 429 -19.90 21.38 7.90
N VAL C 430 -20.23 21.50 6.62
CA VAL C 430 -20.33 22.79 5.95
C VAL C 430 -21.71 22.86 5.29
N ILE C 431 -22.50 23.85 5.69
CA ILE C 431 -23.85 24.04 5.16
C ILE C 431 -23.91 25.41 4.52
N ALA C 432 -24.14 25.44 3.21
CA ALA C 432 -24.21 26.68 2.45
C ALA C 432 -25.54 26.76 1.75
N TRP C 433 -26.13 27.95 1.76
CA TRP C 433 -27.41 28.17 1.12
C TRP C 433 -27.41 29.53 0.43
N ASN C 434 -27.95 29.58 -0.78
CA ASN C 434 -28.05 30.83 -1.51
C ASN C 434 -28.82 31.86 -0.70
N SER C 435 -28.31 33.09 -0.67
CA SER C 435 -28.94 34.19 0.04
C SER C 435 -29.19 35.36 -0.91
N ASN C 436 -29.57 35.03 -2.14
CA ASN C 436 -29.79 36.08 -3.15
C ASN C 436 -30.95 36.99 -2.77
N ASN C 437 -31.88 36.51 -1.94
CA ASN C 437 -33.02 37.31 -1.51
C ASN C 437 -32.70 38.14 -0.27
N LEU C 438 -31.52 37.99 0.32
CA LEU C 438 -31.15 38.72 1.52
C LEU C 438 -29.84 39.49 1.41
N ASP C 439 -28.89 39.02 0.61
CA ASP C 439 -27.56 39.63 0.56
C ASP C 439 -27.26 40.25 -0.80
N SER C 440 -28.29 40.53 -1.60
CA SER C 440 -28.13 41.16 -2.90
C SER C 440 -29.14 42.27 -3.05
N LYS C 441 -28.70 43.41 -3.57
CA LYS C 441 -29.57 44.54 -3.85
C LYS C 441 -29.36 45.01 -5.29
N VAL C 442 -30.39 45.65 -5.84
CA VAL C 442 -30.25 46.28 -7.14
C VAL C 442 -29.23 47.41 -7.03
N GLY C 443 -28.23 47.40 -7.91
CA GLY C 443 -27.13 48.32 -7.83
C GLY C 443 -25.91 47.78 -7.12
N GLY C 444 -25.99 46.59 -6.52
CA GLY C 444 -24.84 45.98 -5.90
C GLY C 444 -24.77 46.17 -4.40
N ASN C 445 -24.80 45.08 -3.65
CA ASN C 445 -24.64 45.12 -2.20
C ASN C 445 -23.16 44.94 -1.88
N TYR C 446 -22.50 46.04 -1.52
CA TYR C 446 -21.06 46.04 -1.24
C TYR C 446 -20.76 45.88 0.24
N ASN C 447 -21.75 45.49 1.05
CA ASN C 447 -21.52 45.31 2.48
C ASN C 447 -20.49 44.23 2.74
N TYR C 448 -20.54 43.14 1.99
CA TYR C 448 -19.68 41.99 2.23
C TYR C 448 -18.34 42.18 1.53
N LEU C 449 -17.26 41.80 2.21
CA LEU C 449 -15.90 41.96 1.73
C LEU C 449 -15.18 40.62 1.74
N TYR C 450 -13.96 40.64 1.19
CA TYR C 450 -13.11 39.45 1.18
C TYR C 450 -11.67 39.89 0.96
N ARG C 451 -10.74 39.16 1.58
CA ARG C 451 -9.33 39.47 1.43
C ARG C 451 -8.79 38.86 0.14
N LEU C 452 -8.15 39.70 -0.67
CA LEU C 452 -7.63 39.28 -1.97
C LEU C 452 -6.12 39.17 -2.01
N PHE C 453 -5.39 40.16 -1.50
CA PHE C 453 -3.93 40.19 -1.55
C PHE C 453 -3.42 40.04 -0.12
N ARG C 454 -3.22 38.80 0.31
CA ARG C 454 -2.72 38.48 1.64
C ARG C 454 -1.25 38.10 1.52
N LYS C 455 -0.38 38.91 2.13
CA LYS C 455 1.05 38.61 2.10
C LYS C 455 1.34 37.26 2.74
N SER C 456 0.74 37.00 3.90
CA SER C 456 0.91 35.74 4.60
C SER C 456 -0.34 34.89 4.40
N ASN C 457 -0.16 33.67 3.90
CA ASN C 457 -1.29 32.77 3.72
C ASN C 457 -1.89 32.40 5.06
N LEU C 458 -3.21 32.49 5.16
CA LEU C 458 -3.88 32.22 6.41
C LEU C 458 -3.70 30.76 6.82
N LYS C 459 -3.43 30.54 8.11
CA LYS C 459 -3.39 29.21 8.68
C LYS C 459 -4.80 28.72 8.93
N PRO C 460 -4.98 27.41 9.15
CA PRO C 460 -6.33 26.89 9.38
C PRO C 460 -6.98 27.57 10.56
N PHE C 461 -8.28 27.84 10.44
CA PHE C 461 -9.05 28.49 11.49
C PHE C 461 -8.36 29.77 11.95
N GLU C 462 -7.86 30.52 10.99
CA GLU C 462 -7.22 31.81 11.24
C GLU C 462 -8.02 32.91 10.56
N ARG C 463 -8.26 33.99 11.30
CA ARG C 463 -9.01 35.14 10.79
C ARG C 463 -8.08 36.33 10.72
N ASP C 464 -7.97 36.93 9.54
CA ASP C 464 -7.15 38.12 9.32
C ASP C 464 -8.07 39.27 8.98
N ILE C 465 -8.17 40.23 9.90
CA ILE C 465 -8.95 41.44 9.69
C ILE C 465 -8.04 42.62 9.35
N SER C 466 -6.77 42.38 9.10
CA SER C 466 -5.84 43.46 8.82
C SER C 466 -6.25 44.21 7.55
N THR C 467 -6.13 45.54 7.60
CA THR C 467 -6.44 46.39 6.46
C THR C 467 -5.19 47.10 5.93
N GLU C 468 -4.01 46.58 6.25
CA GLU C 468 -2.79 47.22 5.80
C GLU C 468 -2.67 47.14 4.29
N ILE C 469 -2.25 48.26 3.69
CA ILE C 469 -2.11 48.31 2.24
C ILE C 469 -1.09 47.28 1.80
N TYR C 470 -1.47 46.43 0.85
CA TYR C 470 -0.58 45.38 0.39
C TYR C 470 0.47 45.97 -0.53
N GLN C 471 1.74 45.82 -0.15
CA GLN C 471 2.86 46.34 -0.94
C GLN C 471 3.30 45.25 -1.91
N ALA C 472 2.81 45.34 -3.14
CA ALA C 472 3.14 44.36 -4.18
C ALA C 472 4.40 44.73 -4.96
N GLY C 473 5.03 45.84 -4.63
CA GLY C 473 6.22 46.27 -5.35
C GLY C 473 7.45 46.32 -4.47
N SER C 474 8.50 46.98 -4.95
CA SER C 474 9.75 47.06 -4.19
C SER C 474 9.65 48.11 -3.09
N THR C 475 9.27 49.33 -3.44
CA THR C 475 9.18 50.39 -2.45
C THR C 475 8.04 50.11 -1.47
N PRO C 476 8.17 50.54 -0.22
CA PRO C 476 7.07 50.36 0.74
C PRO C 476 5.91 51.28 0.45
N CYS C 477 4.87 51.21 1.28
CA CYS C 477 3.68 52.04 1.13
C CYS C 477 3.46 52.97 2.30
N ASN C 478 3.85 52.56 3.50
CA ASN C 478 3.70 53.40 4.70
C ASN C 478 2.24 53.82 4.88
N GLY C 479 1.34 52.88 4.62
CA GLY C 479 -0.08 53.17 4.73
C GLY C 479 -0.65 54.02 3.63
N VAL C 480 0.09 54.23 2.54
CA VAL C 480 -0.34 55.08 1.43
C VAL C 480 -0.64 54.19 0.24
N LYS C 481 -1.86 54.31 -0.28
CA LYS C 481 -2.28 53.49 -1.41
C LYS C 481 -1.70 54.05 -2.72
N GLY C 482 -1.89 53.30 -3.78
CA GLY C 482 -1.40 53.68 -5.09
C GLY C 482 -0.97 52.45 -5.87
N PHE C 483 -0.07 52.67 -6.82
CA PHE C 483 0.48 51.58 -7.60
C PHE C 483 1.39 50.72 -6.72
N ASN C 484 1.25 49.41 -6.83
CA ASN C 484 1.96 48.46 -5.97
C ASN C 484 1.63 48.68 -4.50
N CYS C 485 0.50 49.34 -4.22
CA CYS C 485 0.05 49.59 -2.85
C CYS C 485 -1.48 49.55 -2.89
N TYR C 486 -2.03 48.37 -2.61
CA TYR C 486 -3.45 48.10 -2.81
C TYR C 486 -4.10 47.75 -1.48
N PHE C 487 -5.36 48.15 -1.34
CA PHE C 487 -6.12 47.81 -0.14
C PHE C 487 -6.37 46.30 -0.10
N PRO C 488 -6.08 45.62 1.01
CA PRO C 488 -6.14 44.15 1.01
C PRO C 488 -7.53 43.60 0.79
N LEU C 489 -8.59 44.36 1.05
CA LEU C 489 -9.96 43.86 0.97
C LEU C 489 -10.63 44.36 -0.29
N GLN C 490 -11.55 43.54 -0.80
CA GLN C 490 -12.35 43.89 -1.97
C GLN C 490 -13.79 43.48 -1.68
N SER C 491 -14.75 44.25 -2.19
CA SER C 491 -16.15 44.06 -1.87
C SER C 491 -16.87 43.32 -2.99
N TYR C 492 -17.74 42.38 -2.60
CA TYR C 492 -18.68 41.80 -3.54
C TYR C 492 -19.81 42.80 -3.78
N GLY C 493 -20.02 43.16 -5.05
CA GLY C 493 -21.14 44.02 -5.39
C GLY C 493 -22.38 43.22 -5.71
N PHE C 494 -22.87 42.44 -4.74
CA PHE C 494 -23.93 41.48 -5.01
C PHE C 494 -25.14 42.16 -5.60
N GLN C 495 -25.53 41.73 -6.80
CA GLN C 495 -26.68 42.22 -7.53
C GLN C 495 -27.61 41.07 -7.87
N PRO C 496 -28.93 41.26 -7.78
CA PRO C 496 -29.85 40.14 -8.04
C PRO C 496 -29.77 39.60 -9.46
N THR C 497 -29.21 40.34 -10.41
CA THR C 497 -29.16 39.93 -11.79
C THR C 497 -27.91 39.12 -12.12
N TYR C 498 -26.98 38.96 -11.18
CA TYR C 498 -25.79 38.18 -11.44
C TYR C 498 -26.12 36.71 -11.55
N GLY C 499 -25.24 35.97 -12.24
CA GLY C 499 -25.39 34.54 -12.33
C GLY C 499 -25.14 33.85 -11.00
N VAL C 500 -25.61 32.61 -10.92
CA VAL C 500 -25.49 31.86 -9.66
C VAL C 500 -24.05 31.83 -9.18
N GLY C 501 -23.09 31.90 -10.10
CA GLY C 501 -21.70 31.90 -9.69
C GLY C 501 -21.33 33.09 -8.82
N TYR C 502 -21.87 34.27 -9.14
CA TYR C 502 -21.64 35.47 -8.37
C TYR C 502 -22.73 35.73 -7.34
N GLN C 503 -23.76 34.90 -7.30
CA GLN C 503 -24.84 35.14 -6.35
C GLN C 503 -24.37 34.88 -4.92
N PRO C 504 -24.90 35.62 -3.95
CA PRO C 504 -24.46 35.42 -2.56
C PRO C 504 -24.91 34.08 -2.00
N TYR C 505 -24.10 33.57 -1.08
CA TYR C 505 -24.38 32.33 -0.37
C TYR C 505 -23.92 32.49 1.07
N ARG C 506 -24.83 32.21 2.01
CA ARG C 506 -24.49 32.19 3.42
C ARG C 506 -23.94 30.80 3.77
N VAL C 507 -22.77 30.78 4.39
CA VAL C 507 -22.06 29.55 4.70
C VAL C 507 -21.88 29.46 6.21
N VAL C 508 -22.24 28.31 6.77
CA VAL C 508 -22.08 27.99 8.18
C VAL C 508 -21.23 26.74 8.28
N VAL C 509 -20.15 26.81 9.05
CA VAL C 509 -19.24 25.69 9.26
C VAL C 509 -19.39 25.26 10.71
N LEU C 510 -19.82 24.03 10.93
CA LEU C 510 -19.91 23.46 12.27
C LEU C 510 -18.68 22.57 12.49
N SER C 511 -17.79 23.00 13.37
CA SER C 511 -16.59 22.25 13.71
C SER C 511 -16.80 21.56 15.05
N PHE C 512 -16.56 20.24 15.09
CA PHE C 512 -16.78 19.43 16.27
C PHE C 512 -15.44 19.01 16.86
N GLU C 513 -15.37 18.96 18.18
CA GLU C 513 -14.23 18.36 18.89
C GLU C 513 -14.70 17.07 19.56
N LEU C 514 -14.15 15.95 19.15
CA LEU C 514 -14.50 14.64 19.69
C LEU C 514 -13.33 14.11 20.50
N LEU C 515 -13.59 13.77 21.76
CA LEU C 515 -12.56 13.25 22.64
C LEU C 515 -13.10 12.11 23.51
N ALA C 517 -13.02 13.89 27.37
CA ALA C 517 -13.44 15.08 28.11
C ALA C 517 -14.96 15.15 28.19
N PRO C 518 -15.48 15.84 29.21
CA PRO C 518 -16.94 15.93 29.35
C PRO C 518 -17.57 16.57 28.12
N ALA C 519 -18.76 16.09 27.76
CA ALA C 519 -19.44 16.52 26.55
C ALA C 519 -20.39 17.66 26.89
N THR C 520 -20.00 18.88 26.51
CA THR C 520 -20.88 20.02 26.72
C THR C 520 -22.14 19.92 25.88
N VAL C 521 -22.02 19.39 24.66
CA VAL C 521 -23.14 19.28 23.73
C VAL C 521 -23.30 17.82 23.35
N CYS C 522 -24.53 17.33 23.42
CA CYS C 522 -24.88 15.99 22.97
C CYS C 522 -26.19 16.05 22.20
N GLY C 523 -26.39 15.06 21.35
CA GLY C 523 -27.59 14.98 20.55
C GLY C 523 -28.79 14.58 21.38
N PRO C 524 -29.98 14.62 20.78
CA PRO C 524 -31.19 14.25 21.53
C PRO C 524 -31.25 12.75 21.73
N LYS C 525 -31.40 12.35 22.98
CA LYS C 525 -31.52 10.93 23.31
C LYS C 525 -32.21 10.79 24.66
N LYS C 526 -32.72 9.60 24.91
CA LYS C 526 -33.41 9.29 26.16
C LYS C 526 -32.50 8.44 27.03
N SER C 527 -32.04 9.03 28.14
CA SER C 527 -31.22 8.29 29.08
C SER C 527 -32.04 7.17 29.71
N THR C 528 -31.40 6.02 29.88
CA THR C 528 -32.02 4.84 30.45
C THR C 528 -31.30 4.45 31.74
N ASN C 529 -31.95 3.61 32.53
CA ASN C 529 -31.35 3.13 33.76
C ASN C 529 -30.21 2.16 33.44
N LEU C 530 -29.10 2.33 34.15
CA LEU C 530 -27.96 1.43 33.97
C LEU C 530 -28.22 0.09 34.66
N VAL C 531 -27.44 -0.91 34.27
CA VAL C 531 -27.53 -2.25 34.84
C VAL C 531 -26.14 -2.69 35.25
N LYS C 532 -25.99 -3.04 36.53
CA LYS C 532 -24.74 -3.56 37.03
C LYS C 532 -24.70 -5.08 36.86
N ASN C 533 -23.51 -5.60 36.59
CA ASN C 533 -23.30 -7.04 36.51
C ASN C 533 -24.19 -7.67 35.44
N LYS C 534 -24.00 -7.27 34.18
CA LYS C 534 -24.71 -7.89 33.07
C LYS C 534 -24.02 -7.54 31.75
N CYS C 535 -23.84 -8.53 30.89
CA CYS C 535 -23.24 -8.28 29.59
C CYS C 535 -24.22 -7.53 28.70
N VAL C 536 -23.99 -6.24 28.51
CA VAL C 536 -24.92 -5.36 27.82
C VAL C 536 -24.15 -4.39 26.95
N ASN C 537 -24.82 -3.88 25.93
CA ASN C 537 -24.29 -2.76 25.15
C ASN C 537 -24.43 -1.49 25.96
N PHE C 538 -23.56 -0.53 25.70
CA PHE C 538 -23.60 0.73 26.44
C PHE C 538 -23.12 1.86 25.56
N ASN C 539 -23.72 3.04 25.78
CA ASN C 539 -23.30 4.26 25.10
C ASN C 539 -23.17 5.37 26.14
N PHE C 540 -21.96 5.53 26.67
CA PHE C 540 -21.69 6.52 27.71
C PHE C 540 -21.11 7.78 27.09
N ASN C 541 -21.88 8.87 27.10
CA ASN C 541 -21.43 10.16 26.59
C ASN C 541 -21.02 10.07 25.13
N GLY C 542 -21.62 9.14 24.39
CA GLY C 542 -21.27 8.91 23.01
C GLY C 542 -20.19 7.87 22.79
N LEU C 543 -19.44 7.50 23.82
CA LEU C 543 -18.53 6.37 23.73
C LEU C 543 -19.34 5.08 23.66
N THR C 544 -19.20 4.34 22.57
CA THR C 544 -19.97 3.14 22.32
C THR C 544 -19.14 1.92 22.70
N GLY C 545 -19.77 0.95 23.33
CA GLY C 545 -19.08 -0.27 23.69
C GLY C 545 -20.06 -1.37 24.03
N THR C 546 -19.50 -2.55 24.28
CA THR C 546 -20.28 -3.74 24.64
C THR C 546 -19.52 -4.47 25.74
N GLY C 547 -20.05 -4.42 26.96
CA GLY C 547 -19.34 -5.02 28.09
C GLY C 547 -20.16 -4.99 29.35
N VAL C 548 -19.59 -5.61 30.38
CA VAL C 548 -20.23 -5.62 31.69
C VAL C 548 -19.87 -4.34 32.43
N LEU C 549 -20.89 -3.61 32.87
CA LEU C 549 -20.71 -2.37 33.63
C LEU C 549 -20.80 -2.72 35.10
N THR C 550 -19.67 -2.64 35.81
CA THR C 550 -19.59 -3.08 37.19
C THR C 550 -19.11 -1.94 38.08
N GLU C 551 -19.46 -2.02 39.36
CA GLU C 551 -18.91 -1.09 40.33
C GLU C 551 -17.40 -1.28 40.44
N SER C 552 -16.67 -0.17 40.53
CA SER C 552 -15.22 -0.18 40.58
C SER C 552 -14.75 0.41 41.90
N ASN C 553 -13.88 -0.31 42.60
CA ASN C 553 -13.29 0.22 43.82
C ASN C 553 -12.33 1.37 43.51
N LYS C 554 -11.62 1.28 42.39
CA LYS C 554 -10.67 2.32 42.03
C LYS C 554 -11.36 3.67 41.91
N LYS C 555 -10.74 4.69 42.48
CA LYS C 555 -11.32 6.04 42.51
C LYS C 555 -10.58 6.91 41.51
N PHE C 556 -11.32 7.42 40.52
CA PHE C 556 -10.75 8.37 39.58
C PHE C 556 -10.40 9.67 40.28
N LEU C 557 -9.51 10.43 39.65
CA LEU C 557 -9.30 11.80 40.08
C LEU C 557 -10.52 12.63 39.74
N PRO C 558 -10.76 13.73 40.47
CA PRO C 558 -11.99 14.51 40.21
C PRO C 558 -12.13 14.95 38.77
N PHE C 559 -11.03 15.32 38.12
CA PHE C 559 -11.11 15.74 36.72
C PHE C 559 -11.31 14.54 35.79
N GLN C 560 -10.73 13.40 36.15
CA GLN C 560 -10.70 12.25 35.24
C GLN C 560 -12.11 11.76 34.92
N GLN C 561 -12.34 11.46 33.65
CA GLN C 561 -13.63 10.92 33.20
C GLN C 561 -13.48 9.52 32.61
N PHE C 562 -12.64 9.33 31.60
CA PHE C 562 -12.47 8.03 30.96
C PHE C 562 -11.06 7.54 31.19
N GLY C 563 -10.94 6.34 31.76
CA GLY C 563 -9.65 5.74 32.06
C GLY C 563 -9.42 4.52 31.18
N ARG C 564 -8.19 4.41 30.68
CA ARG C 564 -7.79 3.30 29.84
C ARG C 564 -6.44 2.76 30.31
N ASP C 565 -6.31 1.44 30.27
CA ASP C 565 -5.10 0.77 30.72
C ASP C 565 -4.14 0.59 29.54
N ILE C 566 -3.08 -0.19 29.73
CA ILE C 566 -2.11 -0.42 28.67
C ILE C 566 -2.81 -0.89 27.40
N ALA C 567 -3.88 -1.65 27.54
CA ALA C 567 -4.63 -2.08 26.36
C ALA C 567 -5.19 -0.89 25.59
N ASP C 568 -5.32 0.26 26.24
CA ASP C 568 -5.82 1.51 25.69
C ASP C 568 -7.34 1.46 25.55
N THR C 569 -7.99 0.35 25.90
CA THR C 569 -9.43 0.30 25.92
C THR C 569 -9.97 1.14 27.07
N THR C 570 -11.21 1.60 26.93
CA THR C 570 -11.86 2.38 27.98
C THR C 570 -12.19 1.41 29.11
N ASP C 571 -11.19 1.17 29.96
CA ASP C 571 -11.37 0.20 31.04
C ASP C 571 -12.52 0.61 31.97
N ALA C 572 -12.58 1.90 32.31
CA ALA C 572 -13.60 2.40 33.21
C ALA C 572 -14.17 3.70 32.64
N VAL C 573 -15.41 4.00 33.02
CA VAL C 573 -16.11 5.19 32.55
C VAL C 573 -16.76 5.89 33.74
N ARG C 574 -17.09 7.15 33.54
CA ARG C 574 -17.79 7.96 34.53
C ARG C 574 -19.21 8.23 34.03
N ASP C 575 -20.20 7.71 34.73
CA ASP C 575 -21.58 7.86 34.29
C ASP C 575 -21.98 9.33 34.35
N PRO C 576 -22.52 9.90 33.27
CA PRO C 576 -22.86 11.33 33.31
C PRO C 576 -23.90 11.68 34.36
N GLN C 577 -24.94 10.86 34.51
CA GLN C 577 -25.99 11.17 35.46
C GLN C 577 -25.46 11.24 36.88
N THR C 578 -24.65 10.27 37.27
CA THR C 578 -24.03 10.23 38.58
C THR C 578 -22.55 9.94 38.44
N LEU C 579 -21.72 10.70 39.15
CA LEU C 579 -20.27 10.55 39.07
C LEU C 579 -19.87 9.27 39.80
N GLU C 580 -20.28 8.15 39.23
CA GLU C 580 -19.94 6.83 39.71
C GLU C 580 -19.03 6.15 38.70
N ILE C 581 -17.86 5.71 39.14
CA ILE C 581 -16.89 5.09 38.25
C ILE C 581 -17.30 3.65 38.02
N LEU C 582 -17.60 3.30 36.77
CA LEU C 582 -18.03 1.97 36.39
C LEU C 582 -16.93 1.31 35.58
N ASP C 583 -16.37 0.23 36.10
CA ASP C 583 -15.38 -0.52 35.36
C ASP C 583 -16.05 -1.39 34.31
N ILE C 584 -15.29 -1.71 33.27
CA ILE C 584 -15.77 -2.48 32.14
C ILE C 584 -14.84 -3.66 31.93
N THR C 585 -15.41 -4.86 31.85
CA THR C 585 -14.66 -6.06 31.57
C THR C 585 -15.20 -6.70 30.30
N PRO C 586 -14.34 -7.14 29.38
CA PRO C 586 -14.85 -7.82 28.18
C PRO C 586 -15.68 -9.03 28.57
N CYS C 587 -16.76 -9.25 27.82
CA CYS C 587 -17.62 -10.39 28.10
C CYS C 587 -16.90 -11.68 27.76
N SER C 588 -17.18 -12.72 28.55
CA SER C 588 -16.46 -13.99 28.43
C SER C 588 -16.45 -14.46 26.99
N PHE C 589 -15.25 -14.62 26.45
CA PHE C 589 -15.06 -15.15 25.10
C PHE C 589 -14.09 -16.33 25.18
N GLY C 590 -14.31 -17.31 24.31
CA GLY C 590 -13.44 -18.47 24.34
C GLY C 590 -13.44 -19.18 22.99
N GLY C 591 -12.68 -20.25 22.93
CA GLY C 591 -12.61 -21.09 21.75
C GLY C 591 -13.26 -22.44 22.01
N VAL C 592 -14.35 -22.68 21.29
CA VAL C 592 -15.04 -23.97 21.36
C VAL C 592 -14.24 -24.97 20.55
N SER C 593 -13.60 -25.91 21.25
CA SER C 593 -12.82 -26.98 20.64
C SER C 593 -13.61 -28.27 20.74
N VAL C 594 -13.92 -28.86 19.59
CA VAL C 594 -14.67 -30.11 19.54
C VAL C 594 -13.67 -31.25 19.66
N ILE C 595 -13.80 -32.05 20.71
CA ILE C 595 -13.01 -33.26 20.89
C ILE C 595 -13.84 -34.42 20.37
N THR C 596 -13.37 -35.06 19.30
CA THR C 596 -14.12 -36.12 18.67
C THR C 596 -13.24 -37.34 18.46
N PRO C 597 -13.67 -38.52 18.87
CA PRO C 597 -13.03 -39.74 18.37
C PRO C 597 -13.35 -39.91 16.90
N GLY C 598 -12.53 -40.70 16.22
CA GLY C 598 -12.72 -40.88 14.79
C GLY C 598 -14.15 -41.26 14.46
N THR C 599 -14.67 -40.65 13.39
CA THR C 599 -16.05 -40.92 12.99
C THR C 599 -16.27 -42.40 12.75
N ASN C 600 -15.23 -43.12 12.34
CA ASN C 600 -15.36 -44.57 12.15
C ASN C 600 -15.77 -45.24 13.45
N THR C 601 -15.13 -44.88 14.56
CA THR C 601 -15.45 -45.51 15.83
C THR C 601 -16.84 -45.14 16.30
N SER C 602 -17.17 -43.86 16.27
CA SER C 602 -18.45 -43.39 16.80
C SER C 602 -18.67 -41.95 16.37
N ASN C 603 -19.84 -41.43 16.70
CA ASN C 603 -20.18 -40.03 16.44
C ASN C 603 -20.47 -39.25 17.71
N GLN C 604 -20.32 -39.87 18.89
CA GLN C 604 -20.43 -39.12 20.14
C GLN C 604 -19.25 -38.17 20.26
N VAL C 605 -19.51 -36.94 20.68
CA VAL C 605 -18.53 -35.86 20.62
C VAL C 605 -18.59 -35.04 21.90
N ALA C 606 -17.43 -34.74 22.47
CA ALA C 606 -17.34 -33.85 23.61
C ALA C 606 -16.89 -32.47 23.16
N VAL C 607 -17.09 -31.48 24.02
CA VAL C 607 -16.76 -30.10 23.70
C VAL C 607 -15.89 -29.53 24.82
N LEU C 608 -15.04 -28.57 24.47
CA LEU C 608 -14.15 -27.91 25.43
C LEU C 608 -14.24 -26.41 25.20
N TYR C 609 -14.88 -25.71 26.12
CA TYR C 609 -14.82 -24.27 26.15
C TYR C 609 -13.54 -23.83 26.86
N GLN C 610 -12.75 -23.03 26.16
CA GLN C 610 -11.40 -22.69 26.59
C GLN C 610 -11.43 -21.46 27.48
N GLY C 611 -10.69 -21.54 28.59
CA GLY C 611 -10.43 -20.37 29.43
C GLY C 611 -11.72 -19.72 29.91
N VAL C 612 -12.72 -20.55 30.21
CA VAL C 612 -13.97 -20.06 30.79
C VAL C 612 -14.38 -21.00 31.90
N ASN C 613 -15.15 -20.47 32.85
CA ASN C 613 -15.75 -21.26 33.90
C ASN C 613 -16.98 -21.99 33.37
N CYS C 614 -17.38 -23.04 34.08
CA CYS C 614 -18.56 -23.80 33.66
C CYS C 614 -19.83 -23.08 34.09
N THR C 615 -19.93 -21.79 33.78
CA THR C 615 -21.08 -20.99 34.16
C THR C 615 -21.79 -20.43 32.94
N GLU C 616 -21.03 -19.76 32.06
CA GLU C 616 -21.63 -19.10 30.91
C GLU C 616 -22.15 -20.10 29.90
N VAL C 617 -21.61 -21.31 29.90
CA VAL C 617 -22.06 -22.33 28.97
C VAL C 617 -23.55 -22.60 29.18
N ASN C 638 -23.10 -33.62 33.79
CA ASN C 638 -21.95 -34.32 33.21
C ASN C 638 -20.94 -33.31 32.67
N VAL C 639 -20.38 -32.52 33.57
CA VAL C 639 -19.48 -31.43 33.22
C VAL C 639 -18.23 -31.55 34.08
N PHE C 640 -17.06 -31.31 33.47
CA PHE C 640 -15.78 -31.41 34.14
C PHE C 640 -15.04 -30.09 34.01
N GLN C 641 -14.72 -29.47 35.14
CA GLN C 641 -13.97 -28.21 35.13
C GLN C 641 -12.48 -28.52 35.33
N THR C 642 -11.68 -28.25 34.31
CA THR C 642 -10.24 -28.48 34.36
C THR C 642 -9.53 -27.17 34.11
N ARG C 643 -8.21 -27.17 34.32
CA ARG C 643 -7.44 -25.95 34.12
C ARG C 643 -7.37 -25.53 32.67
N ALA C 644 -7.78 -26.38 31.74
CA ALA C 644 -7.89 -25.99 30.35
C ALA C 644 -9.20 -25.30 30.03
N GLY C 645 -10.18 -25.37 30.92
CA GLY C 645 -11.47 -24.78 30.70
C GLY C 645 -12.57 -25.70 31.17
N CYS C 646 -13.73 -25.61 30.51
CA CYS C 646 -14.89 -26.42 30.83
C CYS C 646 -15.02 -27.51 29.77
N LEU C 647 -15.11 -28.76 30.21
CA LEU C 647 -15.25 -29.90 29.33
C LEU C 647 -16.64 -30.49 29.51
N ILE C 648 -17.33 -30.72 28.39
CA ILE C 648 -18.71 -31.22 28.40
C ILE C 648 -18.77 -32.49 27.58
N GLY C 649 -19.41 -33.52 28.13
CA GLY C 649 -19.64 -34.77 27.45
C GLY C 649 -18.68 -35.88 27.84
N ALA C 650 -17.61 -35.55 28.55
CA ALA C 650 -16.62 -36.54 28.95
C ALA C 650 -16.78 -36.86 30.42
N GLU C 651 -16.92 -38.13 30.74
CA GLU C 651 -17.09 -38.57 32.11
C GLU C 651 -15.73 -38.68 32.80
N HIS C 652 -15.53 -37.89 33.85
CA HIS C 652 -14.26 -37.88 34.56
C HIS C 652 -14.04 -39.23 35.22
N VAL C 653 -12.82 -39.77 35.08
CA VAL C 653 -12.45 -41.06 35.63
C VAL C 653 -11.27 -40.88 36.56
N ASN C 654 -11.35 -41.49 37.75
CA ASN C 654 -10.21 -41.51 38.66
C ASN C 654 -9.03 -42.27 38.08
N ASN C 655 -9.29 -43.40 37.43
CA ASN C 655 -8.22 -44.25 36.95
C ASN C 655 -7.42 -43.54 35.86
N SER C 656 -6.10 -43.67 35.91
CA SER C 656 -5.21 -43.04 34.95
C SER C 656 -4.82 -44.02 33.85
N TYR C 657 -4.51 -43.48 32.68
CA TYR C 657 -4.16 -44.27 31.52
C TYR C 657 -3.19 -43.47 30.65
N GLU C 658 -2.85 -44.04 29.50
CA GLU C 658 -2.00 -43.34 28.55
C GLU C 658 -2.82 -42.34 27.74
N CYS C 659 -2.21 -41.19 27.44
CA CYS C 659 -2.91 -40.15 26.71
C CYS C 659 -3.25 -40.60 25.30
N ASP C 660 -4.50 -40.36 24.89
CA ASP C 660 -4.95 -40.72 23.55
C ASP C 660 -5.28 -39.46 22.74
N ILE C 661 -6.16 -38.60 23.24
CA ILE C 661 -6.52 -37.35 22.57
C ILE C 661 -6.18 -36.21 23.53
N PRO C 662 -5.11 -35.46 23.29
CA PRO C 662 -4.66 -34.49 24.30
C PRO C 662 -5.58 -33.28 24.38
N ILE C 663 -5.91 -32.89 25.61
CA ILE C 663 -6.69 -31.70 25.89
C ILE C 663 -5.82 -30.60 26.49
N GLY C 664 -5.04 -30.94 27.53
CA GLY C 664 -4.13 -29.98 28.11
C GLY C 664 -4.12 -29.99 29.62
N ALA C 665 -3.10 -29.37 30.20
CA ALA C 665 -2.97 -29.29 31.65
C ALA C 665 -2.94 -30.67 32.28
N GLY C 666 -2.36 -31.62 31.57
CA GLY C 666 -2.27 -32.98 32.05
C GLY C 666 -3.51 -33.82 31.84
N ILE C 667 -4.55 -33.26 31.23
CA ILE C 667 -5.80 -33.97 30.98
C ILE C 667 -5.82 -34.43 29.53
N CYS C 668 -6.08 -35.71 29.33
CA CYS C 668 -6.27 -36.25 28.00
C CYS C 668 -7.59 -37.02 27.97
N ALA C 669 -8.13 -37.19 26.76
CA ALA C 669 -9.43 -37.80 26.57
C ALA C 669 -9.32 -39.00 25.64
N SER C 670 -10.28 -39.90 25.77
CA SER C 670 -10.31 -41.10 24.94
C SER C 670 -11.72 -41.67 24.99
N TYR C 671 -11.91 -42.79 24.32
CA TYR C 671 -13.19 -43.50 24.29
C TYR C 671 -12.96 -44.89 24.88
N GLN C 672 -13.76 -45.24 25.89
CA GLN C 672 -13.65 -46.54 26.52
C GLN C 672 -14.99 -46.97 27.10
N GLN C 687 -19.94 -47.99 26.35
CA GLN C 687 -18.73 -47.21 26.14
C GLN C 687 -19.07 -45.72 26.01
N SER C 688 -18.11 -44.87 26.35
CA SER C 688 -18.33 -43.42 26.32
C SER C 688 -16.97 -42.74 26.31
N ILE C 689 -17.01 -41.42 26.14
CA ILE C 689 -15.80 -40.61 26.17
C ILE C 689 -15.43 -40.31 27.62
N ILE C 690 -14.18 -40.56 27.98
CA ILE C 690 -13.69 -40.29 29.32
C ILE C 690 -12.49 -39.36 29.24
N ALA C 691 -12.31 -38.59 30.31
CA ALA C 691 -11.22 -37.64 30.45
C ALA C 691 -10.48 -37.93 31.73
N TYR C 692 -9.15 -37.93 31.66
CA TYR C 692 -8.36 -38.43 32.78
C TYR C 692 -6.97 -37.81 32.73
N THR C 693 -6.31 -37.79 33.89
CA THR C 693 -4.91 -37.40 33.92
C THR C 693 -4.07 -38.52 33.31
N MET C 694 -3.17 -38.13 32.40
CA MET C 694 -2.39 -39.12 31.68
C MET C 694 -1.45 -39.86 32.63
N SER C 695 -1.15 -41.12 32.29
CA SER C 695 -0.46 -42.00 33.22
C SER C 695 1.03 -41.69 33.31
N LEU C 696 1.65 -41.29 32.20
CA LEU C 696 3.09 -41.09 32.07
C LEU C 696 3.85 -42.40 32.07
N GLY C 697 3.18 -43.53 31.89
CA GLY C 697 3.82 -44.83 31.89
C GLY C 697 3.58 -45.57 33.18
N VAL C 698 4.07 -46.80 33.20
CA VAL C 698 3.93 -47.66 34.36
C VAL C 698 4.93 -47.24 35.43
N GLU C 699 4.64 -47.59 36.68
CA GLU C 699 5.55 -47.30 37.78
C GLU C 699 6.54 -48.44 37.96
N ASN C 700 7.71 -48.12 38.48
CA ASN C 700 8.77 -49.11 38.66
C ASN C 700 9.65 -48.68 39.82
N SER C 701 10.33 -49.65 40.41
CA SER C 701 11.31 -49.38 41.46
C SER C 701 12.47 -50.37 41.31
N VAL C 702 13.69 -49.84 41.29
CA VAL C 702 14.88 -50.65 41.05
C VAL C 702 15.42 -51.14 42.38
N ALA C 703 15.66 -52.45 42.47
CA ALA C 703 16.14 -53.05 43.70
C ALA C 703 17.62 -52.74 43.87
N TYR C 704 17.90 -51.45 44.10
CA TYR C 704 19.27 -50.99 44.24
C TYR C 704 19.79 -51.24 45.64
N SER C 705 21.05 -51.64 45.73
CA SER C 705 21.72 -51.79 47.02
C SER C 705 23.22 -51.71 46.77
N ASN C 706 23.97 -51.44 47.82
CA ASN C 706 25.39 -51.17 47.63
C ASN C 706 26.19 -52.38 47.19
N ASN C 707 25.60 -53.58 47.20
CA ASN C 707 26.34 -54.76 46.78
C ASN C 707 25.50 -55.71 45.94
N SER C 708 24.68 -55.19 45.03
CA SER C 708 23.82 -56.02 44.19
C SER C 708 23.87 -55.51 42.76
N ILE C 709 24.19 -56.39 41.82
CA ILE C 709 24.29 -56.04 40.40
C ILE C 709 23.50 -57.05 39.59
N ALA C 710 22.68 -56.56 38.67
CA ALA C 710 21.93 -57.41 37.76
C ALA C 710 22.71 -57.53 36.46
N ILE C 711 22.88 -58.75 35.97
CA ILE C 711 23.61 -59.03 34.74
C ILE C 711 22.68 -59.71 33.77
N PRO C 712 22.61 -59.27 32.51
CA PRO C 712 21.75 -59.96 31.55
C PRO C 712 22.36 -61.28 31.12
N THR C 713 21.51 -62.30 31.03
CA THR C 713 21.95 -63.61 30.58
C THR C 713 21.57 -63.92 29.15
N ASN C 714 20.64 -63.15 28.57
CA ASN C 714 20.17 -63.41 27.22
C ASN C 714 20.05 -62.08 26.50
N PHE C 715 19.84 -62.14 25.19
CA PHE C 715 19.83 -60.92 24.40
C PHE C 715 18.77 -61.05 23.30
N THR C 716 18.33 -59.90 22.80
CA THR C 716 17.44 -59.87 21.67
C THR C 716 17.99 -58.90 20.65
N ILE C 717 17.89 -59.27 19.37
CA ILE C 717 18.28 -58.40 18.27
C ILE C 717 17.01 -57.78 17.72
N SER C 718 16.87 -56.48 17.91
CA SER C 718 15.64 -55.78 17.56
C SER C 718 15.90 -54.83 16.40
N VAL C 719 14.99 -54.82 15.45
CA VAL C 719 15.05 -53.94 14.29
C VAL C 719 13.97 -52.90 14.44
N THR C 720 14.38 -51.64 14.49
CA THR C 720 13.44 -50.53 14.62
C THR C 720 13.45 -49.70 13.36
N THR C 721 12.29 -49.16 13.01
CA THR C 721 12.09 -48.40 11.79
C THR C 721 12.01 -46.94 12.14
N GLU C 722 12.90 -46.13 11.59
CA GLU C 722 12.95 -44.69 11.82
C GLU C 722 12.79 -43.99 10.48
N ILE C 723 11.73 -43.19 10.35
CA ILE C 723 11.35 -42.56 9.09
C ILE C 723 11.69 -41.09 9.18
N LEU C 724 12.33 -40.55 8.12
CA LEU C 724 12.72 -39.16 8.09
C LEU C 724 12.34 -38.53 6.75
N PRO C 725 11.73 -37.34 6.76
CA PRO C 725 11.62 -36.58 5.51
C PRO C 725 12.99 -36.20 5.00
N VAL C 726 13.11 -36.09 3.68
CA VAL C 726 14.36 -35.70 3.04
C VAL C 726 14.16 -34.59 2.03
N SER C 727 13.10 -34.65 1.22
CA SER C 727 12.82 -33.63 0.22
C SER C 727 11.33 -33.37 0.18
N MET C 728 10.97 -32.24 -0.44
CA MET C 728 9.57 -31.86 -0.60
C MET C 728 9.31 -31.52 -2.06
N THR C 729 8.03 -31.32 -2.37
CA THR C 729 7.63 -31.02 -3.74
C THR C 729 8.36 -29.80 -4.27
N LYS C 730 8.89 -29.90 -5.49
CA LYS C 730 9.58 -28.79 -6.14
C LYS C 730 8.55 -27.95 -6.87
N THR C 731 7.93 -27.03 -6.13
CA THR C 731 6.93 -26.15 -6.72
C THR C 731 7.60 -24.97 -7.41
N SER C 732 6.89 -24.39 -8.38
CA SER C 732 7.35 -23.18 -9.05
C SER C 732 6.13 -22.40 -9.53
N VAL C 733 6.06 -21.13 -9.16
CA VAL C 733 4.92 -20.28 -9.46
C VAL C 733 5.39 -19.09 -10.26
N ASP C 734 4.73 -18.84 -11.38
CA ASP C 734 5.05 -17.67 -12.21
C ASP C 734 4.23 -16.49 -11.71
N CYS C 735 4.87 -15.59 -10.97
CA CYS C 735 4.13 -14.50 -10.35
C CYS C 735 3.30 -13.73 -11.39
N THR C 736 3.87 -13.51 -12.57
CA THR C 736 3.14 -12.78 -13.59
C THR C 736 1.84 -13.48 -13.96
N MET C 737 1.90 -14.78 -14.22
CA MET C 737 0.71 -15.50 -14.63
C MET C 737 -0.28 -15.67 -13.49
N TYR C 738 0.22 -15.94 -12.28
CA TYR C 738 -0.66 -16.10 -11.13
C TYR C 738 -1.41 -14.81 -10.83
N ILE C 739 -0.73 -13.67 -10.95
CA ILE C 739 -1.32 -12.40 -10.52
C ILE C 739 -2.15 -11.76 -11.62
N CYS C 740 -1.64 -11.76 -12.86
CA CYS C 740 -2.21 -10.98 -13.94
C CYS C 740 -2.35 -11.85 -15.18
N GLY C 741 -2.91 -13.04 -15.00
CA GLY C 741 -2.97 -14.01 -16.07
C GLY C 741 -3.56 -13.47 -17.35
N ASP C 742 -2.72 -13.35 -18.39
CA ASP C 742 -3.14 -13.02 -19.74
C ASP C 742 -3.74 -11.62 -19.86
N SER C 743 -3.56 -10.77 -18.85
CA SER C 743 -4.08 -9.41 -18.87
C SER C 743 -2.90 -8.45 -19.06
N THR C 744 -2.82 -7.83 -20.23
CA THR C 744 -1.73 -6.90 -20.50
C THR C 744 -1.77 -5.72 -19.54
N GLU C 745 -2.96 -5.16 -19.32
CA GLU C 745 -3.08 -4.01 -18.42
C GLU C 745 -2.67 -4.39 -17.01
N CYS C 746 -3.12 -5.55 -16.55
CA CYS C 746 -2.74 -6.01 -15.22
C CYS C 746 -1.24 -6.23 -15.13
N SER C 747 -0.64 -6.79 -16.18
CA SER C 747 0.82 -6.98 -16.17
C SER C 747 1.53 -5.64 -16.08
N ASN C 748 1.08 -4.65 -16.85
CA ASN C 748 1.72 -3.34 -16.80
C ASN C 748 1.60 -2.72 -15.42
N LEU C 749 0.41 -2.81 -14.81
CA LEU C 749 0.25 -2.27 -13.47
C LEU C 749 1.13 -2.99 -12.48
N LEU C 750 1.26 -4.32 -12.62
CA LEU C 750 2.12 -5.06 -11.71
C LEU C 750 3.57 -4.66 -11.87
N LEU C 751 3.99 -4.32 -13.08
CA LEU C 751 5.39 -3.98 -13.31
C LEU C 751 5.85 -2.88 -12.37
N GLN C 752 4.94 -1.98 -11.98
CA GLN C 752 5.32 -0.86 -11.14
C GLN C 752 5.93 -1.33 -9.82
N TYR C 753 5.34 -2.37 -9.22
CA TYR C 753 5.75 -2.81 -7.90
C TYR C 753 7.21 -3.26 -7.89
N GLY C 754 7.76 -3.53 -9.06
CA GLY C 754 9.20 -3.76 -9.15
C GLY C 754 9.56 -5.23 -9.05
N SER C 755 10.57 -5.51 -8.24
CA SER C 755 11.27 -6.80 -8.25
C SER C 755 10.62 -7.85 -7.35
N PHE C 756 9.39 -7.61 -6.91
CA PHE C 756 8.72 -8.63 -6.09
C PHE C 756 8.59 -9.94 -6.86
N CYS C 757 8.17 -9.88 -8.12
CA CYS C 757 8.01 -11.11 -8.88
C CYS C 757 9.35 -11.81 -9.07
N THR C 758 10.40 -11.06 -9.37
CA THR C 758 11.70 -11.66 -9.61
C THR C 758 12.22 -12.36 -8.35
N GLN C 759 12.12 -11.72 -7.20
CA GLN C 759 12.71 -12.33 -6.02
C GLN C 759 11.89 -13.51 -5.52
N LEU C 760 10.57 -13.50 -5.75
CA LEU C 760 9.79 -14.70 -5.46
C LEU C 760 10.22 -15.86 -6.35
N ASN C 761 10.38 -15.59 -7.66
CA ASN C 761 10.88 -16.64 -8.53
C ASN C 761 12.27 -17.11 -8.12
N ARG C 762 13.08 -16.24 -7.53
CA ARG C 762 14.40 -16.65 -7.05
C ARG C 762 14.29 -17.53 -5.81
N ALA C 763 13.43 -17.16 -4.86
CA ALA C 763 13.32 -17.93 -3.63
C ALA C 763 12.78 -19.33 -3.90
N LEU C 764 11.73 -19.44 -4.72
CA LEU C 764 11.19 -20.77 -5.00
C LEU C 764 12.21 -21.63 -5.74
N THR C 765 12.93 -21.05 -6.70
CA THR C 765 13.96 -21.80 -7.40
C THR C 765 15.06 -22.25 -6.45
N GLY C 766 15.41 -21.38 -5.50
CA GLY C 766 16.38 -21.77 -4.49
C GLY C 766 15.91 -22.95 -3.67
N ILE C 767 14.62 -22.95 -3.30
CA ILE C 767 14.08 -24.09 -2.56
C ILE C 767 14.21 -25.37 -3.39
N ALA C 768 13.87 -25.28 -4.67
CA ALA C 768 13.95 -26.48 -5.52
C ALA C 768 15.37 -27.02 -5.59
N VAL C 769 16.33 -26.14 -5.84
CA VAL C 769 17.72 -26.59 -5.95
C VAL C 769 18.18 -27.17 -4.62
N GLU C 770 17.77 -26.55 -3.52
CA GLU C 770 18.14 -27.08 -2.21
C GLU C 770 17.56 -28.47 -1.99
N GLN C 771 16.34 -28.71 -2.46
CA GLN C 771 15.75 -30.05 -2.30
C GLN C 771 16.56 -31.08 -3.07
N ASP C 772 16.96 -30.75 -4.29
CA ASP C 772 17.80 -31.68 -5.04
C ASP C 772 19.09 -31.95 -4.28
N LYS C 773 19.68 -30.89 -3.69
CA LYS C 773 20.90 -31.09 -2.92
C LYS C 773 20.66 -31.97 -1.70
N ASN C 774 19.51 -31.82 -1.06
CA ASN C 774 19.19 -32.65 0.11
C ASN C 774 19.21 -34.12 -0.28
N THR C 775 18.52 -34.44 -1.38
CA THR C 775 18.51 -35.83 -1.82
C THR C 775 19.94 -36.31 -2.10
N GLN C 776 20.73 -35.46 -2.76
CA GLN C 776 22.09 -35.85 -3.09
C GLN C 776 22.91 -36.15 -1.84
N GLU C 777 22.82 -35.29 -0.83
CA GLU C 777 23.60 -35.50 0.39
C GLU C 777 23.16 -36.75 1.12
N VAL C 778 21.84 -36.95 1.24
CA VAL C 778 21.38 -38.07 2.04
C VAL C 778 21.77 -39.39 1.39
N PHE C 779 21.62 -39.50 0.07
CA PHE C 779 21.79 -40.79 -0.56
C PHE C 779 23.15 -41.00 -1.22
N ALA C 780 23.65 -40.04 -1.99
CA ALA C 780 24.88 -40.26 -2.76
C ALA C 780 26.10 -40.12 -1.88
N GLN C 781 26.23 -41.03 -0.92
CA GLN C 781 27.38 -41.11 -0.04
C GLN C 781 28.29 -42.29 -0.35
N VAL C 782 27.97 -43.08 -1.37
CA VAL C 782 28.81 -44.19 -1.80
C VAL C 782 29.41 -43.81 -3.14
N LYS C 783 30.74 -43.87 -3.22
CA LYS C 783 31.42 -43.49 -4.45
C LYS C 783 31.09 -44.45 -5.59
N GLN C 784 31.05 -45.75 -5.30
CA GLN C 784 30.89 -46.78 -6.32
C GLN C 784 29.61 -47.53 -6.06
N ILE C 785 28.81 -47.73 -7.12
CA ILE C 785 27.60 -48.53 -6.99
C ILE C 785 28.01 -49.98 -6.82
N TYR C 786 27.95 -50.48 -5.59
CA TYR C 786 28.21 -51.89 -5.35
C TYR C 786 26.97 -52.71 -5.70
N LYS C 787 27.19 -54.00 -5.91
CA LYS C 787 26.09 -54.94 -6.06
C LYS C 787 26.35 -56.15 -5.19
N THR C 788 25.29 -56.69 -4.60
CA THR C 788 25.44 -57.83 -3.71
C THR C 788 25.97 -59.03 -4.49
N PRO C 789 26.74 -59.90 -3.85
CA PRO C 789 27.28 -61.04 -4.56
C PRO C 789 26.16 -61.98 -5.00
N PRO C 790 26.35 -62.73 -6.08
CA PRO C 790 25.29 -63.64 -6.53
C PRO C 790 24.92 -64.67 -5.47
N ILE C 791 25.88 -65.15 -4.69
CA ILE C 791 25.64 -66.18 -3.69
C ILE C 791 25.42 -65.48 -2.35
N LYS C 792 24.20 -65.57 -1.83
CA LYS C 792 23.84 -64.87 -0.59
C LYS C 792 23.93 -65.82 0.60
N ASP C 793 25.17 -66.19 0.92
CA ASP C 793 25.46 -66.98 2.12
C ASP C 793 25.97 -66.07 3.24
N PHE C 794 25.10 -65.17 3.69
CA PHE C 794 25.45 -64.18 4.70
C PHE C 794 25.32 -64.77 6.10
N GLY C 795 26.09 -65.83 6.35
CA GLY C 795 26.15 -66.39 7.67
C GLY C 795 24.79 -66.75 8.25
N GLY C 796 23.81 -67.05 7.39
CA GLY C 796 22.49 -67.39 7.85
C GLY C 796 21.53 -66.23 8.00
N PHE C 797 21.99 -65.00 7.85
CA PHE C 797 21.12 -63.84 7.91
C PHE C 797 20.44 -63.66 6.55
N ASN C 798 19.12 -63.52 6.57
CA ASN C 798 18.32 -63.48 5.36
C ASN C 798 17.90 -62.03 5.09
N PHE C 799 18.49 -61.43 4.05
CA PHE C 799 18.23 -60.03 3.71
C PHE C 799 17.30 -59.87 2.51
N SER C 800 16.72 -60.96 2.01
CA SER C 800 16.00 -60.87 0.75
C SER C 800 14.90 -59.82 0.80
N GLN C 801 14.34 -59.58 1.98
CA GLN C 801 13.26 -58.60 2.09
C GLN C 801 13.77 -57.19 1.85
N ILE C 802 15.03 -56.90 2.18
CA ILE C 802 15.56 -55.55 2.02
C ILE C 802 16.33 -55.35 0.72
N LEU C 803 16.84 -56.41 0.10
CA LEU C 803 17.61 -56.22 -1.12
C LEU C 803 16.68 -56.05 -2.32
N PRO C 804 17.19 -55.50 -3.42
CA PRO C 804 16.33 -55.27 -4.58
C PRO C 804 15.78 -56.57 -5.13
N ASP C 805 14.57 -56.49 -5.71
CA ASP C 805 13.95 -57.63 -6.37
C ASP C 805 14.11 -57.46 -7.87
N PRO C 806 14.92 -58.27 -8.54
CA PRO C 806 15.11 -58.07 -9.99
C PRO C 806 13.82 -58.23 -10.79
N SER C 807 12.83 -58.94 -10.26
CA SER C 807 11.62 -59.23 -11.03
C SER C 807 10.70 -58.03 -11.17
N LYS C 808 10.88 -56.99 -10.36
CA LYS C 808 10.00 -55.84 -10.44
C LYS C 808 10.39 -54.94 -11.60
N PRO C 809 9.43 -54.18 -12.15
CA PRO C 809 9.79 -53.23 -13.21
C PRO C 809 10.79 -52.19 -12.76
N SER C 810 10.77 -51.80 -11.49
CA SER C 810 11.76 -50.92 -10.90
C SER C 810 12.49 -51.69 -9.83
N LYS C 811 13.82 -51.64 -9.86
CA LYS C 811 14.64 -52.45 -8.95
C LYS C 811 14.54 -51.88 -7.53
N ARG C 812 13.40 -52.18 -6.90
CA ARG C 812 13.17 -51.84 -5.51
C ARG C 812 13.01 -53.11 -4.69
N SER C 813 13.44 -53.03 -3.43
CA SER C 813 13.26 -54.15 -2.52
C SER C 813 11.84 -54.21 -2.02
N PHE C 814 11.49 -55.35 -1.41
CA PHE C 814 10.11 -55.55 -0.96
C PHE C 814 9.68 -54.44 -0.01
N ILE C 815 10.53 -54.11 0.96
CA ILE C 815 10.17 -53.08 1.93
C ILE C 815 9.94 -51.75 1.22
N GLU C 816 10.79 -51.45 0.23
CA GLU C 816 10.60 -50.22 -0.54
C GLU C 816 9.25 -50.23 -1.24
N ASP C 817 8.84 -51.39 -1.76
CA ASP C 817 7.54 -51.48 -2.41
C ASP C 817 6.41 -51.18 -1.43
N LEU C 818 6.49 -51.78 -0.23
CA LEU C 818 5.46 -51.51 0.76
C LEU C 818 5.42 -50.02 1.10
N LEU C 819 6.59 -49.41 1.27
CA LEU C 819 6.62 -47.99 1.61
C LEU C 819 6.02 -47.15 0.49
N PHE C 820 6.35 -47.47 -0.77
CA PHE C 820 5.79 -46.72 -1.89
C PHE C 820 4.28 -46.84 -1.91
N ASN C 821 3.74 -48.03 -1.70
CA ASN C 821 2.30 -48.18 -1.67
C ASN C 821 1.68 -47.49 -0.46
N LYS C 822 2.46 -47.26 0.60
CA LYS C 822 1.91 -46.68 1.82
C LYS C 822 1.62 -45.19 1.68
N VAL C 823 2.49 -44.44 1.01
CA VAL C 823 2.34 -42.99 0.90
C VAL C 823 1.61 -42.66 -0.39
N THR C 824 0.63 -41.76 -0.29
CA THR C 824 -0.14 -41.33 -1.45
C THR C 824 0.16 -39.87 -1.77
N PHE C 852 -4.00 -25.94 -12.95
CA PHE C 852 -2.97 -25.37 -13.81
C PHE C 852 -3.20 -23.88 -14.03
N ASN C 853 -2.95 -23.07 -13.00
CA ASN C 853 -2.98 -21.62 -13.12
C ASN C 853 -1.70 -21.05 -12.52
N GLY C 854 -0.66 -20.96 -13.35
CA GLY C 854 0.60 -20.37 -12.96
C GLY C 854 1.46 -21.25 -12.09
N LEU C 855 0.98 -22.42 -11.67
CA LEU C 855 1.71 -23.30 -10.77
C LEU C 855 2.17 -24.52 -11.55
N THR C 856 3.42 -24.92 -11.33
CA THR C 856 3.97 -26.11 -11.94
C THR C 856 4.82 -26.86 -10.93
N VAL C 857 4.99 -28.15 -11.16
CA VAL C 857 5.81 -29.01 -10.32
C VAL C 857 6.99 -29.50 -11.14
N LEU C 858 8.19 -29.19 -10.68
CA LEU C 858 9.40 -29.61 -11.38
C LEU C 858 9.81 -30.99 -10.90
N PRO C 859 10.01 -31.96 -11.79
CA PRO C 859 10.32 -33.31 -11.32
C PRO C 859 11.64 -33.35 -10.59
N PRO C 860 11.79 -34.24 -9.60
CA PRO C 860 13.06 -34.30 -8.87
C PRO C 860 14.19 -34.76 -9.76
N LEU C 861 15.41 -34.30 -9.45
CA LEU C 861 16.54 -34.59 -10.32
C LEU C 861 16.79 -36.09 -10.42
N LEU C 862 16.72 -36.79 -9.31
CA LEU C 862 16.92 -38.24 -9.29
C LEU C 862 15.56 -38.92 -9.24
N THR C 863 15.26 -39.72 -10.26
CA THR C 863 14.03 -40.48 -10.24
C THR C 863 14.11 -41.57 -9.17
N ASP C 864 12.95 -42.07 -8.76
CA ASP C 864 12.91 -43.03 -7.67
C ASP C 864 13.79 -44.24 -7.96
N GLU C 865 13.97 -44.58 -9.24
CA GLU C 865 14.83 -45.70 -9.58
C GLU C 865 16.28 -45.45 -9.18
N MET C 866 16.78 -44.23 -9.42
CA MET C 866 18.15 -43.94 -9.04
C MET C 866 18.30 -43.92 -7.52
N ILE C 867 17.29 -43.43 -6.81
CA ILE C 867 17.31 -43.49 -5.36
C ILE C 867 17.42 -44.94 -4.91
N ALA C 868 16.66 -45.82 -5.56
CA ALA C 868 16.71 -47.24 -5.23
C ALA C 868 18.09 -47.82 -5.50
N GLN C 869 18.70 -47.44 -6.62
CA GLN C 869 20.05 -47.91 -6.91
C GLN C 869 21.01 -47.48 -5.82
N TYR C 870 20.91 -46.23 -5.39
CA TYR C 870 21.81 -45.74 -4.35
C TYR C 870 21.63 -46.50 -3.06
N THR C 871 20.38 -46.71 -2.65
CA THR C 871 20.14 -47.42 -1.40
C THR C 871 20.64 -48.84 -1.48
N SER C 872 20.43 -49.50 -2.63
CA SER C 872 20.93 -50.86 -2.79
C SER C 872 22.45 -50.89 -2.73
N ALA C 873 23.12 -49.90 -3.30
CA ALA C 873 24.58 -49.85 -3.22
C ALA C 873 25.04 -49.70 -1.78
N LEU C 874 24.45 -48.75 -1.05
CA LEU C 874 24.80 -48.59 0.35
C LEU C 874 24.60 -49.89 1.11
N LEU C 875 23.46 -50.54 0.87
CA LEU C 875 23.14 -51.76 1.60
C LEU C 875 24.10 -52.88 1.25
N ALA C 876 24.46 -53.02 -0.03
CA ALA C 876 25.38 -54.07 -0.44
C ALA C 876 26.75 -53.85 0.20
N GLY C 877 27.20 -52.59 0.23
CA GLY C 877 28.45 -52.31 0.91
C GLY C 877 28.38 -52.64 2.38
N THR C 878 27.30 -52.23 3.05
CA THR C 878 27.16 -52.52 4.47
C THR C 878 27.13 -54.01 4.74
N ILE C 879 26.65 -54.79 3.78
CA ILE C 879 26.53 -56.23 4.00
C ILE C 879 27.86 -56.93 3.74
N THR C 880 28.55 -56.59 2.66
CA THR C 880 29.75 -57.32 2.28
C THR C 880 31.04 -56.70 2.82
N SER C 881 31.02 -55.42 3.22
CA SER C 881 32.25 -54.74 3.60
C SER C 881 32.15 -54.00 4.92
N GLY C 882 31.04 -54.14 5.64
CA GLY C 882 30.91 -53.44 6.90
C GLY C 882 30.95 -51.94 6.72
N TRP C 883 31.80 -51.29 7.50
CA TRP C 883 32.00 -49.85 7.41
C TRP C 883 33.20 -49.48 6.56
N THR C 884 33.98 -50.46 6.10
CA THR C 884 35.22 -50.14 5.41
C THR C 884 34.96 -49.33 4.16
N PHE C 885 33.90 -49.65 3.41
CA PHE C 885 33.59 -48.88 2.22
C PHE C 885 33.29 -47.43 2.56
N GLY C 886 32.89 -47.14 3.79
CA GLY C 886 32.76 -45.76 4.21
C GLY C 886 34.09 -45.04 4.28
N ALA C 887 35.13 -45.77 4.70
CA ALA C 887 36.44 -45.15 4.83
C ALA C 887 37.18 -45.10 3.50
N GLY C 888 37.43 -46.26 2.90
CA GLY C 888 38.16 -46.31 1.64
C GLY C 888 37.52 -47.29 0.69
N ALA C 889 38.32 -48.15 0.08
CA ALA C 889 37.76 -49.16 -0.81
C ALA C 889 37.07 -50.24 0.02
N ALA C 890 35.96 -50.75 -0.51
CA ALA C 890 35.16 -51.75 0.18
C ALA C 890 35.98 -53.03 0.31
N LEU C 891 36.19 -53.47 1.54
CA LEU C 891 37.00 -54.65 1.83
C LEU C 891 36.07 -55.79 2.22
N GLN C 892 35.98 -56.82 1.38
CA GLN C 892 35.07 -57.92 1.66
C GLN C 892 35.43 -58.55 2.99
N ILE C 893 34.42 -59.04 3.70
CA ILE C 893 34.65 -59.66 5.00
C ILE C 893 33.42 -60.48 5.35
N PRO C 894 33.57 -61.74 5.78
CA PRO C 894 32.38 -62.57 6.00
C PRO C 894 31.45 -61.94 7.02
N PHE C 895 30.15 -62.06 6.77
CA PHE C 895 29.18 -61.33 7.59
C PHE C 895 29.23 -61.76 9.04
N ALA C 896 29.48 -63.04 9.30
CA ALA C 896 29.59 -63.48 10.68
C ALA C 896 30.70 -62.74 11.40
N MET C 897 31.85 -62.57 10.75
CA MET C 897 32.94 -61.84 11.38
C MET C 897 32.61 -60.36 11.50
N GLN C 898 31.82 -59.81 10.56
CA GLN C 898 31.43 -58.42 10.69
C GLN C 898 30.56 -58.22 11.93
N MET C 899 29.62 -59.11 12.16
CA MET C 899 28.84 -59.03 13.39
C MET C 899 29.71 -59.29 14.61
N ALA C 900 30.75 -60.11 14.47
CA ALA C 900 31.68 -60.27 15.59
C ALA C 900 32.36 -58.95 15.92
N TYR C 901 32.78 -58.21 14.89
CA TYR C 901 33.33 -56.88 15.10
C TYR C 901 32.33 -55.97 15.79
N ARG C 902 31.07 -55.99 15.33
CA ARG C 902 30.08 -55.09 15.90
C ARG C 902 29.80 -55.44 17.37
N PHE C 903 29.74 -56.73 17.68
CA PHE C 903 29.59 -57.15 19.07
C PHE C 903 30.79 -56.72 19.91
N ASN C 904 32.00 -56.81 19.34
CA ASN C 904 33.14 -56.22 20.03
C ASN C 904 32.90 -54.74 20.29
N GLY C 905 32.29 -54.06 19.33
CA GLY C 905 32.04 -52.64 19.49
C GLY C 905 31.13 -52.34 20.66
N ILE C 906 30.02 -53.09 20.79
CA ILE C 906 29.10 -52.82 21.89
C ILE C 906 29.60 -53.37 23.22
N GLY C 907 30.75 -54.03 23.23
CA GLY C 907 31.36 -54.52 24.45
C GLY C 907 31.14 -55.98 24.73
N VAL C 908 30.24 -56.64 24.00
CA VAL C 908 29.98 -58.07 24.17
C VAL C 908 31.05 -58.82 23.38
N THR C 909 31.89 -59.57 24.09
CA THR C 909 33.00 -60.28 23.46
C THR C 909 32.49 -61.10 22.27
N GLN C 910 33.33 -61.20 21.25
CA GLN C 910 32.90 -61.80 19.98
C GLN C 910 32.44 -63.23 20.13
N ASN C 911 33.02 -64.00 21.07
CA ASN C 911 32.64 -65.40 21.17
C ASN C 911 31.14 -65.58 21.40
N VAL C 912 30.48 -64.57 21.96
CA VAL C 912 29.03 -64.65 22.11
C VAL C 912 28.36 -64.84 20.77
N LEU C 913 28.83 -64.12 19.75
CA LEU C 913 28.20 -64.20 18.44
C LEU C 913 28.33 -65.61 17.86
N TYR C 914 29.55 -66.12 17.79
CA TYR C 914 29.76 -67.43 17.17
C TYR C 914 29.05 -68.53 17.95
N GLU C 915 29.14 -68.49 19.28
CA GLU C 915 28.52 -69.54 20.07
C GLU C 915 27.01 -69.54 19.92
N ASN C 916 26.43 -68.44 19.43
CA ASN C 916 24.99 -68.35 19.23
C ASN C 916 24.62 -67.75 17.87
N GLN C 917 25.36 -68.11 16.82
CA GLN C 917 25.07 -67.50 15.52
C GLN C 917 23.68 -67.84 15.03
N LYS C 918 23.25 -69.10 15.20
CA LYS C 918 21.94 -69.50 14.68
C LYS C 918 20.81 -68.76 15.37
N LEU C 919 20.88 -68.63 16.69
CA LEU C 919 19.84 -67.90 17.40
C LEU C 919 19.79 -66.45 16.93
N ILE C 920 20.95 -65.82 16.78
CA ILE C 920 20.98 -64.44 16.34
C ILE C 920 20.39 -64.32 14.94
N ALA C 921 20.72 -65.26 14.06
CA ALA C 921 20.18 -65.22 12.70
C ALA C 921 18.67 -65.34 12.72
N ASN C 922 18.14 -66.27 13.51
CA ASN C 922 16.69 -66.43 13.58
C ASN C 922 16.02 -65.20 14.16
N GLN C 923 16.63 -64.61 15.21
CA GLN C 923 16.07 -63.40 15.79
C GLN C 923 16.04 -62.27 14.77
N PHE C 924 17.12 -62.12 13.99
CA PHE C 924 17.18 -61.07 13.01
C PHE C 924 16.13 -61.27 11.91
N ASN C 925 15.99 -62.50 11.44
CA ASN C 925 15.00 -62.77 10.39
C ASN C 925 13.59 -62.53 10.91
N SER C 926 13.31 -62.95 12.14
CA SER C 926 12.01 -62.66 12.73
C SER C 926 11.78 -61.17 12.85
N ALA C 927 12.83 -60.41 13.20
CA ALA C 927 12.68 -58.96 13.29
C ALA C 927 12.34 -58.37 11.93
N ILE C 928 13.01 -58.82 10.88
CA ILE C 928 12.70 -58.31 9.54
C ILE C 928 11.26 -58.62 9.18
N GLY C 929 10.82 -59.85 9.46
CA GLY C 929 9.43 -60.20 9.19
C GLY C 929 8.46 -59.35 9.95
N LYS C 930 8.76 -59.07 11.23
CA LYS C 930 7.88 -58.23 12.03
C LYS C 930 7.81 -56.82 11.46
N ILE C 931 8.94 -56.29 11.00
CA ILE C 931 8.92 -54.96 10.38
C ILE C 931 8.06 -54.97 9.14
N GLN C 932 8.21 -56.01 8.31
CA GLN C 932 7.40 -56.11 7.10
C GLN C 932 5.91 -56.12 7.46
N ASP C 933 5.55 -56.89 8.48
CA ASP C 933 4.14 -56.94 8.90
C ASP C 933 3.67 -55.57 9.39
N SER C 934 4.50 -54.90 10.19
CA SER C 934 4.10 -53.59 10.73
C SER C 934 3.86 -52.59 9.62
N LEU C 935 4.77 -52.54 8.63
CA LEU C 935 4.54 -51.70 7.48
C LEU C 935 3.31 -52.15 6.70
N SER C 936 3.13 -53.47 6.58
CA SER C 936 1.97 -54.01 5.89
C SER C 936 0.71 -53.82 6.73
N LEU C 942 4.18 -44.35 8.40
CA LEU C 942 4.58 -43.38 7.38
C LEU C 942 3.95 -42.03 7.66
N GLY C 943 3.66 -41.75 8.94
CA GLY C 943 3.02 -40.50 9.28
C GLY C 943 3.83 -39.29 8.88
N LYS C 944 5.15 -39.33 9.10
CA LYS C 944 5.96 -38.13 8.89
C LYS C 944 5.97 -37.70 7.44
N LEU C 945 6.20 -38.62 6.51
CA LEU C 945 6.28 -38.28 5.10
C LEU C 945 4.92 -37.79 4.57
N GLN C 946 3.85 -38.51 4.92
CA GLN C 946 2.53 -38.05 4.52
C GLN C 946 2.24 -36.68 5.10
N ASP C 947 2.79 -36.36 6.27
CA ASP C 947 2.61 -35.04 6.82
C ASP C 947 3.19 -33.98 5.91
N VAL C 948 4.41 -34.21 5.41
CA VAL C 948 5.03 -33.24 4.51
C VAL C 948 4.19 -33.11 3.25
N VAL C 949 3.79 -34.24 2.68
CA VAL C 949 3.04 -34.18 1.42
C VAL C 949 1.75 -33.41 1.62
N ASN C 950 1.03 -33.70 2.71
CA ASN C 950 -0.24 -33.02 2.98
C ASN C 950 -0.03 -31.55 3.22
N GLN C 951 1.03 -31.17 3.95
CA GLN C 951 1.23 -29.75 4.22
C GLN C 951 1.53 -28.98 2.95
N ASN C 952 2.38 -29.52 2.07
CA ASN C 952 2.65 -28.81 0.83
C ASN C 952 1.41 -28.76 -0.05
N ALA C 953 0.65 -29.85 -0.12
CA ALA C 953 -0.59 -29.83 -0.89
C ALA C 953 -1.55 -28.80 -0.33
N GLN C 954 -1.63 -28.69 1.00
CA GLN C 954 -2.52 -27.73 1.63
C GLN C 954 -2.10 -26.31 1.30
N ALA C 955 -0.80 -26.02 1.36
CA ALA C 955 -0.34 -24.69 1.00
C ALA C 955 -0.69 -24.36 -0.44
N LEU C 956 -0.47 -25.31 -1.35
CA LEU C 956 -0.80 -25.07 -2.75
C LEU C 956 -2.28 -24.82 -2.92
N ASN C 957 -3.13 -25.63 -2.28
CA ASN C 957 -4.57 -25.47 -2.45
C ASN C 957 -5.02 -24.13 -1.88
N THR C 958 -4.45 -23.71 -0.75
CA THR C 958 -4.78 -22.40 -0.21
C THR C 958 -4.39 -21.30 -1.18
N LEU C 959 -3.18 -21.40 -1.75
CA LEU C 959 -2.73 -20.38 -2.69
C LEU C 959 -3.66 -20.31 -3.90
N VAL C 960 -4.07 -21.47 -4.41
CA VAL C 960 -4.97 -21.50 -5.54
C VAL C 960 -6.31 -20.89 -5.17
N LYS C 961 -6.83 -21.24 -3.99
CA LYS C 961 -8.16 -20.76 -3.60
C LYS C 961 -8.18 -19.26 -3.38
N GLN C 962 -7.06 -18.68 -2.97
CA GLN C 962 -7.05 -17.24 -2.73
C GLN C 962 -7.41 -16.44 -3.97
N LEU C 963 -7.27 -17.03 -5.16
CA LEU C 963 -7.58 -16.30 -6.39
C LEU C 963 -9.04 -15.89 -6.45
N SER C 964 -9.92 -16.54 -5.71
CA SER C 964 -11.35 -16.25 -5.81
C SER C 964 -11.79 -15.09 -4.94
N SER C 965 -10.89 -14.51 -4.14
CA SER C 965 -11.28 -13.44 -3.23
C SER C 965 -11.36 -12.11 -3.96
N ASN C 966 -12.27 -11.26 -3.50
CA ASN C 966 -12.50 -9.96 -4.13
C ASN C 966 -11.49 -8.92 -3.67
N PHE C 967 -10.94 -9.05 -2.48
CA PHE C 967 -10.01 -8.09 -1.90
C PHE C 967 -10.53 -6.67 -1.97
N GLY C 968 -11.85 -6.49 -2.03
CA GLY C 968 -12.46 -5.19 -2.20
C GLY C 968 -12.82 -4.85 -3.63
N ALA C 969 -12.34 -5.62 -4.59
CA ALA C 969 -12.71 -5.39 -5.98
C ALA C 969 -14.12 -5.88 -6.24
N ILE C 970 -14.70 -5.39 -7.34
CA ILE C 970 -16.09 -5.75 -7.65
C ILE C 970 -16.22 -7.25 -7.85
N SER C 971 -15.23 -7.88 -8.47
CA SER C 971 -15.28 -9.30 -8.76
C SER C 971 -13.88 -9.88 -8.77
N SER C 972 -13.76 -11.12 -8.30
CA SER C 972 -12.46 -11.79 -8.29
C SER C 972 -11.94 -12.00 -9.70
N VAL C 973 -12.82 -12.38 -10.62
CA VAL C 973 -12.39 -12.66 -11.99
C VAL C 973 -11.87 -11.38 -12.62
N LEU C 974 -10.60 -11.39 -13.03
CA LEU C 974 -10.00 -10.19 -13.62
C LEU C 974 -10.66 -9.84 -14.93
N ASN C 975 -10.99 -10.84 -15.75
CA ASN C 975 -11.57 -10.57 -17.07
C ASN C 975 -12.88 -9.82 -16.96
N ASP C 976 -13.72 -10.18 -15.99
CA ASP C 976 -14.97 -9.45 -15.81
C ASP C 976 -14.70 -7.98 -15.51
N ILE C 977 -13.74 -7.71 -14.63
CA ILE C 977 -13.40 -6.32 -14.35
C ILE C 977 -12.94 -5.62 -15.61
N LEU C 978 -12.13 -6.31 -16.43
CA LEU C 978 -11.66 -5.69 -17.66
C LEU C 978 -12.83 -5.27 -18.54
N SER C 979 -13.81 -6.15 -18.71
CA SER C 979 -15.03 -5.79 -19.43
C SER C 979 -16.12 -5.32 -18.49
N ARG C 980 -15.81 -4.43 -17.54
CA ARG C 980 -16.84 -3.81 -16.72
C ARG C 980 -16.59 -2.33 -16.53
N LEU C 981 -15.33 -1.92 -16.58
CA LEU C 981 -14.94 -0.56 -16.23
C LEU C 981 -14.01 0.01 -17.28
N ASP C 982 -13.97 1.34 -17.35
CA ASP C 982 -13.03 2.01 -18.22
C ASP C 982 -11.63 1.87 -17.64
N PRO C 983 -10.60 1.98 -18.47
CA PRO C 983 -9.23 1.74 -18.00
C PRO C 983 -8.92 2.57 -16.76
N PRO C 984 -9.22 3.87 -16.76
CA PRO C 984 -8.97 4.64 -15.53
C PRO C 984 -9.71 4.10 -14.33
N GLU C 985 -10.95 3.65 -14.52
CA GLU C 985 -11.70 3.07 -13.41
C GLU C 985 -11.18 1.69 -13.07
N ALA C 986 -10.95 0.85 -14.08
CA ALA C 986 -10.50 -0.52 -13.83
C ALA C 986 -9.14 -0.53 -13.16
N GLU C 987 -8.39 0.58 -13.26
CA GLU C 987 -7.07 0.63 -12.64
C GLU C 987 -7.16 0.40 -11.14
N VAL C 988 -8.14 1.02 -10.48
CA VAL C 988 -8.27 0.88 -9.04
C VAL C 988 -8.57 -0.56 -8.66
N GLN C 989 -9.52 -1.17 -9.38
CA GLN C 989 -9.88 -2.56 -9.09
C GLN C 989 -8.69 -3.48 -9.30
N ILE C 990 -7.96 -3.29 -10.40
CA ILE C 990 -6.82 -4.16 -10.68
C ILE C 990 -5.74 -3.96 -9.65
N ASP C 991 -5.56 -2.73 -9.16
CA ASP C 991 -4.59 -2.50 -8.10
C ASP C 991 -5.00 -3.23 -6.83
N ARG C 992 -6.28 -3.19 -6.48
CA ARG C 992 -6.73 -3.91 -5.30
C ARG C 992 -6.45 -5.40 -5.45
N LEU C 993 -6.81 -5.97 -6.59
CA LEU C 993 -6.57 -7.39 -6.81
C LEU C 993 -5.09 -7.72 -6.78
N ILE C 994 -4.26 -6.86 -7.38
CA ILE C 994 -2.82 -7.13 -7.43
C ILE C 994 -2.23 -7.10 -6.03
N THR C 995 -2.61 -6.12 -5.22
CA THR C 995 -2.11 -6.11 -3.85
C THR C 995 -2.53 -7.37 -3.12
N GLY C 996 -3.80 -7.78 -3.27
CA GLY C 996 -4.25 -8.96 -2.57
C GLY C 996 -3.47 -10.21 -2.98
N ARG C 997 -3.35 -10.43 -4.29
CA ARG C 997 -2.71 -11.65 -4.77
C ARG C 997 -1.22 -11.63 -4.48
N LEU C 998 -0.58 -10.47 -4.58
CA LEU C 998 0.84 -10.36 -4.26
C LEU C 998 1.07 -10.65 -2.79
N GLN C 999 0.22 -10.14 -1.90
CA GLN C 999 0.37 -10.45 -0.49
C GLN C 999 0.21 -11.94 -0.24
N SER C 1000 -0.79 -12.56 -0.89
CA SER C 1000 -0.97 -13.99 -0.72
C SER C 1000 0.27 -14.75 -1.19
N LEU C 1001 0.84 -14.34 -2.33
CA LEU C 1001 2.02 -15.01 -2.85
C LEU C 1001 3.21 -14.85 -1.92
N GLN C 1002 3.40 -13.66 -1.37
CA GLN C 1002 4.48 -13.46 -0.41
C GLN C 1002 4.31 -14.35 0.80
N THR C 1003 3.07 -14.45 1.31
CA THR C 1003 2.83 -15.33 2.45
C THR C 1003 3.17 -16.76 2.10
N TYR C 1004 2.73 -17.23 0.94
CA TYR C 1004 3.03 -18.61 0.56
C TYR C 1004 4.53 -18.84 0.45
N VAL C 1005 5.25 -17.90 -0.14
CA VAL C 1005 6.68 -18.09 -0.32
C VAL C 1005 7.38 -18.13 1.03
N THR C 1006 6.99 -17.26 1.95
CA THR C 1006 7.61 -17.30 3.28
C THR C 1006 7.32 -18.61 3.98
N GLN C 1007 6.07 -19.08 3.91
CA GLN C 1007 5.75 -20.35 4.54
C GLN C 1007 6.59 -21.47 3.94
N GLN C 1008 6.73 -21.47 2.62
CA GLN C 1008 7.52 -22.50 1.96
C GLN C 1008 8.98 -22.42 2.38
N LEU C 1009 9.53 -21.21 2.47
CA LEU C 1009 10.92 -21.06 2.88
C LEU C 1009 11.13 -21.64 4.26
N ILE C 1010 10.24 -21.33 5.20
CA ILE C 1010 10.41 -21.82 6.56
C ILE C 1010 10.29 -23.34 6.61
N ARG C 1011 9.28 -23.88 5.92
CA ARG C 1011 9.08 -25.33 5.94
C ARG C 1011 10.25 -26.03 5.26
N ALA C 1012 10.82 -25.41 4.22
CA ALA C 1012 11.98 -25.99 3.56
C ALA C 1012 13.20 -25.94 4.45
N ALA C 1013 13.31 -24.89 5.28
CA ALA C 1013 14.39 -24.88 6.27
C ALA C 1013 14.24 -26.03 7.25
N GLU C 1014 13.01 -26.27 7.71
CA GLU C 1014 12.77 -27.42 8.57
C GLU C 1014 13.16 -28.72 7.85
N ILE C 1015 12.78 -28.84 6.58
CA ILE C 1015 13.09 -30.06 5.84
C ILE C 1015 14.59 -30.18 5.64
N ARG C 1016 15.30 -29.07 5.54
CA ARG C 1016 16.75 -29.14 5.41
C ARG C 1016 17.37 -29.62 6.71
N ALA C 1017 16.84 -29.18 7.84
CA ALA C 1017 17.32 -29.73 9.10
C ALA C 1017 17.06 -31.23 9.17
N SER C 1018 15.87 -31.65 8.74
CA SER C 1018 15.54 -33.07 8.75
C SER C 1018 16.45 -33.85 7.80
N ALA C 1019 16.71 -33.31 6.61
CA ALA C 1019 17.55 -34.01 5.64
C ALA C 1019 19.00 -34.04 6.09
N ASN C 1020 19.45 -33.00 6.78
CA ASN C 1020 20.80 -33.00 7.34
C ASN C 1020 20.91 -34.04 8.44
N LEU C 1021 19.88 -34.16 9.28
CA LEU C 1021 19.88 -35.23 10.27
C LEU C 1021 19.89 -36.60 9.60
N ALA C 1022 19.12 -36.75 8.52
CA ALA C 1022 19.11 -38.02 7.79
C ALA C 1022 20.48 -38.32 7.21
N ALA C 1023 21.15 -37.32 6.65
CA ALA C 1023 22.49 -37.54 6.13
C ALA C 1023 23.44 -37.92 7.24
N THR C 1024 23.33 -37.27 8.39
CA THR C 1024 24.20 -37.60 9.51
C THR C 1024 23.97 -39.04 9.96
N LYS C 1025 22.71 -39.47 10.01
CA LYS C 1025 22.41 -40.84 10.38
C LYS C 1025 22.95 -41.80 9.34
N MET C 1026 22.78 -41.49 8.06
CA MET C 1026 23.32 -42.35 7.03
C MET C 1026 24.82 -42.52 7.21
N SER C 1027 25.51 -41.42 7.55
CA SER C 1027 26.96 -41.47 7.64
C SER C 1027 27.42 -42.23 8.88
N GLU C 1028 26.79 -41.97 10.03
CA GLU C 1028 27.29 -42.45 11.32
C GLU C 1028 26.50 -43.64 11.83
N CYS C 1029 25.60 -44.19 11.04
CA CYS C 1029 24.64 -45.19 11.48
C CYS C 1029 24.65 -46.36 10.52
N VAL C 1030 24.81 -46.06 9.23
CA VAL C 1030 24.94 -47.08 8.20
C VAL C 1030 26.40 -47.36 7.89
N LEU C 1031 27.10 -46.34 7.40
CA LEU C 1031 28.48 -46.50 6.98
C LEU C 1031 29.41 -46.84 8.13
N GLY C 1032 28.98 -46.69 9.37
CA GLY C 1032 29.82 -46.95 10.52
C GLY C 1032 29.05 -47.66 11.61
N GLN C 1033 29.44 -47.36 12.86
CA GLN C 1033 28.72 -47.83 14.03
C GLN C 1033 28.65 -46.67 15.02
N SER C 1034 27.52 -46.56 15.72
CA SER C 1034 27.29 -45.42 16.59
C SER C 1034 27.48 -45.81 18.05
N LYS C 1035 28.25 -45.01 18.77
CA LYS C 1035 28.29 -45.07 20.22
C LYS C 1035 27.31 -44.10 20.87
N ARG C 1036 26.56 -43.34 20.07
CA ARG C 1036 25.64 -42.35 20.59
C ARG C 1036 24.35 -43.03 21.03
N VAL C 1037 23.93 -42.75 22.25
CA VAL C 1037 22.75 -43.42 22.80
C VAL C 1037 21.48 -42.84 22.17
N ASP C 1038 20.59 -43.71 21.74
CA ASP C 1038 19.27 -43.36 21.19
C ASP C 1038 19.36 -42.50 19.94
N PHE C 1039 20.55 -42.28 19.40
CA PHE C 1039 20.65 -41.64 18.09
C PHE C 1039 20.30 -42.62 17.00
N CYS C 1040 20.62 -43.89 17.19
CA CYS C 1040 20.44 -44.94 16.19
C CYS C 1040 19.72 -46.12 16.84
N GLY C 1041 18.40 -46.05 16.87
CA GLY C 1041 17.61 -47.04 17.56
C GLY C 1041 17.80 -46.99 19.06
N LYS C 1042 16.90 -47.68 19.78
CA LYS C 1042 16.99 -47.77 21.22
C LYS C 1042 17.68 -49.08 21.58
N GLY C 1043 18.91 -48.98 22.05
CA GLY C 1043 19.67 -50.15 22.42
C GLY C 1043 21.12 -49.96 22.03
N TYR C 1044 21.90 -51.00 22.29
CA TYR C 1044 23.31 -51.03 21.89
C TYR C 1044 23.34 -51.22 20.37
N HIS C 1045 23.41 -50.11 19.64
CA HIS C 1045 23.29 -50.17 18.19
C HIS C 1045 24.32 -51.09 17.59
N LEU C 1046 23.88 -51.97 16.69
CA LEU C 1046 24.76 -52.85 15.95
C LEU C 1046 24.99 -52.35 14.53
N MET C 1047 23.93 -52.05 13.80
CA MET C 1047 24.10 -51.56 12.43
C MET C 1047 22.81 -50.96 11.93
N SER C 1048 22.78 -50.60 10.66
CA SER C 1048 21.59 -50.00 10.08
C SER C 1048 21.51 -50.38 8.61
N PHE C 1049 20.31 -50.28 8.06
CA PHE C 1049 20.09 -50.49 6.64
C PHE C 1049 19.19 -49.37 6.13
N PRO C 1050 19.57 -48.64 5.09
CA PRO C 1050 18.67 -47.63 4.55
C PRO C 1050 17.66 -48.23 3.60
N GLN C 1051 16.57 -47.51 3.41
CA GLN C 1051 15.56 -47.83 2.43
C GLN C 1051 14.99 -46.52 1.95
N SER C 1052 14.71 -46.43 0.65
CA SER C 1052 14.07 -45.21 0.17
C SER C 1052 12.59 -45.23 0.50
N ALA C 1053 11.97 -44.07 0.39
CA ALA C 1053 10.53 -43.95 0.44
C ALA C 1053 10.15 -42.61 -0.18
N PRO C 1054 8.91 -42.45 -0.61
CA PRO C 1054 8.55 -41.21 -1.31
C PRO C 1054 8.92 -39.98 -0.49
N HIS C 1055 9.84 -39.19 -1.03
CA HIS C 1055 10.26 -37.95 -0.37
C HIS C 1055 10.78 -38.22 1.04
N GLY C 1056 11.56 -39.29 1.19
CA GLY C 1056 12.08 -39.59 2.52
C GLY C 1056 12.90 -40.85 2.54
N VAL C 1057 13.48 -41.12 3.71
CA VAL C 1057 14.34 -42.27 3.91
C VAL C 1057 13.91 -42.98 5.18
N VAL C 1058 13.93 -44.31 5.15
CA VAL C 1058 13.54 -45.16 6.27
C VAL C 1058 14.75 -45.99 6.67
N PHE C 1059 15.12 -45.93 7.94
CA PHE C 1059 16.23 -46.72 8.45
C PHE C 1059 15.69 -47.91 9.21
N LEU C 1060 16.28 -49.08 8.95
CA LEU C 1060 16.09 -50.26 9.78
C LEU C 1060 17.34 -50.39 10.66
N HIS C 1061 17.23 -49.98 11.91
CA HIS C 1061 18.35 -50.03 12.84
C HIS C 1061 18.32 -51.35 13.57
N VAL C 1062 19.40 -52.12 13.45
CA VAL C 1062 19.56 -53.40 14.13
C VAL C 1062 20.33 -53.15 15.41
N THR C 1063 19.74 -53.51 16.54
CA THR C 1063 20.26 -53.17 17.85
C THR C 1063 20.24 -54.39 18.76
N TYR C 1064 21.14 -54.39 19.75
CA TYR C 1064 21.33 -55.49 20.68
C TYR C 1064 20.83 -55.05 22.04
N VAL C 1065 19.73 -55.64 22.49
CA VAL C 1065 19.08 -55.25 23.74
C VAL C 1065 19.18 -56.43 24.72
N PRO C 1066 19.85 -56.28 25.86
CA PRO C 1066 19.91 -57.38 26.81
C PRO C 1066 18.57 -57.67 27.44
N ALA C 1067 18.39 -58.90 27.90
CA ALA C 1067 17.16 -59.32 28.55
C ALA C 1067 17.44 -60.59 29.36
N GLN C 1068 16.47 -60.95 30.20
CA GLN C 1068 16.62 -62.05 31.15
C GLN C 1068 17.77 -61.78 32.11
N GLU C 1069 17.66 -60.66 32.82
CA GLU C 1069 18.66 -60.30 33.83
C GLU C 1069 18.54 -61.23 35.04
N LYS C 1070 19.64 -61.33 35.77
CA LYS C 1070 19.67 -62.04 37.03
C LYS C 1070 20.43 -61.23 38.07
N ASN C 1071 19.92 -61.26 39.30
CA ASN C 1071 20.55 -60.61 40.44
C ASN C 1071 21.81 -61.39 40.80
N PHE C 1072 22.88 -60.67 41.12
CA PHE C 1072 24.08 -61.28 41.67
C PHE C 1072 24.65 -60.37 42.74
N THR C 1073 25.39 -60.95 43.68
CA THR C 1073 26.13 -60.15 44.63
C THR C 1073 27.46 -59.77 44.02
N THR C 1074 27.84 -58.51 44.21
CA THR C 1074 29.00 -57.93 43.55
C THR C 1074 30.00 -57.46 44.60
N ALA C 1075 31.18 -57.08 44.13
CA ALA C 1075 32.20 -56.54 45.01
C ALA C 1075 33.26 -55.86 44.15
N PRO C 1076 33.77 -54.70 44.56
CA PRO C 1076 34.64 -53.94 43.66
C PRO C 1076 36.01 -54.52 43.51
N ALA C 1077 36.47 -55.33 44.46
CA ALA C 1077 37.82 -55.86 44.42
C ALA C 1077 37.84 -57.17 45.19
N ILE C 1078 38.91 -57.94 44.99
CA ILE C 1078 39.08 -59.21 45.67
C ILE C 1078 40.50 -59.30 46.18
N CYS C 1079 40.66 -59.68 47.43
CA CYS C 1079 41.98 -59.78 48.06
C CYS C 1079 42.41 -61.23 48.16
N HIS C 1080 43.65 -61.50 47.76
CA HIS C 1080 44.19 -62.85 47.79
C HIS C 1080 45.27 -62.98 48.87
N ASP C 1081 46.29 -62.13 48.84
CA ASP C 1081 47.37 -62.16 49.83
C ASP C 1081 47.65 -60.79 50.41
N GLY C 1082 46.64 -59.92 50.49
CA GLY C 1082 46.81 -58.54 50.86
C GLY C 1082 46.88 -57.62 49.66
N LYS C 1083 47.14 -58.14 48.48
CA LYS C 1083 47.05 -57.36 47.26
C LYS C 1083 45.59 -57.30 46.81
N ALA C 1084 45.18 -56.12 46.36
CA ALA C 1084 43.82 -55.91 45.89
C ALA C 1084 43.80 -56.08 44.37
N HIS C 1085 42.99 -57.02 43.90
CA HIS C 1085 42.85 -57.28 42.47
C HIS C 1085 41.60 -56.60 41.94
N PHE C 1086 41.69 -56.01 40.75
CA PHE C 1086 40.55 -55.41 40.09
C PHE C 1086 40.38 -56.03 38.70
N PRO C 1087 39.14 -56.18 38.23
CA PRO C 1087 38.94 -56.80 36.91
C PRO C 1087 39.50 -55.94 35.79
N ARG C 1088 40.08 -56.58 34.77
CA ARG C 1088 40.52 -55.83 33.60
C ARG C 1088 39.33 -55.37 32.77
N GLU C 1089 38.40 -56.28 32.48
CA GLU C 1089 37.17 -55.95 31.78
C GLU C 1089 36.09 -56.89 32.28
N GLY C 1090 34.99 -56.32 32.77
CA GLY C 1090 33.97 -57.08 33.45
C GLY C 1090 34.03 -56.85 34.94
N VAL C 1091 33.08 -57.47 35.65
CA VAL C 1091 32.92 -57.26 37.07
C VAL C 1091 32.85 -58.59 37.80
N PHE C 1092 33.03 -58.52 39.11
CA PHE C 1092 32.97 -59.70 39.95
C PHE C 1092 31.53 -59.94 40.39
N VAL C 1093 31.05 -61.16 40.21
CA VAL C 1093 29.72 -61.56 40.61
C VAL C 1093 29.83 -62.92 41.30
N SER C 1094 29.06 -63.11 42.36
CA SER C 1094 28.99 -64.36 43.07
C SER C 1094 27.60 -64.96 42.90
N ASN C 1095 27.55 -66.26 42.63
CA ASN C 1095 26.29 -66.99 42.68
C ASN C 1095 25.96 -67.45 44.09
N GLY C 1096 26.62 -66.87 45.10
CA GLY C 1096 26.32 -67.12 46.49
C GLY C 1096 27.43 -67.84 47.25
N THR C 1097 28.23 -68.66 46.57
CA THR C 1097 29.24 -69.48 47.23
C THR C 1097 30.62 -69.23 46.61
N HIS C 1098 30.64 -68.87 45.33
CA HIS C 1098 31.87 -68.70 44.59
C HIS C 1098 31.87 -67.35 43.90
N TRP C 1099 33.05 -66.87 43.55
CA TRP C 1099 33.21 -65.59 42.85
C TRP C 1099 33.74 -65.82 41.45
N PHE C 1100 33.22 -65.05 40.50
CA PHE C 1100 33.66 -65.12 39.12
C PHE C 1100 33.72 -63.71 38.54
N VAL C 1101 34.43 -63.58 37.43
CA VAL C 1101 34.49 -62.32 36.69
C VAL C 1101 33.76 -62.53 35.38
N THR C 1102 32.84 -61.62 35.08
CA THR C 1102 31.99 -61.78 33.91
C THR C 1102 31.90 -60.47 33.16
N GLN C 1103 31.78 -60.56 31.85
CA GLN C 1103 31.61 -59.36 31.04
C GLN C 1103 30.30 -58.68 31.42
N ARG C 1104 30.31 -57.34 31.36
CA ARG C 1104 29.25 -56.57 31.99
C ARG C 1104 27.91 -56.73 31.30
N ASN C 1105 27.89 -57.04 30.01
CA ASN C 1105 26.65 -57.11 29.25
C ASN C 1105 26.21 -58.53 28.94
N PHE C 1106 26.82 -59.53 29.57
CA PHE C 1106 26.45 -60.91 29.36
C PHE C 1106 26.93 -61.70 30.56
N TYR C 1107 26.30 -62.84 30.82
CA TYR C 1107 26.68 -63.68 31.95
C TYR C 1107 27.60 -64.77 31.43
N GLU C 1108 28.91 -64.53 31.54
CA GLU C 1108 29.92 -65.51 31.19
C GLU C 1108 30.91 -65.59 32.34
N PRO C 1109 30.49 -66.18 33.48
CA PRO C 1109 31.39 -66.27 34.63
C PRO C 1109 32.63 -67.08 34.30
N GLN C 1110 33.77 -66.61 34.79
CA GLN C 1110 35.04 -67.29 34.58
C GLN C 1110 35.83 -67.28 35.89
N ILE C 1111 36.67 -68.30 36.06
CA ILE C 1111 37.47 -68.37 37.27
C ILE C 1111 38.29 -67.11 37.42
N ILE C 1112 38.48 -66.67 38.65
CA ILE C 1112 39.24 -65.45 38.91
C ILE C 1112 40.73 -65.79 38.91
N THR C 1113 41.48 -65.14 38.03
CA THR C 1113 42.89 -65.46 37.82
C THR C 1113 43.68 -64.16 37.64
N THR C 1114 45.00 -64.29 37.76
CA THR C 1114 45.86 -63.12 37.61
C THR C 1114 45.81 -62.56 36.19
N ASP C 1115 45.40 -63.37 35.21
CA ASP C 1115 45.25 -62.86 33.86
C ASP C 1115 43.99 -62.00 33.73
N ASN C 1116 42.91 -62.41 34.40
CA ASN C 1116 41.66 -61.66 34.33
C ASN C 1116 41.62 -60.47 35.26
N THR C 1117 42.55 -60.34 36.20
CA THR C 1117 42.56 -59.26 37.16
C THR C 1117 43.96 -58.67 37.26
N PHE C 1118 44.02 -57.36 37.45
CA PHE C 1118 45.29 -56.65 37.62
C PHE C 1118 45.39 -56.15 39.06
N VAL C 1119 46.60 -56.23 39.60
CA VAL C 1119 46.83 -55.90 41.01
C VAL C 1119 47.00 -54.40 41.17
N SER C 1120 46.68 -53.90 42.36
CA SER C 1120 46.95 -52.51 42.68
C SER C 1120 46.77 -52.28 44.17
N GLY C 1121 47.67 -51.48 44.75
CA GLY C 1121 47.52 -51.07 46.13
C GLY C 1121 47.45 -52.24 47.08
N ASN C 1122 46.63 -52.09 48.12
CA ASN C 1122 46.44 -53.14 49.12
C ASN C 1122 44.98 -53.15 49.54
N CYS C 1123 44.66 -54.02 50.50
CA CYS C 1123 43.27 -54.30 50.83
C CYS C 1123 42.63 -53.15 51.61
N ASP C 1124 43.42 -52.44 52.42
CA ASP C 1124 42.82 -51.49 53.37
C ASP C 1124 42.07 -50.38 52.65
N VAL C 1125 42.67 -49.80 51.61
CA VAL C 1125 42.14 -48.55 51.07
C VAL C 1125 40.75 -48.75 50.48
N VAL C 1126 40.58 -49.80 49.66
CA VAL C 1126 39.34 -49.95 48.93
C VAL C 1126 38.18 -50.12 49.91
N ILE C 1127 36.98 -49.75 49.46
CA ILE C 1127 35.76 -49.92 50.23
C ILE C 1127 34.98 -51.08 49.63
N GLY C 1128 34.56 -52.01 50.47
CA GLY C 1128 33.78 -53.15 50.02
C GLY C 1128 34.58 -54.32 49.51
N ILE C 1129 35.90 -54.30 49.66
CA ILE C 1129 36.71 -55.42 49.21
C ILE C 1129 36.31 -56.67 49.98
N VAL C 1130 36.18 -57.78 49.25
CA VAL C 1130 35.81 -59.06 49.85
C VAL C 1130 36.99 -60.02 49.69
N ASN C 1131 36.99 -61.05 50.52
CA ASN C 1131 38.08 -62.01 50.54
C ASN C 1131 37.78 -63.18 49.61
N ASN C 1132 38.77 -63.54 48.79
CA ASN C 1132 38.65 -64.71 47.95
C ASN C 1132 40.07 -65.14 47.57
N THR C 1133 40.16 -66.05 46.61
CA THR C 1133 41.44 -66.54 46.12
C THR C 1133 41.52 -66.30 44.62
N VAL C 1134 42.71 -65.92 44.16
CA VAL C 1134 42.97 -65.73 42.74
C VAL C 1134 43.84 -66.89 42.27
N TYR C 1135 43.25 -67.77 41.47
CA TYR C 1135 43.97 -68.92 40.95
C TYR C 1135 45.10 -68.46 40.03
N ASP C 1136 46.23 -69.13 40.13
CA ASP C 1136 47.41 -68.78 39.33
C ASP C 1136 47.62 -69.81 38.24
N PRO C 1137 47.45 -69.45 36.96
CA PRO C 1137 47.71 -70.43 35.90
C PRO C 1137 49.14 -70.95 35.89
N LEU C 1138 50.12 -70.15 36.31
CA LEU C 1138 51.50 -70.56 36.22
C LEU C 1138 51.87 -71.63 37.25
N GLN C 1139 51.24 -71.61 38.42
CA GLN C 1139 51.65 -72.51 39.50
C GLN C 1139 51.61 -73.98 39.13
N PRO C 1140 50.52 -74.53 38.61
CA PRO C 1140 50.50 -75.98 38.32
C PRO C 1140 51.55 -76.41 37.33
N GLU C 1141 51.90 -75.57 36.35
CA GLU C 1141 52.90 -75.95 35.37
C GLU C 1141 54.26 -76.17 36.01
N LEU C 1142 54.67 -75.30 36.93
CA LEU C 1142 55.93 -75.46 37.64
C LEU C 1142 55.85 -76.53 38.72
N ASP C 1143 54.66 -76.74 39.29
CA ASP C 1143 54.52 -77.76 40.33
C ASP C 1143 54.80 -79.14 39.77
N SER C 1144 54.33 -79.45 38.57
CA SER C 1144 54.56 -80.73 37.95
C SER C 1144 55.92 -80.75 37.25
N VAL D 2 -45.47 35.08 19.11
CA VAL D 2 -45.45 36.29 18.31
C VAL D 2 -46.42 37.32 18.90
N GLN D 3 -45.89 38.40 19.47
CA GLN D 3 -46.71 39.45 20.03
C GLN D 3 -45.92 40.73 20.27
N LEU D 4 -46.46 41.85 19.81
CA LEU D 4 -45.87 43.16 20.07
C LEU D 4 -46.89 44.02 20.81
N VAL D 5 -46.43 44.72 21.85
CA VAL D 5 -47.27 45.59 22.66
C VAL D 5 -46.63 46.98 22.69
N GLN D 6 -47.40 47.99 22.29
CA GLN D 6 -46.92 49.36 22.29
C GLN D 6 -47.35 50.08 23.56
N SER D 7 -47.02 51.36 23.65
CA SER D 7 -47.39 52.19 24.78
C SER D 7 -48.71 52.91 24.50
N GLY D 8 -49.24 53.56 25.54
CA GLY D 8 -50.49 54.26 25.41
C GLY D 8 -50.35 55.58 24.66
N ALA D 9 -51.50 56.13 24.29
CA ALA D 9 -51.51 57.39 23.55
C ALA D 9 -50.87 58.50 24.39
N GLU D 10 -50.17 59.40 23.71
CA GLU D 10 -49.41 60.47 24.34
C GLU D 10 -49.85 61.81 23.79
N VAL D 11 -49.89 62.81 24.68
CA VAL D 11 -50.17 64.19 24.30
C VAL D 11 -49.08 65.06 24.90
N LYS D 12 -48.39 65.83 24.05
CA LYS D 12 -47.27 66.64 24.48
C LYS D 12 -47.33 68.00 23.82
N LYS D 13 -46.71 68.98 24.46
CA LYS D 13 -46.56 70.29 23.86
C LYS D 13 -45.39 70.30 22.89
N PRO D 14 -45.40 71.18 21.89
CA PRO D 14 -44.26 71.24 20.97
C PRO D 14 -42.97 71.52 21.71
N GLY D 15 -41.89 70.85 21.27
CA GLY D 15 -40.59 71.00 21.86
C GLY D 15 -40.30 70.03 22.99
N GLU D 16 -41.32 69.40 23.56
CA GLU D 16 -41.11 68.44 24.64
C GLU D 16 -40.59 67.12 24.09
N SER D 17 -39.66 66.53 24.82
CA SER D 17 -39.13 65.23 24.44
C SER D 17 -40.16 64.14 24.75
N LEU D 18 -40.06 63.04 24.00
CA LEU D 18 -41.01 61.95 24.16
C LEU D 18 -40.35 60.66 23.70
N ARG D 19 -40.78 59.54 24.27
CA ARG D 19 -40.30 58.23 23.85
C ARG D 19 -41.43 57.23 23.99
N ILE D 20 -41.76 56.56 22.88
CA ILE D 20 -42.76 55.52 22.88
C ILE D 20 -42.05 54.18 22.80
N SER D 21 -42.64 53.17 23.45
CA SER D 21 -42.05 51.85 23.57
C SER D 21 -42.91 50.82 22.87
N CYS D 22 -42.27 49.70 22.51
CA CYS D 22 -42.96 48.59 21.86
C CYS D 22 -42.19 47.32 22.22
N LYS D 23 -42.82 46.46 23.01
CA LYS D 23 -42.18 45.24 23.50
C LYS D 23 -42.58 44.05 22.64
N GLY D 24 -41.59 43.27 22.23
CA GLY D 24 -41.81 42.11 21.40
C GLY D 24 -41.54 40.82 22.15
N SER D 25 -42.11 39.74 21.61
CA SER D 25 -41.99 38.42 22.21
C SER D 25 -42.25 37.38 21.13
N GLY D 26 -41.82 36.15 21.41
CA GLY D 26 -42.03 35.07 20.47
C GLY D 26 -41.29 35.23 19.16
N HIS D 27 -40.05 35.71 19.21
CA HIS D 27 -39.28 35.92 18.00
C HIS D 27 -38.46 34.67 17.67
N ASN D 28 -38.22 34.47 16.37
CA ASN D 28 -37.52 33.28 15.91
C ASN D 28 -36.12 33.21 16.49
N SER D 29 -35.43 34.34 16.53
CA SER D 29 -34.05 34.38 17.01
C SER D 29 -33.80 35.77 17.56
N PRO D 30 -32.66 35.99 18.23
CA PRO D 30 -32.34 37.33 18.72
C PRO D 30 -32.04 38.33 17.62
N SER D 31 -31.91 37.89 16.37
CA SER D 31 -31.59 38.77 15.25
C SER D 31 -32.80 38.85 14.33
N TYR D 32 -33.68 39.80 14.62
CA TYR D 32 -34.87 40.10 13.82
C TYR D 32 -34.85 41.59 13.45
N TRP D 33 -35.94 42.07 12.84
CA TRP D 33 -36.03 43.47 12.42
C TRP D 33 -37.30 44.11 12.92
N ILE D 34 -37.19 44.96 13.93
CA ILE D 34 -38.34 45.73 14.42
C ILE D 34 -38.28 47.14 13.83
N SER D 35 -39.36 47.56 13.18
CA SER D 35 -39.38 48.79 12.43
C SER D 35 -40.56 49.65 12.85
N TRP D 36 -40.40 50.97 12.71
CA TRP D 36 -41.43 51.94 13.05
C TRP D 36 -42.01 52.56 11.78
N VAL D 37 -43.32 52.78 11.79
CA VAL D 37 -44.04 53.35 10.66
C VAL D 37 -44.97 54.44 11.17
N ARG D 38 -44.99 55.58 10.48
CA ARG D 38 -45.85 56.70 10.84
C ARG D 38 -47.08 56.72 9.94
N GLN D 39 -48.18 57.24 10.50
CA GLN D 39 -49.44 57.34 9.78
C GLN D 39 -50.15 58.60 10.28
N MET D 40 -50.13 59.64 9.46
CA MET D 40 -50.84 60.86 9.81
C MET D 40 -52.35 60.62 9.66
N PRO D 41 -53.17 61.46 10.30
CA PRO D 41 -54.62 61.19 10.33
C PRO D 41 -55.22 60.82 8.98
N GLY D 42 -54.84 61.54 7.93
CA GLY D 42 -55.40 61.29 6.62
C GLY D 42 -54.38 60.93 5.56
N LYS D 43 -53.13 60.72 6.00
CA LYS D 43 -52.05 60.37 5.07
C LYS D 43 -51.95 58.87 4.95
N GLY D 44 -50.94 58.39 4.22
CA GLY D 44 -50.72 56.96 4.06
C GLY D 44 -49.57 56.45 4.90
N LEU D 45 -49.13 55.23 4.63
CA LEU D 45 -48.06 54.60 5.41
C LEU D 45 -46.70 55.07 4.92
N GLU D 46 -45.79 55.29 5.86
CA GLU D 46 -44.46 55.81 5.56
C GLU D 46 -43.46 55.18 6.52
N TRP D 47 -42.49 54.48 5.96
CA TRP D 47 -41.47 53.83 6.77
C TRP D 47 -40.52 54.85 7.37
N MET D 48 -40.09 54.59 8.61
CA MET D 48 -39.18 55.48 9.32
C MET D 48 -37.82 54.84 9.56
N GLY D 49 -37.78 53.67 10.18
CA GLY D 49 -36.50 53.03 10.46
C GLY D 49 -36.73 51.65 11.04
N ARG D 50 -35.62 50.94 11.25
CA ARG D 50 -35.68 49.60 11.82
C ARG D 50 -34.40 49.32 12.60
N ILE D 51 -34.49 48.39 13.54
CA ILE D 51 -33.36 47.96 14.35
C ILE D 51 -33.35 46.43 14.42
N ASP D 52 -32.15 45.89 14.62
CA ASP D 52 -31.98 44.51 15.07
C ASP D 52 -31.47 44.56 16.51
N PRO D 53 -32.32 44.31 17.50
CA PRO D 53 -31.92 44.56 18.89
C PRO D 53 -30.62 43.89 19.28
N SER D 54 -30.39 42.67 18.80
CA SER D 54 -29.14 41.98 19.10
C SER D 54 -27.94 42.81 18.65
N ASP D 55 -28.01 43.38 17.44
CA ASP D 55 -26.95 44.22 16.92
C ASP D 55 -27.18 45.69 17.19
N SER D 56 -28.42 46.10 17.46
CA SER D 56 -28.74 47.51 17.69
C SER D 56 -28.23 48.36 16.54
N TYR D 57 -28.47 47.89 15.31
CA TYR D 57 -28.02 48.55 14.10
C TYR D 57 -29.23 49.22 13.44
N THR D 58 -29.18 50.54 13.35
CA THR D 58 -30.30 51.32 12.81
C THR D 58 -30.13 51.53 11.31
N ASN D 59 -31.26 51.75 10.64
CA ASN D 59 -31.28 52.05 9.21
C ASN D 59 -32.26 53.19 8.96
N TYR D 60 -32.11 54.28 9.72
CA TYR D 60 -33.01 55.41 9.62
C TYR D 60 -33.32 55.75 8.18
N SER D 61 -34.56 56.15 7.93
CA SER D 61 -34.96 56.60 6.60
C SER D 61 -34.35 57.97 6.31
N PRO D 62 -34.05 58.26 5.04
CA PRO D 62 -33.49 59.59 4.73
C PRO D 62 -34.39 60.74 5.13
N SER D 63 -35.71 60.58 5.02
CA SER D 63 -36.64 61.63 5.42
C SER D 63 -36.82 61.72 6.92
N PHE D 64 -36.26 60.77 7.68
CA PHE D 64 -36.38 60.76 9.13
C PHE D 64 -35.05 60.59 9.84
N GLN D 65 -33.93 60.77 9.14
CA GLN D 65 -32.62 60.50 9.74
C GLN D 65 -32.42 61.34 11.00
N GLY D 66 -32.26 62.65 10.83
CA GLY D 66 -32.04 63.53 11.95
C GLY D 66 -33.30 64.14 12.51
N HIS D 67 -34.33 63.31 12.73
CA HIS D 67 -35.57 63.81 13.32
C HIS D 67 -35.96 62.98 14.55
N VAL D 68 -35.70 61.68 14.50
CA VAL D 68 -36.04 60.78 15.60
C VAL D 68 -34.88 59.83 15.84
N THR D 69 -34.85 59.25 17.04
CA THR D 69 -33.84 58.27 17.42
C THR D 69 -34.54 56.98 17.80
N ILE D 70 -34.10 55.87 17.22
CA ILE D 70 -34.67 54.55 17.51
C ILE D 70 -33.61 53.74 18.24
N SER D 71 -33.99 53.22 19.41
CA SER D 71 -33.10 52.43 20.26
C SER D 71 -33.79 51.13 20.62
N ALA D 72 -33.03 50.24 21.28
CA ALA D 72 -33.57 48.95 21.66
C ALA D 72 -32.87 48.44 22.91
N ASP D 73 -33.57 47.57 23.64
CA ASP D 73 -33.02 46.89 24.81
C ASP D 73 -33.43 45.42 24.68
N LYS D 74 -32.45 44.56 24.38
CA LYS D 74 -32.75 43.15 24.14
C LYS D 74 -33.01 42.40 25.45
N SER D 75 -32.56 42.92 26.59
CA SER D 75 -32.85 42.26 27.85
C SER D 75 -34.35 42.18 28.09
N ILE D 76 -35.07 43.26 27.76
CA ILE D 76 -36.53 43.29 27.82
C ILE D 76 -37.17 43.14 26.44
N SER D 77 -36.37 42.96 25.40
CA SER D 77 -36.89 42.78 24.04
C SER D 77 -37.83 43.92 23.67
N THR D 78 -37.38 45.15 23.91
CA THR D 78 -38.19 46.34 23.69
C THR D 78 -37.49 47.26 22.70
N ALA D 79 -38.27 47.96 21.90
CA ALA D 79 -37.78 49.00 21.02
C ALA D 79 -38.40 50.33 21.41
N TYR D 80 -37.65 51.41 21.20
CA TYR D 80 -38.08 52.75 21.60
C TYR D 80 -37.87 53.73 20.45
N LEU D 81 -38.87 54.57 20.24
CA LEU D 81 -38.82 55.65 19.26
C LEU D 81 -38.91 56.96 20.03
N GLN D 82 -37.92 57.83 19.86
CA GLN D 82 -37.75 59.00 20.70
C GLN D 82 -37.63 60.26 19.86
N TRP D 83 -38.38 61.28 20.26
CA TRP D 83 -38.26 62.64 19.76
C TRP D 83 -37.57 63.51 20.80
N SER D 84 -36.48 64.15 20.41
CA SER D 84 -35.82 65.10 21.29
C SER D 84 -36.63 66.39 21.40
N SER D 85 -37.21 66.83 20.29
CA SER D 85 -38.05 68.03 20.26
C SER D 85 -39.26 67.74 19.37
N LEU D 86 -40.44 67.80 19.96
CA LEU D 86 -41.67 67.50 19.25
C LEU D 86 -42.21 68.75 18.56
N GLN D 87 -42.88 68.52 17.42
CA GLN D 87 -43.54 69.59 16.68
C GLN D 87 -44.93 69.12 16.29
N ALA D 88 -45.78 70.10 15.93
CA ALA D 88 -47.16 69.78 15.60
C ALA D 88 -47.25 68.76 14.46
N SER D 89 -46.30 68.78 13.54
CA SER D 89 -46.32 67.84 12.42
C SER D 89 -46.15 66.40 12.88
N ASP D 90 -45.60 66.17 14.07
CA ASP D 90 -45.39 64.82 14.56
C ASP D 90 -46.68 64.15 15.02
N THR D 91 -47.78 64.90 15.11
CA THR D 91 -49.06 64.33 15.54
C THR D 91 -49.52 63.26 14.56
N ALA D 92 -49.51 62.00 14.98
CA ALA D 92 -49.86 60.89 14.09
C ALA D 92 -49.88 59.61 14.91
N ILE D 93 -50.22 58.50 14.24
CA ILE D 93 -50.20 57.17 14.85
C ILE D 93 -48.94 56.45 14.41
N TYR D 94 -48.20 55.90 15.36
CA TYR D 94 -46.94 55.23 15.09
C TYR D 94 -47.08 53.75 15.44
N TYR D 95 -46.80 52.89 14.47
CA TYR D 95 -46.89 51.45 14.63
C TYR D 95 -45.49 50.83 14.64
N CYS D 96 -45.35 49.72 15.34
CA CYS D 96 -44.14 48.91 15.32
C CYS D 96 -44.47 47.56 14.70
N ALA D 97 -43.71 47.19 13.68
CA ALA D 97 -43.87 45.91 13.00
C ALA D 97 -42.58 45.12 13.12
N ARG D 98 -42.68 43.81 12.92
CA ARG D 98 -41.54 42.92 13.01
C ARG D 98 -41.30 42.24 11.66
N HIS D 99 -40.03 41.92 11.42
CA HIS D 99 -39.62 41.22 10.19
C HIS D 99 -38.61 40.15 10.60
N VAL D 100 -39.09 38.91 10.73
CA VAL D 100 -38.21 37.82 11.12
C VAL D 100 -37.49 37.28 9.90
N VAL D 101 -36.41 36.55 10.17
CA VAL D 101 -35.56 35.97 9.13
C VAL D 101 -35.92 34.50 8.97
N ALA D 102 -36.08 34.06 7.72
CA ALA D 102 -36.44 32.69 7.40
C ALA D 102 -35.37 32.08 6.49
N LEU D 103 -34.11 32.34 6.82
CA LEU D 103 -32.99 31.81 6.06
C LEU D 103 -33.08 32.25 4.60
N THR D 104 -34.01 31.65 3.85
CA THR D 104 -34.14 31.98 2.43
C THR D 104 -34.54 33.44 2.23
N HIS D 105 -35.43 33.96 3.08
CA HIS D 105 -35.97 35.31 2.90
C HIS D 105 -36.48 35.81 4.24
N LEU D 106 -37.08 36.99 4.22
CA LEU D 106 -37.66 37.60 5.41
C LEU D 106 -39.15 37.28 5.50
N TYR D 107 -39.74 37.61 6.64
CA TYR D 107 -41.17 37.41 6.84
C TYR D 107 -41.71 38.34 7.91
N PRO D 108 -42.59 39.28 7.57
CA PRO D 108 -43.26 40.07 8.60
C PRO D 108 -44.42 39.29 9.21
N ASP D 109 -44.38 39.11 10.53
CA ASP D 109 -45.37 38.29 11.22
C ASP D 109 -46.45 39.13 11.87
N TYR D 110 -46.07 40.05 12.74
CA TYR D 110 -47.03 40.81 13.53
C TYR D 110 -46.94 42.30 13.22
N TRP D 111 -48.05 43.00 13.44
CA TRP D 111 -48.12 44.45 13.28
C TRP D 111 -48.65 45.06 14.56
N GLY D 112 -47.94 46.07 15.06
CA GLY D 112 -48.36 46.70 16.31
C GLY D 112 -49.69 47.41 16.15
N GLN D 113 -50.41 47.51 17.28
CA GLN D 113 -51.69 48.20 17.27
C GLN D 113 -51.53 49.70 17.03
N GLY D 114 -50.38 50.26 17.33
CA GLY D 114 -50.12 51.67 17.11
C GLY D 114 -50.35 52.50 18.37
N THR D 115 -49.66 53.63 18.42
CA THR D 115 -49.80 54.59 19.51
C THR D 115 -50.05 55.97 18.90
N LEU D 116 -51.08 56.66 19.37
CA LEU D 116 -51.42 57.98 18.88
C LEU D 116 -50.66 59.03 19.66
N VAL D 117 -49.96 59.91 18.95
CA VAL D 117 -49.20 61.00 19.54
C VAL D 117 -49.79 62.30 19.05
N THR D 118 -50.09 63.21 19.98
CA THR D 118 -50.69 64.51 19.67
C THR D 118 -49.77 65.60 20.21
N VAL D 119 -49.13 66.34 19.30
CA VAL D 119 -48.25 67.44 19.67
C VAL D 119 -49.07 68.73 19.54
N SER D 120 -49.40 69.33 20.68
CA SER D 120 -50.18 70.56 20.69
C SER D 120 -50.03 71.29 22.03
N ASP E 1 -33.59 56.20 -3.20
CA ASP E 1 -34.67 55.28 -2.74
C ASP E 1 -35.39 54.66 -3.93
N ILE E 2 -36.30 53.74 -3.65
CA ILE E 2 -37.10 53.07 -4.68
C ILE E 2 -38.54 53.50 -4.46
N GLN E 3 -39.01 54.44 -5.26
CA GLN E 3 -40.36 54.97 -5.11
C GLN E 3 -41.38 53.93 -5.56
N MET E 4 -42.44 53.77 -4.77
CA MET E 4 -43.51 52.84 -5.07
C MET E 4 -44.78 53.62 -5.40
N THR E 5 -45.37 53.33 -6.56
CA THR E 5 -46.56 54.01 -7.04
C THR E 5 -47.64 52.99 -7.35
N GLN E 6 -48.82 53.21 -6.79
CA GLN E 6 -49.94 52.27 -6.96
C GLN E 6 -50.98 52.86 -7.90
N SER E 7 -51.83 51.97 -8.42
CA SER E 7 -52.88 52.38 -9.34
C SER E 7 -54.02 51.37 -9.28
N PRO E 8 -55.28 51.81 -9.41
CA PRO E 8 -55.69 53.22 -9.53
C PRO E 8 -55.67 53.92 -8.18
N ALA E 9 -55.96 55.22 -8.17
CA ALA E 9 -56.08 55.93 -6.90
C ALA E 9 -57.22 55.34 -6.07
N THR E 10 -58.40 55.20 -6.69
CA THR E 10 -59.54 54.55 -6.06
C THR E 10 -60.32 53.81 -7.14
N LEU E 11 -61.05 52.78 -6.72
CA LEU E 11 -61.86 51.99 -7.64
C LEU E 11 -63.20 51.70 -6.98
N SER E 12 -64.09 51.07 -7.74
CA SER E 12 -65.41 50.72 -7.24
C SER E 12 -65.81 49.39 -7.86
N VAL E 13 -65.96 48.37 -7.02
CA VAL E 13 -66.20 47.00 -7.48
C VAL E 13 -67.37 46.42 -6.71
N SER E 14 -68.31 45.81 -7.42
CA SER E 14 -69.43 45.12 -6.79
C SER E 14 -68.97 43.80 -6.20
N PRO E 15 -69.67 43.30 -5.19
CA PRO E 15 -69.30 42.01 -4.61
C PRO E 15 -69.42 40.88 -5.64
N GLY E 16 -68.47 39.94 -5.58
CA GLY E 16 -68.43 38.82 -6.48
C GLY E 16 -67.53 39.04 -7.68
N GLU E 17 -67.22 40.29 -8.00
CA GLU E 17 -66.34 40.59 -9.13
C GLU E 17 -64.89 40.44 -8.71
N ARG E 18 -63.99 40.77 -9.64
CA ARG E 18 -62.55 40.65 -9.43
C ARG E 18 -61.94 42.06 -9.42
N ALA E 19 -61.26 42.40 -8.33
CA ALA E 19 -60.59 43.69 -8.24
C ALA E 19 -59.10 43.54 -8.55
N THR E 20 -58.55 44.52 -9.27
CA THR E 20 -57.15 44.48 -9.70
C THR E 20 -56.46 45.76 -9.28
N LEU E 21 -55.31 45.61 -8.62
CA LEU E 21 -54.48 46.75 -8.21
C LEU E 21 -53.07 46.53 -8.74
N SER E 22 -52.45 47.59 -9.25
CA SER E 22 -51.09 47.52 -9.78
C SER E 22 -50.16 48.34 -8.90
N CYS E 23 -48.90 47.90 -8.84
CA CYS E 23 -47.87 48.56 -8.06
C CYS E 23 -46.59 48.57 -8.87
N ARG E 24 -45.93 49.73 -8.94
CA ARG E 24 -44.74 49.92 -9.75
C ARG E 24 -43.61 50.45 -8.87
N ALA E 25 -42.39 49.99 -9.13
CA ALA E 25 -41.21 50.46 -8.37
C ALA E 25 -40.27 51.21 -9.33
N SER E 26 -39.54 52.21 -8.83
CA SER E 26 -38.51 52.87 -9.66
C SER E 26 -37.23 52.05 -9.53
N GLN E 27 -36.88 51.22 -10.53
CA GLN E 27 -35.73 50.28 -10.46
C GLN E 27 -36.25 48.94 -9.91
N SER E 28 -35.55 47.84 -10.15
CA SER E 28 -36.08 46.50 -9.76
C SER E 28 -36.10 46.30 -8.24
N VAL E 29 -36.98 45.41 -7.75
CA VAL E 29 -37.00 45.06 -6.30
C VAL E 29 -37.08 43.53 -6.23
N SER E 30 -36.68 42.84 -7.31
CA SER E 30 -36.71 41.39 -7.38
C SER E 30 -38.11 40.87 -7.05
N SER E 31 -38.29 40.32 -5.84
CA SER E 31 -39.60 39.83 -5.44
C SER E 31 -39.85 40.11 -3.96
N THR E 32 -39.19 41.11 -3.40
CA THR E 32 -39.30 41.42 -1.97
C THR E 32 -40.41 42.42 -1.71
N LEU E 33 -41.61 42.12 -2.19
CA LEU E 33 -42.76 43.01 -2.05
C LEU E 33 -43.82 42.36 -1.15
N ALA E 34 -44.57 43.22 -0.47
CA ALA E 34 -45.65 42.78 0.40
C ALA E 34 -46.85 43.69 0.24
N TRP E 35 -48.03 43.09 0.16
CA TRP E 35 -49.29 43.82 0.11
C TRP E 35 -49.94 43.79 1.49
N TYR E 36 -50.60 44.90 1.84
CA TYR E 36 -51.22 45.05 3.15
C TYR E 36 -52.67 45.47 2.99
N GLN E 37 -53.44 45.27 4.05
CA GLN E 37 -54.82 45.74 4.13
C GLN E 37 -54.99 46.50 5.44
N GLN E 38 -55.49 47.73 5.35
CA GLN E 38 -55.69 48.59 6.51
C GLN E 38 -57.14 49.06 6.49
N LYS E 39 -58.01 48.33 7.17
CA LYS E 39 -59.40 48.73 7.26
C LYS E 39 -59.52 49.99 8.11
N PRO E 40 -60.58 50.78 7.90
CA PRO E 40 -60.74 52.01 8.68
C PRO E 40 -60.69 51.75 10.17
N GLY E 41 -59.75 52.42 10.85
CA GLY E 41 -59.60 52.28 12.28
C GLY E 41 -58.84 51.06 12.73
N GLN E 42 -58.34 50.24 11.80
CA GLN E 42 -57.61 49.03 12.13
C GLN E 42 -56.18 49.11 11.61
N ALA E 43 -55.29 48.42 12.30
CA ALA E 43 -53.89 48.40 11.90
C ALA E 43 -53.72 47.64 10.59
N PRO E 44 -52.68 47.95 9.82
CA PRO E 44 -52.48 47.23 8.55
C PRO E 44 -52.32 45.73 8.78
N ARG E 45 -52.85 44.96 7.83
CA ARG E 45 -52.79 43.51 7.87
C ARG E 45 -52.12 43.00 6.60
N LEU E 46 -51.14 42.12 6.76
CA LEU E 46 -50.44 41.55 5.63
C LEU E 46 -51.35 40.61 4.86
N LEU E 47 -51.28 40.68 3.53
CA LEU E 47 -52.04 39.79 2.66
C LEU E 47 -51.11 38.89 1.85
N ILE E 48 -50.18 39.47 1.11
CA ILE E 48 -49.25 38.73 0.26
C ILE E 48 -47.83 39.17 0.61
N TYR E 49 -46.90 38.22 0.59
CA TYR E 49 -45.49 38.53 0.76
C TYR E 49 -44.67 37.75 -0.25
N GLY E 50 -43.49 38.28 -0.56
CA GLY E 50 -42.68 37.72 -1.62
C GLY E 50 -43.29 37.95 -2.99
N ALA E 51 -44.33 38.79 -3.06
CA ALA E 51 -45.00 39.15 -4.31
C ALA E 51 -45.87 38.01 -4.84
N SER E 52 -45.78 36.83 -4.24
CA SER E 52 -46.61 35.71 -4.67
C SER E 52 -47.15 34.84 -3.55
N THR E 53 -46.60 34.90 -2.34
CA THR E 53 -46.99 33.97 -1.29
C THR E 53 -48.12 34.56 -0.45
N ARG E 54 -49.17 33.76 -0.25
CA ARG E 54 -50.31 34.21 0.55
C ARG E 54 -50.03 34.02 2.03
N ALA E 55 -50.25 35.08 2.81
CA ALA E 55 -50.05 34.99 4.25
C ALA E 55 -51.02 33.99 4.85
N THR E 56 -50.52 33.20 5.81
CA THR E 56 -51.34 32.19 6.46
C THR E 56 -52.50 32.85 7.20
N GLY E 57 -53.67 32.23 7.14
CA GLY E 57 -54.86 32.77 7.77
C GLY E 57 -55.61 33.78 6.95
N ILE E 58 -55.21 34.01 5.71
CA ILE E 58 -55.89 34.97 4.83
C ILE E 58 -56.73 34.19 3.83
N PRO E 59 -57.91 34.69 3.45
CA PRO E 59 -58.72 33.97 2.46
C PRO E 59 -57.96 33.77 1.16
N ALA E 60 -58.19 32.63 0.52
CA ALA E 60 -57.49 32.26 -0.70
C ALA E 60 -57.89 33.10 -1.91
N ARG E 61 -58.95 33.91 -1.79
CA ARG E 61 -59.37 34.74 -2.91
C ARG E 61 -58.35 35.80 -3.27
N PHE E 62 -57.52 36.22 -2.32
CA PHE E 62 -56.47 37.18 -2.61
C PHE E 62 -55.28 36.48 -3.25
N SER E 63 -54.69 37.15 -4.23
CA SER E 63 -53.54 36.58 -4.93
C SER E 63 -52.61 37.70 -5.37
N GLY E 64 -51.32 37.40 -5.40
CA GLY E 64 -50.34 38.35 -5.87
C GLY E 64 -49.51 37.81 -7.02
N SER E 65 -49.00 38.69 -7.88
CA SER E 65 -48.21 38.27 -9.02
C SER E 65 -47.31 39.42 -9.43
N GLY E 66 -46.41 39.14 -10.37
CA GLY E 66 -45.50 40.14 -10.88
C GLY E 66 -44.07 39.89 -10.42
N SER E 67 -43.17 40.74 -10.93
CA SER E 67 -41.76 40.60 -10.62
C SER E 67 -41.01 41.79 -11.20
N GLY E 68 -39.88 42.12 -10.58
CA GLY E 68 -39.06 43.20 -11.06
C GLY E 68 -39.53 44.55 -10.56
N THR E 69 -40.17 45.31 -11.45
CA THR E 69 -40.71 46.62 -11.11
C THR E 69 -42.22 46.65 -11.03
N GLU E 70 -42.91 45.70 -11.64
CA GLU E 70 -44.37 45.69 -11.72
C GLU E 70 -44.93 44.49 -10.97
N PHE E 71 -45.94 44.75 -10.15
CA PHE E 71 -46.62 43.73 -9.37
C PHE E 71 -48.11 44.01 -9.38
N THR E 72 -48.90 42.98 -9.11
CA THR E 72 -50.35 43.06 -9.20
C THR E 72 -50.98 42.27 -8.07
N LEU E 73 -52.02 42.86 -7.48
CA LEU E 73 -52.85 42.21 -6.46
C LEU E 73 -54.24 42.00 -7.03
N THR E 74 -54.73 40.76 -6.96
CA THR E 74 -56.03 40.39 -7.49
C THR E 74 -56.90 39.86 -6.37
N ILE E 75 -58.11 40.43 -6.25
CA ILE E 75 -59.09 40.01 -5.27
C ILE E 75 -60.29 39.44 -6.02
N SER E 76 -60.32 38.13 -6.21
CA SER E 76 -61.43 37.48 -6.88
C SER E 76 -62.63 37.37 -5.93
N SER E 77 -63.82 37.53 -6.48
CA SER E 77 -65.04 37.42 -5.68
C SER E 77 -64.99 38.38 -4.50
N LEU E 78 -64.91 39.67 -4.78
CA LEU E 78 -64.78 40.66 -3.72
C LEU E 78 -65.93 40.53 -2.72
N GLN E 79 -65.60 40.63 -1.44
CA GLN E 79 -66.56 40.46 -0.36
C GLN E 79 -66.87 41.80 0.29
N SER E 80 -67.87 41.78 1.17
CA SER E 80 -68.32 43.01 1.82
C SER E 80 -67.36 43.50 2.89
N GLU E 81 -66.43 42.66 3.33
CA GLU E 81 -65.44 43.05 4.33
C GLU E 81 -64.09 43.37 3.70
N ASP E 82 -64.01 43.45 2.37
CA ASP E 82 -62.76 43.69 1.67
C ASP E 82 -62.53 45.15 1.37
N PHE E 83 -63.37 46.05 1.89
CA PHE E 83 -63.26 47.48 1.60
C PHE E 83 -62.23 48.09 2.53
N ALA E 84 -61.05 48.39 1.99
CA ALA E 84 -59.98 49.01 2.76
C ALA E 84 -59.00 49.69 1.81
N VAL E 85 -57.85 50.11 2.32
CA VAL E 85 -56.80 50.72 1.51
C VAL E 85 -55.64 49.74 1.48
N TYR E 86 -55.18 49.41 0.26
CA TYR E 86 -54.14 48.42 0.05
C TYR E 86 -52.87 49.12 -0.40
N TYR E 87 -51.77 48.84 0.29
CA TYR E 87 -50.47 49.39 -0.03
C TYR E 87 -49.53 48.27 -0.47
N CYS E 88 -48.44 48.67 -1.11
CA CYS E 88 -47.37 47.74 -1.49
C CYS E 88 -46.06 48.29 -0.96
N GLN E 89 -45.39 47.51 -0.12
CA GLN E 89 -44.14 47.90 0.52
C GLN E 89 -43.04 46.93 0.15
N GLN E 90 -41.88 47.46 -0.20
CA GLN E 90 -40.70 46.65 -0.46
C GLN E 90 -39.79 46.67 0.76
N TYR E 91 -39.12 45.55 1.00
CA TYR E 91 -38.32 45.36 2.20
C TYR E 91 -36.97 44.78 1.83
N ASN E 92 -36.33 45.33 0.80
CA ASN E 92 -34.99 44.89 0.45
C ASN E 92 -34.07 45.03 1.66
N ASN E 93 -33.30 43.99 1.93
CA ASN E 93 -32.64 43.87 3.23
C ASN E 93 -31.67 45.02 3.48
N TRP E 94 -30.73 45.26 2.57
CA TRP E 94 -29.76 46.32 2.76
C TRP E 94 -30.22 47.60 2.08
N SER E 95 -31.45 48.03 2.37
CA SER E 95 -32.00 49.21 1.71
C SER E 95 -33.13 49.78 2.55
N THR E 96 -33.45 51.05 2.28
CA THR E 96 -34.57 51.71 2.95
C THR E 96 -35.89 51.15 2.43
N TRP E 97 -36.77 50.78 3.35
CA TRP E 97 -38.07 50.23 2.98
C TRP E 97 -39.00 51.37 2.58
N THR E 98 -39.46 51.34 1.34
CA THR E 98 -40.32 52.37 0.79
C THR E 98 -41.78 51.90 0.78
N PHE E 99 -42.70 52.85 0.71
CA PHE E 99 -44.12 52.58 0.78
C PHE E 99 -44.83 53.28 -0.37
N GLY E 100 -45.90 52.64 -0.86
CA GLY E 100 -46.77 53.28 -1.82
C GLY E 100 -47.84 54.11 -1.15
N GLN E 101 -48.54 54.91 -1.96
CA GLN E 101 -49.58 55.79 -1.43
C GLN E 101 -50.84 55.03 -1.07
N GLY E 102 -51.13 53.92 -1.74
CA GLY E 102 -52.28 53.10 -1.45
C GLY E 102 -53.39 53.31 -2.46
N THR E 103 -54.32 52.35 -2.48
CA THR E 103 -55.48 52.38 -3.33
C THR E 103 -56.72 52.00 -2.52
N LYS E 104 -57.82 52.70 -2.75
CA LYS E 104 -59.04 52.51 -1.98
C LYS E 104 -60.05 51.71 -2.79
N VAL E 105 -60.65 50.71 -2.15
CA VAL E 105 -61.66 49.85 -2.77
C VAL E 105 -63.01 50.18 -2.16
N ASP E 106 -63.98 50.50 -3.02
CA ASP E 106 -65.31 50.91 -2.60
C ASP E 106 -66.36 50.11 -3.38
N ILE E 107 -67.63 50.39 -3.10
CA ILE E 107 -68.74 49.71 -3.74
C ILE E 107 -69.02 50.34 -5.09
N LYS E 108 -69.20 49.50 -6.10
CA LYS E 108 -69.55 49.99 -7.43
C LYS E 108 -70.99 50.51 -7.44
N ARG E 109 -71.20 51.62 -8.14
CA ARG E 109 -72.53 52.19 -8.29
C ARG E 109 -72.57 53.15 -9.47
N VAL F 2 24.77 50.92 -29.39
CA VAL F 2 24.36 52.03 -30.24
C VAL F 2 25.54 52.50 -31.08
N GLN F 3 25.45 52.30 -32.40
CA GLN F 3 26.51 52.73 -33.30
C GLN F 3 26.02 52.76 -34.74
N LEU F 4 26.28 53.86 -35.44
CA LEU F 4 25.99 53.98 -36.86
C LEU F 4 27.27 54.27 -37.62
N VAL F 5 27.45 53.60 -38.76
CA VAL F 5 28.62 53.77 -39.60
C VAL F 5 28.16 54.06 -41.02
N GLN F 6 28.64 55.15 -41.59
CA GLN F 6 28.30 55.53 -42.95
C GLN F 6 29.38 55.08 -43.92
N SER F 7 29.18 55.41 -45.19
CA SER F 7 30.15 55.09 -46.23
C SER F 7 31.14 56.24 -46.41
N GLY F 8 32.16 55.99 -47.25
CA GLY F 8 33.17 56.99 -47.47
C GLY F 8 32.72 58.10 -48.40
N ALA F 9 33.53 59.16 -48.47
CA ALA F 9 33.21 60.29 -49.33
C ALA F 9 33.14 59.85 -50.79
N GLU F 10 32.22 60.47 -51.53
CA GLU F 10 31.96 60.13 -52.91
C GLU F 10 32.10 61.36 -53.79
N VAL F 11 32.66 61.15 -54.98
CA VAL F 11 32.78 62.18 -56.00
C VAL F 11 32.20 61.61 -57.29
N LYS F 12 31.20 62.29 -57.85
CA LYS F 12 30.51 61.81 -59.03
C LYS F 12 30.28 62.95 -60.00
N LYS F 13 30.13 62.62 -61.27
CA LYS F 13 29.75 63.60 -62.26
C LYS F 13 28.24 63.80 -62.24
N PRO F 14 27.75 64.95 -62.69
CA PRO F 14 26.30 65.16 -62.74
C PRO F 14 25.61 64.11 -63.60
N GLY F 15 24.45 63.66 -63.13
CA GLY F 15 23.67 62.67 -63.82
C GLY F 15 23.98 61.23 -63.44
N GLU F 16 25.11 60.98 -62.80
CA GLU F 16 25.47 59.63 -62.40
C GLU F 16 24.69 59.21 -61.16
N SER F 17 24.27 57.96 -61.14
CA SER F 17 23.58 57.42 -59.97
C SER F 17 24.57 57.20 -58.84
N LEU F 18 24.04 57.22 -57.61
CA LEU F 18 24.89 57.05 -56.43
C LEU F 18 24.03 56.50 -55.30
N ARG F 19 24.65 55.77 -54.40
CA ARG F 19 23.96 55.28 -53.20
C ARG F 19 24.95 55.24 -52.05
N ILE F 20 24.60 55.93 -50.96
CA ILE F 20 25.39 55.94 -49.75
C ILE F 20 24.69 55.06 -48.72
N SER F 21 25.49 54.40 -47.89
CA SER F 21 25.00 53.43 -46.93
C SER F 21 25.29 53.90 -45.51
N CYS F 22 24.51 53.37 -44.57
CA CYS F 22 24.69 53.69 -43.15
C CYS F 22 24.19 52.48 -42.36
N LYS F 23 25.11 51.79 -41.71
CA LYS F 23 24.80 50.58 -40.96
C LYS F 23 24.64 50.90 -39.49
N GLY F 24 23.57 50.38 -38.89
CA GLY F 24 23.27 50.59 -37.49
C GLY F 24 23.39 49.33 -36.66
N SER F 25 23.49 49.53 -35.35
CA SER F 25 23.62 48.43 -34.41
C SER F 25 23.22 48.94 -33.02
N GLY F 26 22.93 48.00 -32.13
CA GLY F 26 22.57 48.34 -30.77
C GLY F 26 21.25 49.08 -30.65
N HIS F 27 20.23 48.64 -31.38
CA HIS F 27 18.94 49.32 -31.36
C HIS F 27 17.99 48.64 -30.36
N ASN F 28 17.07 49.45 -29.83
CA ASN F 28 16.15 48.96 -28.81
C ASN F 28 15.30 47.81 -29.33
N SER F 29 14.78 47.95 -30.55
CA SER F 29 13.90 46.94 -31.15
C SER F 29 14.04 47.06 -32.66
N PRO F 30 13.54 46.06 -33.40
CA PRO F 30 13.66 46.12 -34.86
C PRO F 30 12.88 47.26 -35.49
N SER F 31 12.02 47.95 -34.74
CA SER F 31 11.21 49.04 -35.26
C SER F 31 11.70 50.34 -34.65
N TYR F 32 12.66 50.98 -35.31
CA TYR F 32 13.21 52.27 -34.95
C TYR F 32 13.05 53.23 -36.13
N TRP F 33 13.63 54.42 -36.02
CA TRP F 33 13.53 55.41 -37.09
C TRP F 33 14.90 55.93 -37.51
N ILE F 34 15.41 55.45 -38.64
CA ILE F 34 16.67 55.96 -39.18
C ILE F 34 16.36 57.01 -40.24
N SER F 35 16.94 58.20 -40.08
CA SER F 35 16.60 59.34 -40.90
C SER F 35 17.86 59.95 -41.50
N TRP F 36 17.69 60.58 -42.67
CA TRP F 36 18.79 61.23 -43.38
C TRP F 36 18.63 62.75 -43.30
N VAL F 37 19.76 63.44 -43.17
CA VAL F 37 19.78 64.90 -43.08
C VAL F 37 20.89 65.42 -43.98
N ARG F 38 20.58 66.46 -44.74
CA ARG F 38 21.54 67.09 -45.64
C ARG F 38 22.11 68.35 -45.02
N GLN F 39 23.35 68.67 -45.40
CA GLN F 39 24.05 69.84 -44.88
C GLN F 39 24.95 70.36 -45.99
N MET F 40 24.54 71.44 -46.63
CA MET F 40 25.37 72.07 -47.64
C MET F 40 26.54 72.79 -46.97
N PRO F 41 27.61 73.09 -47.73
CA PRO F 41 28.82 73.65 -47.11
C PRO F 41 28.57 74.79 -46.14
N GLY F 42 27.69 75.72 -46.52
CA GLY F 42 27.44 76.88 -45.69
C GLY F 42 25.99 77.02 -45.27
N LYS F 43 25.17 76.01 -45.58
CA LYS F 43 23.76 76.03 -45.22
C LYS F 43 23.56 75.39 -43.85
N GLY F 44 22.31 75.21 -43.44
CA GLY F 44 22.01 74.59 -42.17
C GLY F 44 21.45 73.19 -42.33
N LEU F 45 20.95 72.62 -41.24
CA LEU F 45 20.43 71.25 -41.26
C LEU F 45 19.04 71.21 -41.87
N GLU F 46 18.80 70.21 -42.70
CA GLU F 46 17.52 70.04 -43.38
C GLU F 46 17.18 68.57 -43.44
N TRP F 47 16.01 68.22 -42.88
CA TRP F 47 15.56 66.84 -42.86
C TRP F 47 15.10 66.40 -44.24
N MET F 48 15.40 65.15 -44.58
CA MET F 48 15.05 64.59 -45.88
C MET F 48 14.02 63.48 -45.76
N GLY F 49 14.27 62.46 -44.95
CA GLY F 49 13.34 61.35 -44.83
C GLY F 49 13.77 60.42 -43.73
N ARG F 50 12.93 59.41 -43.47
CA ARG F 50 13.22 58.42 -42.47
C ARG F 50 12.54 57.11 -42.82
N ILE F 51 13.09 56.01 -42.30
CA ILE F 51 12.57 54.67 -42.52
C ILE F 51 12.53 53.93 -41.20
N ASP F 52 11.61 52.97 -41.11
CA ASP F 52 11.62 51.94 -40.09
C ASP F 52 11.95 50.61 -40.78
N PRO F 53 13.20 50.14 -40.68
CA PRO F 53 13.61 49.00 -41.51
C PRO F 53 12.70 47.78 -41.39
N SER F 54 12.20 47.51 -40.18
CA SER F 54 11.29 46.39 -40.00
C SER F 54 10.07 46.53 -40.90
N ASP F 55 9.50 47.73 -40.95
CA ASP F 55 8.35 47.99 -41.81
C ASP F 55 8.74 48.58 -43.16
N SER F 56 9.94 49.14 -43.27
CA SER F 56 10.40 49.77 -44.51
C SER F 56 9.36 50.78 -45.01
N TYR F 57 8.91 51.63 -44.10
CA TYR F 57 7.90 52.64 -44.39
C TYR F 57 8.60 54.01 -44.44
N THR F 58 8.57 54.63 -45.62
CA THR F 58 9.23 55.91 -45.83
C THR F 58 8.28 57.07 -45.53
N ASN F 59 8.87 58.20 -45.17
CA ASN F 59 8.13 59.44 -44.92
C ASN F 59 8.86 60.60 -45.58
N TYR F 60 9.19 60.43 -46.86
CA TYR F 60 9.96 61.43 -47.60
C TYR F 60 9.47 62.83 -47.31
N SER F 61 10.41 63.76 -47.23
CA SER F 61 10.06 65.16 -47.06
C SER F 61 9.45 65.71 -48.34
N PRO F 62 8.52 66.67 -48.24
CA PRO F 62 7.93 67.24 -49.46
C PRO F 62 8.95 67.88 -50.38
N SER F 63 10.00 68.51 -49.84
CA SER F 63 11.05 69.11 -50.64
C SER F 63 12.02 68.08 -51.21
N PHE F 64 11.91 66.81 -50.79
CA PHE F 64 12.80 65.77 -51.26
C PHE F 64 12.05 64.52 -51.72
N GLN F 65 10.73 64.61 -51.94
CA GLN F 65 9.95 63.43 -52.28
C GLN F 65 10.50 62.75 -53.53
N GLY F 66 10.34 63.38 -54.69
CA GLY F 66 10.81 62.82 -55.93
C GLY F 66 12.19 63.27 -56.33
N HIS F 67 13.15 63.21 -55.41
CA HIS F 67 14.53 63.57 -55.72
C HIS F 67 15.47 62.44 -55.33
N VAL F 68 15.19 61.77 -54.22
CA VAL F 68 16.01 60.68 -53.73
C VAL F 68 15.14 59.53 -53.29
N THR F 69 15.74 58.34 -53.21
CA THR F 69 15.05 57.14 -52.73
C THR F 69 15.80 56.60 -51.53
N ILE F 70 15.08 56.33 -50.45
CA ILE F 70 15.66 55.79 -49.23
C ILE F 70 15.14 54.37 -49.03
N SER F 71 16.06 53.43 -48.87
CA SER F 71 15.73 52.02 -48.70
C SER F 71 16.43 51.49 -47.45
N ALA F 72 16.09 50.26 -47.09
CA ALA F 72 16.69 49.64 -45.91
C ALA F 72 16.72 48.13 -46.07
N ASP F 73 17.65 47.51 -45.36
CA ASP F 73 17.78 46.05 -45.31
C ASP F 73 18.02 45.68 -43.85
N LYS F 74 17.01 45.05 -43.22
CA LYS F 74 17.10 44.73 -41.80
C LYS F 74 18.01 43.54 -41.53
N SER F 75 18.26 42.69 -42.53
CA SER F 75 19.16 41.57 -42.31
C SER F 75 20.55 42.04 -41.92
N ILE F 76 21.04 43.10 -42.59
CA ILE F 76 22.29 43.74 -42.22
C ILE F 76 22.07 45.02 -41.44
N SER F 77 20.82 45.37 -41.15
CA SER F 77 20.50 46.56 -40.35
C SER F 77 21.15 47.81 -40.96
N THR F 78 20.91 48.01 -42.25
CA THR F 78 21.53 49.08 -43.01
C THR F 78 20.45 49.92 -43.70
N ALA F 79 20.72 51.21 -43.86
CA ALA F 79 19.88 52.11 -44.63
C ALA F 79 20.69 52.68 -45.79
N TYR F 80 19.99 53.00 -46.88
CA TYR F 80 20.63 53.48 -48.09
C TYR F 80 19.89 54.71 -48.62
N LEU F 81 20.66 55.72 -49.03
CA LEU F 81 20.13 56.91 -49.67
C LEU F 81 20.68 56.95 -51.09
N GLN F 82 19.79 57.02 -52.08
CA GLN F 82 20.16 56.81 -53.47
C GLN F 82 19.66 57.96 -54.33
N TRP F 83 20.54 58.47 -55.18
CA TRP F 83 20.22 59.41 -56.24
C TRP F 83 20.24 58.68 -57.57
N SER F 84 19.13 58.76 -58.30
CA SER F 84 19.08 58.20 -59.64
C SER F 84 19.86 59.05 -60.63
N SER F 85 19.78 60.38 -60.47
CA SER F 85 20.52 61.31 -61.32
C SER F 85 21.04 62.44 -60.43
N LEU F 86 22.37 62.55 -60.33
CA LEU F 86 22.98 63.55 -59.48
C LEU F 86 23.12 64.88 -60.20
N GLN F 87 23.04 65.96 -59.43
CA GLN F 87 23.24 67.31 -59.94
C GLN F 87 24.19 68.06 -59.01
N ALA F 88 24.73 69.16 -59.52
CA ALA F 88 25.70 69.93 -58.74
C ALA F 88 25.12 70.39 -57.40
N SER F 89 23.80 70.60 -57.34
CA SER F 89 23.17 71.04 -56.11
C SER F 89 23.23 69.98 -55.01
N ASP F 90 23.42 68.72 -55.38
CA ASP F 90 23.46 67.63 -54.39
C ASP F 90 24.76 67.58 -53.61
N THR F 91 25.77 68.37 -54.00
CA THR F 91 27.04 68.37 -53.29
C THR F 91 26.86 68.85 -51.86
N ALA F 92 27.03 67.97 -50.89
CA ALA F 92 26.81 68.30 -49.48
C ALA F 92 27.22 67.13 -48.62
N ILE F 93 27.10 67.30 -47.31
CA ILE F 93 27.37 66.23 -46.34
C ILE F 93 26.04 65.68 -45.87
N TYR F 94 25.91 64.35 -45.93
CA TYR F 94 24.67 63.67 -45.58
C TYR F 94 24.91 62.80 -44.35
N TYR F 95 24.12 63.04 -43.31
CA TYR F 95 24.23 62.32 -42.05
C TYR F 95 23.03 61.39 -41.88
N CYS F 96 23.25 60.29 -41.17
CA CYS F 96 22.18 59.38 -40.76
C CYS F 96 22.07 59.40 -39.25
N ALA F 97 20.86 59.64 -38.76
CA ALA F 97 20.58 59.67 -37.32
C ALA F 97 19.53 58.62 -37.01
N ARG F 98 19.46 58.23 -35.74
CA ARG F 98 18.51 57.23 -35.29
C ARG F 98 17.53 57.85 -34.30
N HIS F 99 16.33 57.29 -34.27
CA HIS F 99 15.29 57.72 -33.34
C HIS F 99 14.61 56.46 -32.79
N VAL F 100 15.05 56.04 -31.60
CA VAL F 100 14.48 54.85 -30.98
C VAL F 100 13.21 55.22 -30.24
N VAL F 101 12.40 54.21 -29.94
CA VAL F 101 11.12 54.38 -29.28
C VAL F 101 11.27 53.94 -27.82
N ALA F 102 10.73 54.75 -26.91
CA ALA F 102 10.82 54.50 -25.48
C ALA F 102 9.41 54.43 -24.89
N LEU F 103 8.53 53.73 -25.61
CA LEU F 103 7.15 53.56 -25.16
C LEU F 103 6.45 54.92 -25.04
N THR F 104 6.80 55.68 -24.00
CA THR F 104 6.15 56.97 -23.78
C THR F 104 6.44 57.94 -24.91
N HIS F 105 7.66 57.96 -25.42
CA HIS F 105 8.08 58.95 -26.40
C HIS F 105 9.23 58.37 -27.21
N LEU F 106 9.82 59.21 -28.07
CA LEU F 106 10.98 58.85 -28.87
C LEU F 106 12.25 59.34 -28.21
N TYR F 107 13.38 58.88 -28.73
CA TYR F 107 14.68 59.31 -28.22
C TYR F 107 15.76 59.14 -29.28
N PRO F 108 16.34 60.23 -29.79
CA PRO F 108 17.49 60.09 -30.70
C PRO F 108 18.77 59.84 -29.91
N ASP F 109 19.44 58.73 -30.22
CA ASP F 109 20.60 58.31 -29.44
C ASP F 109 21.91 58.69 -30.13
N TYR F 110 22.09 58.27 -31.38
CA TYR F 110 23.36 58.47 -32.07
C TYR F 110 23.17 59.33 -33.32
N TRP F 111 24.26 59.99 -33.73
CA TRP F 111 24.29 60.79 -34.94
C TRP F 111 25.44 60.34 -35.81
N GLY F 112 25.17 60.09 -37.08
CA GLY F 112 26.21 59.60 -37.97
C GLY F 112 27.27 60.66 -38.22
N GLN F 113 28.48 60.19 -38.51
CA GLN F 113 29.58 61.11 -38.80
C GLN F 113 29.37 61.88 -40.09
N GLY F 114 28.57 61.35 -41.01
CA GLY F 114 28.28 62.03 -42.25
C GLY F 114 29.19 61.55 -43.39
N THR F 115 28.68 61.70 -44.62
CA THR F 115 29.42 61.37 -45.82
C THR F 115 29.35 62.55 -46.76
N LEU F 116 30.50 62.97 -47.27
CA LEU F 116 30.59 64.10 -48.19
C LEU F 116 30.42 63.62 -49.62
N VAL F 117 29.48 64.24 -50.34
CA VAL F 117 29.21 63.93 -51.74
C VAL F 117 29.51 65.17 -52.56
N THR F 118 30.30 65.01 -53.61
CA THR F 118 30.71 66.11 -54.48
C THR F 118 30.28 65.76 -55.91
N VAL F 119 29.29 66.49 -56.42
CA VAL F 119 28.81 66.29 -57.79
C VAL F 119 29.48 67.33 -58.67
N SER F 120 30.39 66.87 -59.52
CA SER F 120 31.13 67.77 -60.41
C SER F 120 31.76 66.99 -61.56
N ASP G 1 3.56 71.76 -43.49
CA ASP G 1 4.69 71.49 -42.55
C ASP G 1 4.64 72.45 -41.37
N ILE G 2 5.61 72.32 -40.47
CA ILE G 2 5.72 73.15 -39.29
C ILE G 2 7.06 73.88 -39.37
N GLN G 3 7.02 75.15 -39.76
CA GLN G 3 8.25 75.92 -39.92
C GLN G 3 8.83 76.28 -38.56
N MET G 4 10.13 76.10 -38.41
CA MET G 4 10.84 76.40 -37.18
C MET G 4 11.76 77.59 -37.40
N THR G 5 11.62 78.61 -36.57
CA THR G 5 12.41 79.84 -36.68
C THR G 5 13.10 80.11 -35.36
N GLN G 6 14.41 80.35 -35.41
CA GLN G 6 15.20 80.57 -34.23
C GLN G 6 15.61 82.04 -34.13
N SER G 7 16.00 82.44 -32.91
CA SER G 7 16.41 83.81 -32.67
C SER G 7 17.35 83.85 -31.48
N PRO G 8 18.35 84.73 -31.47
CA PRO G 8 18.69 85.66 -32.55
C PRO G 8 19.43 84.96 -33.68
N ALA G 9 19.72 85.67 -34.77
CA ALA G 9 20.53 85.10 -35.83
C ALA G 9 21.92 84.74 -35.32
N THR G 10 22.55 85.68 -34.63
CA THR G 10 23.83 85.45 -33.97
C THR G 10 23.87 86.29 -32.69
N LEU G 11 24.67 85.84 -31.73
CA LEU G 11 24.83 86.55 -30.47
C LEU G 11 26.31 86.54 -30.10
N SER G 12 26.63 87.25 -29.01
CA SER G 12 28.00 87.32 -28.54
C SER G 12 27.96 87.39 -27.01
N VAL G 13 28.48 86.35 -26.36
CA VAL G 13 28.39 86.20 -24.92
C VAL G 13 29.77 85.89 -24.36
N SER G 14 30.16 86.59 -23.29
CA SER G 14 31.41 86.32 -22.62
C SER G 14 31.28 85.06 -21.76
N PRO G 15 32.40 84.39 -21.49
CA PRO G 15 32.33 83.20 -20.62
C PRO G 15 31.85 83.56 -19.23
N GLY G 16 31.05 82.65 -18.65
CA GLY G 16 30.48 82.83 -17.33
C GLY G 16 29.08 83.42 -17.34
N GLU G 17 28.69 84.06 -18.44
CA GLU G 17 27.36 84.65 -18.54
C GLU G 17 26.34 83.57 -18.92
N ARG G 18 25.11 84.01 -19.15
CA ARG G 18 24.00 83.14 -19.51
C ARG G 18 23.54 83.48 -20.93
N ALA G 19 23.55 82.49 -21.82
CA ALA G 19 23.10 82.68 -23.18
C ALA G 19 21.67 82.16 -23.33
N THR G 20 20.84 82.89 -24.08
CA THR G 20 19.44 82.55 -24.27
C THR G 20 19.14 82.48 -25.76
N LEU G 21 18.53 81.38 -26.20
CA LEU G 21 18.10 81.20 -27.58
C LEU G 21 16.62 80.84 -27.59
N SER G 22 15.87 81.43 -28.51
CA SER G 22 14.45 81.17 -28.64
C SER G 22 14.16 80.43 -29.94
N CYS G 23 13.14 79.57 -29.90
CA CYS G 23 12.72 78.79 -31.05
C CYS G 23 11.20 78.83 -31.12
N ARG G 24 10.67 79.09 -32.31
CA ARG G 24 9.24 79.22 -32.53
C ARG G 24 8.80 78.28 -33.64
N ALA G 25 7.64 77.68 -33.46
CA ALA G 25 7.04 76.80 -34.46
C ALA G 25 5.80 77.46 -35.04
N SER G 26 5.54 77.18 -36.32
CA SER G 26 4.38 77.76 -36.98
C SER G 26 3.09 77.35 -36.27
N GLN G 27 2.99 76.10 -35.88
CA GLN G 27 1.86 75.59 -35.11
C GLN G 27 2.37 74.79 -33.93
N SER G 28 1.45 74.42 -33.04
CA SER G 28 1.83 73.70 -31.83
C SER G 28 2.50 72.38 -32.18
N VAL G 29 3.51 72.02 -31.39
CA VAL G 29 4.21 70.75 -31.56
C VAL G 29 4.25 70.03 -30.22
N SER G 30 3.31 70.37 -29.34
CA SER G 30 3.26 69.79 -28.00
C SER G 30 4.59 69.98 -27.28
N SER G 31 5.38 68.92 -27.16
CA SER G 31 6.68 69.02 -26.50
C SER G 31 7.73 68.16 -27.20
N THR G 32 7.55 67.87 -28.47
CA THR G 32 8.46 67.00 -29.22
C THR G 32 9.55 67.81 -29.92
N LEU G 33 10.33 68.55 -29.14
CA LEU G 33 11.41 69.36 -29.67
C LEU G 33 12.75 68.88 -29.13
N ALA G 34 13.79 69.08 -29.93
CA ALA G 34 15.15 68.70 -29.55
C ALA G 34 16.12 69.79 -29.99
N TRP G 35 17.04 70.14 -29.10
CA TRP G 35 18.10 71.09 -29.39
C TRP G 35 19.39 70.35 -29.69
N TYR G 36 20.16 70.86 -30.64
CA TYR G 36 21.39 70.23 -31.09
C TYR G 36 22.53 71.24 -31.07
N GLN G 37 23.75 70.72 -30.99
CA GLN G 37 24.96 71.51 -31.04
C GLN G 37 25.86 70.96 -32.13
N GLN G 38 26.29 71.81 -33.06
CA GLN G 38 27.13 71.41 -34.17
C GLN G 38 28.36 72.31 -34.19
N LYS G 39 29.44 71.85 -33.57
CA LYS G 39 30.67 72.61 -33.58
C LYS G 39 31.28 72.58 -34.98
N PRO G 40 32.11 73.57 -35.32
CA PRO G 40 32.72 73.59 -36.65
C PRO G 40 33.46 72.30 -36.96
N GLY G 41 33.06 71.64 -38.04
CA GLY G 41 33.70 70.42 -38.48
C GLY G 41 33.27 69.17 -37.75
N GLN G 42 32.34 69.27 -36.81
CA GLN G 42 31.86 68.13 -36.04
C GLN G 42 30.38 67.89 -36.31
N ALA G 43 29.96 66.64 -36.18
CA ALA G 43 28.57 66.29 -36.39
C ALA G 43 27.70 66.87 -35.28
N PRO G 44 26.43 67.12 -35.56
CA PRO G 44 25.55 67.68 -34.52
C PRO G 44 25.47 66.77 -33.31
N ARG G 45 25.37 67.39 -32.13
CA ARG G 45 25.29 66.68 -30.87
C ARG G 45 24.03 67.12 -30.13
N LEU G 46 23.24 66.15 -29.68
CA LEU G 46 22.01 66.44 -28.96
C LEU G 46 22.32 67.02 -27.58
N LEU G 47 21.55 68.04 -27.20
CA LEU G 47 21.67 68.65 -25.89
C LEU G 47 20.41 68.44 -25.04
N ILE G 48 19.26 68.84 -25.56
CA ILE G 48 17.98 68.72 -24.86
C ILE G 48 17.00 67.99 -25.76
N TYR G 49 16.16 67.14 -25.17
CA TYR G 49 15.07 66.50 -25.89
C TYR G 49 13.81 66.56 -25.04
N GLY G 50 12.67 66.44 -25.72
CA GLY G 50 11.39 66.66 -25.06
C GLY G 50 11.19 68.10 -24.66
N ALA G 51 12.06 68.99 -25.14
CA ALA G 51 11.99 70.42 -24.88
C ALA G 51 12.41 70.74 -23.44
N SER G 52 12.61 69.72 -22.61
CA SER G 52 13.06 69.95 -21.23
C SER G 52 14.07 68.94 -20.73
N THR G 53 14.23 67.79 -21.36
CA THR G 53 15.06 66.73 -20.80
C THR G 53 16.50 66.86 -21.29
N ARG G 54 17.44 66.88 -20.36
CA ARG G 54 18.85 66.99 -20.71
C ARG G 54 19.38 65.63 -21.12
N ALA G 55 20.06 65.58 -22.27
CA ALA G 55 20.63 64.34 -22.75
C ALA G 55 21.71 63.85 -21.79
N THR G 56 21.74 62.54 -21.57
CA THR G 56 22.73 61.95 -20.66
C THR G 56 24.13 62.24 -21.16
N GLY G 57 25.02 62.60 -20.23
CA GLY G 57 26.39 62.91 -20.57
C GLY G 57 26.63 64.34 -21.01
N ILE G 58 25.63 65.21 -20.91
CA ILE G 58 25.77 66.62 -21.28
C ILE G 58 25.92 67.43 -20.00
N PRO G 59 26.72 68.49 -19.99
CA PRO G 59 26.85 69.29 -18.75
C PRO G 59 25.51 69.85 -18.32
N ALA G 60 25.32 69.94 -17.00
CA ALA G 60 24.07 70.39 -16.42
C ALA G 60 23.79 71.87 -16.64
N ARG G 61 24.79 72.63 -17.12
CA ARG G 61 24.58 74.06 -17.35
C ARG G 61 23.56 74.33 -18.44
N PHE G 62 23.43 73.42 -19.41
CA PHE G 62 22.42 73.58 -20.45
C PHE G 62 21.05 73.21 -19.91
N SER G 63 20.03 73.97 -20.34
CA SER G 63 18.67 73.70 -19.90
C SER G 63 17.71 74.10 -21.02
N GLY G 64 16.60 73.37 -21.10
CA GLY G 64 15.56 73.68 -22.06
C GLY G 64 14.22 73.92 -21.40
N SER G 65 13.37 74.73 -22.02
CA SER G 65 12.06 75.03 -21.45
C SER G 65 11.14 75.44 -22.58
N GLY G 66 9.86 75.58 -22.25
CA GLY G 66 8.85 75.99 -23.21
C GLY G 66 7.90 74.85 -23.55
N SER G 67 6.93 75.20 -24.39
CA SER G 67 5.89 74.23 -24.76
C SER G 67 5.02 74.84 -25.86
N GLY G 68 4.44 73.97 -26.67
CA GLY G 68 3.55 74.43 -27.72
C GLY G 68 4.29 74.90 -28.95
N THR G 69 4.33 76.22 -29.15
CA THR G 69 5.04 76.82 -30.27
C THR G 69 6.35 77.48 -29.87
N GLU G 70 6.48 77.91 -28.62
CA GLU G 70 7.65 78.66 -28.17
C GLU G 70 8.47 77.82 -27.20
N PHE G 71 9.78 77.82 -27.43
CA PHE G 71 10.73 77.08 -26.59
C PHE G 71 11.99 77.91 -26.45
N THR G 72 12.75 77.62 -25.39
CA THR G 72 13.93 78.39 -25.05
C THR G 72 15.04 77.48 -24.58
N LEU G 73 16.25 77.76 -25.02
CA LEU G 73 17.46 77.08 -24.57
C LEU G 73 18.32 78.06 -23.81
N THR G 74 18.71 77.69 -22.59
CA THR G 74 19.50 78.54 -21.71
C THR G 74 20.83 77.84 -21.40
N ILE G 75 21.92 78.56 -21.64
CA ILE G 75 23.27 78.08 -21.34
C ILE G 75 23.84 78.95 -20.23
N SER G 76 23.71 78.50 -18.98
CA SER G 76 24.27 79.24 -17.87
C SER G 76 25.78 79.04 -17.79
N SER G 77 26.49 80.09 -17.42
CA SER G 77 27.94 80.01 -17.27
C SER G 77 28.57 79.50 -18.57
N LEU G 78 28.44 80.27 -19.64
CA LEU G 78 28.96 79.84 -20.93
C LEU G 78 30.45 79.56 -20.84
N GLN G 79 30.87 78.46 -21.46
CA GLN G 79 32.25 78.02 -21.44
C GLN G 79 32.92 78.31 -22.78
N SER G 80 34.23 78.07 -22.83
CA SER G 80 35.00 78.32 -24.04
C SER G 80 34.76 77.28 -25.12
N GLU G 81 34.16 76.14 -24.77
CA GLU G 81 33.89 75.07 -25.73
C GLU G 81 32.43 75.05 -26.18
N ASP G 82 31.65 76.06 -25.82
CA ASP G 82 30.23 76.11 -26.14
C ASP G 82 29.93 76.95 -27.38
N PHE G 83 30.96 77.35 -28.12
CA PHE G 83 30.77 78.19 -29.30
C PHE G 83 30.43 77.30 -30.50
N ALA G 84 29.16 77.28 -30.87
CA ALA G 84 28.71 76.48 -32.01
C ALA G 84 27.38 77.00 -32.52
N VAL G 85 26.76 76.29 -33.47
CA VAL G 85 25.46 76.65 -34.01
C VAL G 85 24.43 75.69 -33.43
N TYR G 86 23.37 76.24 -32.85
CA TYR G 86 22.36 75.47 -32.15
C TYR G 86 21.06 75.52 -32.94
N TYR G 87 20.48 74.34 -33.20
CA TYR G 87 19.24 74.22 -33.94
C TYR G 87 18.16 73.63 -33.04
N CYS G 88 16.90 73.78 -33.47
CA CYS G 88 15.76 73.17 -32.81
C CYS G 88 14.97 72.40 -33.85
N GLN G 89 14.84 71.09 -33.65
CA GLN G 89 14.15 70.20 -34.58
C GLN G 89 12.99 69.53 -33.87
N GLN G 90 11.84 69.46 -34.55
CA GLN G 90 10.68 68.76 -34.05
C GLN G 90 10.60 67.39 -34.72
N TYR G 91 10.12 66.40 -33.97
CA TYR G 91 10.07 65.03 -34.43
C TYR G 91 8.70 64.41 -34.13
N ASN G 92 7.64 65.15 -34.42
CA ASN G 92 6.30 64.60 -34.29
C ASN G 92 6.19 63.32 -35.10
N ASN G 93 5.63 62.28 -34.48
CA ASN G 93 5.76 60.94 -35.04
C ASN G 93 5.16 60.83 -36.42
N TRP G 94 3.88 61.17 -36.58
CA TRP G 94 3.22 61.05 -37.86
C TRP G 94 3.27 62.36 -38.63
N SER G 95 4.46 62.94 -38.78
CA SER G 95 4.60 64.23 -39.44
C SER G 95 6.03 64.40 -39.93
N THR G 96 6.20 65.33 -40.88
CA THR G 96 7.51 65.65 -41.39
C THR G 96 8.33 66.36 -40.32
N TRP G 97 9.56 65.91 -40.11
CA TRP G 97 10.45 66.51 -39.12
C TRP G 97 11.09 67.76 -39.72
N THR G 98 10.82 68.91 -39.11
CA THR G 98 11.30 70.19 -39.60
C THR G 98 12.46 70.68 -38.76
N PHE G 99 13.26 71.57 -39.36
CA PHE G 99 14.49 72.06 -38.75
C PHE G 99 14.50 73.59 -38.78
N GLY G 100 15.09 74.17 -37.74
CA GLY G 100 15.32 75.60 -37.73
C GLY G 100 16.61 75.96 -38.45
N GLN G 101 16.79 77.25 -38.69
CA GLN G 101 17.98 77.73 -39.39
C GLN G 101 19.22 77.70 -38.51
N GLY G 102 19.06 77.87 -37.21
CA GLY G 102 20.17 77.82 -36.26
C GLY G 102 20.57 79.20 -35.77
N THR G 103 21.29 79.19 -34.65
CA THR G 103 21.82 80.41 -34.06
C THR G 103 23.27 80.18 -33.66
N LYS G 104 24.11 81.17 -33.91
CA LYS G 104 25.55 81.07 -33.68
C LYS G 104 25.92 81.79 -32.39
N VAL G 105 26.73 81.13 -31.57
CA VAL G 105 27.21 81.67 -30.29
C VAL G 105 28.68 82.00 -30.43
N ASP G 106 29.04 83.25 -30.14
CA ASP G 106 30.41 83.74 -30.31
C ASP G 106 30.83 84.47 -29.04
N ILE G 107 32.06 84.98 -29.05
CA ILE G 107 32.63 85.70 -27.92
C ILE G 107 32.15 87.14 -27.94
N LYS G 108 31.75 87.64 -26.78
CA LYS G 108 31.34 89.04 -26.67
C LYS G 108 32.56 89.95 -26.74
N ARG G 109 32.39 91.09 -27.40
CA ARG G 109 33.44 92.09 -27.48
C ARG G 109 32.88 93.45 -27.88
N VAL H 2 -44.48 3.35 -42.76
CA VAL H 2 -45.50 4.32 -42.40
C VAL H 2 -46.63 4.29 -43.42
N GLN H 3 -47.81 3.83 -43.00
CA GLN H 3 -48.96 3.77 -43.88
C GLN H 3 -50.26 3.59 -43.09
N LEU H 4 -51.27 4.40 -43.41
CA LEU H 4 -52.60 4.27 -42.85
C LEU H 4 -53.60 4.04 -43.99
N VAL H 5 -54.51 3.09 -43.79
CA VAL H 5 -55.52 2.75 -44.78
C VAL H 5 -56.88 2.79 -44.10
N GLN H 6 -57.79 3.60 -44.65
CA GLN H 6 -59.13 3.73 -44.10
C GLN H 6 -60.10 2.82 -44.85
N SER H 7 -61.37 2.87 -44.45
CA SER H 7 -62.42 2.08 -45.08
C SER H 7 -63.05 2.87 -46.24
N GLY H 8 -63.93 2.20 -46.97
CA GLY H 8 -64.58 2.83 -48.11
C GLY H 8 -65.70 3.77 -47.69
N ALA H 9 -66.17 4.54 -48.67
CA ALA H 9 -67.25 5.49 -48.42
C ALA H 9 -68.48 4.76 -47.93
N GLU H 10 -69.20 5.41 -47.01
CA GLU H 10 -70.38 4.82 -46.38
C GLU H 10 -71.57 5.74 -46.57
N VAL H 11 -72.73 5.13 -46.81
CA VAL H 11 -74.00 5.84 -46.91
C VAL H 11 -74.98 5.17 -45.96
N LYS H 12 -75.56 5.94 -45.05
CA LYS H 12 -76.46 5.40 -44.02
C LYS H 12 -77.63 6.33 -43.83
N LYS H 13 -78.73 5.76 -43.34
CA LYS H 13 -79.88 6.56 -42.96
C LYS H 13 -79.67 7.13 -41.56
N PRO H 14 -80.31 8.25 -41.23
CA PRO H 14 -80.17 8.80 -39.89
C PRO H 14 -80.61 7.80 -38.83
N GLY H 15 -79.87 7.77 -37.72
CA GLY H 15 -80.14 6.88 -36.62
C GLY H 15 -79.45 5.53 -36.69
N GLU H 16 -78.94 5.16 -37.86
CA GLU H 16 -78.25 3.88 -38.01
C GLU H 16 -76.83 3.98 -37.46
N SER H 17 -76.39 2.89 -36.82
CA SER H 17 -75.04 2.82 -36.30
C SER H 17 -74.05 2.62 -37.45
N LEU H 18 -72.82 3.05 -37.22
CA LEU H 18 -71.79 2.96 -38.24
C LEU H 18 -70.43 2.93 -37.56
N ARG H 19 -69.46 2.28 -38.21
CA ARG H 19 -68.08 2.25 -37.71
C ARG H 19 -67.13 2.25 -38.90
N ILE H 20 -66.23 3.22 -38.92
CA ILE H 20 -65.19 3.29 -39.94
C ILE H 20 -63.86 2.89 -39.32
N SER H 21 -63.04 2.23 -40.11
CA SER H 21 -61.78 1.67 -39.65
C SER H 21 -60.60 2.35 -40.33
N CYS H 22 -59.45 2.27 -39.68
CA CYS H 22 -58.22 2.84 -40.22
C CYS H 22 -57.06 2.01 -39.65
N LYS H 23 -56.40 1.24 -40.51
CA LYS H 23 -55.33 0.36 -40.11
C LYS H 23 -53.98 1.05 -40.31
N GLY H 24 -53.13 0.98 -39.29
CA GLY H 24 -51.82 1.59 -39.33
C GLY H 24 -50.70 0.56 -39.38
N SER H 25 -49.55 1.02 -39.85
CA SER H 25 -48.38 0.17 -39.99
C SER H 25 -47.14 1.05 -40.02
N GLY H 26 -46.00 0.44 -39.75
CA GLY H 26 -44.74 1.17 -39.77
C GLY H 26 -44.61 2.23 -38.70
N HIS H 27 -45.03 1.92 -37.48
CA HIS H 27 -44.98 2.90 -36.39
C HIS H 27 -43.70 2.76 -35.58
N ASN H 28 -43.25 3.88 -35.03
CA ASN H 28 -42.02 3.88 -34.26
C ASN H 28 -42.12 2.95 -33.06
N SER H 29 -43.25 2.99 -32.36
CA SER H 29 -43.46 2.16 -31.18
C SER H 29 -44.95 1.88 -31.06
N PRO H 30 -45.34 0.86 -30.29
CA PRO H 30 -46.77 0.56 -30.13
C PRO H 30 -47.55 1.67 -29.45
N SER H 31 -46.88 2.69 -28.93
CA SER H 31 -47.54 3.80 -28.25
C SER H 31 -47.44 5.04 -29.13
N TYR H 32 -48.45 5.23 -29.97
CA TYR H 32 -48.61 6.39 -30.83
C TYR H 32 -49.94 7.08 -30.52
N TRP H 33 -50.33 8.05 -31.33
CA TRP H 33 -51.49 8.89 -31.03
C TRP H 33 -52.45 8.97 -32.21
N ILE H 34 -52.85 7.82 -32.76
CA ILE H 34 -53.70 7.82 -33.95
C ILE H 34 -54.97 8.59 -33.65
N SER H 35 -55.26 9.60 -34.47
CA SER H 35 -56.31 10.56 -34.19
C SER H 35 -57.25 10.70 -35.38
N TRP H 36 -58.48 11.10 -35.11
CA TRP H 36 -59.51 11.30 -36.13
C TRP H 36 -59.78 12.79 -36.30
N VAL H 37 -60.09 13.18 -37.54
CA VAL H 37 -60.40 14.57 -37.89
C VAL H 37 -61.58 14.58 -38.85
N ARG H 38 -62.50 15.51 -38.63
CA ARG H 38 -63.69 15.65 -39.46
C ARG H 38 -63.55 16.84 -40.40
N GLN H 39 -64.21 16.75 -41.56
CA GLN H 39 -64.16 17.79 -42.57
C GLN H 39 -65.51 17.80 -43.29
N MET H 40 -66.34 18.78 -42.99
CA MET H 40 -67.61 18.93 -43.68
C MET H 40 -67.36 19.46 -45.09
N PRO H 41 -68.33 19.30 -46.00
CA PRO H 41 -68.11 19.65 -47.41
C PRO H 41 -67.47 21.02 -47.61
N GLY H 42 -67.92 22.03 -46.88
CA GLY H 42 -67.41 23.37 -47.06
C GLY H 42 -66.81 23.97 -45.80
N LYS H 43 -66.69 23.16 -44.75
CA LYS H 43 -66.16 23.63 -43.48
C LYS H 43 -64.65 23.40 -43.46
N GLY H 44 -64.01 23.66 -42.31
CA GLY H 44 -62.59 23.44 -42.17
C GLY H 44 -62.27 22.24 -41.29
N LEU H 45 -61.00 22.07 -40.94
CA LEU H 45 -60.57 20.92 -40.17
C LEU H 45 -60.91 21.11 -38.70
N GLU H 46 -61.34 20.03 -38.06
CA GLU H 46 -61.74 20.05 -36.66
C GLU H 46 -61.35 18.74 -36.01
N TRP H 47 -60.56 18.81 -34.94
CA TRP H 47 -60.10 17.62 -34.26
C TRP H 47 -61.21 16.98 -33.44
N MET H 48 -61.22 15.65 -33.41
CA MET H 48 -62.25 14.90 -32.69
C MET H 48 -61.67 14.13 -31.50
N GLY H 49 -60.66 13.30 -31.73
CA GLY H 49 -60.10 12.51 -30.65
C GLY H 49 -58.86 11.77 -31.11
N ARG H 50 -58.22 11.10 -30.17
CA ARG H 50 -57.02 10.33 -30.46
C ARG H 50 -56.90 9.18 -29.46
N ILE H 51 -56.18 8.14 -29.88
CA ILE H 51 -55.96 6.94 -29.06
C ILE H 51 -54.49 6.55 -29.15
N ASP H 52 -54.02 5.86 -28.11
CA ASP H 52 -52.78 5.11 -28.12
C ASP H 52 -53.15 3.63 -28.00
N PRO H 53 -53.19 2.88 -29.13
CA PRO H 53 -53.76 1.53 -29.08
C PRO H 53 -53.14 0.62 -28.01
N SER H 54 -51.83 0.74 -27.80
CA SER H 54 -51.18 -0.06 -26.77
C SER H 54 -51.87 0.15 -25.42
N ASP H 55 -52.22 1.40 -25.11
CA ASP H 55 -52.92 1.72 -23.87
C ASP H 55 -54.42 1.89 -24.06
N SER H 56 -54.87 2.24 -25.28
CA SER H 56 -56.28 2.45 -25.55
C SER H 56 -56.87 3.51 -24.61
N TYR H 57 -56.24 4.68 -24.60
CA TYR H 57 -56.67 5.79 -23.77
C TYR H 57 -57.14 6.92 -24.68
N THR H 58 -58.41 7.29 -24.53
CA THR H 58 -59.01 8.30 -25.40
C THR H 58 -58.88 9.70 -24.78
N ASN H 59 -58.92 10.70 -25.66
CA ASN H 59 -58.88 12.10 -25.26
C ASN H 59 -59.93 12.87 -26.05
N TYR H 60 -61.16 12.35 -26.06
CA TYR H 60 -62.25 12.94 -26.84
C TYR H 60 -62.26 14.45 -26.71
N SER H 61 -62.58 15.12 -27.82
CA SER H 61 -62.73 16.57 -27.80
C SER H 61 -64.00 16.96 -27.04
N PRO H 62 -64.00 18.12 -26.39
CA PRO H 62 -65.21 18.54 -25.67
C PRO H 62 -66.44 18.64 -26.57
N SER H 63 -66.27 19.05 -27.82
CA SER H 63 -67.38 19.17 -28.75
C SER H 63 -67.81 17.83 -29.34
N PHE H 64 -67.06 16.75 -29.08
CA PHE H 64 -67.37 15.44 -29.61
C PHE H 64 -67.37 14.35 -28.55
N GLN H 65 -67.38 14.71 -27.27
CA GLN H 65 -67.27 13.70 -26.21
C GLN H 65 -68.36 12.64 -26.34
N GLY H 66 -69.60 13.03 -26.07
CA GLY H 66 -70.71 12.10 -26.14
C GLY H 66 -71.41 12.08 -27.47
N HIS H 67 -70.67 11.98 -28.57
CA HIS H 67 -71.28 11.88 -29.89
C HIS H 67 -70.74 10.68 -30.64
N VAL H 68 -69.46 10.37 -30.46
CA VAL H 68 -68.82 9.26 -31.14
C VAL H 68 -67.95 8.50 -30.14
N THR H 69 -67.63 7.26 -30.49
CA THR H 69 -66.75 6.41 -29.70
C THR H 69 -65.57 5.98 -30.55
N ILE H 70 -64.36 6.16 -30.04
CA ILE H 70 -63.14 5.78 -30.74
C ILE H 70 -62.50 4.63 -29.98
N SER H 71 -62.23 3.54 -30.69
CA SER H 71 -61.64 2.33 -30.12
C SER H 71 -60.44 1.93 -30.94
N ALA H 72 -59.72 0.92 -30.47
CA ALA H 72 -58.53 0.45 -31.16
C ALA H 72 -58.29 -1.02 -30.85
N ASP H 73 -57.61 -1.69 -31.77
CA ASP H 73 -57.21 -3.09 -31.62
C ASP H 73 -55.76 -3.17 -32.07
N LYS H 74 -54.84 -3.37 -31.11
CA LYS H 74 -53.43 -3.36 -31.43
C LYS H 74 -52.98 -4.65 -32.11
N SER H 75 -53.75 -5.74 -31.98
CA SER H 75 -53.39 -6.98 -32.66
C SER H 75 -53.36 -6.77 -34.17
N ILE H 76 -54.35 -6.03 -34.70
CA ILE H 76 -54.37 -5.65 -36.11
C ILE H 76 -53.94 -4.21 -36.32
N SER H 77 -53.52 -3.52 -35.27
CA SER H 77 -53.02 -2.14 -35.37
C SER H 77 -54.04 -1.25 -36.08
N THR H 78 -55.29 -1.36 -35.66
CA THR H 78 -56.41 -0.68 -36.29
C THR H 78 -57.10 0.24 -35.28
N ALA H 79 -57.63 1.36 -35.77
CA ALA H 79 -58.45 2.25 -34.99
C ALA H 79 -59.84 2.34 -35.62
N TYR H 80 -60.85 2.55 -34.79
CA TYR H 80 -62.24 2.57 -35.24
C TYR H 80 -62.94 3.79 -34.67
N LEU H 81 -63.73 4.44 -35.53
CA LEU H 81 -64.58 5.56 -35.13
C LEU H 81 -66.02 5.15 -35.37
N GLN H 82 -66.84 5.22 -34.32
CA GLN H 82 -68.17 4.63 -34.33
C GLN H 82 -69.22 5.64 -33.90
N TRP H 83 -70.30 5.70 -34.67
CA TRP H 83 -71.52 6.42 -34.32
C TRP H 83 -72.58 5.43 -33.91
N SER H 84 -73.12 5.63 -32.70
CA SER H 84 -74.25 4.82 -32.25
C SER H 84 -75.53 5.22 -32.96
N SER H 85 -75.74 6.52 -33.17
CA SER H 85 -76.90 7.03 -33.88
C SER H 85 -76.44 8.15 -34.80
N LEU H 86 -76.59 7.93 -36.11
CA LEU H 86 -76.15 8.90 -37.10
C LEU H 86 -77.23 9.95 -37.34
N GLN H 87 -76.77 11.16 -37.69
CA GLN H 87 -77.66 12.25 -38.05
C GLN H 87 -77.12 12.93 -39.31
N ALA H 88 -77.99 13.70 -39.96
CA ALA H 88 -77.61 14.35 -41.21
C ALA H 88 -76.39 15.25 -41.02
N SER H 89 -76.21 15.83 -39.82
CA SER H 89 -75.07 16.69 -39.57
C SER H 89 -73.75 15.94 -39.66
N ASP H 90 -73.76 14.62 -39.52
CA ASP H 90 -72.54 13.84 -39.54
C ASP H 90 -71.97 13.61 -40.93
N THR H 91 -72.70 13.99 -41.98
CA THR H 91 -72.24 13.80 -43.34
C THR H 91 -70.97 14.62 -43.59
N ALA H 92 -69.84 13.94 -43.78
CA ALA H 92 -68.56 14.63 -43.92
C ALA H 92 -67.48 13.60 -44.26
N ILE H 93 -66.26 14.07 -44.45
CA ILE H 93 -65.10 13.23 -44.69
C ILE H 93 -64.31 13.13 -43.40
N TYR H 94 -63.94 11.91 -43.02
CA TYR H 94 -63.23 11.65 -41.77
C TYR H 94 -61.87 11.04 -42.09
N TYR H 95 -60.81 11.71 -41.63
CA TYR H 95 -59.44 11.28 -41.85
C TYR H 95 -58.84 10.76 -40.55
N CYS H 96 -57.89 9.83 -40.70
CA CYS H 96 -57.09 9.36 -39.57
C CYS H 96 -55.64 9.74 -39.80
N ALA H 97 -55.05 10.42 -38.81
CA ALA H 97 -53.66 10.83 -38.85
C ALA H 97 -52.92 10.17 -37.69
N ARG H 98 -51.60 10.18 -37.77
CA ARG H 98 -50.75 9.58 -36.76
C ARG H 98 -49.80 10.62 -36.16
N HIS H 99 -49.40 10.38 -34.91
CA HIS H 99 -48.46 11.25 -34.22
C HIS H 99 -47.50 10.36 -33.44
N VAL H 100 -46.33 10.10 -34.05
CA VAL H 100 -45.33 9.26 -33.40
C VAL H 100 -44.53 10.09 -32.40
N VAL H 101 -43.83 9.38 -31.52
CA VAL H 101 -43.04 9.99 -30.45
C VAL H 101 -41.56 9.86 -30.81
N ALA H 102 -40.81 10.95 -30.59
CA ALA H 102 -39.39 10.99 -30.91
C ALA H 102 -38.62 11.50 -29.68
N LEU H 103 -38.95 10.94 -28.52
CA LEU H 103 -38.30 11.31 -27.27
C LEU H 103 -38.52 12.79 -26.95
N THR H 104 -37.83 13.66 -27.69
CA THR H 104 -37.89 15.09 -27.38
C THR H 104 -39.29 15.67 -27.62
N HIS H 105 -39.96 15.26 -28.69
CA HIS H 105 -41.23 15.86 -29.06
C HIS H 105 -42.02 14.86 -29.89
N LEU H 106 -43.15 15.31 -30.43
CA LEU H 106 -44.00 14.51 -31.29
C LEU H 106 -43.71 14.80 -32.76
N TYR H 107 -44.27 13.96 -33.63
CA TYR H 107 -44.06 14.12 -35.06
C TYR H 107 -45.20 13.45 -35.84
N PRO H 108 -46.05 14.22 -36.52
CA PRO H 108 -47.06 13.60 -37.40
C PRO H 108 -46.44 13.22 -38.74
N ASP H 109 -46.52 11.93 -39.08
CA ASP H 109 -45.87 11.42 -40.28
C ASP H 109 -46.83 11.27 -41.45
N TYR H 110 -47.91 10.52 -41.25
CA TYR H 110 -48.83 10.21 -42.34
C TYR H 110 -50.22 10.77 -42.05
N TRP H 111 -50.97 11.00 -43.13
CA TRP H 111 -52.35 11.46 -43.05
C TRP H 111 -53.22 10.53 -43.88
N GLY H 112 -54.31 10.05 -43.27
CA GLY H 112 -55.18 9.14 -43.97
C GLY H 112 -55.86 9.79 -45.16
N GLN H 113 -56.20 8.99 -46.16
CA GLN H 113 -56.86 9.51 -47.34
C GLN H 113 -58.28 9.99 -47.03
N GLY H 114 -58.90 9.50 -45.97
CA GLY H 114 -60.22 9.94 -45.57
C GLY H 114 -61.31 9.01 -46.10
N THR H 115 -62.43 9.01 -45.39
CA THR H 115 -63.60 8.23 -45.77
C THR H 115 -64.81 9.16 -45.76
N LEU H 116 -65.58 9.16 -46.84
CA LEU H 116 -66.76 9.99 -46.95
C LEU H 116 -67.97 9.26 -46.37
N VAL H 117 -68.68 9.91 -45.46
CA VAL H 117 -69.88 9.37 -44.84
C VAL H 117 -71.04 10.28 -45.18
N THR H 118 -72.12 9.70 -45.69
CA THR H 118 -73.32 10.42 -46.10
C THR H 118 -74.50 9.89 -45.30
N VAL H 119 -75.04 10.72 -44.41
CA VAL H 119 -76.20 10.36 -43.60
C VAL H 119 -77.42 11.00 -44.25
N SER H 120 -78.23 10.19 -44.92
CA SER H 120 -79.43 10.67 -45.58
C SER H 120 -80.44 9.54 -45.67
N ASP I 1 -60.07 25.01 -23.70
CA ASP I 1 -59.38 24.74 -24.99
C ASP I 1 -58.53 25.94 -25.41
N ILE I 2 -57.76 25.77 -26.48
CA ILE I 2 -56.88 26.81 -27.00
C ILE I 2 -57.35 27.13 -28.41
N GLN I 3 -58.07 28.24 -28.55
CA GLN I 3 -58.62 28.62 -29.85
C GLN I 3 -57.50 29.13 -30.77
N MET I 4 -57.53 28.69 -32.02
CA MET I 4 -56.54 29.08 -33.02
C MET I 4 -57.22 29.93 -34.08
N THR I 5 -56.66 31.11 -34.33
CA THR I 5 -57.21 32.05 -35.31
C THR I 5 -56.13 32.44 -36.30
N GLN I 6 -56.43 32.29 -37.58
CA GLN I 6 -55.48 32.59 -38.65
C GLN I 6 -55.85 33.89 -39.34
N SER I 7 -54.89 34.43 -40.09
CA SER I 7 -55.13 35.66 -40.83
C SER I 7 -54.16 35.74 -41.99
N PRO I 8 -54.56 36.31 -43.14
CA PRO I 8 -55.91 36.82 -43.41
C PRO I 8 -56.89 35.69 -43.74
N ALA I 9 -58.16 36.03 -43.93
CA ALA I 9 -59.13 35.03 -44.38
C ALA I 9 -58.73 34.48 -45.74
N THR I 10 -58.46 35.37 -46.69
CA THR I 10 -57.96 34.99 -48.00
C THR I 10 -57.01 36.07 -48.48
N LEU I 11 -56.09 35.69 -49.36
CA LEU I 11 -55.11 36.62 -49.92
C LEU I 11 -54.98 36.34 -51.41
N SER I 12 -54.20 37.18 -52.08
CA SER I 12 -53.95 37.04 -53.51
C SER I 12 -52.51 37.43 -53.79
N VAL I 13 -51.72 36.48 -54.27
CA VAL I 13 -50.29 36.67 -54.46
C VAL I 13 -49.89 36.16 -55.84
N SER I 14 -49.12 36.95 -56.56
CA SER I 14 -48.58 36.53 -57.85
C SER I 14 -47.43 35.56 -57.66
N PRO I 15 -47.16 34.70 -58.64
CA PRO I 15 -46.02 33.78 -58.52
C PRO I 15 -44.70 34.54 -58.41
N GLY I 16 -43.80 34.01 -57.58
CA GLY I 16 -42.50 34.60 -57.35
C GLY I 16 -42.44 35.51 -56.15
N GLU I 17 -43.60 35.98 -55.67
CA GLU I 17 -43.64 36.84 -54.50
C GLU I 17 -43.56 36.00 -53.22
N ARG I 18 -43.70 36.68 -52.08
CA ARG I 18 -43.64 36.04 -50.77
C ARG I 18 -45.00 36.16 -50.10
N ALA I 19 -45.58 35.02 -49.74
CA ALA I 19 -46.87 35.00 -49.05
C ALA I 19 -46.67 34.84 -47.55
N THR I 20 -47.45 35.55 -46.76
CA THR I 20 -47.33 35.55 -45.31
C THR I 20 -48.69 35.20 -44.70
N LEU I 21 -48.69 34.25 -43.77
CA LEU I 21 -49.88 33.87 -43.03
C LEU I 21 -49.57 33.90 -41.54
N SER I 22 -50.52 34.35 -40.72
CA SER I 22 -50.33 34.43 -39.29
C SER I 22 -51.28 33.47 -38.58
N CYS I 23 -50.87 33.08 -37.37
CA CYS I 23 -51.65 32.17 -36.54
C CYS I 23 -51.51 32.62 -35.09
N ARG I 24 -52.63 32.76 -34.40
CA ARG I 24 -52.65 33.22 -33.02
C ARG I 24 -53.40 32.23 -32.16
N ALA I 25 -52.90 32.01 -30.94
CA ALA I 25 -53.50 31.11 -29.98
C ALA I 25 -54.05 31.91 -28.80
N SER I 26 -55.15 31.44 -28.23
CA SER I 26 -55.73 32.13 -27.08
C SER I 26 -54.74 32.19 -25.93
N GLN I 27 -53.98 31.12 -25.71
CA GLN I 27 -52.94 31.08 -24.69
C GLN I 27 -51.69 30.44 -25.30
N SER I 28 -50.60 30.52 -24.54
CA SER I 28 -49.32 30.01 -25.03
C SER I 28 -49.41 28.52 -25.32
N VAL I 29 -48.72 28.10 -26.38
CA VAL I 29 -48.64 26.69 -26.75
C VAL I 29 -47.17 26.31 -26.91
N SER I 30 -46.28 27.07 -26.26
CA SER I 30 -44.84 26.87 -26.38
C SER I 30 -44.42 26.89 -27.84
N SER I 31 -44.13 25.73 -28.42
CA SER I 31 -43.75 25.66 -29.83
C SER I 31 -44.37 24.44 -30.50
N THR I 32 -45.47 23.94 -29.95
CA THR I 32 -46.11 22.73 -30.48
C THR I 32 -47.16 23.06 -31.52
N LEU I 33 -46.74 23.73 -32.60
CA LEU I 33 -47.63 24.09 -33.70
C LEU I 33 -47.18 23.40 -34.99
N ALA I 34 -48.16 23.12 -35.85
CA ALA I 34 -47.89 22.50 -37.14
C ALA I 34 -48.75 23.14 -38.20
N TRP I 35 -48.15 23.40 -39.36
CA TRP I 35 -48.83 23.95 -40.52
C TRP I 35 -49.10 22.85 -41.53
N TYR I 36 -50.26 22.91 -42.17
CA TYR I 36 -50.67 21.90 -43.13
C TYR I 36 -51.10 22.56 -44.43
N GLN I 37 -51.13 21.76 -45.50
CA GLN I 37 -51.60 22.21 -46.80
C GLN I 37 -52.63 21.20 -47.30
N GLN I 38 -53.81 21.69 -47.67
CA GLN I 38 -54.90 20.85 -48.15
C GLN I 38 -55.35 21.40 -49.50
N LYS I 39 -54.80 20.86 -50.57
CA LYS I 39 -55.21 21.27 -51.90
C LYS I 39 -56.63 20.76 -52.18
N PRO I 40 -57.36 21.41 -53.08
CA PRO I 40 -58.73 20.98 -53.37
C PRO I 40 -58.79 19.51 -53.75
N GLY I 41 -59.59 18.74 -53.01
CA GLY I 41 -59.77 17.34 -53.27
C GLY I 41 -58.68 16.43 -52.75
N GLN I 42 -57.68 16.97 -52.08
CA GLN I 42 -56.57 16.20 -51.55
C GLN I 42 -56.52 16.32 -50.03
N ALA I 43 -56.00 15.27 -49.39
CA ALA I 43 -55.90 15.26 -47.96
C ALA I 43 -54.88 16.28 -47.46
N PRO I 44 -55.02 16.77 -46.23
CA PRO I 44 -54.05 17.74 -45.73
C PRO I 44 -52.64 17.17 -45.73
N ARG I 45 -51.67 18.03 -46.01
CA ARG I 45 -50.26 17.67 -46.05
C ARG I 45 -49.49 18.55 -45.09
N LEU I 46 -48.68 17.93 -44.24
CA LEU I 46 -47.87 18.68 -43.28
C LEU I 46 -46.77 19.44 -44.00
N LEU I 47 -46.54 20.68 -43.55
CA LEU I 47 -45.49 21.53 -44.10
C LEU I 47 -44.42 21.83 -43.04
N ILE I 48 -44.82 22.38 -41.90
CA ILE I 48 -43.92 22.76 -40.83
C ILE I 48 -44.41 22.11 -39.54
N TYR I 49 -43.48 21.66 -38.71
CA TYR I 49 -43.82 21.17 -37.38
C TYR I 49 -42.82 21.73 -36.38
N GLY I 50 -43.25 21.80 -35.13
CA GLY I 50 -42.47 22.48 -34.10
C GLY I 50 -42.41 23.97 -34.31
N ALA I 51 -43.22 24.50 -35.22
CA ALA I 51 -43.31 25.92 -35.50
C ALA I 51 -42.09 26.44 -36.26
N SER I 52 -41.06 25.60 -36.41
CA SER I 52 -39.87 26.02 -37.14
C SER I 52 -39.25 24.94 -38.02
N THR I 53 -39.59 23.66 -37.83
CA THR I 53 -38.92 22.60 -38.55
C THR I 53 -39.67 22.26 -39.83
N ARG I 54 -38.94 22.20 -40.94
CA ARG I 54 -39.54 21.87 -42.23
C ARG I 54 -39.67 20.36 -42.37
N ALA I 55 -40.87 19.91 -42.74
CA ALA I 55 -41.11 18.49 -42.93
C ALA I 55 -40.25 17.96 -44.08
N THR I 56 -39.72 16.76 -43.90
CA THR I 56 -38.89 16.15 -44.93
C THR I 56 -39.68 15.95 -46.21
N GLY I 57 -39.05 16.23 -47.35
CA GLY I 57 -39.69 16.09 -48.63
C GLY I 57 -40.50 17.29 -49.07
N ILE I 58 -40.47 18.39 -48.32
CA ILE I 58 -41.21 19.60 -48.67
C ILE I 58 -40.22 20.61 -49.25
N PRO I 59 -40.61 21.42 -50.23
CA PRO I 59 -39.68 22.42 -50.78
C PRO I 59 -39.21 23.39 -49.70
N ALA I 60 -37.96 23.81 -49.82
CA ALA I 60 -37.33 24.69 -48.83
C ALA I 60 -37.90 26.09 -48.84
N ARG I 61 -38.71 26.45 -49.83
CA ARG I 61 -39.28 27.80 -49.89
C ARG I 61 -40.23 28.07 -48.73
N PHE I 62 -40.88 27.04 -48.21
CA PHE I 62 -41.75 27.21 -47.05
C PHE I 62 -40.93 27.32 -45.77
N SER I 63 -41.37 28.20 -44.88
CA SER I 63 -40.67 28.39 -43.61
C SER I 63 -41.68 28.77 -42.55
N GLY I 64 -41.39 28.37 -41.31
CA GLY I 64 -42.22 28.73 -40.17
C GLY I 64 -41.44 29.42 -39.09
N SER I 65 -42.10 30.28 -38.32
CA SER I 65 -41.42 31.02 -37.25
C SER I 65 -42.45 31.42 -36.22
N GLY I 66 -41.97 31.97 -35.12
CA GLY I 66 -42.83 32.41 -34.03
C GLY I 66 -42.70 31.52 -32.81
N SER I 67 -43.42 31.91 -31.76
CA SER I 67 -43.38 31.19 -30.50
C SER I 67 -44.41 31.77 -29.56
N GLY I 68 -44.88 30.94 -28.63
CA GLY I 68 -45.85 31.38 -27.64
C GLY I 68 -47.26 31.38 -28.17
N THR I 69 -47.82 32.56 -28.42
CA THR I 69 -49.16 32.71 -28.95
C THR I 69 -49.20 33.08 -30.42
N GLU I 70 -48.10 33.59 -30.98
CA GLU I 70 -48.07 34.07 -32.35
C GLU I 70 -47.07 33.27 -33.18
N PHE I 71 -47.50 32.85 -34.36
CA PHE I 71 -46.68 32.10 -35.29
C PHE I 71 -46.96 32.60 -36.70
N THR I 72 -46.00 32.38 -37.59
CA THR I 72 -46.07 32.88 -38.96
C THR I 72 -45.54 31.84 -39.92
N LEU I 73 -46.23 31.70 -41.06
CA LEU I 73 -45.81 30.85 -42.16
C LEU I 73 -45.48 31.73 -43.36
N THR I 74 -44.29 31.53 -43.92
CA THR I 74 -43.81 32.32 -45.05
C THR I 74 -43.54 31.40 -46.24
N ILE I 75 -44.14 31.75 -47.38
CA ILE I 75 -43.93 31.03 -48.63
C ILE I 75 -43.21 31.95 -49.61
N SER I 76 -41.88 31.87 -49.63
CA SER I 76 -41.11 32.69 -50.55
C SER I 76 -41.21 32.12 -51.97
N SER I 77 -41.25 33.02 -52.95
CA SER I 77 -41.32 32.60 -54.34
C SER I 77 -42.50 31.68 -54.57
N LEU I 78 -43.71 32.18 -54.35
CA LEU I 78 -44.91 31.36 -54.48
C LEU I 78 -44.98 30.75 -55.87
N GLN I 79 -45.35 29.47 -55.92
CA GLN I 79 -45.42 28.71 -57.16
C GLN I 79 -46.87 28.49 -57.56
N SER I 80 -47.05 27.90 -58.75
CA SER I 80 -48.38 27.66 -59.29
C SER I 80 -49.10 26.50 -58.60
N GLU I 81 -48.37 25.65 -57.88
CA GLU I 81 -48.97 24.52 -57.18
C GLU I 81 -49.13 24.76 -55.69
N ASP I 82 -48.96 25.99 -55.23
CA ASP I 82 -49.08 26.34 -53.82
C ASP I 82 -50.44 26.90 -53.45
N PHE I 83 -51.42 26.82 -54.36
CA PHE I 83 -52.74 27.38 -54.11
C PHE I 83 -53.57 26.36 -53.36
N ALA I 84 -53.70 26.55 -52.04
CA ALA I 84 -54.48 25.66 -51.20
C ALA I 84 -54.92 26.40 -49.95
N VAL I 85 -55.46 25.66 -48.97
CA VAL I 85 -55.86 26.24 -47.69
C VAL I 85 -54.90 25.73 -46.63
N TYR I 86 -54.32 26.66 -45.86
CA TYR I 86 -53.31 26.36 -44.87
C TYR I 86 -53.89 26.57 -43.47
N TYR I 87 -53.74 25.56 -42.62
CA TYR I 87 -54.22 25.61 -41.24
C TYR I 87 -53.02 25.52 -40.29
N CYS I 88 -53.27 25.90 -39.03
CA CYS I 88 -52.30 25.76 -37.96
C CYS I 88 -52.95 25.01 -36.81
N GLN I 89 -52.37 23.88 -36.43
CA GLN I 89 -52.91 23.00 -35.40
C GLN I 89 -51.89 22.83 -34.29
N GLN I 90 -52.35 22.89 -33.05
CA GLN I 90 -51.49 22.66 -31.90
C GLN I 90 -51.75 21.26 -31.34
N TYR I 91 -50.67 20.60 -30.93
CA TYR I 91 -50.73 19.22 -30.46
C TYR I 91 -50.05 19.08 -29.10
N ASN I 92 -50.34 20.00 -28.19
CA ASN I 92 -49.86 19.85 -26.82
C ASN I 92 -50.29 18.49 -26.28
N ASN I 93 -49.34 17.77 -25.69
CA ASN I 93 -49.53 16.34 -25.46
C ASN I 93 -50.72 16.07 -24.54
N TRP I 94 -50.74 16.70 -23.36
CA TRP I 94 -51.83 16.46 -22.42
C TRP I 94 -52.93 17.50 -22.59
N SER I 95 -53.42 17.70 -23.81
CA SER I 95 -54.43 18.71 -24.07
C SER I 95 -55.18 18.38 -25.35
N THR I 96 -56.35 18.99 -25.49
CA THR I 96 -57.16 18.82 -26.70
C THR I 96 -56.48 19.53 -27.86
N TRP I 97 -56.32 18.82 -28.98
CA TRP I 97 -55.71 19.40 -30.16
C TRP I 97 -56.72 20.28 -30.87
N THR I 98 -56.40 21.57 -30.99
CA THR I 98 -57.30 22.55 -31.59
C THR I 98 -56.84 22.90 -33.00
N PHE I 99 -57.78 23.37 -33.80
CA PHE I 99 -57.55 23.62 -35.22
C PHE I 99 -58.01 25.03 -35.58
N GLY I 100 -57.30 25.65 -36.51
CA GLY I 100 -57.70 26.95 -37.02
C GLY I 100 -58.66 26.83 -38.17
N GLN I 101 -59.23 27.98 -38.56
CA GLN I 101 -60.19 28.00 -39.65
C GLN I 101 -59.54 27.88 -41.02
N GLY I 102 -58.30 28.33 -41.15
CA GLY I 102 -57.56 28.21 -42.40
C GLY I 102 -57.54 29.53 -43.17
N THR I 103 -56.58 29.60 -44.10
CA THR I 103 -56.44 30.74 -44.99
C THR I 103 -56.22 30.25 -46.41
N LYS I 104 -56.85 30.92 -47.37
CA LYS I 104 -56.81 30.51 -48.76
C LYS I 104 -55.85 31.38 -49.54
N VAL I 105 -55.02 30.75 -50.38
CA VAL I 105 -54.04 31.43 -51.22
C VAL I 105 -54.51 31.34 -52.66
N ASP I 106 -54.62 32.50 -53.32
CA ASP I 106 -55.11 32.59 -54.69
C ASP I 106 -54.16 33.44 -55.51
N ILE I 107 -54.51 33.61 -56.79
CA ILE I 107 -53.70 34.41 -57.72
C ILE I 107 -54.04 35.87 -57.56
N LYS I 108 -53.02 36.73 -57.69
CA LYS I 108 -53.21 38.17 -57.61
C LYS I 108 -53.68 38.72 -58.96
N ARG I 109 -54.83 39.34 -58.97
CA ARG I 109 -55.49 39.78 -60.19
C ARG I 109 -57.00 39.73 -60.04
C1 NAG J . 11.41 50.11 -24.22
C2 NAG J . 11.69 49.18 -23.04
C3 NAG J . 11.98 49.99 -21.79
C4 NAG J . 13.08 51.01 -22.06
C5 NAG J . 12.76 51.84 -23.30
C6 NAG J . 13.88 52.76 -23.70
C7 NAG J . 10.38 47.16 -23.51
C8 NAG J . 9.18 46.35 -23.13
N2 NAG J . 10.57 48.27 -22.81
O3 NAG J . 12.38 49.13 -20.74
O4 NAG J . 13.19 51.90 -20.96
O5 NAG J . 12.52 50.97 -24.41
O6 NAG J . 15.16 52.24 -23.35
O7 NAG J . 11.14 46.81 -24.41
C1 NAG J . 14.34 51.54 -20.18
C2 NAG J . 14.57 52.64 -19.15
C3 NAG J . 15.73 52.28 -18.24
C4 NAG J . 15.52 50.91 -17.62
C5 NAG J . 15.26 49.88 -18.71
C6 NAG J . 14.95 48.51 -18.17
C7 NAG J . 13.97 54.96 -19.71
C8 NAG J . 14.37 56.19 -20.46
N2 NAG J . 14.81 53.92 -19.81
O3 NAG J . 15.85 53.26 -17.22
O4 NAG J . 16.67 50.52 -16.86
O5 NAG J . 14.15 50.28 -19.51
O6 NAG J . 14.06 47.81 -19.03
O7 NAG J . 12.95 54.90 -19.04
C1 BMA J . 16.36 50.73 -15.48
C2 BMA J . 17.36 49.89 -14.65
C3 BMA J . 17.18 50.19 -13.16
C4 BMA J . 17.18 51.70 -12.88
C5 BMA J . 16.14 52.40 -13.77
C6 BMA J . 16.14 53.90 -13.59
O2 BMA J . 18.70 50.24 -14.97
O3 BMA J . 18.16 49.54 -12.38
O4 BMA J . 16.88 51.94 -11.52
O5 BMA J . 16.46 52.12 -15.14
O6 BMA J . 15.11 54.45 -14.40
C1 NAG K . 44.28 -33.97 45.01
C2 NAG K . 45.21 -34.16 46.21
C3 NAG K . 44.42 -34.17 47.50
C4 NAG K . 43.59 -32.90 47.61
C5 NAG K . 42.72 -32.72 46.36
C6 NAG K . 41.99 -31.40 46.32
C7 NAG K . 47.31 -35.42 46.15
C8 NAG K . 47.95 -36.77 46.00
N2 NAG K . 45.98 -35.39 46.08
O3 NAG K . 45.31 -34.25 48.59
O4 NAG K . 42.76 -32.95 48.76
O5 NAG K . 43.54 -32.77 45.18
O6 NAG K . 42.23 -30.72 45.10
O7 NAG K . 47.98 -34.41 46.33
C1 NAG K . 43.18 -31.93 49.68
C2 NAG K . 42.02 -31.67 50.65
C3 NAG K . 42.42 -30.62 51.68
C4 NAG K . 43.72 -31.03 52.37
C5 NAG K . 44.79 -31.33 51.34
C6 NAG K . 46.07 -31.85 51.96
C7 NAG K . 39.77 -32.03 49.75
C8 NAG K . 38.62 -31.44 48.98
N2 NAG K . 40.84 -31.24 49.93
O3 NAG K . 41.38 -30.48 52.64
O4 NAG K . 44.16 -29.98 53.23
O5 NAG K . 44.34 -32.33 50.42
O6 NAG K . 47.21 -31.18 51.44
O7 NAG K . 39.72 -33.18 50.19
C1 NAG L . 62.74 -42.15 40.72
C2 NAG L . 63.51 -41.54 41.87
C3 NAG L . 64.39 -42.59 42.53
C4 NAG L . 63.56 -43.81 42.92
C5 NAG L . 62.75 -44.31 41.73
C6 NAG L . 61.78 -45.41 42.11
C7 NAG L . 63.92 -39.14 41.54
C8 NAG L . 64.88 -38.11 41.03
N2 NAG L . 64.32 -40.42 41.42
O3 NAG L . 65.00 -42.03 43.70
O4 NAG L . 64.43 -44.85 43.34
O5 NAG L . 61.96 -43.24 41.19
O6 NAG L . 61.14 -45.14 43.35
O7 NAG L . 62.84 -38.84 42.04
C1 NAG L . 64.12 -45.15 44.72
C2 NAG L . 65.01 -46.29 45.18
C3 NAG L . 64.75 -46.60 46.65
C4 NAG L . 64.88 -45.34 47.49
C5 NAG L . 64.01 -44.23 46.93
C6 NAG L . 64.20 -42.90 47.63
C7 NAG L . 65.33 -47.59 43.13
C8 NAG L . 65.04 -48.88 42.42
N2 NAG L . 64.82 -47.47 44.36
O3 NAG L . 65.68 -47.59 47.10
O4 NAG L . 64.48 -45.61 48.83
O5 NAG L . 64.33 -44.00 45.54
O6 NAG L . 63.32 -41.91 47.10
O7 NAG L . 66.01 -46.70 42.61
C1 NAG M . 71.69 -48.39 23.19
C2 NAG M . 72.66 -47.33 22.68
C3 NAG M . 73.27 -47.78 21.35
C4 NAG M . 73.87 -49.17 21.48
C5 NAG M . 72.85 -50.14 22.06
C6 NAG M . 73.42 -51.51 22.33
C7 NAG M . 71.70 -45.24 23.56
C8 NAG M . 71.00 -43.96 23.22
N2 NAG M . 71.98 -46.05 22.53
O3 NAG M . 74.27 -46.84 20.97
O4 NAG M . 74.27 -49.63 20.20
O5 NAG M . 72.36 -49.63 23.31
O6 NAG M . 72.80 -52.11 23.47
O7 NAG M . 72.00 -45.54 24.71
C1 NAG M . 75.69 -49.46 20.08
C2 NAG M . 76.28 -50.75 19.53
C3 NAG M . 77.78 -50.60 19.33
C4 NAG M . 78.09 -49.38 18.48
C5 NAG M . 77.41 -48.14 19.07
C6 NAG M . 77.57 -46.92 18.18
C7 NAG M . 75.66 -53.08 19.95
C8 NAG M . 75.38 -54.13 20.99
N2 NAG M . 75.98 -51.88 20.40
O3 NAG M . 78.30 -51.78 18.72
O4 NAG M . 79.49 -49.16 18.44
O5 NAG M . 76.01 -48.38 19.21
O6 NAG M . 77.41 -47.25 16.82
O7 NAG M . 75.58 -53.34 18.75
C1 NAG N . -3.06 37.76 19.33
C2 NAG N . -2.59 39.20 19.28
C3 NAG N . -1.59 39.39 18.15
C4 NAG N . -0.44 38.41 18.28
C5 NAG N . -0.99 36.98 18.40
C6 NAG N . 0.10 35.96 18.67
C7 NAG N . -4.25 40.79 20.13
C8 NAG N . -5.42 41.66 19.79
N2 NAG N . -3.72 40.11 19.12
O3 NAG N . -1.09 40.72 18.19
O4 NAG N . 0.41 38.50 17.14
O5 NAG N . -1.92 36.89 19.48
O6 NAG N . 0.77 36.24 19.89
O7 NAG N . -3.80 40.74 21.27
C1 NAG N . 1.42 39.48 17.44
C2 NAG N . 2.71 39.07 16.73
C3 NAG N . 3.81 40.10 16.99
C4 NAG N . 3.32 41.50 16.61
C5 NAG N . 1.99 41.81 17.31
C6 NAG N . 1.39 43.12 16.88
C7 NAG N . 3.53 36.80 16.31
C8 NAG N . 3.94 35.49 16.92
N2 NAG N . 3.14 37.75 17.16
O3 NAG N . 4.95 39.78 16.23
O4 NAG N . 4.28 42.47 17.00
O5 NAG N . 1.03 40.79 17.01
O6 NAG N . 0.00 42.98 16.58
O7 NAG N . 3.54 36.98 15.10
C1 NAG O . -37.23 7.12 -30.73
C2 NAG O . -35.84 6.56 -30.93
C3 NAG O . -34.89 7.66 -31.36
C4 NAG O . -35.44 8.38 -32.57
C5 NAG O . -36.90 8.79 -32.38
C6 NAG O . -37.54 9.32 -33.64
C7 NAG O . -35.50 4.60 -29.48
C8 NAG O . -34.94 4.10 -28.18
N2 NAG O . -35.36 5.90 -29.72
O3 NAG O . -33.62 7.09 -31.66
O4 NAG O . -34.67 9.57 -32.80
O5 NAG O . -37.70 7.68 -31.95
O6 NAG O . -37.31 8.45 -34.73
O7 NAG O . -36.05 3.85 -30.27
C1 NAG O . -33.84 9.43 -33.96
C2 NAG O . -33.29 10.81 -34.27
C3 NAG O . -32.36 10.75 -35.48
C4 NAG O . -31.28 9.70 -35.26
C5 NAG O . -31.91 8.36 -34.87
C6 NAG O . -30.89 7.31 -34.52
C7 NAG O . -34.65 12.78 -33.70
C8 NAG O . -35.81 13.64 -34.10
N2 NAG O . -34.38 11.75 -34.51
O3 NAG O . -31.76 12.02 -35.69
O4 NAG O . -30.51 9.54 -36.44
O5 NAG O . -32.76 8.52 -33.74
O6 NAG O . -31.47 6.26 -33.75
O7 NAG O . -34.00 13.00 -32.68
C1 NAG P . 58.24 -26.36 5.50
C2 NAG P . 59.76 -26.38 5.37
C3 NAG P . 60.26 -25.06 4.83
C4 NAG P . 59.54 -24.70 3.53
C5 NAG P . 58.03 -24.75 3.75
C6 NAG P . 57.24 -24.52 2.49
C7 NAG P . 60.54 -27.92 7.12
C8 NAG P . 61.21 -28.04 8.46
N2 NAG P . 60.38 -26.68 6.65
O3 NAG P . 61.65 -25.14 4.59
O4 NAG P . 59.91 -23.40 3.11
O5 NAG P . 57.65 -26.04 4.25
O6 NAG P . 55.95 -25.10 2.57
O7 NAG P . 60.19 -28.90 6.48
C1 NAG P . 60.74 -23.57 1.94
C2 NAG P . 60.66 -22.28 1.13
C3 NAG P . 61.55 -22.37 -0.11
C4 NAG P . 62.98 -22.73 0.30
C5 NAG P . 62.97 -24.00 1.17
C6 NAG P . 64.34 -24.34 1.71
C7 NAG P . 58.46 -21.26 1.48
C8 NAG P . 57.08 -21.07 0.94
N2 NAG P . 59.28 -22.00 0.74
O3 NAG P . 61.55 -21.12 -0.79
O4 NAG P . 63.77 -22.97 -0.85
O5 NAG P . 62.11 -23.81 2.30
O6 NAG P . 64.34 -25.63 2.33
O7 NAG P . 58.81 -20.76 2.55
C1 NAG Q . 39.93 -80.88 12.88
C2 NAG Q . 39.10 -81.62 11.84
C3 NAG Q . 38.08 -82.52 12.52
C4 NAG Q . 38.75 -83.43 13.54
C5 NAG Q . 39.62 -82.62 14.49
C6 NAG Q . 40.43 -83.46 15.44
C7 NAG Q . 39.03 -80.22 9.82
C8 NAG Q . 38.21 -79.27 9.01
N2 NAG Q . 38.46 -80.69 10.94
O3 NAG Q . 37.42 -83.30 11.54
O4 NAG Q . 37.77 -84.13 14.28
O5 NAG Q . 40.55 -81.82 13.75
O6 NAG Q . 41.63 -82.81 15.82
O7 NAG Q . 40.17 -80.55 9.49
C1 NAG Q . 37.66 -85.44 13.71
C2 NAG Q . 37.67 -86.44 14.85
C3 NAG Q . 37.51 -87.87 14.31
C4 NAG Q . 36.28 -87.97 13.41
C5 NAG Q . 36.32 -86.88 12.34
C6 NAG Q . 35.07 -86.83 11.49
C7 NAG Q . 38.91 -86.50 16.97
C8 NAG Q . 40.25 -86.34 17.62
N2 NAG Q . 38.88 -86.33 15.64
O3 NAG Q . 37.39 -88.78 15.40
O4 NAG Q . 36.24 -89.24 12.79
O5 NAG Q . 36.46 -85.59 12.95
O6 NAG Q . 33.90 -86.81 12.30
O7 NAG Q . 37.90 -86.77 17.61
C1 NAG R . -35.40 29.80 10.70
C2 NAG R . -35.46 28.34 11.13
C3 NAG R . -36.36 27.56 10.21
C4 NAG R . -37.74 28.23 10.09
C5 NAG R . -37.59 29.70 9.74
C6 NAG R . -38.89 30.45 9.78
C7 NAG R . -33.34 27.81 12.25
C8 NAG R . -32.00 27.15 12.11
N2 NAG R . -34.13 27.76 11.17
O3 NAG R . -36.52 26.22 10.69
O4 NAG R . -38.49 27.59 9.07
O5 NAG R . -36.72 30.35 10.68
O6 NAG R . -39.65 30.13 10.95
O7 NAG R . -33.69 28.37 13.28
C1 NAG R . -39.54 26.84 9.72
C2 NAG R . -40.53 26.43 8.63
C3 NAG R . -41.64 25.57 9.22
C4 NAG R . -41.05 24.40 9.99
C5 NAG R . -40.01 24.89 11.00
C6 NAG R . -39.30 23.77 11.71
C7 NAG R . -41.03 27.83 6.67
C8 NAG R . -41.65 29.10 6.18
N2 NAG R . -41.09 27.61 7.98
O3 NAG R . -42.49 25.10 8.18
O4 NAG R . -42.08 23.71 10.69
O5 NAG R . -39.01 25.66 10.33
O6 NAG R . -38.10 24.22 12.31
O7 NAG R . -40.50 27.03 5.90
C1 BMA R . -42.21 22.39 10.11
C2 BMA R . -41.88 21.35 11.19
C3 BMA R . -42.17 19.94 10.67
C4 BMA R . -43.57 19.85 10.04
C5 BMA R . -43.74 20.94 8.98
C6 BMA R . -45.11 20.96 8.35
O2 BMA R . -42.70 21.53 12.34
O3 BMA R . -42.03 18.96 11.68
O4 BMA R . -43.76 18.58 9.46
O5 BMA R . -43.53 22.21 9.61
O6 BMA R . -45.10 21.89 7.28
C1 NAG S . 39.83 -60.87 54.92
C2 NAG S . 39.04 -60.43 56.14
C3 NAG S . 39.91 -59.58 57.05
C4 NAG S . 41.20 -60.31 57.37
C5 NAG S . 41.90 -60.77 56.10
C6 NAG S . 43.11 -61.63 56.37
C7 NAG S . 36.64 -60.28 55.61
C8 NAG S . 35.53 -59.38 55.20
N2 NAG S . 37.85 -59.70 55.75
O3 NAG S . 39.21 -59.30 58.26
O4 NAG S . 42.08 -59.43 58.08
O5 NAG S . 40.99 -61.58 55.33
O6 NAG S . 43.30 -62.58 55.33
O7 NAG S . 36.48 -61.48 55.81
C1 NAG S . 42.01 -59.78 59.47
C2 NAG S . 43.43 -59.87 60.01
C3 NAG S . 43.41 -60.19 61.50
C4 NAG S . 42.54 -59.19 62.24
C5 NAG S . 41.16 -59.11 61.61
C6 NAG S . 40.27 -58.05 62.23
C7 NAG S . 45.49 -60.75 59.02
C8 NAG S . 46.12 -61.88 58.26
N2 NAG S . 44.19 -60.87 59.28
O3 NAG S . 44.73 -60.17 62.02
O4 NAG S . 42.40 -59.59 63.60
O5 NAG S . 41.28 -58.79 60.21
O6 NAG S . 40.99 -56.83 62.40
O7 NAG S . 46.15 -59.77 59.38
C1 NAG T . 17.51 -66.77 24.90
C2 NAG T . 17.41 -68.25 25.25
C3 NAG T . 16.95 -69.04 24.03
C4 NAG T . 15.66 -68.47 23.48
C5 NAG T . 15.81 -66.98 23.21
C6 NAG T . 14.52 -66.32 22.81
C7 NAG T . 18.90 -68.99 27.04
C8 NAG T . 20.27 -69.52 27.37
N2 NAG T . 18.68 -68.75 25.74
O3 NAG T . 16.76 -70.41 24.41
O4 NAG T . 15.31 -69.13 22.26
O5 NAG T . 16.25 -66.32 24.40
O6 NAG T . 14.33 -65.08 23.49
O7 NAG T . 18.05 -68.80 27.89
C1 NAG T . 14.08 -69.83 22.46
C2 NAG T . 13.53 -70.25 21.10
C3 NAG T . 12.22 -71.03 21.28
C4 NAG T . 12.43 -72.20 22.25
C5 NAG T . 13.04 -71.70 23.55
C6 NAG T . 13.40 -72.82 24.50
C7 NAG T . 14.15 -68.79 19.23
C8 NAG T . 13.78 -67.58 18.44
N2 NAG T . 13.33 -69.11 20.23
O3 NAG T . 11.79 -71.52 20.02
O4 NAG T . 11.19 -72.82 22.51
O5 NAG T . 14.25 -70.97 23.29
O6 NAG T . 13.10 -72.48 25.84
O7 NAG T . 15.14 -69.46 18.97
C1 NAG U . 14.34 -65.32 3.11
C2 NAG U . 14.41 -66.79 2.73
C3 NAG U . 13.52 -67.05 1.51
C4 NAG U . 12.10 -66.57 1.79
C5 NAG U . 12.10 -65.12 2.24
C6 NAG U . 10.75 -64.63 2.68
C7 NAG U . 16.59 -67.68 3.40
C8 NAG U . 17.97 -68.04 2.94
N2 NAG U . 15.78 -67.20 2.45
O3 NAG U . 13.50 -68.45 1.23
O4 NAG U . 11.31 -66.70 0.61
O5 NAG U . 12.98 -64.96 3.37
O6 NAG U . 10.81 -64.00 3.94
O7 NAG U . 16.24 -67.80 4.56
C1 NAG U . 10.31 -67.69 0.84
C2 NAG U . 9.08 -67.36 -0.01
C3 NAG U . 8.01 -68.43 0.19
C4 NAG U . 8.59 -69.80 -0.11
C5 NAG U . 9.85 -70.05 0.72
C6 NAG U . 10.55 -71.34 0.36
C7 NAG U . 8.80 -64.96 -0.44
C8 NAG U . 8.19 -63.68 0.05
N2 NAG U . 8.56 -66.05 0.32
O3 NAG U . 6.92 -68.16 -0.69
O4 NAG U . 7.63 -70.81 0.21
O5 NAG U . 10.80 -69.00 0.49
O6 NAG U . 11.81 -71.45 1.02
O7 NAG U . 9.49 -65.01 -1.45
C1 NAG V . 27.85 -71.62 42.19
C2 NAG V . 26.98 -72.79 42.61
C3 NAG V . 27.84 -73.97 43.03
C4 NAG V . 28.83 -74.32 41.93
C5 NAG V . 29.63 -73.08 41.52
C6 NAG V . 30.53 -73.34 40.34
C7 NAG V . 24.86 -71.88 43.45
C8 NAG V . 24.06 -71.54 44.67
N2 NAG V . 26.07 -72.40 43.68
O3 NAG V . 27.00 -75.09 43.30
O4 NAG V . 29.73 -75.32 42.38
O5 NAG V . 28.74 -72.03 41.15
O6 NAG V . 30.03 -74.37 39.51
O7 NAG V . 24.44 -71.67 42.32
C1 NAG V . 29.55 -76.47 41.53
C2 NAG V . 30.59 -77.54 41.91
C3 NAG V . 30.39 -78.79 41.08
C4 NAG V . 28.94 -79.28 41.18
C5 NAG V . 27.99 -78.14 40.82
C6 NAG V . 26.54 -78.52 41.02
C7 NAG V . 32.52 -76.22 42.64
C8 NAG V . 33.92 -75.77 42.32
N2 NAG V . 31.93 -77.01 41.75
O3 NAG V . 31.27 -79.80 41.54
O4 NAG V . 28.74 -80.36 40.28
O5 NAG V . 28.24 -77.02 41.68
O6 NAG V . 25.68 -77.42 40.74
O7 NAG V . 31.95 -75.87 43.67
C1 NAG W . -3.04 4.27 48.50
C2 NAG W . -2.11 3.30 49.23
C3 NAG W . -2.80 2.77 50.49
C4 NAG W . -3.28 3.91 51.36
C5 NAG W . -4.13 4.89 50.55
C6 NAG W . -4.49 6.14 51.33
C7 NAG W . -0.81 1.28 48.71
C8 NAG W . -0.51 0.22 47.69
N2 NAG W . -1.71 2.21 48.35
O3 NAG W . -1.89 1.94 51.22
O4 NAG W . -4.05 3.42 52.45
O5 NAG W . -3.41 5.33 49.38
O6 NAG W . -4.07 7.31 50.65
O7 NAG W . -0.26 1.29 49.81
C1 NAG X . 27.69 31.96 -17.60
C2 NAG X . 28.67 31.60 -18.72
C3 NAG X . 30.07 31.40 -18.15
C4 NAG X . 30.49 32.63 -17.35
C5 NAG X . 29.44 32.94 -16.28
C6 NAG X . 29.74 34.21 -15.53
C7 NAG X . 27.83 30.43 -20.71
C8 NAG X . 27.41 29.11 -21.27
N2 NAG X . 28.23 30.41 -19.42
O3 NAG X . 30.98 31.18 -19.21
O4 NAG X . 31.75 32.39 -16.72
O5 NAG X . 28.16 33.13 -16.90
O6 NAG X . 30.97 34.12 -14.82
O7 NAG X . 27.82 31.46 -21.36
C1 NAG Y . 38.14 12.33 10.00
C2 NAG Y . 38.82 11.39 9.01
C3 NAG Y . 40.33 11.61 9.02
C4 NAG Y . 40.63 13.08 8.76
C5 NAG Y . 39.88 13.97 9.75
C6 NAG Y . 40.04 15.44 9.47
C7 NAG Y . 37.41 9.38 8.87
C8 NAG Y . 37.25 7.95 9.27
N2 NAG Y . 38.51 9.99 9.31
O3 NAG Y . 40.93 10.81 8.02
O4 NAG Y . 42.03 13.32 8.89
O5 NAG Y . 38.47 13.68 9.69
O6 NAG Y . 38.78 16.10 9.48
O7 NAG Y . 36.58 9.96 8.18
C1 NAG Z . 65.33 -33.83 20.38
C2 NAG Z . 66.24 -34.97 19.93
C3 NAG Z . 67.69 -34.67 20.33
C4 NAG Z . 68.11 -33.29 19.84
C5 NAG Z . 67.09 -32.24 20.27
C6 NAG Z . 67.39 -30.87 19.70
C7 NAG Z . 64.80 -36.94 19.98
C8 NAG Z . 64.47 -38.22 20.68
N2 NAG Z . 65.81 -36.24 20.49
O3 NAG Z . 68.55 -35.67 19.80
O4 NAG Z . 69.39 -32.97 20.35
O5 NAG Z . 65.79 -32.60 19.82
O6 NAG Z . 66.38 -29.93 20.08
O7 NAG Z . 64.17 -36.56 19.01
C1 NAG AA . 57.36 -27.86 32.75
C2 NAG AA . 56.68 -27.22 33.97
C3 NAG AA . 56.38 -25.74 33.72
C4 NAG AA . 57.63 -25.02 33.25
C5 NAG AA . 58.24 -25.73 32.05
C6 NAG AA . 59.55 -25.12 31.60
C7 NAG AA . 54.81 -27.79 35.46
C8 NAG AA . 53.55 -28.59 35.63
N2 NAG AA . 55.46 -27.93 34.30
O3 NAG AA . 55.89 -25.15 34.91
O4 NAG AA . 57.32 -23.68 32.88
O5 NAG AA . 58.52 -27.09 32.40
O6 NAG AA . 59.38 -23.76 31.20
O7 NAG AA . 55.23 -27.03 36.34
C1 NAG BA . 53.16 -47.53 1.19
C2 NAG BA . 54.45 -48.16 0.70
C3 NAG BA . 55.53 -47.09 0.55
C4 NAG BA . 55.04 -45.97 -0.36
C5 NAG BA . 53.72 -45.42 0.18
C6 NAG BA . 53.11 -44.38 -0.75
C7 NAG BA . 55.03 -50.48 1.22
C8 NAG BA . 55.49 -51.44 2.28
N2 NAG BA . 54.90 -49.21 1.60
O3 NAG BA . 56.70 -47.68 0.00
O4 NAG BA . 56.01 -44.93 -0.42
O5 NAG BA . 52.76 -46.48 0.30
O6 NAG BA . 51.69 -44.34 -0.59
O7 NAG BA . 54.78 -50.84 0.07
C1 NAG CA . 39.80 7.03 -20.29
C2 NAG CA . 40.74 5.90 -20.70
C3 NAG CA . 42.19 6.29 -20.44
C4 NAG CA . 42.50 7.61 -21.13
C5 NAG CA . 41.49 8.68 -20.70
C6 NAG CA . 41.66 9.98 -21.46
C7 NAG CA . 40.83 3.46 -20.40
C8 NAG CA . 40.41 2.30 -19.56
N2 NAG CA . 40.41 4.67 -20.00
O3 NAG CA . 43.06 5.27 -20.92
O4 NAG CA . 43.81 8.04 -20.78
O5 NAG CA . 40.16 8.22 -20.98
O6 NAG CA . 40.41 10.60 -21.73
O7 NAG CA . 41.51 3.31 -21.42
C1 NAG DA . 2.70 -35.66 -26.98
C2 NAG DA . 2.28 -36.81 -26.06
C3 NAG DA . 2.41 -38.15 -26.79
C4 NAG DA . 1.65 -38.10 -28.11
C5 NAG DA . 2.08 -36.89 -28.93
C6 NAG DA . 1.29 -36.72 -30.21
C7 NAG DA . 2.71 -36.16 -23.73
C8 NAG DA . 3.65 -36.27 -22.57
N2 NAG DA . 3.07 -36.82 -24.84
O3 NAG DA . 1.89 -39.19 -25.97
O4 NAG DA . 1.88 -39.29 -28.86
O5 NAG DA . 1.91 -35.69 -28.16
O6 NAG DA . 0.91 -35.36 -30.40
O7 NAG DA . 1.69 -35.49 -23.69
C1 NAG EA . 20.23 -46.40 -28.01
C2 NAG EA . 20.02 -45.64 -29.31
C3 NAG EA . 18.67 -46.00 -29.92
C4 NAG EA . 18.57 -47.52 -30.09
C5 NAG EA . 18.87 -48.22 -28.77
C6 NAG EA . 18.92 -49.73 -28.91
C7 NAG EA . 20.41 -43.33 -30.06
C8 NAG EA . 20.44 -41.89 -29.65
N2 NAG EA . 20.09 -44.20 -29.09
O3 NAG EA . 18.53 -45.36 -31.19
O4 NAG EA . 17.26 -47.87 -30.52
O5 NAG EA . 20.14 -47.81 -28.27
O6 NAG EA . 18.99 -50.36 -27.63
O7 NAG EA . 20.64 -43.69 -31.20
C1 NAG FA . 31.40 -71.61 2.69
C2 NAG FA . 31.46 -72.84 3.60
C3 NAG FA . 31.79 -74.08 2.79
C4 NAG FA . 30.81 -74.23 1.62
C5 NAG FA . 30.78 -72.94 0.80
C6 NAG FA . 29.74 -72.97 -0.31
C7 NAG FA . 32.17 -72.04 5.81
C8 NAG FA . 33.30 -71.94 6.79
N2 NAG FA . 32.45 -72.65 4.65
O3 NAG FA . 31.72 -75.23 3.62
O4 NAG FA . 31.22 -75.30 0.78
O5 NAG FA . 30.44 -71.84 1.65
O6 NAG FA . 29.78 -71.78 -1.07
O7 NAG FA . 31.05 -71.61 6.07
C1 NAG GA . 40.32 -60.72 -4.65
C2 NAG GA . 41.00 -59.59 -5.41
C3 NAG GA . 40.02 -58.93 -6.38
C4 NAG GA . 39.40 -59.99 -7.28
C5 NAG GA . 38.77 -61.09 -6.44
C6 NAG GA . 38.22 -62.22 -7.27
C7 NAG GA . 42.23 -57.52 -4.90
C8 NAG GA . 42.71 -56.60 -3.82
N2 NAG GA . 41.54 -58.59 -4.49
O3 NAG GA . 40.70 -57.97 -7.18
O4 NAG GA . 38.39 -59.40 -8.11
O5 NAG GA . 39.76 -61.66 -5.57
O6 NAG GA . 37.24 -61.78 -8.20
O7 NAG GA . 42.45 -57.31 -6.09
C1 NAG HA . -16.11 -20.89 38.80
C2 NAG HA . -14.84 -20.50 39.55
C3 NAG HA . -14.89 -21.04 40.97
C4 NAG HA . -16.16 -20.56 41.66
C5 NAG HA . -17.39 -20.93 40.83
C6 NAG HA . -18.67 -20.37 41.39
C7 NAG HA . -13.07 -20.29 37.87
C8 NAG HA . -11.85 -20.93 37.27
N2 NAG HA . -13.66 -20.97 38.86
O3 NAG HA . -13.75 -20.58 41.68
O4 NAG HA . -16.27 -21.17 42.95
O5 NAG HA . -17.25 -20.41 39.51
O6 NAG HA . -19.41 -19.68 40.38
O7 NAG HA . -13.49 -19.21 37.49
C1 NAG IA . -12.82 -40.79 42.78
C2 NAG IA . -14.29 -41.17 42.86
C3 NAG IA . -15.01 -40.29 43.89
C4 NAG IA . -14.30 -40.35 45.23
C5 NAG IA . -12.83 -40.00 45.06
C6 NAG IA . -12.04 -40.15 46.34
C7 NAG IA . -15.90 -41.88 41.15
C8 NAG IA . -16.45 -41.63 39.78
N2 NAG IA . -14.93 -41.06 41.56
O3 NAG IA . -16.36 -40.74 44.02
O4 NAG IA . -14.91 -39.45 46.15
O5 NAG IA . -12.23 -40.86 44.10
O6 NAG IA . -10.93 -39.27 46.37
O7 NAG IA . -16.33 -42.79 41.87
C1 NAG JA . 26.25 -52.03 52.41
C2 NAG JA . 27.56 -52.24 53.17
C3 NAG JA . 27.30 -52.99 54.47
C4 NAG JA . 26.20 -52.31 55.28
C5 NAG JA . 24.96 -52.09 54.42
C6 NAG JA . 23.88 -51.30 55.11
C7 NAG JA . 29.36 -52.35 51.51
C8 NAG JA . 30.29 -53.25 50.74
N2 NAG JA . 28.52 -52.95 52.36
O3 NAG JA . 28.49 -53.06 55.23
O4 NAG JA . 25.86 -53.11 56.40
O5 NAG JA . 25.32 -51.34 53.23
O6 NAG JA . 22.76 -51.08 54.26
O7 NAG JA . 29.37 -51.13 51.38
C1 NAG KA . 16.25 -58.95 42.25
C2 NAG KA . 15.26 -59.62 41.28
C3 NAG KA . 13.96 -58.83 41.22
C4 NAG KA . 13.40 -58.60 42.62
C5 NAG KA . 14.47 -57.97 43.51
C6 NAG KA . 14.01 -57.81 44.95
C7 NAG KA . 15.47 -60.68 39.08
C8 NAG KA . 16.18 -60.66 37.75
N2 NAG KA . 15.84 -59.75 39.95
O3 NAG KA . 13.01 -59.53 40.43
O4 NAG KA . 12.27 -57.75 42.56
O5 NAG KA . 15.63 -58.81 43.53
O6 NAG KA . 12.84 -57.02 45.03
O7 NAG KA . 14.60 -61.51 39.34
#